data_3HYX
#
_entry.id   3HYX
#
_cell.length_a   111.180
_cell.length_b   154.230
_cell.length_c   176.530
_cell.angle_alpha   90.00
_cell.angle_beta   90.00
_cell.angle_gamma   90.00
#
_symmetry.space_group_name_H-M   'P 21 21 21'
#
loop_
_entity.id
_entity.type
_entity.pdbx_description
1 polymer 'Sulfide-quinone reductase'
2 non-polymer 'SULFATE ION'
3 non-polymer 'FLAVIN-ADENINE DINUCLEOTIDE'
4 non-polymer 1-hydroxy-2-methyl-3-[(2E,6E)-3,7,11-trimethyldodeca-2,6,10-trien-1-yl]quinolin-4(1H)-one
5 non-polymer DODECYL-BETA-D-MALTOSIDE
6 non-polymer 'HYDROSULFURIC ACID'
7 non-polymer octathiocane
8 water water
#
_entity_poly.entity_id   1
_entity_poly.type   'polypeptide(L)'
_entity_poly.pdbx_seq_one_letter_code
;MAKHVVVIGGGVGGIATAYNLRNLMPDLKITLISDRPYFGFTPAFPHLAMGWRKFEDISVPLAPLLPKFNIEFINEKAES
IDPDANTVTTQSGKKIEYDYLVIATGPKLVFGAEGQEENSTSICTAEHALETQKKLQELYANPGPVVIGAIPGVS(CSS)
FGPAYEFALMLHYELKKRGIRYKVPMTFITSEPYLGHFGVGGIGASKRLVEDLFAERNIDWIANVAVKAIEPDKVIYEDL
NGNTHEVPAKFTMFMPSFQGPEVVASAGDKVANPANKMVIVNRCFQNPTYKNIFGVGVVTAIPPIEKTPIPTGVPKTGMM
IEQMAMAVAHNIVNDIRNNPDKYAPRLSAICIADFGEDAGFFFADPVIPPRERVITKMGKWAHYFKTAFEKYFLWKVRNG
NIAPSFEEKVLEIFLKVHPIELCKDCEGAPGSRC
;
_entity_poly.pdbx_strand_id   A,B,C,D,E,F
#
# COMPACT_ATOMS: atom_id res chain seq x y z
N ALA A 2 -2.48 57.44 -22.84
CA ALA A 2 -2.36 56.39 -21.78
C ALA A 2 -3.43 56.59 -20.72
N LYS A 3 -4.33 55.62 -20.60
CA LYS A 3 -5.35 55.69 -19.56
C LYS A 3 -4.76 55.51 -18.14
N HIS A 4 -5.44 56.08 -17.13
CA HIS A 4 -4.97 56.03 -15.74
C HIS A 4 -5.79 55.05 -14.91
N VAL A 5 -5.13 54.03 -14.36
CA VAL A 5 -5.77 53.10 -13.41
C VAL A 5 -5.22 53.24 -12.00
N VAL A 6 -6.10 53.61 -11.07
CA VAL A 6 -5.75 53.72 -9.67
C VAL A 6 -6.15 52.44 -8.98
N VAL A 7 -5.19 51.80 -8.32
CA VAL A 7 -5.48 50.63 -7.48
C VAL A 7 -5.35 51.02 -6.02
N ILE A 8 -6.41 50.84 -5.25
CA ILE A 8 -6.37 51.03 -3.80
C ILE A 8 -6.11 49.69 -3.13
N GLY A 9 -4.95 49.59 -2.48
CA GLY A 9 -4.60 48.41 -1.66
C GLY A 9 -3.41 47.62 -2.17
N GLY A 10 -2.34 47.56 -1.38
CA GLY A 10 -1.11 46.86 -1.81
C GLY A 10 -0.97 45.42 -1.33
N GLY A 11 -2.02 44.64 -1.50
CA GLY A 11 -1.97 43.24 -1.12
C GLY A 11 -2.10 42.30 -2.30
N VAL A 12 -2.48 41.05 -2.01
CA VAL A 12 -2.54 40.00 -3.03
C VAL A 12 -3.34 40.47 -4.24
N GLY A 13 -4.55 40.99 -3.98
CA GLY A 13 -5.43 41.49 -5.03
C GLY A 13 -4.89 42.68 -5.78
N GLY A 14 -4.45 43.69 -5.04
CA GLY A 14 -3.91 44.93 -5.59
C GLY A 14 -2.66 44.70 -6.41
N ILE A 15 -1.68 44.02 -5.83
CA ILE A 15 -0.45 43.72 -6.55
C ILE A 15 -0.78 42.99 -7.85
N ALA A 16 -1.66 42.00 -7.75
CA ALA A 16 -1.89 41.12 -8.87
C ALA A 16 -2.61 41.86 -9.97
N THR A 17 -3.59 42.67 -9.60
CA THR A 17 -4.24 43.48 -10.62
C THR A 17 -3.25 44.46 -11.28
N ALA A 18 -2.43 45.14 -10.47
CA ALA A 18 -1.48 46.09 -10.99
C ALA A 18 -0.46 45.44 -11.95
N TYR A 19 0.00 44.24 -11.62
CA TYR A 19 1.01 43.56 -12.42
C TYR A 19 0.38 42.99 -13.67
N ASN A 20 -0.88 42.61 -13.56
CA ASN A 20 -1.62 42.08 -14.68
C ASN A 20 -1.83 43.17 -15.70
N LEU A 21 -2.34 44.31 -15.23
CA LEU A 21 -2.54 45.46 -16.09
C LEU A 21 -1.24 45.91 -16.73
N ARG A 22 -0.16 45.96 -15.96
CA ARG A 22 1.14 46.39 -16.48
C ARG A 22 1.69 45.48 -17.57
N ASN A 23 1.68 44.17 -17.32
CA ASN A 23 2.21 43.21 -18.27
C ASN A 23 1.37 43.09 -19.54
N LEU A 24 0.10 43.45 -19.46
CA LEU A 24 -0.82 43.41 -20.60
C LEU A 24 -0.81 44.69 -21.44
N MET A 25 -0.26 45.76 -20.85
CA MET A 25 -0.31 47.08 -21.44
C MET A 25 0.75 48.00 -20.85
N PRO A 26 1.95 48.04 -21.46
CA PRO A 26 3.06 48.92 -21.04
C PRO A 26 2.74 50.42 -21.06
N ASP A 27 1.94 50.86 -22.04
CA ASP A 27 1.56 52.26 -22.22
C ASP A 27 0.36 52.62 -21.33
N LEU A 28 0.44 52.27 -20.05
CA LEU A 28 -0.67 52.47 -19.13
C LEU A 28 -0.17 53.06 -17.84
N LYS A 29 -0.71 54.23 -17.49
CA LYS A 29 -0.42 54.89 -16.24
C LYS A 29 -1.18 54.18 -15.13
N ILE A 30 -0.43 53.71 -14.13
CA ILE A 30 -0.96 52.92 -13.00
C ILE A 30 -0.45 53.48 -11.68
N THR A 31 -1.38 53.83 -10.79
CA THR A 31 -1.02 54.31 -9.46
C THR A 31 -1.56 53.33 -8.41
N LEU A 32 -0.69 52.87 -7.53
CA LEU A 32 -1.13 52.07 -6.40
C LEU A 32 -1.05 52.88 -5.09
N ILE A 33 -2.13 52.81 -4.31
CA ILE A 33 -2.27 53.50 -3.03
C ILE A 33 -2.44 52.46 -1.93
N SER A 34 -1.58 52.50 -0.93
CA SER A 34 -1.64 51.54 0.16
C SER A 34 -1.18 52.18 1.46
N ASP A 35 -1.89 51.90 2.55
CA ASP A 35 -1.55 52.43 3.88
C ASP A 35 -0.31 51.77 4.51
N ARG A 36 0.04 50.58 4.05
CA ARG A 36 1.24 49.90 4.53
C ARG A 36 2.38 49.97 3.51
N PRO A 37 3.60 50.30 3.97
CA PRO A 37 4.69 50.42 2.99
C PRO A 37 5.14 49.09 2.38
N TYR A 38 4.54 47.98 2.82
CA TYR A 38 4.99 46.67 2.38
C TYR A 38 3.85 45.84 1.78
N PHE A 39 4.15 44.91 0.88
CA PHE A 39 3.24 43.79 0.62
C PHE A 39 3.55 42.74 1.66
N GLY A 40 2.51 42.26 2.36
CA GLY A 40 2.67 41.19 3.33
C GLY A 40 2.05 39.90 2.84
N PHE A 41 2.83 38.83 2.88
CA PHE A 41 2.35 37.50 2.49
C PHE A 41 1.52 36.89 3.62
N THR A 42 0.20 37.02 3.52
CA THR A 42 -0.73 36.67 4.61
C THR A 42 -0.76 35.17 4.99
N PRO A 43 -0.63 34.27 4.00
CA PRO A 43 -0.63 32.85 4.38
C PRO A 43 0.53 32.42 5.30
N ALA A 44 1.47 33.32 5.56
CA ALA A 44 2.58 33.02 6.47
C ALA A 44 2.42 33.66 7.84
N PHE A 45 1.31 34.36 8.05
CA PHE A 45 1.10 35.03 9.33
C PHE A 45 0.93 34.07 10.50
N PRO A 46 0.24 32.91 10.28
CA PRO A 46 0.18 31.94 11.39
C PRO A 46 1.59 31.49 11.82
N HIS A 47 2.46 31.20 10.86
CA HIS A 47 3.83 30.82 11.14
C HIS A 47 4.59 31.95 11.81
N LEU A 48 4.33 33.18 11.37
CA LEU A 48 4.94 34.34 12.00
C LEU A 48 4.47 34.42 13.45
N ALA A 49 3.20 34.10 13.69
CA ALA A 49 2.61 34.13 15.04
C ALA A 49 3.22 33.06 15.95
N MET A 50 3.60 31.94 15.34
CA MET A 50 4.29 30.84 16.01
C MET A 50 5.75 31.19 16.26
N GLY A 51 6.23 32.29 15.69
CA GLY A 51 7.64 32.61 15.76
C GLY A 51 8.52 31.78 14.84
N TRP A 52 7.94 31.23 13.78
CA TRP A 52 8.72 30.48 12.78
C TRP A 52 9.04 31.25 11.53
N ARG A 53 8.74 32.55 11.53
CA ARG A 53 9.09 33.43 10.42
C ARG A 53 9.57 34.74 10.98
N LYS A 54 10.54 35.34 10.34
CA LYS A 54 10.87 36.74 10.60
C LYS A 54 10.06 37.55 9.60
N PHE A 55 9.51 38.67 10.06
CA PHE A 55 8.71 39.56 9.22
C PHE A 55 9.37 39.91 7.87
N GLU A 56 10.67 40.23 7.90
CA GLU A 56 11.43 40.60 6.69
C GLU A 56 11.45 39.48 5.62
N ASP A 57 11.28 38.23 6.05
CA ASP A 57 11.23 37.06 5.18
C ASP A 57 9.93 36.97 4.38
N ILE A 58 8.84 37.47 4.95
CA ILE A 58 7.53 37.36 4.35
C ILE A 58 6.90 38.70 3.99
N SER A 59 7.74 39.69 3.69
CA SER A 59 7.25 40.99 3.28
C SER A 59 8.17 41.59 2.22
N VAL A 60 7.64 42.52 1.44
CA VAL A 60 8.40 43.15 0.37
C VAL A 60 8.12 44.67 0.42
N PRO A 61 9.14 45.47 0.76
CA PRO A 61 8.93 46.93 0.70
C PRO A 61 8.46 47.37 -0.70
N LEU A 62 7.40 48.17 -0.76
CA LEU A 62 6.77 48.52 -2.04
C LEU A 62 7.37 49.72 -2.78
N ALA A 63 7.72 50.78 -2.04
CA ALA A 63 8.17 52.05 -2.63
C ALA A 63 9.45 51.94 -3.45
N PRO A 64 10.45 51.14 -2.99
CA PRO A 64 11.60 50.93 -3.87
C PRO A 64 11.33 49.97 -5.04
N LEU A 65 10.24 49.22 -4.96
CA LEU A 65 10.01 48.16 -5.92
C LEU A 65 9.16 48.61 -7.10
N LEU A 66 7.94 49.07 -6.81
CA LEU A 66 6.95 49.35 -7.87
C LEU A 66 7.36 50.30 -9.03
N PRO A 67 8.16 51.36 -8.73
CA PRO A 67 8.77 52.13 -9.83
C PRO A 67 9.50 51.28 -10.87
N LYS A 68 10.17 50.22 -10.42
CA LYS A 68 10.87 49.30 -11.34
C LYS A 68 9.93 48.69 -12.36
N PHE A 69 8.62 48.71 -12.08
CA PHE A 69 7.67 48.19 -13.04
C PHE A 69 6.78 49.32 -13.56
N ASN A 70 7.31 50.55 -13.55
CA ASN A 70 6.58 51.78 -13.93
C ASN A 70 5.19 51.92 -13.31
N ILE A 71 5.12 51.70 -12.00
CA ILE A 71 3.90 51.83 -11.25
C ILE A 71 4.16 52.84 -10.14
N GLU A 72 3.29 53.85 -10.03
CA GLU A 72 3.43 54.89 -9.02
C GLU A 72 2.93 54.38 -7.68
N PHE A 73 3.78 54.48 -6.67
CA PHE A 73 3.38 54.09 -5.33
C PHE A 73 3.15 55.31 -4.46
N ILE A 74 1.95 55.37 -3.89
CA ILE A 74 1.59 56.38 -2.91
C ILE A 74 1.29 55.71 -1.56
N ASN A 75 2.16 55.98 -0.57
CA ASN A 75 2.09 55.32 0.74
C ASN A 75 1.22 56.06 1.76
N GLU A 76 -0.09 56.11 1.47
CA GLU A 76 -1.08 56.75 2.34
C GLU A 76 -2.34 55.91 2.32
N LYS A 77 -3.22 56.18 3.27
CA LYS A 77 -4.54 55.57 3.28
C LYS A 77 -5.40 56.29 2.26
N ALA A 78 -6.29 55.56 1.60
CA ALA A 78 -7.32 56.18 0.77
C ALA A 78 -8.52 56.51 1.66
N GLU A 79 -8.83 57.80 1.76
CA GLU A 79 -9.86 58.30 2.67
C GLU A 79 -11.26 58.12 2.09
N SER A 80 -11.49 58.66 0.89
CA SER A 80 -12.81 58.62 0.26
C SER A 80 -12.76 58.47 -1.27
N ILE A 81 -13.89 58.07 -1.85
CA ILE A 81 -14.06 57.91 -3.29
C ILE A 81 -15.23 58.76 -3.78
N ASP A 82 -15.02 59.54 -4.84
CA ASP A 82 -16.07 60.32 -5.49
C ASP A 82 -16.27 59.74 -6.90
N PRO A 83 -17.17 58.74 -7.03
CA PRO A 83 -17.35 57.98 -8.29
C PRO A 83 -18.06 58.78 -9.38
N ASP A 84 -18.68 59.88 -9.00
CA ASP A 84 -19.26 60.80 -9.95
C ASP A 84 -18.16 61.66 -10.58
N ALA A 85 -17.22 62.11 -9.75
CA ALA A 85 -16.10 62.93 -10.21
C ALA A 85 -14.93 62.10 -10.73
N ASN A 86 -15.03 60.77 -10.57
CA ASN A 86 -13.94 59.83 -10.84
C ASN A 86 -12.68 60.15 -10.07
N THR A 87 -12.81 60.34 -8.76
CA THR A 87 -11.70 60.81 -7.94
C THR A 87 -11.52 60.03 -6.65
N VAL A 88 -10.26 59.78 -6.30
CA VAL A 88 -9.91 59.22 -5.00
C VAL A 88 -9.18 60.29 -4.18
N THR A 89 -9.54 60.42 -2.91
CA THR A 89 -8.91 61.38 -2.02
C THR A 89 -8.17 60.64 -0.91
N THR A 90 -6.89 60.94 -0.74
CA THR A 90 -6.11 60.30 0.31
C THR A 90 -6.28 61.07 1.61
N GLN A 91 -5.63 60.60 2.67
CA GLN A 91 -5.85 61.13 4.02
C GLN A 91 -5.20 62.50 4.22
N SER A 92 -4.08 62.75 3.55
CA SER A 92 -3.41 64.06 3.65
C SER A 92 -4.05 65.11 2.75
N GLY A 93 -5.01 64.68 1.93
CA GLY A 93 -5.78 65.57 1.08
C GLY A 93 -5.49 65.51 -0.41
N LYS A 94 -4.49 64.72 -0.81
CA LYS A 94 -4.13 64.60 -2.23
C LYS A 94 -5.26 63.94 -3.04
N LYS A 95 -5.82 64.69 -4.00
CA LYS A 95 -6.84 64.16 -4.90
C LYS A 95 -6.21 63.55 -6.15
N ILE A 96 -6.64 62.34 -6.50
CA ILE A 96 -6.13 61.63 -7.67
C ILE A 96 -7.28 61.25 -8.58
N GLU A 97 -7.22 61.75 -9.81
CA GLU A 97 -8.19 61.40 -10.86
C GLU A 97 -7.93 59.97 -11.37
N TYR A 98 -8.98 59.26 -11.77
CA TYR A 98 -8.81 57.92 -12.37
C TYR A 98 -9.68 57.72 -13.60
N ASP A 99 -9.23 56.88 -14.51
CA ASP A 99 -10.05 56.41 -15.63
C ASP A 99 -10.75 55.10 -15.23
N TYR A 100 -10.01 54.21 -14.56
CA TYR A 100 -10.56 52.99 -13.91
C TYR A 100 -10.05 52.89 -12.47
N LEU A 101 -10.88 52.35 -11.59
CA LEU A 101 -10.55 52.15 -10.18
C LEU A 101 -10.67 50.70 -9.79
N VAL A 102 -9.62 50.19 -9.14
CA VAL A 102 -9.66 48.84 -8.57
C VAL A 102 -9.56 48.95 -7.06
N ILE A 103 -10.64 48.58 -6.38
CA ILE A 103 -10.65 48.52 -4.91
C ILE A 103 -10.18 47.14 -4.42
N ALA A 104 -9.14 47.15 -3.59
CA ALA A 104 -8.56 45.91 -3.10
C ALA A 104 -7.99 46.17 -1.72
N THR A 105 -8.84 46.63 -0.80
CA THR A 105 -8.37 47.06 0.52
C THR A 105 -8.31 45.90 1.50
N GLY A 106 -8.78 44.75 1.05
CA GLY A 106 -8.89 43.57 1.89
C GLY A 106 -9.87 43.71 3.04
N PRO A 107 -9.72 42.83 4.04
CA PRO A 107 -10.66 42.77 5.16
C PRO A 107 -10.46 43.92 6.13
N LYS A 108 -11.55 44.40 6.71
CA LYS A 108 -11.50 45.30 7.86
C LYS A 108 -12.04 44.52 9.06
N LEU A 109 -11.18 44.29 10.04
CA LEU A 109 -11.47 43.40 11.16
C LEU A 109 -12.59 43.90 12.10
N VAL A 110 -13.49 43.00 12.47
CA VAL A 110 -14.47 43.28 13.51
C VAL A 110 -14.32 42.24 14.61
N PHE A 111 -13.90 42.70 15.78
CA PHE A 111 -13.80 41.84 16.94
C PHE A 111 -15.15 41.93 17.63
N GLY A 112 -16.11 41.18 17.08
CA GLY A 112 -17.50 41.31 17.45
C GLY A 112 -17.90 40.69 18.76
N ALA A 113 -17.00 39.93 19.39
CA ALA A 113 -17.27 39.30 20.69
C ALA A 113 -16.85 40.23 21.79
N GLU A 114 -17.69 40.34 22.82
CA GLU A 114 -17.41 41.19 23.97
CA GLU A 114 -17.37 41.24 23.92
C GLU A 114 -16.04 40.83 24.58
N GLY A 115 -15.10 41.78 24.56
CA GLY A 115 -13.79 41.58 25.18
C GLY A 115 -12.76 40.89 24.29
N GLN A 116 -13.16 40.55 23.07
CA GLN A 116 -12.29 39.86 22.14
C GLN A 116 -11.02 40.66 21.80
N GLU A 117 -11.18 41.96 21.57
CA GLU A 117 -10.04 42.74 21.14
C GLU A 117 -9.03 42.96 22.25
N GLU A 118 -9.51 42.95 23.50
CA GLU A 118 -8.66 43.15 24.68
C GLU A 118 -7.94 41.87 25.09
N ASN A 119 -8.71 40.81 25.37
CA ASN A 119 -8.20 39.60 26.01
C ASN A 119 -7.95 38.42 25.08
N SER A 120 -8.23 38.59 23.80
CA SER A 120 -7.91 37.53 22.86
C SER A 120 -6.68 37.90 22.03
N THR A 121 -6.31 37.03 21.10
CA THR A 121 -5.27 37.33 20.13
C THR A 121 -5.79 37.09 18.72
N SER A 122 -5.14 37.70 17.75
CA SER A 122 -5.50 37.54 16.34
C SER A 122 -4.22 37.33 15.52
N ILE A 123 -4.37 36.70 14.35
CA ILE A 123 -3.25 36.45 13.46
C ILE A 123 -3.47 37.04 12.08
N CYS A 124 -4.49 37.89 11.96
CA CYS A 124 -4.92 38.39 10.64
C CYS A 124 -4.01 39.45 10.04
N THR A 125 -3.25 40.16 10.88
CA THR A 125 -2.25 41.12 10.39
C THR A 125 -0.89 40.79 10.99
N ALA A 126 0.18 41.10 10.26
CA ALA A 126 1.54 40.99 10.81
C ALA A 126 1.62 41.60 12.20
N GLU A 127 1.01 42.77 12.35
CA GLU A 127 0.94 43.49 13.64
C GLU A 127 0.31 42.66 14.77
N HIS A 128 -0.83 42.03 14.48
CA HIS A 128 -1.51 41.19 15.47
C HIS A 128 -0.80 39.84 15.70
N ALA A 129 -0.38 39.21 14.61
CA ALA A 129 0.40 37.97 14.67
C ALA A 129 1.60 38.11 15.61
N LEU A 130 2.23 39.29 15.59
CA LEU A 130 3.39 39.57 16.43
C LEU A 130 3.09 39.69 17.92
N GLU A 131 1.99 40.32 18.27
CA GLU A 131 1.62 40.41 19.69
C GLU A 131 1.01 39.10 20.18
N THR A 132 0.63 38.23 19.25
CA THR A 132 0.26 36.84 19.56
C THR A 132 1.48 36.06 20.01
N GLN A 133 2.59 36.25 19.31
CA GLN A 133 3.81 35.54 19.59
C GLN A 133 4.24 35.84 21.01
N LYS A 134 4.14 37.11 21.39
CA LYS A 134 4.48 37.55 22.74
C LYS A 134 3.62 36.86 23.81
N LYS A 135 2.39 36.49 23.45
CA LYS A 135 1.46 35.86 24.39
C LYS A 135 1.60 34.36 24.54
N LEU A 136 1.88 33.68 23.43
CA LEU A 136 2.22 32.24 23.42
C LEU A 136 3.41 31.95 24.33
N GLN A 137 4.36 32.89 24.33
CA GLN A 137 5.51 32.88 25.22
C GLN A 137 5.09 32.65 26.68
N GLU A 138 3.98 33.28 27.07
CA GLU A 138 3.42 33.13 28.41
C GLU A 138 2.67 31.80 28.61
N LEU A 139 2.05 31.29 27.54
CA LEU A 139 1.43 29.97 27.59
C LEU A 139 2.46 28.87 27.86
N TYR A 140 3.57 28.88 27.11
CA TYR A 140 4.64 27.88 27.31
C TYR A 140 5.20 27.91 28.72
N ALA A 141 5.48 29.10 29.25
CA ALA A 141 5.98 29.28 30.62
C ALA A 141 5.01 28.81 31.72
N ASN A 142 3.71 29.10 31.56
CA ASN A 142 2.66 28.62 32.47
C ASN A 142 1.52 27.95 31.71
N PRO A 143 1.65 26.65 31.43
CA PRO A 143 0.66 25.93 30.63
C PRO A 143 -0.74 25.94 31.25
N GLY A 144 -1.65 26.71 30.66
CA GLY A 144 -3.07 26.67 30.99
C GLY A 144 -3.85 26.25 29.76
N PRO A 145 -5.20 26.28 29.84
CA PRO A 145 -6.06 25.77 28.77
C PRO A 145 -6.13 26.69 27.58
N VAL A 146 -6.24 26.11 26.39
CA VAL A 146 -6.23 26.86 25.15
C VAL A 146 -7.58 26.77 24.47
N VAL A 147 -8.08 27.91 24.01
CA VAL A 147 -9.33 27.94 23.26
C VAL A 147 -9.11 28.74 22.00
N ILE A 148 -9.49 28.15 20.87
CA ILE A 148 -9.26 28.73 19.55
C ILE A 148 -10.52 28.61 18.74
N GLY A 149 -10.75 29.54 17.82
CA GLY A 149 -11.84 29.35 16.88
C GLY A 149 -12.32 30.58 16.16
N ALA A 150 -13.62 30.57 15.87
CA ALA A 150 -14.26 31.59 15.02
C ALA A 150 -15.56 32.06 15.66
N ILE A 151 -15.76 33.36 15.65
CA ILE A 151 -16.97 33.99 16.19
C ILE A 151 -18.08 33.91 15.12
N PRO A 152 -19.30 34.41 15.41
CA PRO A 152 -20.28 34.44 14.33
C PRO A 152 -19.92 35.49 13.25
N GLY A 153 -20.33 35.23 12.02
CA GLY A 153 -20.03 36.13 10.92
C GLY A 153 -18.71 35.82 10.25
N VAL A 154 -17.83 35.07 10.92
CA VAL A 154 -16.52 34.78 10.36
C VAL A 154 -16.68 34.16 8.99
N SER A 155 -15.74 34.46 8.10
CA SER A 155 -15.79 33.98 6.73
C SER A 155 -14.47 33.33 6.30
N PHE A 157 -12.10 30.66 7.75
CA PHE A 157 -11.98 29.67 8.84
C PHE A 157 -10.65 28.91 8.87
N GLY A 158 -10.16 28.54 7.69
CA GLY A 158 -8.83 27.97 7.49
C GLY A 158 -7.75 28.30 8.51
N PRO A 159 -7.35 29.59 8.63
CA PRO A 159 -6.20 29.96 9.49
C PRO A 159 -6.32 29.51 10.94
N ALA A 160 -7.56 29.46 11.45
CA ALA A 160 -7.81 29.04 12.83
C ALA A 160 -7.57 27.53 13.04
N TYR A 161 -7.89 26.72 12.04
CA TYR A 161 -7.54 25.30 12.07
C TYR A 161 -6.04 25.14 12.02
N GLU A 162 -5.42 25.94 11.18
CA GLU A 162 -4.00 25.92 10.98
C GLU A 162 -3.28 26.38 12.25
N PHE A 163 -3.90 27.28 12.99
CA PHE A 163 -3.28 27.77 14.22
C PHE A 163 -3.41 26.70 15.30
N ALA A 164 -4.62 26.17 15.48
CA ALA A 164 -4.85 25.10 16.43
C ALA A 164 -3.82 23.97 16.29
N LEU A 165 -3.68 23.48 15.06
CA LEU A 165 -2.82 22.34 14.77
C LEU A 165 -1.32 22.63 14.82
N MET A 166 -0.93 23.83 14.37
CA MET A 166 0.44 24.30 14.50
C MET A 166 0.82 24.46 15.96
N LEU A 167 -0.12 24.91 16.77
CA LEU A 167 0.14 25.07 18.20
C LEU A 167 0.27 23.73 18.90
N HIS A 168 -0.68 22.82 18.67
CA HIS A 168 -0.52 21.42 19.06
C HIS A 168 0.89 20.89 18.78
N TYR A 169 1.32 20.96 17.52
CA TYR A 169 2.66 20.55 17.13
C TYR A 169 3.75 21.21 17.99
N GLU A 170 3.71 22.54 18.08
CA GLU A 170 4.66 23.28 18.90
C GLU A 170 4.74 22.78 20.36
N LEU A 171 3.59 22.71 21.03
CA LEU A 171 3.52 22.21 22.41
C LEU A 171 4.08 20.79 22.55
N LYS A 172 3.83 19.97 21.55
CA LYS A 172 4.29 18.58 21.54
C LYS A 172 5.81 18.48 21.33
N LYS A 173 6.37 19.36 20.50
CA LYS A 173 7.82 19.46 20.36
C LYS A 173 8.45 19.87 21.69
N ARG A 174 7.73 20.68 22.47
CA ARG A 174 8.23 21.17 23.75
C ARG A 174 7.92 20.23 24.92
N GLY A 175 7.29 19.09 24.62
CA GLY A 175 6.93 18.07 25.61
C GLY A 175 6.04 18.57 26.73
N ILE A 176 5.09 19.45 26.39
CA ILE A 176 4.18 20.04 27.38
C ILE A 176 2.71 19.96 26.97
N ARG A 177 2.43 19.34 25.83
CA ARG A 177 1.07 19.23 25.30
C ARG A 177 0.10 18.64 26.32
N TYR A 178 0.60 17.72 27.15
CA TYR A 178 -0.21 17.05 28.16
C TYR A 178 -0.62 17.96 29.33
N LYS A 179 0.03 19.12 29.42
CA LYS A 179 -0.31 20.14 30.42
C LYS A 179 -1.29 21.18 29.87
N VAL A 180 -1.68 21.04 28.60
CA VAL A 180 -2.50 22.04 27.91
C VAL A 180 -3.74 21.51 27.18
N PRO A 181 -4.93 21.58 27.82
CA PRO A 181 -6.16 21.26 27.11
C PRO A 181 -6.37 22.18 25.91
N MET A 182 -6.98 21.67 24.85
CA MET A 182 -7.24 22.47 23.67
C MET A 182 -8.68 22.35 23.19
N THR A 183 -9.41 23.45 23.20
CA THR A 183 -10.73 23.44 22.63
C THR A 183 -10.84 24.37 21.42
N PHE A 184 -11.57 23.91 20.41
CA PHE A 184 -11.84 24.68 19.20
C PHE A 184 -13.32 25.01 19.18
N ILE A 185 -13.66 26.29 19.18
CA ILE A 185 -15.07 26.68 19.08
C ILE A 185 -15.34 27.45 17.80
N THR A 186 -16.28 26.94 17.02
CA THR A 186 -16.57 27.55 15.73
C THR A 186 -18.07 27.83 15.54
N SER A 187 -18.36 28.85 14.73
CA SER A 187 -19.72 29.16 14.34
C SER A 187 -20.17 28.31 13.16
N GLU A 188 -19.25 27.53 12.58
CA GLU A 188 -19.57 26.58 11.53
C GLU A 188 -20.58 25.57 12.06
N PRO A 189 -21.50 25.09 11.22
CA PRO A 189 -22.44 24.06 11.68
C PRO A 189 -21.76 22.75 12.09
N TYR A 190 -20.61 22.46 11.47
CA TYR A 190 -19.81 21.26 11.76
C TYR A 190 -18.38 21.56 11.35
N LEU A 191 -17.42 20.81 11.89
CA LEU A 191 -16.02 21.00 11.52
C LEU A 191 -15.76 20.77 10.04
N GLY A 192 -14.94 21.62 9.45
CA GLY A 192 -14.51 21.47 8.06
C GLY A 192 -15.55 21.98 7.09
N HIS A 193 -16.42 22.86 7.58
CA HIS A 193 -17.40 23.51 6.73
C HIS A 193 -16.74 24.64 5.95
N PHE A 194 -15.81 25.34 6.61
CA PHE A 194 -14.96 26.38 6.00
C PHE A 194 -15.75 27.53 5.34
N GLY A 195 -17.00 27.70 5.73
CA GLY A 195 -17.87 28.68 5.07
C GLY A 195 -18.21 28.32 3.63
N VAL A 196 -18.05 27.06 3.26
CA VAL A 196 -18.33 26.63 1.88
C VAL A 196 -19.16 25.36 1.81
N GLY A 197 -19.76 24.96 2.93
CA GLY A 197 -20.53 23.72 3.02
C GLY A 197 -19.66 22.49 2.85
N GLY A 198 -18.41 22.58 3.25
CA GLY A 198 -17.51 21.45 3.11
C GLY A 198 -16.78 21.42 1.78
N ILE A 199 -15.63 20.76 1.77
CA ILE A 199 -14.88 20.49 0.56
C ILE A 199 -14.69 18.99 0.56
N GLY A 200 -15.47 18.28 -0.25
CA GLY A 200 -15.46 16.82 -0.23
C GLY A 200 -15.80 16.28 1.13
N ALA A 201 -15.01 15.33 1.62
CA ALA A 201 -15.24 14.74 2.92
C ALA A 201 -14.37 15.42 3.96
N SER A 202 -14.30 16.75 3.88
CA SER A 202 -13.56 17.59 4.84
C SER A 202 -14.07 17.45 6.28
N LYS A 203 -15.39 17.39 6.48
CA LYS A 203 -15.95 17.22 7.82
C LYS A 203 -15.34 16.02 8.54
N ARG A 204 -15.20 14.92 7.80
CA ARG A 204 -14.69 13.68 8.34
C ARG A 204 -13.17 13.74 8.50
N LEU A 205 -12.47 14.27 7.50
CA LEU A 205 -11.01 14.42 7.56
C LEU A 205 -10.61 15.22 8.79
N VAL A 206 -11.34 16.29 9.10
CA VAL A 206 -10.95 17.23 10.14
C VAL A 206 -11.35 16.74 11.52
N GLU A 207 -12.45 16.01 11.57
CA GLU A 207 -12.94 15.41 12.81
C GLU A 207 -11.99 14.34 13.29
N ASP A 208 -11.38 13.62 12.37
CA ASP A 208 -10.43 12.58 12.77
C ASP A 208 -9.10 13.19 13.14
N LEU A 209 -8.77 14.29 12.48
CA LEU A 209 -7.53 14.98 12.74
C LEU A 209 -7.50 15.45 14.18
N PHE A 210 -8.63 16.00 14.63
CA PHE A 210 -8.74 16.52 15.99
C PHE A 210 -8.79 15.40 17.02
N ALA A 211 -9.49 14.31 16.72
CA ALA A 211 -9.60 13.18 17.65
C ALA A 211 -8.26 12.52 17.87
N GLU A 212 -7.52 12.30 16.77
CA GLU A 212 -6.18 11.72 16.78
C GLU A 212 -5.20 12.59 17.55
N ARG A 213 -5.29 13.91 17.38
CA ARG A 213 -4.43 14.86 18.08
C ARG A 213 -5.05 15.44 19.35
N ASN A 214 -6.15 14.84 19.82
CA ASN A 214 -6.78 15.24 21.08
C ASN A 214 -7.03 16.74 21.21
N ILE A 215 -7.96 17.23 20.39
CA ILE A 215 -8.32 18.62 20.34
C ILE A 215 -9.83 18.63 20.45
N ASP A 216 -10.33 18.90 21.64
CA ASP A 216 -11.76 19.01 21.88
C ASP A 216 -12.39 20.14 21.05
N TRP A 217 -13.67 20.00 20.69
CA TRP A 217 -14.33 20.99 19.84
C TRP A 217 -15.79 21.14 20.11
N ILE A 218 -16.28 22.36 19.92
CA ILE A 218 -17.70 22.65 20.02
C ILE A 218 -18.09 23.44 18.76
N ALA A 219 -18.98 22.88 17.96
CA ALA A 219 -19.41 23.55 16.73
C ALA A 219 -20.86 24.00 16.85
N ASN A 220 -21.29 24.83 15.90
CA ASN A 220 -22.67 25.28 15.82
C ASN A 220 -23.09 26.17 17.00
N VAL A 221 -22.16 27.05 17.43
CA VAL A 221 -22.38 27.95 18.56
C VAL A 221 -21.82 29.36 18.32
N ALA A 222 -22.43 30.32 19.02
CA ALA A 222 -22.06 31.73 18.94
C ALA A 222 -21.21 32.12 20.13
N VAL A 223 -19.95 32.45 19.89
CA VAL A 223 -19.08 32.92 20.95
C VAL A 223 -19.47 34.37 21.27
N LYS A 224 -19.91 34.60 22.50
CA LYS A 224 -20.41 35.92 22.90
C LYS A 224 -19.38 36.79 23.61
N ALA A 225 -18.44 36.14 24.32
CA ALA A 225 -17.50 36.83 25.21
C ALA A 225 -16.16 36.13 25.37
N ILE A 226 -15.10 36.92 25.45
CA ILE A 226 -13.77 36.40 25.77
C ILE A 226 -13.24 37.14 26.99
N GLU A 227 -13.35 36.50 28.16
CA GLU A 227 -12.85 37.04 29.42
C GLU A 227 -11.35 36.70 29.55
N PRO A 228 -10.63 37.38 30.47
CA PRO A 228 -9.24 36.96 30.67
C PRO A 228 -9.09 35.47 31.01
N ASP A 229 -10.09 34.90 31.70
CA ASP A 229 -10.04 33.53 32.21
C ASP A 229 -10.97 32.48 31.54
N LYS A 230 -11.86 32.91 30.64
CA LYS A 230 -12.87 32.02 30.04
C LYS A 230 -13.53 32.54 28.75
N VAL A 231 -14.09 31.62 27.96
CA VAL A 231 -14.81 31.98 26.75
C VAL A 231 -16.28 31.63 26.94
N ILE A 232 -17.15 32.62 26.85
CA ILE A 232 -18.60 32.41 26.95
C ILE A 232 -19.23 32.32 25.56
N TYR A 233 -20.10 31.33 25.38
CA TYR A 233 -20.77 31.15 24.11
C TYR A 233 -22.23 30.74 24.29
N GLU A 234 -22.97 30.75 23.19
CA GLU A 234 -24.40 30.55 23.21
C GLU A 234 -24.81 29.60 22.09
N ASP A 235 -25.53 28.53 22.46
CA ASP A 235 -26.06 27.60 21.47
C ASP A 235 -27.44 28.02 20.94
N LEU A 236 -27.98 27.22 20.03
CA LEU A 236 -29.24 27.53 19.35
C LEU A 236 -30.48 27.61 20.24
N ASN A 237 -30.40 27.07 21.45
CA ASN A 237 -31.47 27.21 22.43
C ASN A 237 -31.37 28.54 23.18
N GLY A 238 -30.22 29.20 23.07
CA GLY A 238 -30.03 30.50 23.72
C GLY A 238 -29.36 30.46 25.09
N ASN A 239 -29.19 29.25 25.64
CA ASN A 239 -28.43 29.06 26.88
C ASN A 239 -26.95 29.37 26.67
N THR A 240 -26.34 30.01 27.66
CA THR A 240 -24.91 30.33 27.60
C THR A 240 -24.06 29.30 28.36
N HIS A 241 -22.83 29.11 27.87
CA HIS A 241 -21.88 28.18 28.47
C HIS A 241 -20.52 28.84 28.62
N GLU A 242 -19.71 28.28 29.52
CA GLU A 242 -18.35 28.74 29.73
C GLU A 242 -17.38 27.61 29.51
N VAL A 243 -16.14 27.97 29.22
CA VAL A 243 -15.04 27.03 29.00
C VAL A 243 -13.81 27.77 29.54
N PRO A 244 -13.04 27.11 30.44
CA PRO A 244 -11.83 27.75 30.94
C PRO A 244 -10.83 27.97 29.81
N ALA A 245 -10.20 29.14 29.81
CA ALA A 245 -9.23 29.52 28.79
C ALA A 245 -8.20 30.52 29.33
N LYS A 246 -6.92 30.16 29.25
CA LYS A 246 -5.82 31.05 29.65
C LYS A 246 -5.27 31.79 28.44
N PHE A 247 -5.23 31.09 27.30
CA PHE A 247 -4.84 31.68 26.04
C PHE A 247 -5.91 31.38 24.98
N THR A 248 -6.32 32.42 24.24
CA THR A 248 -7.28 32.27 23.14
C THR A 248 -6.81 32.94 21.84
N MET A 249 -7.22 32.39 20.71
CA MET A 249 -7.05 33.07 19.43
C MET A 249 -8.33 32.89 18.61
N PHE A 250 -8.95 34.02 18.27
CA PHE A 250 -10.20 34.00 17.55
C PHE A 250 -10.13 34.81 16.29
N MET A 251 -10.71 34.26 15.22
CA MET A 251 -10.87 34.99 13.98
C MET A 251 -11.92 36.08 14.18
N PRO A 252 -11.58 37.32 13.79
CA PRO A 252 -12.60 38.35 13.68
C PRO A 252 -13.49 38.08 12.46
N SER A 253 -14.65 38.73 12.39
CA SER A 253 -15.44 38.72 11.19
C SER A 253 -14.92 39.88 10.35
N PHE A 254 -15.22 39.90 9.06
CA PHE A 254 -14.78 40.98 8.19
C PHE A 254 -15.92 41.92 7.84
N GLN A 255 -15.60 43.20 7.65
CA GLN A 255 -16.51 44.14 7.02
C GLN A 255 -15.72 44.96 6.00
N GLY A 256 -16.42 45.76 5.22
CA GLY A 256 -15.76 46.63 4.24
C GLY A 256 -15.25 47.90 4.92
N PRO A 257 -14.34 48.61 4.25
CA PRO A 257 -13.71 49.83 4.79
C PRO A 257 -14.58 51.06 4.61
N GLU A 258 -14.17 52.16 5.23
CA GLU A 258 -14.91 53.40 5.17
C GLU A 258 -14.76 54.08 3.81
N VAL A 259 -13.61 53.91 3.19
CA VAL A 259 -13.38 54.43 1.85
C VAL A 259 -14.47 53.99 0.85
N VAL A 260 -14.76 52.68 0.82
CA VAL A 260 -15.83 52.14 -0.01
C VAL A 260 -17.18 52.72 0.42
N ALA A 261 -17.44 52.70 1.73
CA ALA A 261 -18.68 53.24 2.26
C ALA A 261 -19.00 54.62 1.68
N SER A 262 -17.98 55.48 1.60
CA SER A 262 -18.16 56.86 1.19
C SER A 262 -18.48 57.03 -0.29
N ALA A 263 -18.44 55.94 -1.05
CA ALA A 263 -18.78 55.99 -2.47
C ALA A 263 -20.29 55.91 -2.69
N GLY A 264 -21.04 55.77 -1.61
CA GLY A 264 -22.49 55.67 -1.69
C GLY A 264 -22.94 54.23 -1.77
N ASP A 265 -24.25 54.02 -1.70
CA ASP A 265 -24.81 52.67 -1.65
C ASP A 265 -25.01 52.01 -3.03
N LYS A 266 -24.37 52.56 -4.05
CA LYS A 266 -24.34 51.89 -5.35
C LYS A 266 -23.05 51.10 -5.48
N VAL A 267 -22.03 51.55 -4.73
CA VAL A 267 -20.73 50.91 -4.68
C VAL A 267 -20.61 50.09 -3.39
N ALA A 268 -20.95 50.72 -2.26
CA ALA A 268 -20.87 50.08 -0.95
C ALA A 268 -22.14 49.33 -0.58
N ASN A 269 -22.01 48.03 -0.35
CA ASN A 269 -23.11 47.21 0.11
C ASN A 269 -23.52 47.57 1.54
N PRO A 270 -24.73 48.13 1.72
CA PRO A 270 -25.14 48.68 3.01
C PRO A 270 -24.95 47.75 4.20
N ALA A 271 -25.19 46.46 4.00
CA ALA A 271 -25.09 45.44 5.06
C ALA A 271 -23.68 45.23 5.66
N ASN A 272 -22.63 45.31 4.84
CA ASN A 272 -21.26 45.01 5.28
C ASN A 272 -20.19 45.97 4.78
N LYS A 273 -20.58 46.93 3.96
CA LYS A 273 -19.69 47.95 3.36
C LYS A 273 -18.68 47.37 2.37
N MET A 274 -18.88 46.13 1.97
CA MET A 274 -18.00 45.56 0.95
C MET A 274 -18.41 46.08 -0.41
N VAL A 275 -17.61 45.80 -1.43
CA VAL A 275 -17.84 46.37 -2.77
C VAL A 275 -18.85 45.58 -3.57
N ILE A 276 -19.95 46.23 -3.96
CA ILE A 276 -20.91 45.60 -4.84
C ILE A 276 -20.24 45.36 -6.19
N VAL A 277 -20.20 44.10 -6.62
CA VAL A 277 -19.70 43.71 -7.94
C VAL A 277 -20.64 42.72 -8.61
N ASN A 278 -20.46 42.52 -9.91
CA ASN A 278 -21.22 41.54 -10.67
C ASN A 278 -20.33 40.35 -11.05
N ARG A 279 -20.82 39.45 -11.91
CA ARG A 279 -20.04 38.27 -12.29
C ARG A 279 -18.63 38.60 -12.79
N CYS A 280 -18.45 39.81 -13.27
CA CYS A 280 -17.21 40.23 -13.89
C CYS A 280 -16.34 41.03 -12.93
N PHE A 281 -16.73 40.99 -11.66
CA PHE A 281 -16.06 41.74 -10.59
C PHE A 281 -15.95 43.24 -10.87
N GLN A 282 -16.97 43.71 -11.59
CA GLN A 282 -17.18 45.09 -11.96
C GLN A 282 -18.45 45.62 -11.27
N ASN A 283 -18.42 46.86 -10.79
CA ASN A 283 -19.61 47.45 -10.19
C ASN A 283 -20.75 47.61 -11.21
N PRO A 284 -21.99 47.22 -10.83
CA PRO A 284 -23.11 47.37 -11.76
C PRO A 284 -23.37 48.80 -12.20
N THR A 285 -23.25 49.74 -11.27
CA THR A 285 -23.66 51.12 -11.53
C THR A 285 -22.56 51.94 -12.18
N TYR A 286 -21.36 51.91 -11.60
CA TYR A 286 -20.22 52.69 -12.08
C TYR A 286 -19.20 51.79 -12.76
N LYS A 287 -19.45 51.50 -14.03
CA LYS A 287 -18.76 50.43 -14.77
C LYS A 287 -17.24 50.59 -15.00
N ASN A 288 -16.65 51.63 -14.43
CA ASN A 288 -15.19 51.78 -14.38
C ASN A 288 -14.64 51.53 -12.98
N ILE A 289 -15.47 50.95 -12.11
CA ILE A 289 -15.03 50.55 -10.78
C ILE A 289 -15.05 49.04 -10.63
N PHE A 290 -13.93 48.49 -10.19
CA PHE A 290 -13.76 47.06 -10.03
C PHE A 290 -13.31 46.77 -8.61
N GLY A 291 -13.80 45.68 -8.06
CA GLY A 291 -13.36 45.26 -6.74
C GLY A 291 -12.62 43.97 -6.94
N VAL A 292 -11.54 43.79 -6.21
CA VAL A 292 -10.77 42.55 -6.28
C VAL A 292 -10.44 42.17 -4.86
N GLY A 293 -10.66 40.91 -4.51
CA GLY A 293 -10.22 40.35 -3.22
C GLY A 293 -11.27 40.33 -2.12
N VAL A 294 -10.79 40.34 -0.88
CA VAL A 294 -11.68 40.11 0.25
C VAL A 294 -12.77 41.18 0.33
N VAL A 295 -12.41 42.43 0.01
CA VAL A 295 -13.37 43.55 0.09
C VAL A 295 -14.61 43.40 -0.83
N THR A 296 -14.59 42.46 -1.77
CA THR A 296 -15.74 42.26 -2.67
C THR A 296 -16.92 41.56 -2.00
N ALA A 297 -18.10 42.14 -2.14
CA ALA A 297 -19.32 41.56 -1.57
C ALA A 297 -19.83 40.32 -2.31
N ILE A 298 -19.48 39.13 -1.81
CA ILE A 298 -19.99 37.88 -2.36
C ILE A 298 -20.97 37.24 -1.36
N PRO A 299 -22.21 36.92 -1.80
CA PRO A 299 -23.20 36.30 -0.91
C PRO A 299 -22.74 34.92 -0.38
N PRO A 300 -23.18 34.52 0.84
CA PRO A 300 -22.79 33.21 1.39
C PRO A 300 -23.27 32.01 0.55
N ILE A 301 -22.70 30.84 0.81
CA ILE A 301 -23.02 29.65 0.04
C ILE A 301 -24.25 28.95 0.61
N GLU A 302 -24.38 29.00 1.93
CA GLU A 302 -25.58 28.51 2.62
C GLU A 302 -25.80 29.37 3.86
N LYS A 303 -27.06 29.64 4.18
CA LYS A 303 -27.40 30.41 5.37
C LYS A 303 -27.43 29.46 6.55
N THR A 304 -26.28 29.35 7.22
CA THR A 304 -26.07 28.47 8.37
C THR A 304 -26.79 28.99 9.63
N PRO A 305 -27.07 28.10 10.61
CA PRO A 305 -27.80 28.51 11.83
C PRO A 305 -27.06 29.58 12.66
N ILE A 306 -25.73 29.55 12.63
CA ILE A 306 -24.95 30.65 13.17
C ILE A 306 -24.27 31.26 11.96
N PRO A 307 -24.56 32.55 11.68
CA PRO A 307 -24.09 33.22 10.46
C PRO A 307 -22.62 32.97 10.14
N THR A 308 -22.36 32.59 8.88
CA THR A 308 -20.98 32.42 8.35
C THR A 308 -20.91 33.03 6.95
N GLY A 309 -19.72 33.43 6.53
CA GLY A 309 -19.53 34.04 5.22
C GLY A 309 -18.58 33.22 4.37
N VAL A 310 -18.39 33.64 3.12
CA VAL A 310 -17.58 32.88 2.16
C VAL A 310 -16.13 33.35 2.14
N PRO A 311 -15.18 32.42 2.28
CA PRO A 311 -13.79 32.82 2.16
C PRO A 311 -13.40 33.21 0.74
N LYS A 312 -12.63 34.28 0.63
CA LYS A 312 -11.96 34.62 -0.61
C LYS A 312 -10.49 34.22 -0.43
N THR A 313 -10.10 33.12 -1.07
CA THR A 313 -8.78 32.53 -0.86
C THR A 313 -7.79 33.08 -1.89
N GLY A 314 -6.50 32.82 -1.71
CA GLY A 314 -5.45 33.30 -2.61
C GLY A 314 -5.70 33.08 -4.10
N MET A 315 -6.05 31.87 -4.48
CA MET A 315 -6.17 31.52 -5.90
C MET A 315 -7.40 32.19 -6.52
N MET A 316 -8.46 32.29 -5.73
CA MET A 316 -9.69 32.97 -6.13
C MET A 316 -9.37 34.42 -6.52
N ILE A 317 -8.63 35.10 -5.65
CA ILE A 317 -8.25 36.49 -5.85
C ILE A 317 -7.33 36.62 -7.06
N GLU A 318 -6.38 35.71 -7.18
CA GLU A 318 -5.50 35.67 -8.34
C GLU A 318 -6.31 35.62 -9.63
N GLN A 319 -7.39 34.84 -9.63
CA GLN A 319 -8.31 34.84 -10.77
C GLN A 319 -9.12 36.15 -10.87
N MET A 320 -9.56 36.71 -9.75
CA MET A 320 -10.28 37.97 -9.79
C MET A 320 -9.41 39.03 -10.47
N ALA A 321 -8.12 39.06 -10.13
CA ALA A 321 -7.18 40.07 -10.65
C ALA A 321 -6.90 39.87 -12.14
N MET A 322 -7.00 38.62 -12.59
CA MET A 322 -6.73 38.28 -13.98
C MET A 322 -7.95 38.69 -14.82
N ALA A 323 -9.13 38.66 -14.22
CA ALA A 323 -10.37 38.97 -14.91
C ALA A 323 -10.58 40.47 -15.00
N VAL A 324 -10.36 41.16 -13.88
CA VAL A 324 -10.51 42.60 -13.82
C VAL A 324 -9.51 43.29 -14.72
N ALA A 325 -8.27 42.83 -14.70
CA ALA A 325 -7.24 43.38 -15.59
C ALA A 325 -7.65 43.24 -17.04
N HIS A 326 -8.12 42.07 -17.43
CA HIS A 326 -8.56 41.86 -18.81
C HIS A 326 -9.74 42.75 -19.21
N ASN A 327 -10.72 42.87 -18.31
CA ASN A 327 -11.91 43.67 -18.53
C ASN A 327 -11.62 45.16 -18.67
N ILE A 328 -10.69 45.66 -17.85
CA ILE A 328 -10.17 47.02 -17.98
C ILE A 328 -9.49 47.23 -19.34
N VAL A 329 -8.47 46.41 -19.62
CA VAL A 329 -7.77 46.44 -20.90
C VAL A 329 -8.75 46.42 -22.09
N ASN A 330 -9.69 45.47 -22.09
CA ASN A 330 -10.68 45.35 -23.15
C ASN A 330 -11.54 46.61 -23.36
N ASP A 331 -11.92 47.25 -22.26
CA ASP A 331 -12.71 48.47 -22.33
C ASP A 331 -11.89 49.56 -23.01
N ILE A 332 -10.67 49.78 -22.52
CA ILE A 332 -9.71 50.69 -23.14
C ILE A 332 -9.60 50.42 -24.63
N ARG A 333 -9.35 49.16 -25.00
CA ARG A 333 -9.13 48.76 -26.40
C ARG A 333 -10.42 48.63 -27.22
N ASN A 334 -11.56 48.96 -26.62
CA ASN A 334 -12.86 48.80 -27.25
C ASN A 334 -13.16 47.37 -27.71
N ASN A 335 -12.74 46.40 -26.90
CA ASN A 335 -13.10 45.01 -27.11
C ASN A 335 -14.26 44.63 -26.17
N PRO A 336 -15.43 44.26 -26.73
CA PRO A 336 -16.63 44.01 -25.93
C PRO A 336 -16.55 42.76 -25.06
N ASP A 337 -15.65 41.84 -25.42
CA ASP A 337 -15.37 40.65 -24.61
C ASP A 337 -15.17 40.99 -23.11
N LYS A 338 -15.71 40.12 -22.26
CA LYS A 338 -15.63 40.30 -20.81
C LYS A 338 -15.35 38.97 -20.13
N TYR A 339 -14.72 39.01 -18.97
CA TYR A 339 -14.32 37.78 -18.31
C TYR A 339 -14.78 37.71 -16.87
N ALA A 340 -15.24 36.53 -16.49
CA ALA A 340 -15.55 36.18 -15.10
C ALA A 340 -14.50 35.21 -14.56
N PRO A 341 -14.07 35.39 -13.30
CA PRO A 341 -13.09 34.46 -12.72
C PRO A 341 -13.76 33.17 -12.29
N ARG A 342 -13.09 32.04 -12.54
CA ARG A 342 -13.63 30.73 -12.23
C ARG A 342 -13.93 30.53 -10.74
N LEU A 343 -13.17 31.24 -9.90
CA LEU A 343 -13.32 31.20 -8.45
C LEU A 343 -13.13 29.79 -7.89
N SER A 344 -12.08 29.13 -8.35
CA SER A 344 -11.67 27.84 -7.81
C SER A 344 -10.54 28.07 -6.81
N ALA A 345 -10.27 27.10 -5.94
CA ALA A 345 -9.29 27.31 -4.88
C ALA A 345 -8.48 26.08 -4.56
N ILE A 346 -7.16 26.25 -4.54
CA ILE A 346 -6.24 25.32 -3.89
C ILE A 346 -6.07 25.89 -2.49
N CYS A 347 -6.03 25.02 -1.48
CA CYS A 347 -5.94 25.50 -0.10
C CYS A 347 -5.12 24.54 0.77
N ILE A 348 -3.98 25.02 1.26
CA ILE A 348 -3.11 24.17 2.05
C ILE A 348 -3.09 24.61 3.50
N ALA A 349 -3.52 23.73 4.39
CA ALA A 349 -3.55 24.04 5.80
C ALA A 349 -2.39 23.34 6.47
N ASP A 350 -1.43 24.13 6.91
CA ASP A 350 -0.17 23.66 7.47
C ASP A 350 -0.38 23.27 8.94
N PHE A 351 -0.22 22.00 9.26
CA PHE A 351 -0.42 21.50 10.62
C PHE A 351 0.91 21.36 11.38
N GLY A 352 1.93 22.07 10.95
CA GLY A 352 3.27 22.00 11.55
C GLY A 352 4.23 21.14 10.74
N GLU A 353 4.08 19.82 10.90
CA GLU A 353 4.95 18.81 10.33
C GLU A 353 4.39 18.38 8.97
N ASP A 354 3.07 18.25 8.94
CA ASP A 354 2.35 17.90 7.72
C ASP A 354 1.20 18.89 7.46
N ALA A 355 0.39 18.63 6.46
CA ALA A 355 -0.59 19.62 6.01
C ALA A 355 -1.74 18.98 5.29
N GLY A 356 -2.87 19.70 5.27
CA GLY A 356 -4.03 19.29 4.50
C GLY A 356 -4.12 20.04 3.17
N PHE A 357 -4.35 19.28 2.10
CA PHE A 357 -4.53 19.82 0.76
C PHE A 357 -6.00 19.82 0.39
N PHE A 358 -6.55 21.01 0.12
CA PHE A 358 -7.94 21.12 -0.30
C PHE A 358 -8.07 21.76 -1.67
N PHE A 359 -8.64 21.03 -2.62
CA PHE A 359 -8.94 21.62 -3.93
C PHE A 359 -10.45 21.58 -4.20
N ALA A 360 -11.00 22.76 -4.52
CA ALA A 360 -12.42 22.87 -4.89
C ALA A 360 -12.56 23.64 -6.19
N ASP A 361 -13.26 23.04 -7.15
CA ASP A 361 -13.45 23.65 -8.46
C ASP A 361 -14.92 23.65 -8.96
N PRO A 362 -15.60 24.81 -8.86
CA PRO A 362 -15.19 26.03 -8.19
C PRO A 362 -15.42 25.88 -6.69
N VAL A 363 -15.24 26.97 -5.92
CA VAL A 363 -15.54 26.97 -4.49
C VAL A 363 -17.06 27.06 -4.20
N ILE A 364 -17.77 27.87 -4.98
CA ILE A 364 -19.21 28.04 -4.81
C ILE A 364 -19.95 26.96 -5.60
N PRO A 365 -20.70 26.08 -4.90
CA PRO A 365 -21.32 24.92 -5.54
C PRO A 365 -22.36 25.33 -6.57
N PRO A 366 -22.66 24.45 -7.54
CA PRO A 366 -22.15 23.07 -7.60
C PRO A 366 -20.74 22.94 -8.19
N ARG A 367 -19.93 22.05 -7.58
CA ARG A 367 -18.55 21.83 -7.96
C ARG A 367 -18.37 20.77 -9.04
N GLU A 368 -17.39 20.99 -9.91
CA GLU A 368 -17.00 20.03 -10.96
C GLU A 368 -16.23 18.86 -10.33
N ARG A 369 -15.29 19.19 -9.44
CA ARG A 369 -14.52 18.20 -8.70
C ARG A 369 -13.87 18.79 -7.47
N VAL A 370 -13.53 17.91 -6.53
CA VAL A 370 -12.76 18.31 -5.34
C VAL A 370 -11.62 17.33 -5.09
N ILE A 371 -10.61 17.78 -4.36
CA ILE A 371 -9.53 16.91 -3.95
C ILE A 371 -9.24 17.19 -2.49
N THR A 372 -9.33 16.17 -1.64
CA THR A 372 -8.88 16.29 -0.26
C THR A 372 -7.87 15.22 0.05
N LYS A 373 -6.67 15.68 0.39
CA LYS A 373 -5.52 14.84 0.67
C LYS A 373 -4.76 15.44 1.86
N MET A 374 -4.04 14.58 2.59
CA MET A 374 -3.24 15.00 3.72
C MET A 374 -1.90 14.30 3.69
N GLY A 375 -0.81 15.03 3.92
CA GLY A 375 0.52 14.45 3.94
C GLY A 375 1.63 15.42 4.29
N LYS A 376 2.84 14.90 4.44
CA LYS A 376 4.03 15.72 4.67
C LYS A 376 4.35 16.59 3.46
N TRP A 377 4.21 16.00 2.27
CA TRP A 377 4.44 16.69 1.01
C TRP A 377 3.71 18.06 0.95
N ALA A 378 2.49 18.08 1.45
CA ALA A 378 1.67 19.29 1.46
C ALA A 378 2.32 20.42 2.27
N HIS A 379 3.03 20.07 3.34
CA HIS A 379 3.69 21.07 4.16
C HIS A 379 4.85 21.69 3.40
N TYR A 380 5.60 20.89 2.66
CA TYR A 380 6.72 21.40 1.88
C TYR A 380 6.23 22.25 0.72
N PHE A 381 5.11 21.83 0.15
CA PHE A 381 4.51 22.55 -0.95
C PHE A 381 4.16 23.98 -0.55
N LYS A 382 3.60 24.16 0.65
CA LYS A 382 3.28 25.51 1.17
C LYS A 382 4.52 26.38 1.40
N THR A 383 5.61 25.77 1.88
CA THR A 383 6.84 26.51 2.09
C THR A 383 7.46 26.91 0.76
N ALA A 384 7.40 25.99 -0.21
CA ALA A 384 7.84 26.29 -1.57
C ALA A 384 6.99 27.42 -2.13
N PHE A 385 5.67 27.28 -2.04
CA PHE A 385 4.80 28.27 -2.63
C PHE A 385 4.99 29.69 -2.08
N GLU A 386 5.25 29.78 -0.77
CA GLU A 386 5.62 31.03 -0.12
C GLU A 386 6.82 31.65 -0.83
N LYS A 387 7.91 30.89 -0.89
CA LYS A 387 9.10 31.37 -1.55
C LYS A 387 8.78 31.82 -2.96
N TYR A 388 7.88 31.11 -3.62
CA TYR A 388 7.55 31.37 -5.01
C TYR A 388 6.71 32.65 -5.17
N PHE A 389 5.68 32.79 -4.35
CA PHE A 389 4.87 33.98 -4.45
C PHE A 389 5.64 35.26 -4.17
N LEU A 390 6.51 35.22 -3.14
CA LEU A 390 7.34 36.37 -2.83
C LEU A 390 8.23 36.74 -4.01
N TRP A 391 8.71 35.74 -4.73
CA TRP A 391 9.55 36.00 -5.90
C TRP A 391 8.73 36.68 -7.00
N LYS A 392 7.48 36.28 -7.15
CA LYS A 392 6.59 36.89 -8.14
C LYS A 392 6.39 38.37 -7.83
N VAL A 393 5.99 38.69 -6.60
CA VAL A 393 5.90 40.09 -6.15
C VAL A 393 7.20 40.83 -6.43
N ARG A 394 8.33 40.16 -6.18
CA ARG A 394 9.61 40.83 -6.33
C ARG A 394 10.05 40.97 -7.79
N ASN A 395 9.47 40.17 -8.68
CA ASN A 395 9.89 40.18 -10.08
C ASN A 395 8.84 40.63 -11.11
N GLY A 396 7.76 41.26 -10.66
CA GLY A 396 6.86 41.98 -11.56
C GLY A 396 5.80 41.20 -12.30
N ASN A 397 5.60 39.95 -11.92
CA ASN A 397 4.61 39.12 -12.58
C ASN A 397 3.92 38.15 -11.63
N ILE A 398 2.64 38.37 -11.33
CA ILE A 398 1.90 37.40 -10.50
C ILE A 398 1.36 36.24 -11.33
N ALA A 399 1.23 36.43 -12.64
CA ALA A 399 0.62 35.43 -13.50
C ALA A 399 1.55 34.97 -14.63
N PRO A 400 2.69 34.33 -14.29
CA PRO A 400 3.54 33.87 -15.39
C PRO A 400 2.84 32.75 -16.16
N SER A 401 2.90 32.81 -17.49
CA SER A 401 2.13 31.90 -18.33
C SER A 401 2.30 30.41 -18.02
N PHE A 402 3.46 30.02 -17.47
CA PHE A 402 3.68 28.62 -17.15
C PHE A 402 2.83 28.16 -15.96
N GLU A 403 2.54 29.07 -15.03
CA GLU A 403 1.66 28.75 -13.89
C GLU A 403 0.29 28.32 -14.39
N GLU A 404 -0.24 29.03 -15.37
CA GLU A 404 -1.55 28.70 -15.92
C GLU A 404 -1.57 27.29 -16.51
N LYS A 405 -0.53 26.96 -17.28
CA LYS A 405 -0.41 25.65 -17.93
C LYS A 405 -0.12 24.50 -16.97
N VAL A 406 0.68 24.75 -15.94
CA VAL A 406 0.91 23.76 -14.87
C VAL A 406 -0.41 23.42 -14.18
N LEU A 407 -1.21 24.45 -13.89
CA LEU A 407 -2.52 24.24 -13.31
C LEU A 407 -3.53 23.59 -14.28
N GLU A 408 -3.27 23.69 -15.58
CA GLU A 408 -4.09 22.94 -16.54
C GLU A 408 -3.72 21.47 -16.47
N ILE A 409 -2.43 21.17 -16.63
CA ILE A 409 -1.97 19.78 -16.64
C ILE A 409 -2.33 19.08 -15.33
N PHE A 410 -2.08 19.72 -14.21
CA PHE A 410 -2.32 19.06 -12.95
C PHE A 410 -3.78 18.98 -12.49
N LEU A 411 -4.58 20.02 -12.74
CA LEU A 411 -5.93 20.04 -12.16
C LEU A 411 -7.08 20.36 -13.11
N LYS A 412 -6.78 20.45 -14.41
CA LYS A 412 -7.75 20.88 -15.42
C LYS A 412 -8.47 22.21 -15.08
N VAL A 413 -7.73 23.11 -14.42
CA VAL A 413 -8.19 24.45 -14.05
C VAL A 413 -7.99 25.52 -15.14
N HIS A 414 -9.07 26.25 -15.45
CA HIS A 414 -9.01 27.44 -16.30
C HIS A 414 -9.41 28.65 -15.46
N PRO A 415 -8.46 29.57 -15.21
CA PRO A 415 -8.64 30.65 -14.23
C PRO A 415 -9.80 31.63 -14.52
N ILE A 416 -10.06 31.91 -15.79
CA ILE A 416 -11.10 32.84 -16.19
C ILE A 416 -11.84 32.32 -17.41
N GLU A 417 -13.11 32.70 -17.56
CA GLU A 417 -13.86 32.37 -18.79
C GLU A 417 -14.45 33.62 -19.42
N LEU A 418 -14.73 33.52 -20.71
CA LEU A 418 -15.45 34.55 -21.45
C LEU A 418 -16.88 34.57 -20.97
N CYS A 419 -17.30 35.70 -20.40
CA CYS A 419 -18.63 35.82 -19.85
C CYS A 419 -19.58 36.49 -20.84
N LYS A 420 -20.70 35.84 -21.10
CA LYS A 420 -21.69 36.36 -22.03
C LYS A 420 -22.58 37.45 -21.40
N ASP A 421 -22.82 37.35 -20.09
CA ASP A 421 -23.68 38.30 -19.38
C ASP A 421 -23.20 38.53 -17.94
N CYS A 422 -22.60 39.69 -17.70
CA CYS A 422 -22.03 40.01 -16.38
C CYS A 422 -23.04 40.44 -15.31
N GLU A 423 -24.31 40.62 -15.70
CA GLU A 423 -25.36 40.99 -14.76
C GLU A 423 -25.75 39.81 -13.88
N GLY A 424 -25.33 39.84 -12.62
CA GLY A 424 -25.63 38.77 -11.66
C GLY A 424 -24.62 38.70 -10.54
N ALA A 425 -24.97 37.98 -9.48
CA ALA A 425 -24.09 37.84 -8.33
C ALA A 425 -22.72 37.27 -8.73
N PRO A 426 -21.62 37.76 -8.11
CA PRO A 426 -20.33 37.13 -8.36
C PRO A 426 -20.40 35.70 -7.89
N GLY A 427 -19.82 34.78 -8.66
CA GLY A 427 -19.90 33.37 -8.34
C GLY A 427 -20.99 32.65 -9.10
N SER A 428 -22.06 33.36 -9.45
CA SER A 428 -23.16 32.80 -10.24
C SER A 428 -22.72 32.60 -11.70
N ARG A 429 -23.29 31.59 -12.35
CA ARG A 429 -22.77 31.08 -13.63
C ARG A 429 -23.32 31.81 -14.85
N CYS A 430 -22.42 32.35 -15.68
CA CYS A 430 -22.80 33.16 -16.86
C CYS A 430 -23.74 32.36 -17.78
N ALA B 2 32.85 49.51 -19.18
CA ALA B 2 32.38 48.15 -18.79
C ALA B 2 33.28 47.08 -19.39
N LYS B 3 33.36 45.93 -18.72
CA LYS B 3 34.05 44.76 -19.25
C LYS B 3 33.17 44.07 -20.28
N HIS B 4 33.76 43.26 -21.14
CA HIS B 4 33.03 42.65 -22.25
C HIS B 4 33.17 41.12 -22.29
N VAL B 5 32.03 40.45 -22.13
CA VAL B 5 31.97 39.00 -22.19
C VAL B 5 31.34 38.55 -23.50
N VAL B 6 32.02 37.63 -24.17
CA VAL B 6 31.49 36.95 -25.34
C VAL B 6 31.10 35.52 -24.99
N VAL B 7 29.85 35.17 -25.29
CA VAL B 7 29.35 33.81 -25.18
C VAL B 7 29.17 33.21 -26.57
N ILE B 8 29.77 32.04 -26.79
CA ILE B 8 29.55 31.25 -27.99
C ILE B 8 28.50 30.16 -27.72
N GLY B 9 27.35 30.27 -28.37
CA GLY B 9 26.30 29.25 -28.26
C GLY B 9 24.96 29.73 -27.71
N GLY B 10 23.90 29.59 -28.51
CA GLY B 10 22.56 29.95 -28.06
C GLY B 10 21.82 28.79 -27.40
N GLY B 11 22.54 27.95 -26.65
CA GLY B 11 21.93 26.78 -26.06
C GLY B 11 21.53 26.93 -24.61
N VAL B 12 21.43 25.80 -23.93
CA VAL B 12 21.11 25.81 -22.51
C VAL B 12 22.22 26.51 -21.74
N GLY B 13 23.47 26.30 -22.13
CA GLY B 13 24.59 26.80 -21.35
C GLY B 13 24.90 28.25 -21.66
N GLY B 14 24.71 28.62 -22.92
CA GLY B 14 24.97 29.98 -23.37
C GLY B 14 23.97 30.93 -22.76
N ILE B 15 22.69 30.61 -22.91
CA ILE B 15 21.62 31.43 -22.37
C ILE B 15 21.75 31.54 -20.86
N ALA B 16 21.94 30.41 -20.20
CA ALA B 16 21.98 30.38 -18.75
C ALA B 16 23.07 31.30 -18.22
N THR B 17 24.28 31.18 -18.78
CA THR B 17 25.41 32.00 -18.40
C THR B 17 25.16 33.47 -18.71
N ALA B 18 24.86 33.79 -19.98
CA ALA B 18 24.54 35.17 -20.36
C ALA B 18 23.50 35.81 -19.44
N TYR B 19 22.43 35.08 -19.11
CA TYR B 19 21.36 35.62 -18.26
C TYR B 19 21.84 35.80 -16.84
N ASN B 20 22.55 34.80 -16.30
CA ASN B 20 23.15 34.93 -14.98
C ASN B 20 24.09 36.14 -14.85
N LEU B 21 24.86 36.42 -15.91
CA LEU B 21 25.75 37.56 -15.94
C LEU B 21 24.98 38.87 -15.95
N ARG B 22 23.98 38.97 -16.83
CA ARG B 22 23.15 40.18 -16.91
C ARG B 22 22.47 40.51 -15.57
N ASN B 23 22.06 39.47 -14.85
CA ASN B 23 21.34 39.67 -13.60
C ASN B 23 22.29 40.03 -12.48
N LEU B 24 23.52 39.54 -12.57
CA LEU B 24 24.54 39.83 -11.57
C LEU B 24 25.21 41.19 -11.75
N MET B 25 25.19 41.70 -12.97
CA MET B 25 25.89 42.94 -13.29
C MET B 25 25.22 43.66 -14.46
N PRO B 26 24.22 44.52 -14.17
CA PRO B 26 23.39 45.19 -15.17
C PRO B 26 24.15 45.95 -16.27
N ASP B 27 25.33 46.49 -15.95
CA ASP B 27 26.08 47.28 -16.93
C ASP B 27 27.27 46.55 -17.58
N LEU B 28 27.30 45.23 -17.44
CA LEU B 28 28.30 44.41 -18.10
C LEU B 28 27.90 44.32 -19.58
N LYS B 29 28.87 44.30 -20.48
CA LYS B 29 28.60 44.10 -21.91
C LYS B 29 28.65 42.63 -22.30
N ILE B 30 27.52 42.11 -22.79
CA ILE B 30 27.39 40.70 -23.13
C ILE B 30 27.07 40.53 -24.61
N THR B 31 27.91 39.78 -25.31
CA THR B 31 27.67 39.42 -26.70
C THR B 31 27.47 37.92 -26.80
N LEU B 32 26.34 37.51 -27.39
CA LEU B 32 26.09 36.09 -27.64
C LEU B 32 26.20 35.74 -29.11
N ILE B 33 27.19 34.90 -29.45
CA ILE B 33 27.39 34.42 -30.81
C ILE B 33 26.80 33.03 -30.94
N SER B 34 25.87 32.85 -31.87
CA SER B 34 25.33 31.52 -32.15
C SER B 34 24.94 31.40 -33.60
N ASP B 35 25.09 30.18 -34.13
CA ASP B 35 24.78 29.93 -35.54
C ASP B 35 23.30 29.73 -35.78
N ARG B 36 22.60 29.19 -34.77
CA ARG B 36 21.18 28.96 -34.88
C ARG B 36 20.41 30.20 -34.44
N PRO B 37 19.33 30.55 -35.17
CA PRO B 37 18.56 31.76 -34.84
C PRO B 37 17.67 31.61 -33.60
N TYR B 38 17.62 30.41 -33.04
CA TYR B 38 16.67 30.08 -31.97
C TYR B 38 17.35 29.39 -30.80
N PHE B 39 16.70 29.40 -29.65
CA PHE B 39 17.05 28.47 -28.59
C PHE B 39 16.15 27.24 -28.68
N GLY B 40 16.75 26.06 -28.78
CA GLY B 40 15.98 24.83 -28.88
C GLY B 40 15.96 24.11 -27.55
N PHE B 41 14.77 23.77 -27.08
CA PHE B 41 14.65 23.01 -25.85
C PHE B 41 14.92 21.53 -26.12
N THR B 42 16.19 21.14 -26.06
CA THR B 42 16.64 19.76 -26.38
C THR B 42 15.83 18.66 -25.67
N PRO B 43 15.47 18.86 -24.40
CA PRO B 43 14.74 17.76 -23.77
C PRO B 43 13.34 17.43 -24.36
N ALA B 44 12.91 18.14 -25.40
CA ALA B 44 11.63 17.86 -26.07
C ALA B 44 11.83 17.36 -27.50
N PHE B 45 13.08 17.15 -27.90
CA PHE B 45 13.38 16.61 -29.21
C PHE B 45 12.93 15.16 -29.41
N PRO B 46 13.10 14.27 -28.40
CA PRO B 46 12.50 12.96 -28.66
C PRO B 46 11.00 13.08 -28.95
N HIS B 47 10.30 13.99 -28.24
CA HIS B 47 8.87 14.23 -28.49
C HIS B 47 8.66 14.87 -29.86
N LEU B 48 9.60 15.72 -30.26
CA LEU B 48 9.55 16.30 -31.59
C LEU B 48 9.67 15.21 -32.64
N ALA B 49 10.61 14.29 -32.43
CA ALA B 49 10.77 13.13 -33.30
C ALA B 49 9.46 12.34 -33.37
N MET B 50 8.84 12.11 -32.22
CA MET B 50 7.62 11.30 -32.14
C MET B 50 6.40 12.00 -32.73
N GLY B 51 6.55 13.29 -33.08
CA GLY B 51 5.44 14.09 -33.64
C GLY B 51 4.51 14.65 -32.58
N TRP B 52 4.98 14.70 -31.34
CA TRP B 52 4.12 15.14 -30.25
C TRP B 52 4.35 16.58 -29.86
N ARG B 53 5.08 17.30 -30.71
CA ARG B 53 5.28 18.72 -30.52
C ARG B 53 5.58 19.39 -31.84
N LYS B 54 5.08 20.61 -31.98
CA LYS B 54 5.45 21.49 -33.06
C LYS B 54 6.71 22.24 -32.64
N PHE B 55 7.63 22.41 -33.58
CA PHE B 55 8.90 23.04 -33.31
C PHE B 55 8.80 24.42 -32.65
N GLU B 56 7.82 25.21 -33.07
CA GLU B 56 7.66 26.59 -32.59
CA GLU B 56 7.75 26.58 -32.56
C GLU B 56 7.29 26.68 -31.11
N ASP B 57 6.88 25.54 -30.55
CA ASP B 57 6.49 25.46 -29.14
C ASP B 57 7.69 25.19 -28.24
N ILE B 58 8.74 24.61 -28.80
CA ILE B 58 9.88 24.19 -28.00
C ILE B 58 11.15 25.02 -28.28
N SER B 59 10.95 26.14 -28.97
CA SER B 59 12.06 26.97 -29.41
C SER B 59 11.68 28.41 -29.17
N VAL B 60 12.69 29.28 -29.05
CA VAL B 60 12.48 30.71 -28.92
C VAL B 60 13.39 31.43 -29.92
N PRO B 61 12.83 32.32 -30.79
CA PRO B 61 13.69 33.14 -31.63
C PRO B 61 14.52 34.12 -30.77
N LEU B 62 15.83 34.05 -30.91
CA LEU B 62 16.74 34.81 -30.07
C LEU B 62 16.93 36.28 -30.48
N ALA B 63 16.68 36.59 -31.76
CA ALA B 63 16.96 37.94 -32.31
C ALA B 63 16.12 39.07 -31.71
N PRO B 64 14.77 38.91 -31.64
CA PRO B 64 14.00 39.98 -30.99
C PRO B 64 14.10 39.94 -29.47
N LEU B 65 14.58 38.84 -28.93
CA LEU B 65 14.53 38.63 -27.49
C LEU B 65 15.74 39.25 -26.77
N LEU B 66 16.95 38.73 -27.07
CA LEU B 66 18.16 39.10 -26.34
C LEU B 66 18.41 40.62 -26.12
N PRO B 67 18.23 41.47 -27.15
CA PRO B 67 18.21 42.93 -26.92
C PRO B 67 17.39 43.41 -25.70
N LYS B 68 16.23 42.80 -25.45
CA LYS B 68 15.38 43.18 -24.31
C LYS B 68 16.10 42.99 -22.99
N PHE B 69 17.17 42.22 -23.00
CA PHE B 69 17.95 42.03 -21.79
C PHE B 69 19.33 42.65 -21.92
N ASN B 70 19.45 43.56 -22.89
CA ASN B 70 20.71 44.21 -23.26
C ASN B 70 21.82 43.22 -23.60
N ILE B 71 21.42 42.13 -24.25
CA ILE B 71 22.36 41.13 -24.73
C ILE B 71 22.43 41.21 -26.26
N GLU B 72 23.63 41.48 -26.76
CA GLU B 72 23.84 41.62 -28.18
C GLU B 72 23.86 40.22 -28.76
N PHE B 73 23.10 40.01 -29.82
CA PHE B 73 23.05 38.71 -30.41
C PHE B 73 23.70 38.74 -31.78
N ILE B 74 24.64 37.84 -32.02
CA ILE B 74 25.22 37.68 -33.35
C ILE B 74 24.85 36.31 -33.91
N ASN B 75 24.04 36.32 -34.97
CA ASN B 75 23.52 35.11 -35.61
C ASN B 75 24.52 34.57 -36.65
N GLU B 76 25.66 34.09 -36.17
CA GLU B 76 26.77 33.66 -37.00
C GLU B 76 27.52 32.56 -36.28
N LYS B 77 28.17 31.68 -37.04
CA LYS B 77 28.97 30.62 -36.44
C LYS B 77 30.33 31.18 -36.09
N ALA B 78 30.80 30.91 -34.87
CA ALA B 78 32.18 31.22 -34.50
C ALA B 78 33.13 30.23 -35.20
N GLU B 79 34.19 30.74 -35.83
CA GLU B 79 35.13 29.92 -36.60
C GLU B 79 36.40 29.60 -35.83
N SER B 80 37.02 30.62 -35.25
CA SER B 80 38.26 30.44 -34.51
C SER B 80 38.33 31.31 -33.25
N ILE B 81 39.16 30.88 -32.29
CA ILE B 81 39.43 31.62 -31.06
C ILE B 81 40.93 31.85 -30.94
N ASP B 82 41.33 33.11 -30.74
CA ASP B 82 42.71 33.44 -30.47
C ASP B 82 42.93 33.86 -29.02
N PRO B 83 43.33 32.91 -28.14
CA PRO B 83 43.43 33.18 -26.71
C PRO B 83 44.51 34.20 -26.36
N ASP B 84 45.50 34.35 -27.22
CA ASP B 84 46.51 35.38 -27.03
C ASP B 84 45.91 36.76 -27.31
N ALA B 85 45.30 36.91 -28.49
CA ALA B 85 44.72 38.18 -28.91
C ALA B 85 43.44 38.56 -28.17
N ASN B 86 42.91 37.62 -27.38
CA ASN B 86 41.60 37.75 -26.73
C ASN B 86 40.50 38.11 -27.74
N THR B 87 40.40 37.33 -28.81
CA THR B 87 39.40 37.56 -29.88
C THR B 87 38.80 36.29 -30.48
N VAL B 88 37.51 36.39 -30.83
CA VAL B 88 36.77 35.35 -31.51
C VAL B 88 36.49 35.82 -32.94
N THR B 89 36.65 34.92 -33.91
CA THR B 89 36.37 35.25 -35.32
C THR B 89 35.18 34.46 -35.86
N THR B 90 34.17 35.16 -36.35
CA THR B 90 33.00 34.51 -36.94
C THR B 90 33.28 34.10 -38.36
N GLN B 91 32.32 33.39 -38.95
CA GLN B 91 32.45 32.80 -40.28
C GLN B 91 32.56 33.85 -41.38
N SER B 92 31.98 35.02 -41.14
CA SER B 92 32.09 36.15 -42.07
C SER B 92 33.48 36.75 -42.06
N GLY B 93 34.27 36.41 -41.04
CA GLY B 93 35.62 36.92 -40.88
C GLY B 93 35.73 38.02 -39.84
N LYS B 94 34.61 38.30 -39.16
CA LYS B 94 34.52 39.38 -38.17
C LYS B 94 35.22 39.06 -36.83
N LYS B 95 36.08 39.97 -36.39
CA LYS B 95 36.77 39.86 -35.12
C LYS B 95 35.98 40.54 -34.03
N ILE B 96 35.68 39.80 -32.96
CA ILE B 96 35.08 40.37 -31.76
C ILE B 96 36.08 40.27 -30.61
N GLU B 97 36.36 41.40 -29.97
CA GLU B 97 37.26 41.44 -28.83
C GLU B 97 36.54 40.97 -27.55
N TYR B 98 37.23 40.21 -26.70
CA TYR B 98 36.66 39.80 -25.42
C TYR B 98 37.57 40.06 -24.21
N ASP B 99 36.96 40.38 -23.07
CA ASP B 99 37.62 40.41 -21.76
C ASP B 99 37.53 39.04 -21.08
N TYR B 100 36.39 38.38 -21.26
CA TYR B 100 36.13 37.04 -20.76
C TYR B 100 35.35 36.30 -21.83
N LEU B 101 35.54 34.98 -21.90
CA LEU B 101 34.92 34.15 -22.92
C LEU B 101 34.26 32.92 -22.32
N VAL B 102 33.01 32.70 -22.71
CA VAL B 102 32.27 31.50 -22.33
C VAL B 102 32.02 30.64 -23.57
N ILE B 103 32.68 29.49 -23.64
CA ILE B 103 32.47 28.55 -24.73
C ILE B 103 31.36 27.58 -24.34
N ALA B 104 30.26 27.60 -25.08
CA ALA B 104 29.11 26.73 -24.82
C ALA B 104 28.43 26.27 -26.11
N THR B 105 29.22 25.65 -27.00
CA THR B 105 28.74 25.24 -28.33
C THR B 105 28.01 23.89 -28.32
N GLY B 106 27.99 23.23 -27.18
CA GLY B 106 27.39 21.91 -27.09
C GLY B 106 28.18 20.85 -27.85
N PRO B 107 27.51 19.77 -28.26
CA PRO B 107 28.19 18.67 -28.93
C PRO B 107 28.24 18.83 -30.43
N LYS B 108 29.41 18.50 -31.01
CA LYS B 108 29.53 18.16 -32.42
C LYS B 108 29.33 16.65 -32.58
N LEU B 109 28.41 16.28 -33.47
CA LEU B 109 27.96 14.91 -33.58
C LEU B 109 28.93 14.11 -34.43
N VAL B 110 29.31 12.94 -33.92
CA VAL B 110 30.17 12.04 -34.66
C VAL B 110 29.39 10.74 -34.91
N PHE B 111 28.97 10.55 -36.15
CA PHE B 111 28.28 9.33 -36.54
C PHE B 111 29.30 8.22 -36.80
N GLY B 112 29.82 7.67 -35.69
CA GLY B 112 30.98 6.77 -35.70
C GLY B 112 30.80 5.46 -36.42
N ALA B 113 29.56 5.02 -36.53
CA ALA B 113 29.22 3.74 -37.14
C ALA B 113 29.24 3.89 -38.65
N GLU B 114 29.59 2.80 -39.34
CA GLU B 114 29.66 2.80 -40.80
CA GLU B 114 29.65 2.84 -40.80
C GLU B 114 28.23 2.85 -41.35
N GLY B 115 27.91 3.93 -42.05
CA GLY B 115 26.58 4.12 -42.63
C GLY B 115 25.55 4.69 -41.66
N GLN B 116 26.00 5.16 -40.50
CA GLN B 116 25.10 5.70 -39.49
C GLN B 116 24.38 6.94 -40.00
N GLU B 117 25.14 7.92 -40.50
CA GLU B 117 24.58 9.17 -41.02
C GLU B 117 23.51 8.97 -42.10
N GLU B 118 23.75 8.09 -43.07
CA GLU B 118 22.81 7.89 -44.20
C GLU B 118 21.57 7.05 -43.87
N ASN B 119 21.74 6.03 -43.04
CA ASN B 119 20.71 5.02 -42.82
C ASN B 119 19.96 5.18 -41.50
N SER B 120 20.70 5.48 -40.45
CA SER B 120 20.10 5.65 -39.15
C SER B 120 19.60 7.06 -38.99
N THR B 121 18.59 7.20 -38.16
CA THR B 121 18.05 8.49 -37.81
C THR B 121 18.63 8.86 -36.47
N SER B 122 18.69 10.15 -36.16
CA SER B 122 19.04 10.61 -34.82
C SER B 122 18.11 11.77 -34.39
N ILE B 123 18.08 12.03 -33.09
CA ILE B 123 17.14 13.02 -32.56
C ILE B 123 17.86 14.14 -31.82
N CYS B 124 19.14 14.32 -32.12
CA CYS B 124 20.00 15.21 -31.30
C CYS B 124 19.84 16.69 -31.58
N THR B 125 19.34 17.00 -32.78
CA THR B 125 19.07 18.36 -33.17
C THR B 125 17.62 18.42 -33.62
N ALA B 126 17.09 19.64 -33.68
CA ALA B 126 15.76 19.87 -34.22
C ALA B 126 15.67 19.30 -35.62
N GLU B 127 16.71 19.59 -36.40
CA GLU B 127 16.79 19.19 -37.81
C GLU B 127 16.78 17.67 -37.98
N HIS B 128 17.52 16.97 -37.14
CA HIS B 128 17.54 15.51 -37.20
C HIS B 128 16.24 14.89 -36.71
N ALA B 129 15.68 15.45 -35.64
CA ALA B 129 14.41 14.98 -35.08
C ALA B 129 13.26 15.03 -36.08
N LEU B 130 13.20 16.10 -36.87
CA LEU B 130 12.19 16.26 -37.92
C LEU B 130 12.33 15.23 -39.04
N GLU B 131 13.57 14.85 -39.36
CA GLU B 131 13.87 13.83 -40.36
CA GLU B 131 13.77 13.85 -40.40
C GLU B 131 13.45 12.44 -39.88
N THR B 132 13.58 12.21 -38.57
CA THR B 132 13.15 10.96 -37.92
C THR B 132 11.63 10.79 -37.99
N GLN B 133 10.92 11.90 -37.82
CA GLN B 133 9.47 11.92 -37.87
C GLN B 133 8.92 11.43 -39.21
N LYS B 134 9.58 11.78 -40.30
CA LYS B 134 9.21 11.26 -41.62
C LYS B 134 9.49 9.75 -41.73
N LYS B 135 10.67 9.31 -41.28
CA LYS B 135 11.06 7.89 -41.33
C LYS B 135 10.23 6.98 -40.43
N LEU B 136 9.68 7.56 -39.36
CA LEU B 136 8.72 6.86 -38.50
C LEU B 136 7.38 6.63 -39.19
N GLN B 137 6.86 7.65 -39.87
CA GLN B 137 5.64 7.53 -40.67
C GLN B 137 5.71 6.31 -41.61
N GLU B 138 6.87 6.13 -42.25
CA GLU B 138 7.15 4.95 -43.07
C GLU B 138 7.03 3.64 -42.28
N LEU B 139 7.58 3.61 -41.08
CA LEU B 139 7.50 2.40 -40.25
C LEU B 139 6.06 2.00 -39.94
N TYR B 140 5.21 2.97 -39.56
CA TYR B 140 3.83 2.66 -39.20
C TYR B 140 3.11 2.03 -40.37
N ALA B 141 3.36 2.55 -41.57
CA ALA B 141 2.73 2.02 -42.79
C ALA B 141 3.16 0.59 -43.12
N ASN B 142 4.47 0.34 -43.09
CA ASN B 142 5.04 -1.00 -43.29
C ASN B 142 5.89 -1.43 -42.09
N PRO B 143 5.25 -2.01 -41.05
CA PRO B 143 5.93 -2.57 -39.88
C PRO B 143 7.13 -3.46 -40.23
N GLY B 144 8.20 -3.28 -39.47
CA GLY B 144 9.41 -4.10 -39.57
C GLY B 144 10.14 -3.97 -38.26
N PRO B 145 11.23 -4.75 -38.06
CA PRO B 145 12.00 -4.73 -36.81
C PRO B 145 12.66 -3.37 -36.51
N VAL B 146 12.59 -2.94 -35.26
CA VAL B 146 13.22 -1.68 -34.84
C VAL B 146 14.47 -1.91 -34.01
N VAL B 147 15.54 -1.16 -34.30
CA VAL B 147 16.76 -1.22 -33.50
C VAL B 147 17.21 0.17 -33.02
N ILE B 148 17.21 0.35 -31.71
CA ILE B 148 17.50 1.65 -31.12
C ILE B 148 18.69 1.46 -30.20
N GLY B 149 19.45 2.53 -29.96
CA GLY B 149 20.52 2.44 -28.99
C GLY B 149 21.69 3.38 -29.17
N ALA B 150 22.87 2.97 -28.69
CA ALA B 150 24.03 3.84 -28.63
C ALA B 150 25.31 3.18 -29.11
N ILE B 151 26.00 3.85 -30.03
CA ILE B 151 27.28 3.38 -30.59
C ILE B 151 28.40 3.54 -29.54
N PRO B 152 29.64 3.09 -29.86
CA PRO B 152 30.76 3.32 -28.93
C PRO B 152 31.11 4.79 -28.74
N GLY B 153 31.43 5.16 -27.50
CA GLY B 153 31.83 6.52 -27.19
C GLY B 153 30.69 7.47 -26.89
N VAL B 154 29.46 6.99 -26.95
CA VAL B 154 28.31 7.82 -26.62
C VAL B 154 28.43 8.27 -25.17
N SER B 155 27.92 9.46 -24.89
CA SER B 155 27.91 10.00 -23.53
C SER B 155 26.52 10.50 -23.10
N PHE B 157 22.87 8.82 -23.03
CA PHE B 157 22.12 7.57 -23.25
C PHE B 157 20.63 7.74 -22.99
N GLY B 158 20.31 8.66 -22.08
CA GLY B 158 18.93 8.87 -21.67
C GLY B 158 17.93 8.97 -22.80
N PRO B 159 18.20 9.83 -23.82
CA PRO B 159 17.23 10.06 -24.89
C PRO B 159 16.94 8.79 -25.70
N ALA B 160 17.91 7.87 -25.75
CA ALA B 160 17.72 6.63 -26.49
C ALA B 160 16.75 5.74 -25.72
N TYR B 161 16.86 5.76 -24.40
CA TYR B 161 15.92 5.06 -23.55
C TYR B 161 14.56 5.72 -23.63
N GLU B 162 14.52 7.05 -23.62
CA GLU B 162 13.26 7.77 -23.80
C GLU B 162 12.63 7.33 -25.10
N PHE B 163 13.42 7.43 -26.17
CA PHE B 163 12.89 7.23 -27.50
C PHE B 163 12.36 5.81 -27.65
N ALA B 164 13.08 4.86 -27.06
CA ALA B 164 12.70 3.47 -27.19
C ALA B 164 11.32 3.24 -26.59
N LEU B 165 11.14 3.70 -25.35
CA LEU B 165 9.88 3.48 -24.62
C LEU B 165 8.71 4.25 -25.18
N MET B 166 9.00 5.41 -25.76
CA MET B 166 7.99 6.26 -26.37
C MET B 166 7.48 5.63 -27.64
N LEU B 167 8.40 5.07 -28.43
CA LEU B 167 8.01 4.44 -29.68
C LEU B 167 7.10 3.27 -29.35
N HIS B 168 7.51 2.45 -28.37
CA HIS B 168 6.72 1.29 -27.93
C HIS B 168 5.32 1.70 -27.42
N TYR B 169 5.27 2.75 -26.61
CA TYR B 169 3.99 3.34 -26.24
C TYR B 169 3.18 3.65 -27.51
N GLU B 170 3.82 4.31 -28.49
CA GLU B 170 3.15 4.75 -29.70
C GLU B 170 2.70 3.59 -30.58
N LEU B 171 3.53 2.56 -30.69
CA LEU B 171 3.15 1.41 -31.51
C LEU B 171 1.94 0.69 -30.89
N LYS B 172 1.82 0.82 -29.57
CA LYS B 172 0.77 0.22 -28.78
C LYS B 172 -0.53 0.98 -29.00
N LYS B 173 -0.48 2.31 -28.88
CA LYS B 173 -1.61 3.20 -29.17
C LYS B 173 -2.18 3.01 -30.58
N ARG B 174 -1.34 2.53 -31.50
CA ARG B 174 -1.75 2.23 -32.87
C ARG B 174 -2.13 0.76 -33.05
N GLY B 175 -1.91 -0.05 -32.02
CA GLY B 175 -2.21 -1.48 -32.03
C GLY B 175 -1.34 -2.30 -32.97
N ILE B 176 -0.11 -1.85 -33.18
CA ILE B 176 0.80 -2.53 -34.12
C ILE B 176 2.11 -3.04 -33.48
N ARG B 177 2.17 -2.98 -32.16
CA ARG B 177 3.33 -3.41 -31.38
C ARG B 177 3.60 -4.89 -31.59
N TYR B 178 2.54 -5.68 -31.64
CA TYR B 178 2.66 -7.11 -31.89
C TYR B 178 3.24 -7.38 -33.29
N LYS B 179 3.31 -6.34 -34.13
CA LYS B 179 3.87 -6.49 -35.47
C LYS B 179 5.26 -5.89 -35.63
N VAL B 180 5.79 -5.26 -34.57
CA VAL B 180 7.11 -4.61 -34.61
C VAL B 180 8.06 -5.02 -33.47
N PRO B 181 9.04 -5.90 -33.76
CA PRO B 181 10.04 -6.27 -32.75
C PRO B 181 10.87 -5.06 -32.37
N MET B 182 11.26 -4.97 -31.10
CA MET B 182 12.14 -3.90 -30.65
C MET B 182 13.35 -4.44 -29.93
N THR B 183 14.51 -3.95 -30.32
CA THR B 183 15.77 -4.32 -29.71
C THR B 183 16.58 -3.08 -29.35
N PHE B 184 17.20 -3.12 -28.17
CA PHE B 184 17.99 -2.02 -27.70
C PHE B 184 19.46 -2.45 -27.64
N ILE B 185 20.30 -1.79 -28.44
CA ILE B 185 21.72 -2.11 -28.50
C ILE B 185 22.53 -0.95 -27.92
N THR B 186 23.34 -1.23 -26.90
CA THR B 186 24.12 -0.19 -26.24
C THR B 186 25.55 -0.56 -25.92
N SER B 187 26.40 0.46 -25.87
CA SER B 187 27.77 0.30 -25.50
C SER B 187 27.93 0.29 -23.98
N GLU B 188 26.91 0.75 -23.27
CA GLU B 188 26.86 0.62 -21.82
C GLU B 188 27.20 -0.81 -21.41
N PRO B 189 27.98 -0.97 -20.34
CA PRO B 189 28.29 -2.35 -19.93
C PRO B 189 27.03 -3.12 -19.49
N TYR B 190 25.96 -2.40 -19.22
CA TYR B 190 24.68 -2.99 -18.83
C TYR B 190 23.62 -1.90 -18.90
N LEU B 191 22.35 -2.30 -19.01
CA LEU B 191 21.25 -1.34 -19.04
C LEU B 191 21.20 -0.44 -17.81
N GLY B 192 20.94 0.85 -18.03
CA GLY B 192 20.82 1.81 -16.94
C GLY B 192 22.13 2.26 -16.34
N HIS B 193 23.22 2.11 -17.08
CA HIS B 193 24.53 2.58 -16.67
C HIS B 193 24.61 4.09 -16.88
N PHE B 194 24.06 4.54 -18.00
CA PHE B 194 23.87 5.96 -18.32
C PHE B 194 25.16 6.77 -18.54
N GLY B 195 26.31 6.10 -18.39
CA GLY B 195 27.61 6.75 -18.48
C GLY B 195 28.05 7.28 -17.12
N VAL B 196 27.25 6.98 -16.09
CA VAL B 196 27.50 7.44 -14.73
C VAL B 196 27.68 6.26 -13.78
N GLY B 197 27.68 5.07 -14.35
CA GLY B 197 27.80 3.85 -13.58
C GLY B 197 26.52 3.56 -12.84
N GLY B 198 25.40 3.98 -13.40
CA GLY B 198 24.11 3.72 -12.78
C GLY B 198 23.69 4.79 -11.80
N ILE B 199 22.39 4.86 -11.53
CA ILE B 199 21.86 5.79 -10.56
C ILE B 199 21.00 4.98 -9.63
N GLY B 200 21.52 4.71 -8.44
CA GLY B 200 20.89 3.73 -7.55
C GLY B 200 20.71 2.41 -8.26
N ALA B 201 19.48 1.90 -8.22
CA ALA B 201 19.14 0.60 -8.81
C ALA B 201 18.61 0.69 -10.25
N SER B 202 19.15 1.60 -11.05
CA SER B 202 18.67 1.81 -12.43
C SER B 202 18.85 0.59 -13.33
N LYS B 203 19.90 -0.21 -13.06
CA LYS B 203 20.11 -1.44 -13.82
C LYS B 203 18.88 -2.33 -13.67
N ARG B 204 18.51 -2.59 -12.43
CA ARG B 204 17.33 -3.40 -12.10
C ARG B 204 16.03 -2.78 -12.64
N LEU B 205 15.85 -1.46 -12.45
CA LEU B 205 14.63 -0.78 -12.91
C LEU B 205 14.46 -0.87 -14.43
N VAL B 206 15.47 -0.45 -15.18
CA VAL B 206 15.39 -0.42 -16.64
C VAL B 206 15.20 -1.82 -17.24
N GLU B 207 15.89 -2.82 -16.67
CA GLU B 207 15.72 -4.21 -17.08
C GLU B 207 14.27 -4.68 -16.95
N ASP B 208 13.64 -4.42 -15.80
CA ASP B 208 12.24 -4.77 -15.54
C ASP B 208 11.33 -4.07 -16.52
N LEU B 209 11.61 -2.80 -16.74
CA LEU B 209 10.87 -1.96 -17.66
C LEU B 209 10.93 -2.45 -19.11
N PHE B 210 12.07 -3.01 -19.50
CA PHE B 210 12.23 -3.49 -20.86
C PHE B 210 11.58 -4.85 -21.05
N ALA B 211 11.69 -5.70 -20.03
CA ALA B 211 11.11 -7.02 -20.05
C ALA B 211 9.59 -6.92 -20.02
N GLU B 212 9.06 -6.06 -19.15
CA GLU B 212 7.62 -5.83 -19.06
C GLU B 212 7.06 -5.37 -20.40
N ARG B 213 7.77 -4.47 -21.07
CA ARG B 213 7.29 -3.89 -22.33
C ARG B 213 7.90 -4.61 -23.56
N ASN B 214 8.38 -5.83 -23.34
CA ASN B 214 8.98 -6.68 -24.37
C ASN B 214 9.95 -5.98 -25.33
N ILE B 215 10.92 -5.28 -24.74
CA ILE B 215 12.04 -4.75 -25.50
C ILE B 215 13.23 -5.65 -25.21
N ASP B 216 13.76 -6.26 -26.27
CA ASP B 216 14.96 -7.08 -26.15
C ASP B 216 16.17 -6.18 -26.18
N TRP B 217 17.24 -6.60 -25.51
CA TRP B 217 18.42 -5.75 -25.43
C TRP B 217 19.75 -6.45 -25.59
N ILE B 218 20.72 -5.71 -26.12
CA ILE B 218 22.09 -6.17 -26.20
C ILE B 218 22.97 -5.04 -25.65
N ALA B 219 23.61 -5.34 -24.52
CA ALA B 219 24.48 -4.39 -23.86
C ALA B 219 25.92 -4.87 -23.98
N ASN B 220 26.87 -3.96 -23.72
CA ASN B 220 28.29 -4.28 -23.73
C ASN B 220 28.80 -4.71 -25.10
N VAL B 221 28.40 -3.97 -26.13
CA VAL B 221 28.76 -4.28 -27.51
C VAL B 221 29.06 -3.01 -28.30
N ALA B 222 29.90 -3.15 -29.30
CA ALA B 222 30.28 -2.05 -30.18
C ALA B 222 29.55 -2.11 -31.52
N VAL B 223 28.71 -1.10 -31.78
CA VAL B 223 27.94 -1.02 -33.01
C VAL B 223 28.81 -0.51 -34.14
N LYS B 224 29.15 -1.39 -35.08
CA LYS B 224 30.13 -1.09 -36.14
C LYS B 224 29.53 -0.62 -37.46
N ALA B 225 28.27 -0.97 -37.73
CA ALA B 225 27.62 -0.59 -38.99
C ALA B 225 26.10 -0.49 -38.91
N ILE B 226 25.55 0.54 -39.56
CA ILE B 226 24.10 0.63 -39.78
C ILE B 226 23.85 0.63 -41.28
N GLU B 227 23.07 -0.36 -41.72
CA GLU B 227 22.68 -0.54 -43.12
C GLU B 227 21.14 -0.40 -43.30
N PRO B 228 20.64 -0.37 -44.55
CA PRO B 228 19.18 -0.27 -44.76
C PRO B 228 18.35 -1.49 -44.26
N ASP B 229 19.00 -2.64 -44.06
CA ASP B 229 18.32 -3.87 -43.62
C ASP B 229 18.86 -4.50 -42.33
N LYS B 230 20.06 -4.10 -41.90
CA LYS B 230 20.66 -4.67 -40.69
C LYS B 230 21.52 -3.71 -39.82
N VAL B 231 21.85 -4.17 -38.62
CA VAL B 231 22.75 -3.47 -37.73
C VAL B 231 23.85 -4.46 -37.37
N ILE B 232 25.06 -4.16 -37.76
CA ILE B 232 26.19 -5.03 -37.46
C ILE B 232 26.85 -4.58 -36.16
N TYR B 233 27.07 -5.51 -35.24
CA TYR B 233 27.78 -5.21 -33.99
C TYR B 233 28.96 -6.14 -33.69
N GLU B 234 29.64 -5.86 -32.58
CA GLU B 234 30.89 -6.56 -32.25
C GLU B 234 31.02 -6.67 -30.72
N ASP B 235 31.20 -7.89 -30.21
CA ASP B 235 31.42 -8.10 -28.77
C ASP B 235 32.90 -8.06 -28.37
N LEU B 236 33.17 -8.25 -27.08
CA LEU B 236 34.54 -8.22 -26.53
C LEU B 236 35.47 -9.31 -27.07
N ASN B 237 34.90 -10.44 -27.46
CA ASN B 237 35.67 -11.51 -28.11
C ASN B 237 36.07 -11.14 -29.53
N GLY B 238 35.44 -10.09 -30.09
CA GLY B 238 35.68 -9.65 -31.46
C GLY B 238 34.79 -10.31 -32.50
N ASN B 239 33.70 -10.92 -32.04
CA ASN B 239 32.77 -11.60 -32.95
C ASN B 239 31.73 -10.65 -33.52
N THR B 240 31.53 -10.74 -34.83
CA THR B 240 30.55 -9.88 -35.51
C THR B 240 29.17 -10.52 -35.58
N HIS B 241 28.17 -9.79 -35.12
CA HIS B 241 26.78 -10.25 -35.17
C HIS B 241 25.89 -9.29 -35.95
N GLU B 242 24.86 -9.85 -36.57
CA GLU B 242 23.86 -9.07 -37.29
C GLU B 242 22.52 -9.07 -36.57
N VAL B 243 21.73 -8.02 -36.79
CA VAL B 243 20.35 -7.99 -36.32
C VAL B 243 19.50 -7.42 -37.45
N PRO B 244 18.37 -8.09 -37.80
CA PRO B 244 17.45 -7.53 -38.80
C PRO B 244 16.79 -6.24 -38.30
N ALA B 245 16.80 -5.20 -39.15
CA ALA B 245 16.29 -3.87 -38.77
C ALA B 245 15.76 -3.09 -39.96
N LYS B 246 14.52 -2.62 -39.83
CA LYS B 246 13.89 -1.82 -40.88
C LYS B 246 14.06 -0.33 -40.57
N PHE B 247 13.94 0.00 -39.29
CA PHE B 247 14.11 1.35 -38.82
C PHE B 247 15.07 1.36 -37.65
N THR B 248 15.98 2.34 -37.62
CA THR B 248 16.93 2.45 -36.52
C THR B 248 17.06 3.88 -36.08
N MET B 249 17.44 4.04 -34.82
CA MET B 249 17.72 5.34 -34.22
C MET B 249 18.93 5.11 -33.34
N PHE B 250 20.07 5.65 -33.75
CA PHE B 250 21.25 5.58 -32.92
C PHE B 250 21.81 6.95 -32.49
N MET B 251 22.21 7.00 -31.22
CA MET B 251 22.91 8.12 -30.65
C MET B 251 24.34 8.17 -31.21
N PRO B 252 24.75 9.35 -31.71
CA PRO B 252 26.12 9.63 -32.10
C PRO B 252 27.00 9.84 -30.86
N SER B 253 28.31 9.64 -31.01
CA SER B 253 29.25 10.04 -29.96
C SER B 253 29.50 11.54 -30.07
N PHE B 254 29.95 12.14 -28.97
CA PHE B 254 30.19 13.58 -28.94
C PHE B 254 31.67 13.93 -29.13
N GLN B 255 31.91 15.20 -29.44
CA GLN B 255 33.26 15.67 -29.76
C GLN B 255 33.25 17.19 -29.79
N GLY B 256 34.42 17.79 -29.54
CA GLY B 256 34.55 19.23 -29.60
C GLY B 256 34.43 19.76 -31.01
N PRO B 257 34.09 21.05 -31.15
CA PRO B 257 34.00 21.74 -32.43
C PRO B 257 35.35 22.22 -32.92
N GLU B 258 35.41 22.59 -34.21
CA GLU B 258 36.66 23.07 -34.80
C GLU B 258 36.96 24.50 -34.38
N VAL B 259 35.96 25.20 -33.86
CA VAL B 259 36.24 26.48 -33.19
C VAL B 259 37.11 26.28 -31.93
N VAL B 260 36.73 25.34 -31.06
CA VAL B 260 37.54 25.04 -29.86
C VAL B 260 38.92 24.53 -30.29
N ALA B 261 38.93 23.63 -31.26
CA ALA B 261 40.18 23.03 -31.75
C ALA B 261 41.22 24.08 -32.15
N SER B 262 40.75 25.23 -32.63
CA SER B 262 41.63 26.27 -33.13
C SER B 262 42.12 27.23 -32.04
N ALA B 263 42.29 26.73 -30.81
CA ALA B 263 42.88 27.53 -29.72
C ALA B 263 44.16 26.92 -29.10
N GLY B 264 44.51 25.70 -29.51
CA GLY B 264 45.70 25.00 -29.02
C GLY B 264 45.35 23.84 -28.09
N ASP B 265 46.34 22.99 -27.80
CA ASP B 265 46.21 21.87 -26.85
C ASP B 265 45.95 22.37 -25.44
N LYS B 266 46.31 23.62 -25.20
CA LYS B 266 46.13 24.27 -23.91
C LYS B 266 44.66 24.61 -23.62
N VAL B 267 43.85 24.66 -24.67
CA VAL B 267 42.42 24.93 -24.57
C VAL B 267 41.55 23.75 -25.03
N ALA B 268 41.92 23.16 -26.16
CA ALA B 268 41.18 22.04 -26.74
C ALA B 268 41.86 20.76 -26.34
N ASN B 269 41.15 19.93 -25.60
CA ASN B 269 41.68 18.64 -25.16
C ASN B 269 42.17 17.86 -26.40
N PRO B 270 43.46 17.48 -26.44
CA PRO B 270 44.02 16.83 -27.65
C PRO B 270 43.35 15.50 -28.06
N ALA B 271 42.61 14.88 -27.14
CA ALA B 271 41.99 13.58 -27.40
C ALA B 271 40.55 13.67 -27.91
N ASN B 272 39.83 14.72 -27.56
CA ASN B 272 38.41 14.85 -27.93
C ASN B 272 37.98 16.24 -28.39
N LYS B 273 38.95 17.15 -28.52
CA LYS B 273 38.73 18.55 -28.93
C LYS B 273 37.70 19.32 -28.08
N MET B 274 37.40 18.82 -26.89
CA MET B 274 36.50 19.50 -25.96
C MET B 274 37.31 20.46 -25.11
N VAL B 275 36.65 21.33 -24.36
CA VAL B 275 37.34 22.40 -23.66
C VAL B 275 37.98 21.91 -22.37
N ILE B 276 39.26 22.22 -22.18
CA ILE B 276 39.92 21.92 -20.91
C ILE B 276 39.47 22.94 -19.89
N VAL B 277 38.94 22.44 -18.78
CA VAL B 277 38.52 23.28 -17.67
C VAL B 277 38.91 22.57 -16.39
N ASN B 278 38.95 23.33 -15.29
CA ASN B 278 39.13 22.78 -13.95
C ASN B 278 37.81 22.77 -13.12
N ARG B 279 37.94 22.66 -11.79
CA ARG B 279 36.79 22.62 -10.88
C ARG B 279 35.86 23.82 -11.00
N CYS B 280 36.43 24.98 -11.30
CA CYS B 280 35.67 26.22 -11.42
C CYS B 280 35.21 26.47 -12.87
N PHE B 281 35.27 25.41 -13.67
CA PHE B 281 34.97 25.43 -15.10
C PHE B 281 35.61 26.58 -15.86
N GLN B 282 36.93 26.61 -15.74
CA GLN B 282 37.73 27.69 -16.25
C GLN B 282 39.00 27.09 -16.84
N ASN B 283 39.48 27.62 -17.97
CA ASN B 283 40.69 27.11 -18.58
C ASN B 283 41.90 27.35 -17.69
N PRO B 284 42.64 26.28 -17.37
CA PRO B 284 43.82 26.34 -16.50
C PRO B 284 44.89 27.32 -16.95
N THR B 285 45.03 27.54 -18.27
CA THR B 285 46.05 28.43 -18.84
C THR B 285 45.57 29.86 -19.13
N TYR B 286 44.39 30.00 -19.73
CA TYR B 286 43.85 31.31 -20.02
C TYR B 286 42.69 31.62 -19.09
N LYS B 287 43.02 32.23 -17.95
CA LYS B 287 42.08 32.43 -16.85
C LYS B 287 40.81 33.19 -17.21
N ASN B 288 40.78 33.81 -18.38
CA ASN B 288 39.58 34.50 -18.86
C ASN B 288 38.74 33.66 -19.84
N ILE B 289 39.02 32.37 -19.90
CA ILE B 289 38.29 31.46 -20.79
C ILE B 289 37.56 30.40 -19.96
N PHE B 290 36.24 30.33 -20.18
CA PHE B 290 35.35 29.46 -19.41
C PHE B 290 34.55 28.55 -20.33
N GLY B 291 34.32 27.32 -19.88
CA GLY B 291 33.53 26.36 -20.65
C GLY B 291 32.25 26.01 -19.92
N VAL B 292 31.15 25.96 -20.67
CA VAL B 292 29.86 25.58 -20.08
C VAL B 292 29.12 24.57 -20.94
N GLY B 293 28.57 23.55 -20.27
CA GLY B 293 27.71 22.55 -20.92
C GLY B 293 28.47 21.41 -21.53
N VAL B 294 27.88 20.78 -22.56
CA VAL B 294 28.43 19.55 -23.14
C VAL B 294 29.86 19.70 -23.71
N VAL B 295 30.17 20.87 -24.28
CA VAL B 295 31.49 21.16 -24.87
C VAL B 295 32.68 20.99 -23.91
N THR B 296 32.40 20.93 -22.60
CA THR B 296 33.47 20.80 -21.59
C THR B 296 34.03 19.39 -21.52
N ALA B 297 35.31 19.29 -21.20
CA ALA B 297 35.98 17.99 -21.12
C ALA B 297 35.93 17.46 -19.70
N ILE B 298 35.12 16.42 -19.48
CA ILE B 298 35.06 15.78 -18.17
C ILE B 298 35.41 14.29 -18.28
N PRO B 299 36.44 13.84 -17.52
CA PRO B 299 36.85 12.43 -17.50
C PRO B 299 35.67 11.49 -17.33
N PRO B 300 35.67 10.34 -18.04
CA PRO B 300 34.60 9.36 -17.87
C PRO B 300 34.59 8.88 -16.43
N ILE B 301 33.40 8.68 -15.87
CA ILE B 301 33.29 8.26 -14.47
C ILE B 301 33.97 6.91 -14.24
N GLU B 302 33.94 6.06 -15.26
CA GLU B 302 34.76 4.85 -15.29
C GLU B 302 35.17 4.49 -16.71
N LYS B 303 36.28 3.77 -16.83
CA LYS B 303 36.69 3.23 -18.10
C LYS B 303 35.98 1.89 -18.27
N THR B 304 34.88 1.90 -19.02
CA THR B 304 34.10 0.69 -19.29
C THR B 304 34.69 -0.04 -20.49
N PRO B 305 34.44 -1.37 -20.60
CA PRO B 305 34.91 -2.18 -21.73
C PRO B 305 34.78 -1.47 -23.05
N ILE B 306 33.55 -1.18 -23.48
CA ILE B 306 33.33 -0.33 -24.65
C ILE B 306 33.37 1.15 -24.23
N PRO B 307 34.31 1.93 -24.81
CA PRO B 307 34.44 3.35 -24.50
C PRO B 307 33.09 4.07 -24.30
N THR B 308 32.97 4.73 -23.15
CA THR B 308 31.76 5.46 -22.79
C THR B 308 32.14 6.80 -22.12
N GLY B 309 31.25 7.78 -22.19
CA GLY B 309 31.50 9.09 -21.58
C GLY B 309 30.40 9.57 -20.65
N VAL B 310 30.68 10.64 -19.90
CA VAL B 310 29.74 11.13 -18.90
C VAL B 310 28.72 12.13 -19.50
N PRO B 311 27.43 11.96 -19.15
CA PRO B 311 26.43 12.95 -19.56
C PRO B 311 26.62 14.30 -18.87
N LYS B 312 26.29 15.38 -19.59
CA LYS B 312 26.18 16.69 -18.99
C LYS B 312 24.73 17.15 -19.13
N THR B 313 23.91 16.87 -18.12
CA THR B 313 22.47 17.13 -18.20
C THR B 313 22.11 18.58 -17.90
N GLY B 314 20.88 18.94 -18.25
CA GLY B 314 20.31 20.27 -18.01
C GLY B 314 20.68 20.94 -16.69
N MET B 315 20.51 20.23 -15.58
CA MET B 315 20.80 20.79 -14.26
C MET B 315 22.29 20.97 -14.04
N MET B 316 23.07 20.00 -14.51
CA MET B 316 24.51 20.08 -14.43
C MET B 316 24.99 21.36 -15.09
N ILE B 317 24.39 21.65 -16.24
CA ILE B 317 24.78 22.80 -17.05
C ILE B 317 24.30 24.11 -16.45
N GLU B 318 23.04 24.16 -16.04
CA GLU B 318 22.51 25.28 -15.26
C GLU B 318 23.40 25.62 -14.06
N GLN B 319 23.98 24.61 -13.42
CA GLN B 319 24.87 24.82 -12.29
C GLN B 319 26.22 25.37 -12.75
N MET B 320 26.80 24.74 -13.78
CA MET B 320 28.03 25.22 -14.41
C MET B 320 27.97 26.72 -14.76
N ALA B 321 26.83 27.14 -15.31
CA ALA B 321 26.63 28.55 -15.67
C ALA B 321 26.56 29.47 -14.43
N MET B 322 26.02 28.97 -13.33
CA MET B 322 25.99 29.74 -12.10
C MET B 322 27.41 29.98 -11.59
N ALA B 323 28.24 28.92 -11.63
CA ALA B 323 29.63 29.03 -11.18
C ALA B 323 30.40 29.97 -12.09
N VAL B 324 30.35 29.73 -13.38
CA VAL B 324 31.10 30.55 -14.33
C VAL B 324 30.73 32.03 -14.20
N ALA B 325 29.43 32.33 -14.18
CA ALA B 325 28.97 33.72 -14.09
C ALA B 325 29.49 34.41 -12.84
N HIS B 326 29.37 33.76 -11.70
CA HIS B 326 29.89 34.30 -10.45
C HIS B 326 31.40 34.47 -10.48
N ASN B 327 32.10 33.53 -11.14
CA ASN B 327 33.55 33.55 -11.28
C ASN B 327 34.05 34.70 -12.14
N ILE B 328 33.35 34.96 -13.25
CA ILE B 328 33.65 36.11 -14.08
C ILE B 328 33.45 37.40 -13.28
N VAL B 329 32.26 37.55 -12.70
CA VAL B 329 31.84 38.75 -11.98
C VAL B 329 32.78 39.09 -10.81
N ASN B 330 33.15 38.08 -10.03
CA ASN B 330 34.09 38.26 -8.94
C ASN B 330 35.50 38.67 -9.40
N ASP B 331 35.86 38.25 -10.61
CA ASP B 331 37.13 38.66 -11.18
C ASP B 331 37.08 40.16 -11.43
N ILE B 332 35.96 40.62 -11.98
CA ILE B 332 35.75 42.02 -12.36
C ILE B 332 35.78 42.96 -11.13
N ARG B 333 35.16 42.53 -10.04
CA ARG B 333 35.14 43.29 -8.80
C ARG B 333 36.34 42.98 -7.92
N ASN B 334 37.23 42.12 -8.40
CA ASN B 334 38.44 41.77 -7.67
C ASN B 334 38.21 40.88 -6.42
N ASN B 335 37.06 40.22 -6.37
CA ASN B 335 36.72 39.31 -5.28
C ASN B 335 37.47 37.98 -5.46
N PRO B 336 38.28 37.57 -4.45
CA PRO B 336 39.11 36.37 -4.61
C PRO B 336 38.36 35.03 -4.54
N ASP B 337 37.07 35.05 -4.24
CA ASP B 337 36.27 33.83 -4.16
C ASP B 337 36.00 33.17 -5.51
N LYS B 338 36.10 31.84 -5.55
CA LYS B 338 35.79 31.06 -6.74
C LYS B 338 34.76 29.96 -6.45
N TYR B 339 33.93 29.64 -7.44
CA TYR B 339 32.88 28.63 -7.26
C TYR B 339 33.02 27.42 -8.18
N ALA B 340 32.73 26.26 -7.60
CA ALA B 340 32.60 25.00 -8.34
C ALA B 340 31.13 24.60 -8.39
N PRO B 341 30.65 24.11 -9.56
CA PRO B 341 29.29 23.59 -9.57
C PRO B 341 29.21 22.32 -8.76
N ARG B 342 28.11 22.13 -8.05
CA ARG B 342 27.81 20.88 -7.36
C ARG B 342 27.79 19.71 -8.34
N LEU B 343 27.21 19.95 -9.51
CA LEU B 343 27.07 18.98 -10.59
C LEU B 343 26.20 17.79 -10.19
N SER B 344 24.94 18.09 -9.87
CA SER B 344 23.96 17.08 -9.48
C SER B 344 22.76 17.13 -10.39
N ALA B 345 22.38 16.00 -10.97
CA ALA B 345 21.28 16.00 -11.94
C ALA B 345 19.93 15.54 -11.40
N ILE B 346 18.88 16.15 -11.93
CA ILE B 346 17.58 15.52 -11.97
C ILE B 346 17.41 15.13 -13.42
N CYS B 347 16.94 13.91 -13.65
CA CYS B 347 16.53 13.53 -14.97
C CYS B 347 15.19 12.83 -14.95
N ILE B 348 14.36 13.18 -15.92
CA ILE B 348 13.11 12.48 -16.13
C ILE B 348 13.14 11.90 -17.54
N ALA B 349 13.31 10.58 -17.61
CA ALA B 349 13.21 9.90 -18.88
C ALA B 349 11.73 9.65 -19.11
N ASP B 350 11.12 10.46 -19.97
CA ASP B 350 9.71 10.32 -20.31
C ASP B 350 9.48 9.06 -21.13
N PHE B 351 8.46 8.30 -20.75
CA PHE B 351 8.19 6.98 -21.33
C PHE B 351 6.81 6.91 -21.99
N GLY B 352 6.29 8.04 -22.43
CA GLY B 352 4.96 8.07 -23.04
C GLY B 352 3.89 8.54 -22.09
N GLU B 353 3.40 7.64 -21.23
CA GLU B 353 2.33 7.99 -20.30
C GLU B 353 2.83 8.10 -18.87
N ASP B 354 3.90 7.34 -18.57
CA ASP B 354 4.62 7.47 -17.31
C ASP B 354 6.07 7.81 -17.63
N ALA B 355 6.87 8.05 -16.60
CA ALA B 355 8.24 8.47 -16.80
C ALA B 355 9.13 7.99 -15.68
N GLY B 356 10.43 7.97 -15.95
CA GLY B 356 11.40 7.62 -14.93
C GLY B 356 11.94 8.89 -14.30
N PHE B 357 12.10 8.85 -12.98
CA PHE B 357 12.66 9.96 -12.23
C PHE B 357 13.97 9.53 -11.57
N PHE B 358 15.07 10.06 -12.05
CA PHE B 358 16.37 9.77 -11.48
C PHE B 358 16.96 11.06 -10.91
N PHE B 359 17.41 11.00 -9.68
CA PHE B 359 18.12 12.12 -9.08
C PHE B 359 19.45 11.63 -8.54
N ALA B 360 20.53 12.33 -8.87
CA ALA B 360 21.86 11.96 -8.40
C ALA B 360 22.61 13.19 -7.90
N ASP B 361 23.05 13.14 -6.65
CA ASP B 361 23.75 14.27 -6.05
C ASP B 361 25.03 13.82 -5.36
N PRO B 362 26.20 14.11 -5.97
CA PRO B 362 26.36 14.64 -7.32
C PRO B 362 26.35 13.49 -8.32
N VAL B 363 26.18 13.79 -9.60
CA VAL B 363 26.22 12.77 -10.64
C VAL B 363 27.54 11.97 -10.69
N ILE B 364 28.69 12.65 -10.55
CA ILE B 364 29.96 11.95 -10.47
C ILE B 364 30.18 11.44 -9.04
N PRO B 365 30.26 10.10 -8.85
CA PRO B 365 30.52 9.44 -7.55
C PRO B 365 31.80 9.93 -6.89
N PRO B 366 31.88 9.86 -5.55
CA PRO B 366 30.87 9.31 -4.64
C PRO B 366 29.66 10.21 -4.60
N ARG B 367 28.53 9.64 -4.23
CA ARG B 367 27.27 10.35 -4.22
C ARG B 367 26.71 10.52 -2.82
N GLU B 368 26.18 11.70 -2.54
CA GLU B 368 25.58 12.01 -1.24
C GLU B 368 24.29 11.23 -1.06
N ARG B 369 23.43 11.27 -2.09
CA ARG B 369 22.21 10.45 -2.15
C ARG B 369 21.73 10.31 -3.59
N VAL B 370 20.81 9.36 -3.82
CA VAL B 370 20.15 9.16 -5.11
C VAL B 370 18.67 8.82 -4.91
N ILE B 371 17.83 9.18 -5.88
CA ILE B 371 16.42 8.80 -5.86
C ILE B 371 16.03 8.21 -7.20
N THR B 372 15.49 7.00 -7.21
CA THR B 372 14.92 6.41 -8.43
C THR B 372 13.47 6.01 -8.22
N LYS B 373 12.59 6.64 -9.00
CA LYS B 373 11.16 6.43 -8.91
C LYS B 373 10.58 6.38 -10.31
N MET B 374 9.35 5.90 -10.42
CA MET B 374 8.68 5.76 -11.70
C MET B 374 7.19 5.90 -11.47
N GLY B 375 6.53 6.68 -12.30
CA GLY B 375 5.07 6.83 -12.25
C GLY B 375 4.58 7.81 -13.29
N LYS B 376 3.26 7.98 -13.37
CA LYS B 376 2.64 8.95 -14.28
C LYS B 376 2.95 10.42 -13.92
N TRP B 377 3.10 10.69 -12.63
CA TRP B 377 3.37 12.03 -12.11
C TRP B 377 4.63 12.63 -12.75
N ALA B 378 5.65 11.79 -12.92
CA ALA B 378 6.92 12.21 -13.51
C ALA B 378 6.78 12.58 -14.99
N HIS B 379 5.76 12.03 -15.65
CA HIS B 379 5.46 12.42 -17.03
C HIS B 379 4.93 13.84 -17.07
N TYR B 380 3.95 14.14 -16.21
CA TYR B 380 3.36 15.48 -16.13
C TYR B 380 4.35 16.50 -15.57
N PHE B 381 5.23 16.06 -14.67
CA PHE B 381 6.29 16.93 -14.17
C PHE B 381 7.22 17.41 -15.30
N LYS B 382 7.56 16.47 -16.19
CA LYS B 382 8.37 16.74 -17.36
C LYS B 382 7.70 17.76 -18.30
N THR B 383 6.39 17.64 -18.51
CA THR B 383 5.66 18.58 -19.36
C THR B 383 5.64 19.95 -18.68
N ALA B 384 5.44 19.96 -17.37
CA ALA B 384 5.46 21.20 -16.60
C ALA B 384 6.83 21.88 -16.64
N PHE B 385 7.90 21.09 -16.53
CA PHE B 385 9.24 21.67 -16.57
C PHE B 385 9.55 22.26 -17.93
N GLU B 386 8.99 21.66 -18.96
CA GLU B 386 9.18 22.14 -20.32
C GLU B 386 8.57 23.54 -20.49
N LYS B 387 7.36 23.74 -19.98
CA LYS B 387 6.70 25.02 -20.05
C LYS B 387 7.45 26.05 -19.23
N TYR B 388 7.88 25.62 -18.05
CA TYR B 388 8.57 26.48 -17.10
C TYR B 388 9.92 26.98 -17.63
N PHE B 389 10.76 26.06 -18.10
CA PHE B 389 12.07 26.45 -18.62
C PHE B 389 11.98 27.37 -19.84
N LEU B 390 11.04 27.07 -20.74
CA LEU B 390 10.80 27.95 -21.89
C LEU B 390 10.31 29.34 -21.48
N TRP B 391 9.69 29.43 -20.32
CA TRP B 391 9.23 30.72 -19.84
C TRP B 391 10.44 31.49 -19.31
N LYS B 392 11.33 30.76 -18.62
CA LYS B 392 12.57 31.34 -18.10
C LYS B 392 13.37 32.01 -19.20
N VAL B 393 13.65 31.27 -20.28
CA VAL B 393 14.29 31.84 -21.47
C VAL B 393 13.55 33.11 -21.96
N ARG B 394 12.23 33.04 -22.11
CA ARG B 394 11.52 34.21 -22.62
C ARG B 394 11.47 35.39 -21.65
N ASN B 395 11.80 35.16 -20.39
CA ASN B 395 11.70 36.21 -19.38
C ASN B 395 12.99 36.63 -18.64
N GLY B 396 14.15 36.22 -19.16
CA GLY B 396 15.41 36.82 -18.75
C GLY B 396 16.14 36.31 -17.51
N ASN B 397 15.65 35.22 -16.93
CA ASN B 397 16.28 34.67 -15.73
C ASN B 397 16.22 33.16 -15.68
N ILE B 398 17.36 32.49 -15.85
CA ILE B 398 17.40 31.03 -15.80
C ILE B 398 17.62 30.52 -14.36
N ALA B 399 17.74 31.45 -13.41
CA ALA B 399 18.06 31.12 -12.04
C ALA B 399 17.24 31.91 -11.00
N PRO B 400 15.89 31.79 -11.05
CA PRO B 400 15.05 32.43 -10.05
C PRO B 400 15.46 32.00 -8.64
N SER B 401 15.49 32.94 -7.71
CA SER B 401 15.89 32.58 -6.35
C SER B 401 14.95 31.53 -5.78
N PHE B 402 13.65 31.66 -6.03
CA PHE B 402 12.71 30.68 -5.47
C PHE B 402 13.05 29.25 -5.86
N GLU B 403 13.67 29.06 -7.02
CA GLU B 403 13.96 27.72 -7.55
C GLU B 403 15.08 27.04 -6.78
N GLU B 404 16.13 27.81 -6.50
CA GLU B 404 17.22 27.35 -5.67
C GLU B 404 16.61 26.96 -4.33
N LYS B 405 15.74 27.82 -3.80
CA LYS B 405 15.03 27.55 -2.55
C LYS B 405 14.18 26.28 -2.56
N VAL B 406 13.43 26.06 -3.63
CA VAL B 406 12.56 24.88 -3.73
C VAL B 406 13.37 23.59 -3.76
N LEU B 407 14.40 23.57 -4.60
CA LEU B 407 15.37 22.49 -4.66
C LEU B 407 16.12 22.25 -3.34
N GLU B 408 16.34 23.33 -2.59
CA GLU B 408 17.02 23.27 -1.31
C GLU B 408 16.22 22.48 -0.29
N ILE B 409 14.90 22.69 -0.29
CA ILE B 409 14.04 22.12 0.75
C ILE B 409 13.28 20.86 0.31
N PHE B 410 13.39 20.51 -0.97
CA PHE B 410 12.82 19.26 -1.44
C PHE B 410 13.87 18.18 -1.57
N LEU B 411 15.00 18.54 -2.16
CA LEU B 411 16.05 17.59 -2.51
C LEU B 411 17.40 17.82 -1.83
N LYS B 412 17.47 18.80 -0.93
CA LYS B 412 18.71 19.22 -0.27
C LYS B 412 19.87 19.65 -1.22
N VAL B 413 19.54 20.00 -2.45
CA VAL B 413 20.52 20.47 -3.44
C VAL B 413 21.06 21.87 -3.09
N HIS B 414 22.38 22.03 -3.21
CA HIS B 414 23.04 23.34 -3.23
C HIS B 414 23.79 23.44 -4.56
N PRO B 415 23.40 24.40 -5.44
CA PRO B 415 23.90 24.41 -6.83
C PRO B 415 25.41 24.64 -7.01
N ILE B 416 25.98 25.55 -6.24
CA ILE B 416 27.41 25.90 -6.35
C ILE B 416 28.06 25.88 -4.98
N GLU B 417 29.37 25.64 -4.96
CA GLU B 417 30.14 25.56 -3.71
C GLU B 417 31.35 26.47 -3.78
N LEU B 418 31.64 27.14 -2.67
CA LEU B 418 32.87 27.91 -2.54
C LEU B 418 34.07 26.99 -2.69
N CYS B 419 34.83 27.18 -3.78
CA CYS B 419 36.01 26.36 -4.02
C CYS B 419 37.26 27.03 -3.46
N LYS B 420 38.05 26.27 -2.72
CA LYS B 420 39.30 26.81 -2.16
C LYS B 420 40.52 26.54 -3.05
N ASP B 421 40.34 25.69 -4.06
CA ASP B 421 41.40 25.27 -4.97
C ASP B 421 40.82 24.75 -6.30
N CYS B 422 40.82 25.59 -7.34
CA CYS B 422 40.21 25.22 -8.62
C CYS B 422 40.97 24.11 -9.38
N GLU B 423 42.26 23.95 -9.11
CA GLU B 423 43.09 23.05 -9.91
C GLU B 423 42.75 21.57 -9.69
N GLY B 424 42.23 20.95 -10.75
CA GLY B 424 41.83 19.54 -10.73
C GLY B 424 40.79 19.34 -11.80
N ALA B 425 40.53 18.10 -12.19
CA ALA B 425 39.50 17.82 -13.19
C ALA B 425 38.15 18.34 -12.67
N PRO B 426 37.26 18.76 -13.59
CA PRO B 426 35.95 19.15 -13.08
C PRO B 426 35.29 17.95 -12.43
N GLY B 427 34.58 18.17 -11.34
CA GLY B 427 33.96 17.07 -10.61
C GLY B 427 34.83 16.45 -9.53
N SER B 428 36.05 16.96 -9.39
CA SER B 428 36.89 16.59 -8.26
C SER B 428 36.60 17.60 -7.15
N ARG B 429 36.78 17.16 -5.90
CA ARG B 429 36.30 17.94 -4.77
C ARG B 429 37.42 18.80 -4.20
N CYS B 430 37.19 20.12 -4.14
CA CYS B 430 38.19 21.10 -3.65
C CYS B 430 38.71 20.68 -2.26
N ALA C 2 14.25 -4.45 60.70
CA ALA C 2 13.60 -4.30 59.36
C ALA C 2 12.21 -3.67 59.49
N LYS C 3 11.85 -2.80 58.56
CA LYS C 3 10.50 -2.22 58.54
C LYS C 3 9.46 -3.20 57.98
N HIS C 4 8.18 -2.99 58.32
CA HIS C 4 7.14 -3.92 57.94
C HIS C 4 6.08 -3.30 57.05
N VAL C 5 6.01 -3.81 55.82
CA VAL C 5 4.98 -3.35 54.89
C VAL C 5 3.98 -4.49 54.65
N VAL C 6 2.68 -4.15 54.64
CA VAL C 6 1.65 -5.13 54.35
C VAL C 6 0.84 -4.75 53.13
N VAL C 7 0.81 -5.69 52.19
CA VAL C 7 0.13 -5.54 50.93
C VAL C 7 -1.17 -6.30 51.03
N ILE C 8 -2.29 -5.60 50.93
CA ILE C 8 -3.59 -6.28 50.94
C ILE C 8 -4.06 -6.52 49.51
N GLY C 9 -4.02 -7.78 49.08
CA GLY C 9 -4.52 -8.16 47.76
C GLY C 9 -3.45 -8.84 46.92
N GLY C 10 -3.76 -10.06 46.44
CA GLY C 10 -2.83 -10.81 45.58
C GLY C 10 -3.10 -10.73 44.08
N GLY C 11 -3.47 -9.56 43.58
CA GLY C 11 -3.70 -9.40 42.16
C GLY C 11 -2.56 -8.67 41.48
N VAL C 12 -2.84 -8.02 40.35
CA VAL C 12 -1.79 -7.28 39.63
C VAL C 12 -1.07 -6.27 40.52
N GLY C 13 -1.81 -5.33 41.12
CA GLY C 13 -1.23 -4.28 41.94
C GLY C 13 -0.48 -4.84 43.14
N GLY C 14 -1.14 -5.70 43.90
CA GLY C 14 -0.54 -6.30 45.08
C GLY C 14 0.80 -6.95 44.82
N ILE C 15 0.81 -7.86 43.85
CA ILE C 15 2.01 -8.63 43.51
C ILE C 15 3.10 -7.71 43.00
N ALA C 16 2.72 -6.75 42.17
CA ALA C 16 3.66 -5.82 41.57
C ALA C 16 4.31 -4.97 42.65
N THR C 17 3.48 -4.40 43.53
CA THR C 17 3.99 -3.58 44.62
C THR C 17 4.92 -4.37 45.53
N ALA C 18 4.49 -5.59 45.92
CA ALA C 18 5.25 -6.42 46.83
C ALA C 18 6.60 -6.77 46.21
N TYR C 19 6.60 -7.20 44.95
CA TYR C 19 7.80 -7.59 44.24
C TYR C 19 8.78 -6.44 44.07
N ASN C 20 8.26 -5.26 43.69
CA ASN C 20 9.08 -4.06 43.60
C ASN C 20 9.77 -3.75 44.94
N LEU C 21 8.99 -3.80 46.02
CA LEU C 21 9.55 -3.59 47.34
C LEU C 21 10.67 -4.58 47.64
N ARG C 22 10.41 -5.88 47.49
CA ARG C 22 11.44 -6.87 47.75
C ARG C 22 12.70 -6.64 46.91
N ASN C 23 12.52 -6.11 45.70
CA ASN C 23 13.67 -5.86 44.82
C ASN C 23 14.42 -4.57 45.08
N LEU C 24 13.73 -3.57 45.62
CA LEU C 24 14.41 -2.36 46.09
C LEU C 24 15.10 -2.58 47.44
N MET C 25 14.49 -3.39 48.29
CA MET C 25 14.93 -3.54 49.67
C MET C 25 14.86 -5.00 50.11
N PRO C 26 15.96 -5.74 49.89
CA PRO C 26 16.03 -7.18 50.18
C PRO C 26 15.71 -7.52 51.64
N ASP C 27 16.04 -6.60 52.54
CA ASP C 27 15.92 -6.86 53.98
C ASP C 27 14.64 -6.28 54.60
N LEU C 28 13.71 -5.83 53.75
CA LEU C 28 12.44 -5.30 54.22
C LEU C 28 11.42 -6.42 54.36
N LYS C 29 10.70 -6.48 55.48
CA LYS C 29 9.70 -7.53 55.65
C LYS C 29 8.35 -7.16 55.02
N ILE C 30 7.88 -8.06 54.14
CA ILE C 30 6.64 -7.87 53.41
C ILE C 30 5.65 -8.97 53.74
N THR C 31 4.43 -8.56 54.09
CA THR C 31 3.32 -9.51 54.27
C THR C 31 2.21 -9.20 53.27
N LEU C 32 1.87 -10.21 52.48
CA LEU C 32 0.77 -10.11 51.53
C LEU C 32 -0.43 -10.95 51.95
N ILE C 33 -1.56 -10.29 52.21
CA ILE C 33 -2.80 -10.95 52.60
C ILE C 33 -3.75 -10.97 51.40
N SER C 34 -4.28 -12.15 51.08
CA SER C 34 -5.22 -12.30 49.95
C SER C 34 -6.27 -13.39 50.21
N ASP C 35 -7.51 -13.11 49.80
CA ASP C 35 -8.61 -14.06 49.99
C ASP C 35 -8.65 -15.19 48.94
N ARG C 36 -7.66 -15.23 48.06
CA ARG C 36 -7.53 -16.30 47.06
C ARG C 36 -6.12 -16.90 47.10
N PRO C 37 -6.01 -18.24 47.02
CA PRO C 37 -4.70 -18.87 47.13
C PRO C 37 -3.92 -18.81 45.80
N TYR C 38 -4.52 -18.17 44.80
CA TYR C 38 -3.92 -18.08 43.48
C TYR C 38 -3.89 -16.62 43.03
N PHE C 39 -3.01 -16.33 42.09
CA PHE C 39 -3.03 -15.05 41.41
C PHE C 39 -3.80 -15.17 40.11
N GLY C 40 -4.78 -14.29 39.93
CA GLY C 40 -5.62 -14.35 38.74
C GLY C 40 -5.10 -13.42 37.67
N PHE C 41 -4.80 -13.98 36.50
CA PHE C 41 -4.38 -13.15 35.39
C PHE C 41 -5.62 -12.62 34.67
N THR C 42 -6.14 -11.48 35.15
CA THR C 42 -7.42 -10.95 34.66
C THR C 42 -7.50 -10.72 33.16
N PRO C 43 -6.44 -10.19 32.53
CA PRO C 43 -6.48 -10.01 31.06
C PRO C 43 -6.79 -11.26 30.23
N ALA C 44 -6.79 -12.46 30.83
CA ALA C 44 -7.13 -13.67 30.08
C ALA C 44 -8.49 -14.28 30.46
N PHE C 45 -9.21 -13.63 31.38
CA PHE C 45 -10.53 -14.08 31.81
C PHE C 45 -11.59 -14.11 30.71
N PRO C 46 -11.58 -13.15 29.75
CA PRO C 46 -12.53 -13.27 28.65
C PRO C 46 -12.36 -14.57 27.85
N HIS C 47 -11.11 -14.95 27.60
CA HIS C 47 -10.80 -16.22 26.91
C HIS C 47 -11.21 -17.43 27.74
N LEU C 48 -11.17 -17.28 29.06
CA LEU C 48 -11.60 -18.35 29.95
C LEU C 48 -13.12 -18.51 29.86
N ALA C 49 -13.83 -17.39 29.76
CA ALA C 49 -15.27 -17.41 29.55
C ALA C 49 -15.62 -18.02 28.19
N MET C 50 -14.79 -17.71 27.18
CA MET C 50 -14.94 -18.30 25.85
C MET C 50 -14.53 -19.78 25.77
N GLY C 51 -13.73 -20.23 26.75
CA GLY C 51 -13.22 -21.61 26.77
C GLY C 51 -11.96 -21.84 25.96
N TRP C 52 -11.11 -20.82 25.86
CA TRP C 52 -9.82 -20.94 25.17
C TRP C 52 -8.66 -20.92 26.15
N ARG C 53 -8.95 -21.04 27.44
CA ARG C 53 -7.93 -21.20 28.47
C ARG C 53 -8.36 -22.23 29.52
N LYS C 54 -7.39 -22.98 30.02
CA LYS C 54 -7.63 -23.79 31.21
C LYS C 54 -7.23 -22.93 32.40
N PHE C 55 -8.06 -22.90 33.44
CA PHE C 55 -7.81 -22.01 34.58
C PHE C 55 -6.38 -22.15 35.13
N GLU C 56 -5.87 -23.38 35.12
CA GLU C 56 -4.52 -23.75 35.57
CA GLU C 56 -4.52 -23.69 35.61
C GLU C 56 -3.40 -23.02 34.78
N ASP C 57 -3.67 -22.73 33.50
CA ASP C 57 -2.69 -22.08 32.63
C ASP C 57 -2.58 -20.56 32.86
N ILE C 58 -3.65 -19.95 33.36
CA ILE C 58 -3.66 -18.50 33.54
C ILE C 58 -3.72 -18.10 35.03
N SER C 59 -3.20 -18.98 35.89
CA SER C 59 -3.15 -18.71 37.32
C SER C 59 -1.84 -19.19 37.96
N VAL C 60 -1.49 -18.59 39.09
CA VAL C 60 -0.25 -18.92 39.79
C VAL C 60 -0.56 -19.05 41.28
N PRO C 61 -0.47 -20.29 41.83
CA PRO C 61 -0.70 -20.48 43.26
C PRO C 61 0.36 -19.70 44.03
N LEU C 62 -0.08 -18.98 45.05
CA LEU C 62 0.82 -18.05 45.76
C LEU C 62 1.53 -18.67 46.96
N ALA C 63 0.84 -19.57 47.66
CA ALA C 63 1.40 -20.21 48.88
C ALA C 63 2.79 -20.81 48.67
N PRO C 64 2.97 -21.65 47.64
CA PRO C 64 4.30 -22.21 47.46
C PRO C 64 5.27 -21.24 46.78
N LEU C 65 4.82 -20.06 46.42
CA LEU C 65 5.62 -19.14 45.60
C LEU C 65 6.23 -17.91 46.30
N LEU C 66 5.42 -17.15 47.02
CA LEU C 66 5.91 -15.92 47.65
C LEU C 66 7.03 -16.18 48.69
N PRO C 67 6.94 -17.27 49.47
CA PRO C 67 8.05 -17.56 50.39
C PRO C 67 9.42 -17.71 49.72
N LYS C 68 9.44 -17.92 48.39
CA LYS C 68 10.71 -17.96 47.65
C LYS C 68 11.34 -16.57 47.51
N PHE C 69 10.52 -15.52 47.62
CA PHE C 69 11.04 -14.17 47.54
C PHE C 69 10.98 -13.49 48.90
N ASN C 70 10.87 -14.30 49.95
CA ASN C 70 10.74 -13.84 51.34
C ASN C 70 9.55 -12.93 51.55
N ILE C 71 8.44 -13.27 50.91
CA ILE C 71 7.19 -12.55 51.12
C ILE C 71 6.23 -13.46 51.88
N GLU C 72 5.82 -13.02 53.07
CA GLU C 72 4.91 -13.82 53.88
C GLU C 72 3.49 -13.72 53.33
N PHE C 73 2.90 -14.86 53.00
CA PHE C 73 1.58 -14.89 52.41
C PHE C 73 0.53 -15.32 53.41
N ILE C 74 -0.54 -14.55 53.53
CA ILE C 74 -1.65 -14.93 54.39
C ILE C 74 -2.89 -15.17 53.53
N ASN C 75 -3.33 -16.42 53.50
CA ASN C 75 -4.49 -16.83 52.72
C ASN C 75 -5.78 -16.62 53.50
N GLU C 76 -6.12 -15.34 53.70
CA GLU C 76 -7.33 -14.93 54.40
C GLU C 76 -7.76 -13.57 53.91
N LYS C 77 -9.02 -13.25 54.13
CA LYS C 77 -9.60 -11.95 53.77
C LYS C 77 -9.26 -10.91 54.84
N ALA C 78 -8.74 -9.76 54.41
CA ALA C 78 -8.53 -8.65 55.33
C ALA C 78 -9.89 -8.04 55.64
N GLU C 79 -10.29 -8.08 56.91
CA GLU C 79 -11.64 -7.65 57.30
C GLU C 79 -11.76 -6.15 57.61
N SER C 80 -10.91 -5.63 58.49
CA SER C 80 -10.92 -4.20 58.84
C SER C 80 -9.53 -3.57 58.88
N ILE C 81 -9.47 -2.25 58.80
CA ILE C 81 -8.21 -1.51 58.92
C ILE C 81 -8.32 -0.45 59.99
N ASP C 82 -7.46 -0.55 61.00
CA ASP C 82 -7.32 0.48 62.02
C ASP C 82 -6.11 1.35 61.65
N PRO C 83 -6.36 2.50 61.02
CA PRO C 83 -5.26 3.32 60.52
C PRO C 83 -4.56 4.15 61.61
N ASP C 84 -5.27 4.43 62.71
CA ASP C 84 -4.67 5.16 63.83
C ASP C 84 -3.80 4.27 64.69
N ALA C 85 -4.17 3.00 64.78
CA ALA C 85 -3.43 2.00 65.55
C ALA C 85 -2.42 1.25 64.70
N ASN C 86 -2.40 1.55 63.39
CA ASN C 86 -1.55 0.89 62.38
C ASN C 86 -1.65 -0.64 62.36
N THR C 87 -2.87 -1.13 62.06
CA THR C 87 -3.19 -2.55 62.15
C THR C 87 -4.19 -2.97 61.06
N VAL C 88 -4.05 -4.21 60.59
CA VAL C 88 -5.07 -4.86 59.75
C VAL C 88 -5.61 -6.06 60.52
N THR C 89 -6.91 -6.30 60.42
CA THR C 89 -7.51 -7.46 61.07
C THR C 89 -8.16 -8.35 60.02
N THR C 90 -7.84 -9.65 60.07
CA THR C 90 -8.33 -10.61 59.08
C THR C 90 -9.70 -11.21 59.44
N GLN C 91 -10.20 -12.06 58.54
CA GLN C 91 -11.47 -12.79 58.70
C GLN C 91 -11.48 -13.69 59.95
N SER C 92 -10.42 -14.48 60.15
CA SER C 92 -10.30 -15.29 61.36
C SER C 92 -10.02 -14.43 62.60
N GLY C 93 -9.86 -13.12 62.39
CA GLY C 93 -9.63 -12.18 63.49
C GLY C 93 -8.19 -12.09 63.96
N LYS C 94 -7.25 -12.34 63.06
CA LYS C 94 -5.81 -12.31 63.38
C LYS C 94 -5.24 -10.92 63.11
N LYS C 95 -4.77 -10.26 64.16
CA LYS C 95 -4.23 -8.90 64.04
C LYS C 95 -2.80 -8.92 63.55
N ILE C 96 -2.58 -8.26 62.41
CA ILE C 96 -1.24 -8.02 61.91
C ILE C 96 -0.95 -6.51 61.92
N GLU C 97 0.16 -6.14 62.52
CA GLU C 97 0.56 -4.74 62.67
C GLU C 97 1.40 -4.33 61.46
N TYR C 98 1.38 -3.04 61.13
CA TYR C 98 2.10 -2.52 59.94
C TYR C 98 2.82 -1.18 60.12
N ASP C 99 3.99 -1.06 59.49
CA ASP C 99 4.67 0.22 59.33
C ASP C 99 4.13 0.93 58.11
N TYR C 100 4.00 0.20 57.00
CA TYR C 100 3.37 0.74 55.79
C TYR C 100 2.26 -0.17 55.27
N LEU C 101 1.25 0.42 54.66
CA LEU C 101 0.12 -0.33 54.16
C LEU C 101 -0.15 -0.01 52.71
N VAL C 102 -0.17 -1.06 51.89
CA VAL C 102 -0.56 -0.94 50.50
C VAL C 102 -1.89 -1.67 50.34
N ILE C 103 -2.89 -0.95 49.84
CA ILE C 103 -4.19 -1.54 49.57
C ILE C 103 -4.36 -1.81 48.07
N ALA C 104 -4.54 -3.09 47.71
CA ALA C 104 -4.72 -3.47 46.32
C ALA C 104 -5.78 -4.58 46.20
N THR C 105 -6.95 -4.31 46.78
CA THR C 105 -8.05 -5.27 46.79
C THR C 105 -8.89 -5.33 45.51
N GLY C 106 -8.44 -4.69 44.44
CA GLY C 106 -9.21 -4.67 43.20
C GLY C 106 -10.62 -4.16 43.47
N PRO C 107 -11.55 -4.46 42.55
CA PRO C 107 -12.92 -3.93 42.65
C PRO C 107 -13.85 -4.83 43.44
N LYS C 108 -14.77 -4.22 44.18
CA LYS C 108 -15.94 -4.91 44.70
C LYS C 108 -17.01 -4.68 43.63
N LEU C 109 -17.54 -5.76 43.09
CA LEU C 109 -18.50 -5.66 41.98
C LEU C 109 -19.89 -5.32 42.50
N VAL C 110 -20.51 -4.32 41.87
CA VAL C 110 -21.90 -3.98 42.10
C VAL C 110 -22.71 -4.34 40.84
N PHE C 111 -23.61 -5.31 40.96
CA PHE C 111 -24.45 -5.73 39.85
C PHE C 111 -25.71 -4.85 39.78
N GLY C 112 -25.48 -3.59 39.44
CA GLY C 112 -26.40 -2.49 39.68
C GLY C 112 -27.71 -2.42 38.92
N ALA C 113 -27.84 -3.17 37.84
CA ALA C 113 -29.10 -3.24 37.12
C ALA C 113 -29.94 -4.31 37.80
N GLU C 114 -31.23 -4.03 37.97
CA GLU C 114 -32.09 -4.97 38.66
CA GLU C 114 -32.17 -4.95 38.62
C GLU C 114 -32.23 -6.25 37.84
N GLY C 115 -32.00 -7.37 38.51
CA GLY C 115 -32.01 -8.69 37.87
C GLY C 115 -30.69 -9.11 37.21
N GLN C 116 -29.66 -8.30 37.38
CA GLN C 116 -28.40 -8.52 36.69
C GLN C 116 -27.59 -9.69 37.25
N GLU C 117 -27.48 -9.78 38.57
CA GLU C 117 -26.71 -10.88 39.15
C GLU C 117 -27.31 -12.24 38.81
N GLU C 118 -28.64 -12.28 38.76
CA GLU C 118 -29.40 -13.50 38.55
C GLU C 118 -29.39 -13.89 37.09
N ASN C 119 -29.75 -12.95 36.21
CA ASN C 119 -30.09 -13.27 34.83
C ASN C 119 -28.95 -13.07 33.83
N SER C 120 -27.91 -12.39 34.27
CA SER C 120 -26.78 -12.13 33.40
C SER C 120 -25.56 -12.92 33.82
N THR C 121 -24.53 -12.81 32.99
CA THR C 121 -23.25 -13.39 33.30
C THR C 121 -22.25 -12.23 33.42
N SER C 122 -21.14 -12.47 34.11
CA SER C 122 -20.01 -11.57 34.03
C SER C 122 -18.71 -12.36 33.79
N ILE C 123 -17.64 -11.65 33.49
CA ILE C 123 -16.35 -12.29 33.24
C ILE C 123 -15.24 -11.73 34.15
N CYS C 124 -15.65 -11.05 35.22
CA CYS C 124 -14.72 -10.31 36.06
C CYS C 124 -13.88 -11.18 36.99
N THR C 125 -14.49 -12.21 37.55
CA THR C 125 -13.76 -13.15 38.36
C THR C 125 -13.63 -14.39 37.52
N ALA C 126 -12.65 -15.22 37.85
CA ALA C 126 -12.50 -16.52 37.21
C ALA C 126 -13.68 -17.46 37.53
N GLU C 127 -14.39 -17.19 38.63
CA GLU C 127 -15.54 -18.02 38.99
C GLU C 127 -16.67 -17.71 38.04
N HIS C 128 -16.92 -16.42 37.83
CA HIS C 128 -17.96 -15.96 36.94
C HIS C 128 -17.63 -16.30 35.51
N ALA C 129 -16.35 -16.25 35.17
CA ALA C 129 -15.90 -16.58 33.82
C ALA C 129 -16.29 -18.01 33.47
N LEU C 130 -15.89 -18.96 34.32
CA LEU C 130 -16.18 -20.36 34.10
C LEU C 130 -17.69 -20.60 34.03
N GLU C 131 -18.45 -19.89 34.87
CA GLU C 131 -19.91 -19.92 34.79
C GLU C 131 -20.41 -19.50 33.41
N THR C 132 -19.91 -18.36 32.93
CA THR C 132 -20.25 -17.87 31.60
C THR C 132 -20.02 -18.94 30.54
N GLN C 133 -18.90 -19.65 30.63
CA GLN C 133 -18.63 -20.79 29.74
C GLN C 133 -19.81 -21.77 29.64
N LYS C 134 -20.41 -22.12 30.78
CA LYS C 134 -21.58 -23.00 30.80
C LYS C 134 -22.75 -22.40 30.00
N LYS C 135 -22.99 -21.10 30.17
CA LYS C 135 -24.11 -20.42 29.52
C LYS C 135 -23.91 -20.28 28.01
N LEU C 136 -22.66 -20.12 27.60
CA LEU C 136 -22.34 -20.07 26.18
C LEU C 136 -22.62 -21.41 25.52
N GLN C 137 -22.40 -22.50 26.24
CA GLN C 137 -22.69 -23.82 25.73
C GLN C 137 -24.17 -24.00 25.41
N GLU C 138 -25.02 -23.53 26.33
CA GLU C 138 -26.45 -23.52 26.13
C GLU C 138 -26.82 -22.68 24.90
N LEU C 139 -26.22 -21.50 24.80
CA LEU C 139 -26.42 -20.63 23.64
C LEU C 139 -26.12 -21.32 22.30
N TYR C 140 -24.92 -21.89 22.16
CA TYR C 140 -24.54 -22.60 20.95
C TYR C 140 -25.54 -23.71 20.64
N ALA C 141 -26.02 -24.38 21.68
CA ALA C 141 -26.95 -25.49 21.48
C ALA C 141 -28.23 -25.03 20.76
N ASN C 142 -28.86 -23.98 21.28
CA ASN C 142 -30.01 -23.37 20.60
C ASN C 142 -29.95 -21.84 20.65
N PRO C 143 -29.52 -21.22 19.53
CA PRO C 143 -29.24 -19.79 19.47
C PRO C 143 -30.46 -18.92 19.75
N GLY C 144 -30.18 -17.72 20.25
CA GLY C 144 -31.18 -16.68 20.50
C GLY C 144 -30.47 -15.33 20.60
N PRO C 145 -31.25 -14.24 20.73
CA PRO C 145 -30.68 -12.90 20.79
C PRO C 145 -29.62 -12.76 21.88
N VAL C 146 -28.50 -12.12 21.55
CA VAL C 146 -27.40 -11.87 22.46
C VAL C 146 -27.31 -10.39 22.68
N VAL C 147 -27.40 -9.97 23.93
CA VAL C 147 -27.05 -8.60 24.25
C VAL C 147 -25.96 -8.52 25.32
N ILE C 148 -24.98 -7.66 25.04
CA ILE C 148 -23.77 -7.51 25.86
C ILE C 148 -23.56 -6.02 26.10
N GLY C 149 -22.96 -5.64 27.22
CA GLY C 149 -22.61 -4.24 27.39
C GLY C 149 -22.17 -3.83 28.77
N ALA C 150 -22.39 -2.54 29.07
CA ALA C 150 -22.05 -1.95 30.35
C ALA C 150 -23.20 -1.12 30.93
N ILE C 151 -23.49 -1.34 32.21
CA ILE C 151 -24.51 -0.58 32.95
C ILE C 151 -24.00 0.82 33.34
N PRO C 152 -24.87 1.65 33.95
CA PRO C 152 -24.39 2.91 34.52
C PRO C 152 -23.31 2.68 35.59
N GLY C 153 -22.36 3.60 35.69
CA GLY C 153 -21.30 3.51 36.69
C GLY C 153 -20.07 2.71 36.27
N VAL C 154 -20.13 2.05 35.12
CA VAL C 154 -19.05 1.16 34.68
C VAL C 154 -17.77 1.93 34.35
N SER C 155 -16.63 1.37 34.73
CA SER C 155 -15.35 2.00 34.47
C SER C 155 -14.38 1.07 33.73
N PHE C 157 -14.65 -0.81 30.34
CA PHE C 157 -15.44 -1.12 29.15
C PHE C 157 -14.76 -2.12 28.23
N GLY C 158 -13.43 -2.01 28.12
CA GLY C 158 -12.62 -2.91 27.32
C GLY C 158 -13.06 -4.36 27.26
N PRO C 159 -13.15 -5.05 28.42
CA PRO C 159 -13.50 -6.47 28.36
C PRO C 159 -14.85 -6.79 27.68
N ALA C 160 -15.77 -5.82 27.66
CA ALA C 160 -17.08 -6.03 27.03
C ALA C 160 -16.96 -5.95 25.53
N TYR C 161 -16.14 -5.02 25.04
CA TYR C 161 -15.83 -4.94 23.63
C TYR C 161 -15.13 -6.20 23.19
N GLU C 162 -14.19 -6.65 24.01
CA GLU C 162 -13.44 -7.86 23.70
C GLU C 162 -14.36 -9.05 23.56
N PHE C 163 -15.18 -9.24 24.59
CA PHE C 163 -16.10 -10.37 24.68
C PHE C 163 -17.08 -10.39 23.49
N ALA C 164 -17.69 -9.25 23.19
CA ALA C 164 -18.61 -9.13 22.04
C ALA C 164 -17.95 -9.62 20.77
N LEU C 165 -16.75 -9.10 20.50
CA LEU C 165 -16.05 -9.40 19.27
C LEU C 165 -15.51 -10.82 19.24
N MET C 166 -15.01 -11.29 20.40
CA MET C 166 -14.61 -12.70 20.54
C MET C 166 -15.78 -13.64 20.29
N LEU C 167 -16.92 -13.33 20.90
CA LEU C 167 -18.11 -14.15 20.74
C LEU C 167 -18.57 -14.13 19.29
N HIS C 168 -18.45 -12.97 18.64
CA HIS C 168 -18.73 -12.89 17.22
C HIS C 168 -17.90 -13.94 16.44
N TYR C 169 -16.57 -13.87 16.58
CA TYR C 169 -15.64 -14.78 15.90
C TYR C 169 -15.99 -16.26 16.13
N GLU C 170 -16.44 -16.57 17.35
CA GLU C 170 -16.76 -17.93 17.75
C GLU C 170 -18.08 -18.41 17.13
N LEU C 171 -19.11 -17.57 17.18
CA LEU C 171 -20.40 -17.85 16.58
C LEU C 171 -20.23 -18.05 15.08
N LYS C 172 -19.33 -17.27 14.51
CA LYS C 172 -19.06 -17.32 13.08
C LYS C 172 -18.29 -18.58 12.70
N LYS C 173 -17.34 -18.98 13.53
CA LYS C 173 -16.51 -20.15 13.21
C LYS C 173 -17.25 -21.47 13.33
N ARG C 174 -18.37 -21.44 14.05
CA ARG C 174 -19.29 -22.58 14.04
C ARG C 174 -20.57 -22.31 13.24
N GLY C 175 -20.44 -21.46 12.23
CA GLY C 175 -21.51 -21.16 11.24
C GLY C 175 -22.90 -20.88 11.78
N ILE C 176 -22.96 -20.38 13.01
CA ILE C 176 -24.22 -20.29 13.73
C ILE C 176 -24.57 -18.81 13.97
N ARG C 177 -23.65 -17.94 13.53
CA ARG C 177 -23.77 -16.48 13.75
C ARG C 177 -25.06 -15.90 13.16
N TYR C 178 -25.41 -16.30 11.94
CA TYR C 178 -26.63 -15.78 11.29
C TYR C 178 -27.91 -16.09 12.06
N LYS C 179 -27.85 -17.00 13.02
CA LYS C 179 -28.99 -17.32 13.85
C LYS C 179 -28.92 -16.59 15.19
N VAL C 180 -27.94 -15.68 15.32
CA VAL C 180 -27.69 -15.00 16.58
C VAL C 180 -27.58 -13.48 16.42
N PRO C 181 -28.64 -12.75 16.78
CA PRO C 181 -28.51 -11.30 16.81
C PRO C 181 -27.52 -10.89 17.88
N MET C 182 -26.85 -9.75 17.66
CA MET C 182 -25.96 -9.20 18.66
C MET C 182 -26.20 -7.70 18.87
N THR C 183 -26.47 -7.32 20.11
CA THR C 183 -26.61 -5.91 20.42
C THR C 183 -25.66 -5.59 21.54
N PHE C 184 -24.94 -4.48 21.38
CA PHE C 184 -24.06 -3.94 22.40
C PHE C 184 -24.72 -2.69 22.97
N ILE C 185 -25.09 -2.69 24.24
CA ILE C 185 -25.67 -1.47 24.80
C ILE C 185 -24.75 -0.96 25.92
N THR C 186 -24.51 0.35 25.95
CA THR C 186 -23.46 0.88 26.80
C THR C 186 -23.79 2.23 27.41
N SER C 187 -23.24 2.48 28.58
CA SER C 187 -23.39 3.75 29.29
C SER C 187 -22.47 4.86 28.76
N GLU C 188 -21.52 4.49 27.91
CA GLU C 188 -20.62 5.45 27.27
C GLU C 188 -21.42 6.36 26.34
N PRO C 189 -21.06 7.67 26.29
CA PRO C 189 -21.81 8.61 25.45
C PRO C 189 -21.76 8.21 23.99
N TYR C 190 -20.64 7.61 23.58
CA TYR C 190 -20.47 7.07 22.24
C TYR C 190 -19.62 5.80 22.33
N LEU C 191 -19.65 4.99 21.27
CA LEU C 191 -18.81 3.79 21.20
C LEU C 191 -17.31 4.13 21.25
N GLY C 192 -16.56 3.33 22.01
CA GLY C 192 -15.12 3.54 22.11
C GLY C 192 -14.75 4.80 22.88
N HIS C 193 -15.63 5.24 23.77
CA HIS C 193 -15.34 6.31 24.71
C HIS C 193 -14.36 5.79 25.77
N PHE C 194 -14.60 4.55 26.22
CA PHE C 194 -13.78 3.78 27.15
C PHE C 194 -13.68 4.37 28.57
N GLY C 195 -14.48 5.37 28.86
CA GLY C 195 -14.40 6.08 30.13
C GLY C 195 -13.31 7.15 30.12
N VAL C 196 -12.59 7.23 29.02
CA VAL C 196 -11.43 8.13 28.91
C VAL C 196 -11.63 9.24 27.86
N GLY C 197 -12.84 9.31 27.33
CA GLY C 197 -13.15 10.29 26.30
C GLY C 197 -12.57 9.87 24.98
N GLY C 198 -12.49 8.57 24.75
CA GLY C 198 -11.96 8.05 23.49
C GLY C 198 -10.45 8.09 23.41
N ILE C 199 -9.91 7.33 22.48
CA ILE C 199 -8.46 7.22 22.32
C ILE C 199 -8.21 7.40 20.84
N GLY C 200 -7.54 8.50 20.49
CA GLY C 200 -7.46 8.92 19.10
C GLY C 200 -8.86 8.86 18.53
N ALA C 201 -8.99 8.28 17.34
CA ALA C 201 -10.26 8.19 16.64
C ALA C 201 -10.97 6.87 16.91
N SER C 202 -10.82 6.36 18.14
CA SER C 202 -11.39 5.08 18.54
C SER C 202 -12.89 4.97 18.31
N LYS C 203 -13.58 6.09 18.40
CA LYS C 203 -15.03 6.11 18.23
C LYS C 203 -15.40 5.76 16.80
N ARG C 204 -14.65 6.34 15.86
CA ARG C 204 -14.83 6.04 14.44
C ARG C 204 -14.42 4.60 14.12
N LEU C 205 -13.35 4.14 14.75
CA LEU C 205 -12.84 2.78 14.55
C LEU C 205 -13.73 1.67 15.12
N VAL C 206 -14.35 1.89 16.28
CA VAL C 206 -15.17 0.84 16.86
C VAL C 206 -16.55 0.76 16.16
N GLU C 207 -17.08 1.91 15.76
CA GLU C 207 -18.31 1.98 14.98
C GLU C 207 -18.17 1.25 13.67
N ASP C 208 -16.97 1.29 13.11
CA ASP C 208 -16.70 0.62 11.85
C ASP C 208 -16.52 -0.88 12.05
N LEU C 209 -15.81 -1.24 13.11
CA LEU C 209 -15.64 -2.63 13.45
C LEU C 209 -17.01 -3.31 13.59
N PHE C 210 -17.87 -2.72 14.41
CA PHE C 210 -19.21 -3.25 14.68
C PHE C 210 -20.11 -3.36 13.45
N ALA C 211 -20.07 -2.35 12.58
CA ALA C 211 -20.92 -2.31 11.40
C ALA C 211 -20.50 -3.41 10.44
N GLU C 212 -19.19 -3.60 10.30
CA GLU C 212 -18.60 -4.66 9.48
C GLU C 212 -18.94 -6.06 9.99
N ARG C 213 -19.14 -6.19 11.30
CA ARG C 213 -19.36 -7.48 11.94
C ARG C 213 -20.81 -7.60 12.38
N ASN C 214 -21.65 -6.70 11.84
CA ASN C 214 -23.08 -6.69 12.11
C ASN C 214 -23.45 -6.77 13.59
N ILE C 215 -22.71 -6.03 14.43
CA ILE C 215 -23.09 -5.89 15.83
C ILE C 215 -23.88 -4.58 16.00
N ASP C 216 -25.14 -4.70 16.40
CA ASP C 216 -25.99 -3.56 16.66
C ASP C 216 -25.58 -2.91 17.96
N TRP C 217 -25.81 -1.61 18.09
CA TRP C 217 -25.34 -0.90 19.27
C TRP C 217 -26.22 0.25 19.72
N ILE C 218 -26.34 0.40 21.02
CA ILE C 218 -27.03 1.54 21.59
C ILE C 218 -26.07 2.14 22.61
N ALA C 219 -25.80 3.44 22.49
CA ALA C 219 -24.89 4.14 23.41
C ALA C 219 -25.63 5.24 24.16
N ASN C 220 -25.09 5.70 25.28
CA ASN C 220 -25.65 6.87 25.98
C ASN C 220 -27.05 6.55 26.55
N VAL C 221 -27.19 5.32 27.05
CA VAL C 221 -28.42 4.88 27.71
C VAL C 221 -28.11 4.08 28.98
N ALA C 222 -29.07 4.02 29.90
CA ALA C 222 -28.88 3.31 31.15
C ALA C 222 -29.58 1.95 31.16
N VAL C 223 -28.83 0.87 31.32
CA VAL C 223 -29.43 -0.45 31.49
C VAL C 223 -29.97 -0.46 32.88
N LYS C 224 -31.29 -0.63 32.95
CA LYS C 224 -32.02 -0.55 34.20
C LYS C 224 -32.46 -1.94 34.69
N ALA C 225 -32.71 -2.85 33.76
CA ALA C 225 -33.20 -4.20 34.12
C ALA C 225 -32.72 -5.27 33.14
N ILE C 226 -32.32 -6.42 33.69
CA ILE C 226 -31.97 -7.57 32.86
C ILE C 226 -32.81 -8.75 33.32
N GLU C 227 -33.71 -9.18 32.44
CA GLU C 227 -34.70 -10.23 32.70
C GLU C 227 -34.32 -11.53 31.97
N PRO C 228 -34.86 -12.69 32.44
CA PRO C 228 -34.64 -13.96 31.75
C PRO C 228 -34.80 -13.90 30.23
N ASP C 229 -35.74 -13.09 29.74
CA ASP C 229 -36.06 -13.00 28.31
C ASP C 229 -35.60 -11.69 27.62
N LYS C 230 -35.32 -10.65 28.41
CA LYS C 230 -35.01 -9.33 27.83
C LYS C 230 -34.06 -8.45 28.64
N VAL C 231 -33.74 -7.28 28.08
CA VAL C 231 -32.94 -6.25 28.72
C VAL C 231 -33.69 -4.95 28.54
N ILE C 232 -34.01 -4.28 29.64
CA ILE C 232 -34.66 -2.99 29.57
C ILE C 232 -33.63 -1.90 29.83
N TYR C 233 -33.66 -0.85 29.01
CA TYR C 233 -32.77 0.31 29.16
C TYR C 233 -33.52 1.65 29.03
N GLU C 234 -32.87 2.71 29.50
CA GLU C 234 -33.46 4.05 29.50
C GLU C 234 -32.57 5.07 28.79
N ASP C 235 -33.16 5.85 27.89
CA ASP C 235 -32.43 6.90 27.19
C ASP C 235 -32.54 8.22 27.93
N LEU C 236 -32.01 9.31 27.34
CA LEU C 236 -31.86 10.57 28.06
C LEU C 236 -33.14 11.38 28.24
N ASN C 237 -34.22 10.92 27.61
CA ASN C 237 -35.51 11.57 27.76
C ASN C 237 -36.30 11.01 28.93
N GLY C 238 -35.91 9.81 29.36
CA GLY C 238 -36.63 9.09 30.40
C GLY C 238 -37.51 8.01 29.82
N ASN C 239 -37.38 7.74 28.52
CA ASN C 239 -38.12 6.68 27.87
C ASN C 239 -37.49 5.32 28.02
N THR C 240 -38.32 4.34 28.36
CA THR C 240 -37.92 2.95 28.43
C THR C 240 -37.99 2.26 27.09
N HIS C 241 -37.00 1.39 26.85
CA HIS C 241 -36.99 0.47 25.72
C HIS C 241 -36.49 -0.90 26.17
N GLU C 242 -36.99 -1.95 25.54
CA GLU C 242 -36.53 -3.31 25.79
C GLU C 242 -35.96 -3.93 24.50
N VAL C 243 -35.23 -5.03 24.66
CA VAL C 243 -34.48 -5.70 23.60
C VAL C 243 -34.48 -7.20 23.93
N PRO C 244 -34.89 -8.07 22.98
CA PRO C 244 -34.93 -9.48 23.34
C PRO C 244 -33.51 -10.03 23.58
N ALA C 245 -33.41 -11.04 24.45
CA ALA C 245 -32.10 -11.57 24.87
C ALA C 245 -32.19 -12.99 25.38
N LYS C 246 -31.48 -13.91 24.75
CA LYS C 246 -31.38 -15.27 25.27
C LYS C 246 -30.16 -15.40 26.17
N PHE C 247 -29.15 -14.56 25.92
CA PHE C 247 -27.86 -14.58 26.63
C PHE C 247 -27.35 -13.16 26.82
N THR C 248 -26.99 -12.85 28.07
CA THR C 248 -26.45 -11.56 28.41
C THR C 248 -25.14 -11.72 29.14
N MET C 249 -24.27 -10.73 28.95
CA MET C 249 -23.03 -10.59 29.67
C MET C 249 -22.87 -9.10 29.84
N PHE C 250 -23.02 -8.63 31.07
CA PHE C 250 -22.93 -7.20 31.34
C PHE C 250 -21.86 -6.92 32.34
N MET C 251 -21.14 -5.84 32.12
CA MET C 251 -20.09 -5.42 33.02
C MET C 251 -20.70 -4.79 34.27
N PRO C 252 -20.35 -5.32 35.46
CA PRO C 252 -20.75 -4.66 36.70
C PRO C 252 -20.01 -3.34 36.89
N SER C 253 -20.48 -2.52 37.82
CA SER C 253 -19.78 -1.30 38.21
C SER C 253 -18.94 -1.59 39.46
N PHE C 254 -17.97 -0.73 39.73
CA PHE C 254 -17.04 -0.97 40.82
C PHE C 254 -17.28 -0.05 42.03
N GLN C 255 -16.98 -0.57 43.21
CA GLN C 255 -17.01 0.22 44.42
C GLN C 255 -15.93 -0.31 45.34
N GLY C 256 -15.53 0.50 46.32
CA GLY C 256 -14.54 0.05 47.30
C GLY C 256 -15.09 -1.02 48.21
N PRO C 257 -14.21 -1.84 48.80
CA PRO C 257 -14.68 -2.89 49.68
C PRO C 257 -15.00 -2.37 51.09
N GLU C 258 -15.47 -3.28 51.95
CA GLU C 258 -15.86 -2.92 53.30
C GLU C 258 -14.64 -2.74 54.20
N VAL C 259 -13.58 -3.48 53.91
CA VAL C 259 -12.31 -3.35 54.62
C VAL C 259 -11.75 -1.92 54.56
N VAL C 260 -11.84 -1.30 53.39
CA VAL C 260 -11.46 0.10 53.21
C VAL C 260 -12.42 1.00 53.97
N ALA C 261 -13.71 0.77 53.77
CA ALA C 261 -14.77 1.47 54.49
C ALA C 261 -14.54 1.49 55.99
N SER C 262 -13.94 0.42 56.51
CA SER C 262 -13.75 0.25 57.96
C SER C 262 -12.78 1.25 58.56
N ALA C 263 -11.75 1.66 57.81
CA ALA C 263 -10.95 2.84 58.16
C ALA C 263 -11.85 4.08 58.02
N GLY C 264 -11.45 5.22 58.60
CA GLY C 264 -12.33 6.41 58.63
C GLY C 264 -12.80 6.93 57.29
N ASP C 265 -13.53 8.05 57.30
CA ASP C 265 -13.87 8.73 56.05
C ASP C 265 -12.67 9.51 55.49
N LYS C 266 -11.52 9.33 56.14
CA LYS C 266 -10.25 9.92 55.71
C LYS C 266 -9.50 9.01 54.75
N VAL C 267 -9.72 7.71 54.87
CA VAL C 267 -9.13 6.73 53.96
C VAL C 267 -10.14 6.27 52.90
N ALA C 268 -11.41 6.21 53.25
CA ALA C 268 -12.46 5.71 52.36
C ALA C 268 -13.35 6.81 51.76
N ASN C 269 -13.21 7.03 50.46
CA ASN C 269 -14.00 8.02 49.73
C ASN C 269 -15.52 7.76 49.87
N PRO C 270 -16.22 8.62 50.62
CA PRO C 270 -17.63 8.36 51.01
C PRO C 270 -18.58 8.06 49.84
N ALA C 271 -18.30 8.60 48.66
CA ALA C 271 -19.17 8.41 47.49
C ALA C 271 -19.10 7.02 46.88
N ASN C 272 -17.97 6.33 47.03
CA ASN C 272 -17.77 5.02 46.38
C ASN C 272 -16.97 3.96 47.17
N LYS C 273 -16.57 4.30 48.39
CA LYS C 273 -15.73 3.44 49.26
C LYS C 273 -14.32 3.10 48.73
N MET C 274 -13.83 3.84 47.73
CA MET C 274 -12.49 3.62 47.20
C MET C 274 -11.48 4.48 47.95
N VAL C 275 -10.20 4.10 47.87
CA VAL C 275 -9.17 4.73 48.69
C VAL C 275 -8.86 6.15 48.24
N ILE C 276 -8.92 7.09 49.18
CA ILE C 276 -8.47 8.44 48.90
C ILE C 276 -6.94 8.40 48.80
N VAL C 277 -6.44 8.77 47.62
CA VAL C 277 -5.01 8.88 47.40
C VAL C 277 -4.69 10.21 46.71
N ASN C 278 -3.48 10.71 46.90
CA ASN C 278 -3.02 11.90 46.18
C ASN C 278 -2.33 11.54 44.85
N ARG C 279 -1.53 12.47 44.34
CA ARG C 279 -0.78 12.27 43.09
C ARG C 279 0.21 11.13 43.17
N CYS C 280 0.84 11.00 44.35
CA CYS C 280 1.85 9.98 44.64
C CYS C 280 1.18 8.71 45.15
N PHE C 281 -0.13 8.61 44.96
CA PHE C 281 -0.91 7.44 45.37
C PHE C 281 -0.83 7.13 46.87
N GLN C 282 -0.63 8.19 47.64
CA GLN C 282 -0.50 8.14 49.09
C GLN C 282 -1.76 8.73 49.71
N ASN C 283 -2.20 8.19 50.84
CA ASN C 283 -3.33 8.80 51.53
C ASN C 283 -2.95 10.18 52.12
N PRO C 284 -3.76 11.22 51.84
CA PRO C 284 -3.48 12.56 52.36
C PRO C 284 -3.34 12.64 53.89
N THR C 285 -4.11 11.87 54.66
CA THR C 285 -3.95 12.00 56.12
C THR C 285 -3.06 10.92 56.75
N TYR C 286 -3.18 9.68 56.28
CA TYR C 286 -2.35 8.60 56.80
C TYR C 286 -1.20 8.30 55.83
N LYS C 287 -0.10 9.02 56.02
CA LYS C 287 1.04 9.00 55.10
C LYS C 287 1.67 7.61 54.88
N ASN C 288 1.37 6.65 55.76
CA ASN C 288 1.87 5.27 55.59
C ASN C 288 0.86 4.33 54.92
N ILE C 289 -0.15 4.89 54.27
CA ILE C 289 -1.14 4.14 53.51
C ILE C 289 -1.13 4.59 52.05
N PHE C 290 -1.06 3.59 51.18
CA PHE C 290 -0.96 3.76 49.74
C PHE C 290 -1.98 2.84 49.10
N GLY C 291 -2.56 3.28 47.99
CA GLY C 291 -3.48 2.44 47.24
C GLY C 291 -2.91 2.12 45.87
N VAL C 292 -3.11 0.90 45.41
CA VAL C 292 -2.69 0.51 44.06
C VAL C 292 -3.78 -0.23 43.33
N GLY C 293 -4.01 0.16 42.08
CA GLY C 293 -4.94 -0.50 41.20
C GLY C 293 -6.35 0.06 41.25
N VAL C 294 -7.31 -0.81 40.93
CA VAL C 294 -8.71 -0.42 40.77
C VAL C 294 -9.30 0.18 42.04
N VAL C 295 -8.89 -0.35 43.19
CA VAL C 295 -9.37 0.16 44.49
C VAL C 295 -9.18 1.67 44.70
N THR C 296 -8.28 2.30 43.94
CA THR C 296 -7.98 3.72 44.14
C THR C 296 -9.06 4.63 43.55
N ALA C 297 -9.40 5.68 44.30
CA ALA C 297 -10.39 6.64 43.86
C ALA C 297 -9.73 7.64 42.94
N ILE C 298 -10.15 7.65 41.68
CA ILE C 298 -9.65 8.59 40.68
C ILE C 298 -10.85 9.29 40.07
N PRO C 299 -10.91 10.62 40.15
CA PRO C 299 -12.07 11.30 39.59
C PRO C 299 -12.29 10.98 38.11
N PRO C 300 -13.55 10.77 37.69
CA PRO C 300 -13.83 10.59 36.27
C PRO C 300 -13.19 11.70 35.43
N ILE C 301 -12.77 11.32 34.22
CA ILE C 301 -12.14 12.23 33.27
C ILE C 301 -13.14 13.22 32.73
N GLU C 302 -14.42 12.84 32.85
CA GLU C 302 -15.49 13.53 32.15
C GLU C 302 -16.79 13.14 32.82
N LYS C 303 -17.57 14.12 33.26
CA LYS C 303 -18.93 13.85 33.70
C LYS C 303 -19.82 13.60 32.46
N THR C 304 -20.07 12.32 32.16
CA THR C 304 -20.88 11.92 31.00
C THR C 304 -22.35 11.82 31.39
N PRO C 305 -23.29 12.10 30.44
CA PRO C 305 -24.72 12.14 30.77
C PRO C 305 -25.20 10.91 31.54
N ILE C 306 -24.72 9.73 31.16
CA ILE C 306 -24.87 8.52 31.97
C ILE C 306 -23.54 8.31 32.75
N PRO C 307 -23.63 8.16 34.09
CA PRO C 307 -22.40 8.06 34.89
C PRO C 307 -21.44 6.99 34.39
N THR C 308 -20.23 7.39 34.01
CA THR C 308 -19.17 6.43 33.74
C THR C 308 -17.94 6.82 34.54
N GLY C 309 -17.09 5.83 34.82
CA GLY C 309 -15.83 6.03 35.54
C GLY C 309 -14.64 5.83 34.63
N VAL C 310 -13.44 5.84 35.23
CA VAL C 310 -12.16 5.75 34.49
C VAL C 310 -11.45 4.40 34.76
N PRO C 311 -11.03 3.69 33.70
CA PRO C 311 -10.37 2.40 33.86
C PRO C 311 -9.02 2.52 34.55
N LYS C 312 -8.65 1.47 35.25
CA LYS C 312 -7.30 1.34 35.72
C LYS C 312 -6.72 0.08 35.07
N THR C 313 -5.97 0.31 34.00
CA THR C 313 -5.41 -0.75 33.17
C THR C 313 -4.13 -1.33 33.78
N GLY C 314 -3.76 -2.53 33.32
CA GLY C 314 -2.58 -3.23 33.81
C GLY C 314 -1.30 -2.42 33.80
N MET C 315 -1.08 -1.64 32.76
CA MET C 315 0.11 -0.80 32.67
C MET C 315 0.03 0.37 33.64
N MET C 316 -1.17 0.94 33.78
CA MET C 316 -1.42 2.02 34.73
C MET C 316 -1.12 1.55 36.13
N ILE C 317 -1.56 0.34 36.43
CA ILE C 317 -1.38 -0.25 37.75
C ILE C 317 0.07 -0.62 37.99
N GLU C 318 0.74 -1.19 36.98
CA GLU C 318 2.16 -1.54 37.10
C GLU C 318 2.93 -0.28 37.48
N GLN C 319 2.53 0.84 36.89
CA GLN C 319 3.15 2.14 37.11
C GLN C 319 2.85 2.66 38.50
N MET C 320 1.60 2.53 38.92
CA MET C 320 1.22 2.88 40.30
C MET C 320 2.12 2.16 41.29
N ALA C 321 2.25 0.85 41.11
CA ALA C 321 2.99 -0.03 42.01
C ALA C 321 4.45 0.36 42.07
N MET C 322 4.98 0.79 40.93
CA MET C 322 6.38 1.16 40.81
C MET C 322 6.63 2.44 41.61
N ALA C 323 5.71 3.40 41.44
CA ALA C 323 5.75 4.70 42.10
C ALA C 323 5.62 4.55 43.59
N VAL C 324 4.68 3.69 44.02
CA VAL C 324 4.44 3.45 45.43
C VAL C 324 5.64 2.78 46.10
N ALA C 325 6.21 1.78 45.43
CA ALA C 325 7.41 1.12 45.93
C ALA C 325 8.52 2.14 46.23
N HIS C 326 8.83 2.98 45.26
CA HIS C 326 9.85 4.01 45.47
C HIS C 326 9.47 4.99 46.57
N ASN C 327 8.19 5.36 46.63
CA ASN C 327 7.68 6.25 47.67
C ASN C 327 7.86 5.71 49.10
N ILE C 328 7.66 4.41 49.27
CA ILE C 328 7.76 3.76 50.57
C ILE C 328 9.22 3.63 50.97
N VAL C 329 10.05 3.19 50.02
CA VAL C 329 11.49 3.00 50.24
C VAL C 329 12.17 4.34 50.51
N ASN C 330 11.86 5.35 49.69
CA ASN C 330 12.37 6.69 49.92
C ASN C 330 12.00 7.24 51.28
N ASP C 331 10.79 6.90 51.75
CA ASP C 331 10.33 7.31 53.06
C ASP C 331 11.07 6.57 54.21
N ILE C 332 11.27 5.26 54.04
CA ILE C 332 12.10 4.46 54.95
C ILE C 332 13.52 5.02 55.03
N ARG C 333 14.11 5.35 53.88
CA ARG C 333 15.49 5.82 53.81
C ARG C 333 15.61 7.32 54.04
N ASN C 334 14.49 7.97 54.36
CA ASN C 334 14.44 9.42 54.58
C ASN C 334 14.88 10.29 53.38
N ASN C 335 14.54 9.81 52.20
CA ASN C 335 14.80 10.50 50.95
C ASN C 335 13.53 11.25 50.53
N PRO C 336 13.63 12.58 50.40
CA PRO C 336 12.46 13.44 50.14
C PRO C 336 11.81 13.25 48.76
N ASP C 337 12.53 12.56 47.86
CA ASP C 337 12.00 12.26 46.54
C ASP C 337 10.69 11.42 46.55
N LYS C 338 9.65 11.99 45.94
CA LYS C 338 8.37 11.29 45.75
C LYS C 338 8.08 11.18 44.24
N TYR C 339 7.45 10.07 43.84
CA TYR C 339 7.22 9.76 42.43
C TYR C 339 5.75 9.61 42.07
N ALA C 340 5.32 10.30 41.00
CA ALA C 340 4.00 10.08 40.40
C ALA C 340 4.07 9.04 39.27
N PRO C 341 3.07 8.17 39.16
CA PRO C 341 3.05 7.32 37.98
C PRO C 341 2.58 8.12 36.77
N ARG C 342 3.11 7.80 35.61
CA ARG C 342 2.73 8.45 34.37
C ARG C 342 1.26 8.18 34.02
N LEU C 343 0.75 7.03 34.44
CA LEU C 343 -0.61 6.59 34.13
C LEU C 343 -0.90 6.62 32.62
N SER C 344 -0.01 5.99 31.86
CA SER C 344 -0.23 5.72 30.44
C SER C 344 -0.72 4.28 30.26
N ALA C 345 -1.28 4.00 29.08
CA ALA C 345 -1.85 2.67 28.80
C ALA C 345 -1.48 2.15 27.43
N ILE C 346 -0.95 0.93 27.42
CA ILE C 346 -0.94 0.09 26.24
C ILE C 346 -2.04 -0.88 26.49
N CYS C 347 -3.04 -0.88 25.62
CA CYS C 347 -4.19 -1.73 25.83
C CYS C 347 -4.52 -2.49 24.55
N ILE C 348 -4.54 -3.80 24.66
CA ILE C 348 -4.83 -4.64 23.49
C ILE C 348 -6.15 -5.35 23.70
N ALA C 349 -7.07 -5.12 22.77
CA ALA C 349 -8.37 -5.76 22.81
C ALA C 349 -8.38 -6.92 21.82
N ASP C 350 -8.43 -8.14 22.34
CA ASP C 350 -8.39 -9.32 21.49
C ASP C 350 -9.74 -9.57 20.79
N PHE C 351 -9.72 -9.77 19.48
CA PHE C 351 -10.95 -9.96 18.70
C PHE C 351 -11.03 -11.37 18.12
N GLY C 352 -10.43 -12.33 18.81
CA GLY C 352 -10.41 -13.71 18.32
C GLY C 352 -9.13 -14.06 17.61
N GLU C 353 -9.01 -13.65 16.35
CA GLU C 353 -7.81 -13.94 15.52
C GLU C 353 -6.99 -12.68 15.22
N ASP C 354 -7.66 -11.53 15.24
CA ASP C 354 -6.98 -10.23 15.21
C ASP C 354 -7.36 -9.44 16.46
N ALA C 355 -6.88 -8.21 16.58
CA ALA C 355 -7.03 -7.43 17.80
C ALA C 355 -6.77 -5.95 17.55
N GLY C 356 -7.26 -5.11 18.45
CA GLY C 356 -7.02 -3.68 18.36
C GLY C 356 -5.97 -3.21 19.33
N PHE C 357 -4.99 -2.46 18.83
CA PHE C 357 -3.91 -1.94 19.66
C PHE C 357 -4.15 -0.49 20.02
N PHE C 358 -4.34 -0.23 21.31
CA PHE C 358 -4.52 1.12 21.80
C PHE C 358 -3.33 1.54 22.66
N PHE C 359 -2.92 2.79 22.52
CA PHE C 359 -1.88 3.36 23.35
C PHE C 359 -2.23 4.80 23.65
N ALA C 360 -2.33 5.12 24.94
CA ALA C 360 -2.62 6.49 25.34
C ALA C 360 -1.55 7.01 26.29
N ASP C 361 -0.97 8.17 25.98
CA ASP C 361 0.00 8.80 26.88
C ASP C 361 -0.30 10.25 27.20
N PRO C 362 -0.85 10.51 28.39
CA PRO C 362 -1.33 9.51 29.33
C PRO C 362 -2.74 9.05 28.98
N VAL C 363 -3.35 8.22 29.82
CA VAL C 363 -4.74 7.83 29.64
C VAL C 363 -5.66 9.02 29.87
N ILE C 364 -5.50 9.70 31.01
CA ILE C 364 -6.27 10.89 31.40
C ILE C 364 -5.78 12.10 30.60
N PRO C 365 -6.67 12.70 29.77
CA PRO C 365 -6.42 13.84 28.89
C PRO C 365 -6.02 15.11 29.65
N PRO C 366 -5.34 16.06 28.96
CA PRO C 366 -4.96 16.00 27.56
C PRO C 366 -3.75 15.10 27.33
N ARG C 367 -3.62 14.56 26.13
CA ARG C 367 -2.63 13.55 25.82
C ARG C 367 -1.47 14.10 25.03
N GLU C 368 -0.31 13.48 25.23
CA GLU C 368 0.91 13.83 24.51
C GLU C 368 0.85 13.17 23.15
N ARG C 369 0.42 11.90 23.11
CA ARG C 369 0.25 11.13 21.88
C ARG C 369 -0.65 9.91 22.10
N VAL C 370 -1.16 9.37 21.00
CA VAL C 370 -1.94 8.14 21.02
C VAL C 370 -1.60 7.28 19.84
N ILE C 371 -1.74 5.97 20.03
CA ILE C 371 -1.65 5.02 18.94
C ILE C 371 -2.91 4.15 18.97
N THR C 372 -3.60 4.09 17.82
CA THR C 372 -4.73 3.20 17.61
C THR C 372 -4.52 2.44 16.31
N LYS C 373 -4.03 1.21 16.42
CA LYS C 373 -3.85 0.35 15.25
C LYS C 373 -4.65 -0.94 15.42
N MET C 374 -4.78 -1.72 14.36
CA MET C 374 -5.51 -2.97 14.39
C MET C 374 -4.77 -4.00 13.54
N GLY C 375 -4.85 -5.28 13.91
CA GLY C 375 -4.29 -6.36 13.08
C GLY C 375 -4.02 -7.69 13.76
N LYS C 376 -3.71 -8.72 12.97
CA LYS C 376 -3.29 -10.03 13.48
C LYS C 376 -2.21 -9.92 14.55
N TRP C 377 -1.12 -9.23 14.21
CA TRP C 377 0.05 -9.11 15.06
C TRP C 377 -0.28 -8.75 16.49
N ALA C 378 -1.38 -8.00 16.67
CA ALA C 378 -1.78 -7.51 17.96
C ALA C 378 -2.36 -8.65 18.79
N HIS C 379 -3.06 -9.58 18.12
CA HIS C 379 -3.60 -10.76 18.79
C HIS C 379 -2.49 -11.67 19.31
N TYR C 380 -1.50 -11.90 18.46
CA TYR C 380 -0.35 -12.72 18.82
C TYR C 380 0.44 -12.07 19.94
N PHE C 381 0.53 -10.76 19.90
CA PHE C 381 1.23 -10.01 20.94
C PHE C 381 0.50 -10.09 22.28
N LYS C 382 -0.81 -10.33 22.24
CA LYS C 382 -1.61 -10.53 23.45
C LYS C 382 -1.34 -11.91 24.05
N THR C 383 -1.29 -12.93 23.21
CA THR C 383 -0.98 -14.29 23.68
C THR C 383 0.42 -14.29 24.30
N ALA C 384 1.36 -13.64 23.62
CA ALA C 384 2.76 -13.65 24.03
C ALA C 384 3.04 -12.82 25.27
N PHE C 385 2.26 -11.76 25.47
CA PHE C 385 2.46 -10.92 26.65
C PHE C 385 1.94 -11.63 27.90
N GLU C 386 0.86 -12.39 27.72
CA GLU C 386 0.31 -13.21 28.77
C GLU C 386 1.38 -14.17 29.30
N LYS C 387 1.94 -14.99 28.41
CA LYS C 387 3.00 -15.91 28.77
C LYS C 387 4.14 -15.17 29.47
N TYR C 388 4.52 -14.02 28.92
CA TYR C 388 5.55 -13.18 29.52
C TYR C 388 5.18 -12.76 30.93
N PHE C 389 3.98 -12.20 31.10
CA PHE C 389 3.57 -11.71 32.42
C PHE C 389 3.52 -12.83 33.46
N LEU C 390 2.98 -13.98 33.09
CA LEU C 390 2.94 -15.13 34.01
C LEU C 390 4.35 -15.51 34.46
N TRP C 391 5.28 -15.56 33.51
CA TRP C 391 6.69 -15.76 33.82
C TRP C 391 7.20 -14.74 34.86
N LYS C 392 6.83 -13.47 34.68
CA LYS C 392 7.19 -12.39 35.63
C LYS C 392 6.72 -12.67 37.05
N VAL C 393 5.45 -13.04 37.21
CA VAL C 393 4.89 -13.43 38.51
C VAL C 393 5.61 -14.63 39.11
N ARG C 394 5.95 -15.62 38.28
CA ARG C 394 6.57 -16.84 38.80
C ARG C 394 8.03 -16.62 39.21
N ASN C 395 8.65 -15.59 38.64
CA ASN C 395 10.07 -15.35 38.86
C ASN C 395 10.42 -14.13 39.70
N GLY C 396 9.43 -13.55 40.36
CA GLY C 396 9.69 -12.50 41.33
C GLY C 396 10.25 -11.20 40.78
N ASN C 397 9.88 -10.83 39.57
CA ASN C 397 10.16 -9.51 39.07
C ASN C 397 9.10 -9.10 38.10
N ILE C 398 8.26 -8.16 38.52
CA ILE C 398 7.22 -7.61 37.64
C ILE C 398 7.83 -6.46 36.82
N ALA C 399 9.00 -6.01 37.22
CA ALA C 399 9.60 -4.85 36.56
C ALA C 399 11.08 -4.97 36.19
N PRO C 400 11.46 -5.98 35.38
CA PRO C 400 12.88 -6.14 35.04
C PRO C 400 13.39 -4.91 34.31
N SER C 401 14.66 -4.57 34.46
CA SER C 401 15.16 -3.30 33.93
C SER C 401 14.96 -3.16 32.42
N PHE C 402 15.19 -4.24 31.66
CA PHE C 402 15.13 -4.16 30.20
C PHE C 402 13.75 -3.77 29.68
N GLU C 403 12.70 -4.17 30.40
CA GLU C 403 11.32 -3.89 29.99
C GLU C 403 11.06 -2.40 29.89
N GLU C 404 11.55 -1.64 30.88
CA GLU C 404 11.42 -0.19 30.85
C GLU C 404 12.17 0.41 29.66
N LYS C 405 13.41 -0.04 29.45
CA LYS C 405 14.22 0.43 28.33
C LYS C 405 13.56 0.13 26.98
N VAL C 406 12.94 -1.04 26.87
CA VAL C 406 12.20 -1.43 25.66
C VAL C 406 11.05 -0.46 25.38
N LEU C 407 10.20 -0.22 26.38
CA LEU C 407 9.08 0.72 26.29
C LEU C 407 9.52 2.17 26.02
N GLU C 408 10.71 2.52 26.50
CA GLU C 408 11.29 3.83 26.27
C GLU C 408 11.69 3.97 24.82
N ILE C 409 12.25 2.91 24.25
CA ILE C 409 12.77 2.93 22.89
C ILE C 409 11.65 2.93 21.85
N PHE C 410 10.62 2.13 22.08
CA PHE C 410 9.52 2.02 21.12
C PHE C 410 8.44 3.10 21.26
N LEU C 411 8.14 3.50 22.49
CA LEU C 411 7.01 4.40 22.75
C LEU C 411 7.41 5.73 23.41
N LYS C 412 8.70 5.88 23.70
CA LYS C 412 9.21 7.07 24.40
C LYS C 412 8.49 7.32 25.74
N VAL C 413 8.15 6.25 26.46
CA VAL C 413 7.43 6.36 27.71
C VAL C 413 8.35 6.15 28.91
N HIS C 414 8.03 6.85 30.00
CA HIS C 414 8.73 6.71 31.27
C HIS C 414 7.65 6.44 32.30
N PRO C 415 7.79 5.36 33.10
CA PRO C 415 6.68 4.90 33.93
C PRO C 415 6.36 5.83 35.08
N ILE C 416 7.39 6.47 35.66
CA ILE C 416 7.24 7.33 36.83
C ILE C 416 8.00 8.65 36.71
N GLU C 417 7.40 9.70 37.26
CA GLU C 417 7.94 11.06 37.25
C GLU C 417 8.27 11.48 38.67
N LEU C 418 9.22 12.38 38.81
CA LEU C 418 9.49 13.01 40.09
C LEU C 418 8.37 14.02 40.36
N CYS C 419 7.69 13.87 41.48
CA CYS C 419 6.57 14.74 41.83
C CYS C 419 7.00 15.91 42.72
N LYS C 420 6.85 17.13 42.19
CA LYS C 420 7.18 18.35 42.95
C LYS C 420 6.34 18.47 44.23
N ASP C 421 5.05 18.12 44.10
CA ASP C 421 4.08 18.27 45.19
C ASP C 421 2.92 17.29 45.04
N CYS C 422 2.82 16.33 45.98
CA CYS C 422 1.78 15.28 45.95
C CYS C 422 0.33 15.78 46.07
N GLU C 423 0.12 16.91 46.75
CA GLU C 423 -1.24 17.35 47.11
C GLU C 423 -2.15 17.77 45.94
N GLY C 424 -3.00 16.83 45.52
CA GLY C 424 -3.95 17.02 44.42
C GLY C 424 -4.45 15.66 43.96
N ALA C 425 -5.54 15.65 43.20
CA ALA C 425 -6.14 14.40 42.69
C ALA C 425 -5.15 13.55 41.89
N PRO C 426 -5.18 12.22 42.07
CA PRO C 426 -4.35 11.31 41.25
C PRO C 426 -4.67 11.45 39.76
N GLY C 427 -3.63 11.46 38.94
CA GLY C 427 -3.82 11.71 37.53
C GLY C 427 -3.62 13.16 37.15
N SER C 428 -3.79 14.08 38.10
CA SER C 428 -3.57 15.51 37.85
C SER C 428 -2.08 15.82 37.75
N ARG C 429 -1.74 16.83 36.94
CA ARG C 429 -0.33 17.11 36.59
C ARG C 429 0.44 17.77 37.73
N CYS C 430 1.54 17.13 38.11
CA CYS C 430 2.36 17.51 39.29
C CYS C 430 3.46 18.50 38.89
N ALA D 2 28.00 -33.88 43.11
CA ALA D 2 27.73 -34.27 41.69
C ALA D 2 29.00 -34.19 40.85
N LYS D 3 28.84 -34.40 39.55
CA LYS D 3 29.96 -34.36 38.61
C LYS D 3 30.49 -32.92 38.45
N HIS D 4 31.50 -32.74 37.59
CA HIS D 4 32.16 -31.45 37.42
C HIS D 4 32.22 -31.03 35.95
N VAL D 5 31.70 -29.84 35.66
CA VAL D 5 31.71 -29.31 34.30
C VAL D 5 32.60 -28.07 34.22
N VAL D 6 33.63 -28.14 33.40
CA VAL D 6 34.46 -26.96 33.13
C VAL D 6 34.12 -26.39 31.77
N VAL D 7 33.67 -25.14 31.78
CA VAL D 7 33.31 -24.44 30.56
C VAL D 7 34.40 -23.42 30.28
N ILE D 8 35.26 -23.74 29.33
CA ILE D 8 36.28 -22.79 28.91
C ILE D 8 35.69 -21.84 27.86
N GLY D 9 35.74 -20.53 28.18
CA GLY D 9 35.19 -19.47 27.32
C GLY D 9 34.10 -18.65 27.98
N GLY D 10 34.33 -17.36 28.20
CA GLY D 10 33.35 -16.50 28.86
C GLY D 10 32.48 -15.65 27.95
N GLY D 11 32.12 -16.18 26.81
CA GLY D 11 31.28 -15.47 25.86
C GLY D 11 29.86 -15.98 25.79
N VAL D 12 29.22 -15.75 24.65
CA VAL D 12 27.85 -16.15 24.41
C VAL D 12 27.65 -17.66 24.58
N GLY D 13 28.57 -18.45 24.01
CA GLY D 13 28.49 -19.90 24.13
C GLY D 13 28.61 -20.37 25.57
N GLY D 14 29.72 -20.00 26.21
CA GLY D 14 30.05 -20.45 27.57
C GLY D 14 29.06 -20.03 28.63
N ILE D 15 28.68 -18.75 28.62
CA ILE D 15 27.68 -18.25 29.58
C ILE D 15 26.36 -19.01 29.40
N ALA D 16 25.93 -19.17 28.16
CA ALA D 16 24.68 -19.85 27.87
C ALA D 16 24.68 -21.32 28.29
N THR D 17 25.80 -22.02 28.11
CA THR D 17 25.90 -23.42 28.48
C THR D 17 25.93 -23.55 29.99
N ALA D 18 26.70 -22.66 30.64
CA ALA D 18 26.84 -22.68 32.10
C ALA D 18 25.51 -22.32 32.78
N TYR D 19 24.83 -21.32 32.26
CA TYR D 19 23.53 -20.94 32.81
C TYR D 19 22.45 -22.00 32.56
N ASN D 20 22.55 -22.70 31.43
CA ASN D 20 21.63 -23.80 31.14
C ASN D 20 21.86 -24.99 32.04
N LEU D 21 23.13 -25.29 32.30
CA LEU D 21 23.50 -26.39 33.19
C LEU D 21 23.06 -26.11 34.62
N ARG D 22 23.29 -24.88 35.06
CA ARG D 22 22.90 -24.46 36.40
C ARG D 22 21.40 -24.63 36.63
N ASN D 23 20.60 -24.13 35.68
CA ASN D 23 19.13 -24.22 35.79
C ASN D 23 18.55 -25.64 35.70
N LEU D 24 19.19 -26.53 34.95
CA LEU D 24 18.78 -27.93 34.92
C LEU D 24 19.24 -28.68 36.18
N MET D 25 20.40 -28.31 36.71
CA MET D 25 21.01 -29.01 37.85
C MET D 25 21.73 -28.09 38.84
N PRO D 26 21.01 -27.63 39.87
CA PRO D 26 21.59 -26.82 40.93
C PRO D 26 22.59 -27.61 41.77
N ASP D 27 22.40 -28.92 41.86
CA ASP D 27 23.34 -29.84 42.52
C ASP D 27 24.72 -29.88 41.84
N LEU D 28 24.75 -29.52 40.56
CA LEU D 28 25.93 -29.72 39.72
C LEU D 28 27.06 -28.73 40.02
N LYS D 29 28.28 -29.15 39.75
CA LYS D 29 29.46 -28.30 39.92
C LYS D 29 29.93 -27.79 38.57
N ILE D 30 30.03 -26.47 38.47
CA ILE D 30 30.34 -25.78 37.24
C ILE D 30 31.48 -24.80 37.50
N THR D 31 32.49 -24.85 36.64
CA THR D 31 33.55 -23.86 36.69
C THR D 31 33.80 -23.30 35.29
N LEU D 32 33.83 -21.97 35.22
CA LEU D 32 34.03 -21.28 33.95
C LEU D 32 35.40 -20.61 33.93
N ILE D 33 36.16 -20.89 32.87
CA ILE D 33 37.49 -20.32 32.73
C ILE D 33 37.54 -19.38 31.52
N SER D 34 37.87 -18.12 31.81
CA SER D 34 37.99 -17.08 30.79
C SER D 34 39.24 -16.22 31.05
N ASP D 35 39.86 -15.74 29.99
CA ASP D 35 40.97 -14.80 30.10
C ASP D 35 40.50 -13.36 30.32
N ARG D 36 39.31 -13.05 29.81
CA ARG D 36 38.71 -11.73 29.98
C ARG D 36 37.77 -11.69 31.19
N PRO D 37 37.94 -10.68 32.04
CA PRO D 37 37.16 -10.50 33.27
C PRO D 37 35.72 -10.06 33.02
N TYR D 38 35.35 -9.93 31.75
CA TYR D 38 34.05 -9.43 31.38
C TYR D 38 33.50 -10.24 30.22
N PHE D 39 32.18 -10.32 30.14
CA PHE D 39 31.48 -10.82 28.97
C PHE D 39 31.18 -9.65 28.05
N GLY D 40 31.48 -9.81 26.77
CA GLY D 40 31.25 -8.74 25.83
C GLY D 40 30.13 -9.07 24.87
N PHE D 41 29.11 -8.21 24.82
CA PHE D 41 28.02 -8.38 23.88
C PHE D 41 28.50 -7.96 22.50
N THR D 42 28.99 -8.96 21.77
CA THR D 42 29.62 -8.81 20.45
C THR D 42 28.78 -8.05 19.39
N PRO D 43 27.46 -8.35 19.30
CA PRO D 43 26.55 -7.65 18.37
C PRO D 43 26.54 -6.13 18.47
N ALA D 44 27.21 -5.61 19.50
CA ALA D 44 27.35 -4.17 19.74
C ALA D 44 28.78 -3.64 19.53
N PHE D 45 29.68 -4.50 19.07
CA PHE D 45 31.06 -4.08 18.74
C PHE D 45 31.17 -3.15 17.55
N PRO D 46 30.35 -3.36 16.49
CA PRO D 46 30.33 -2.37 15.42
C PRO D 46 29.95 -0.97 15.93
N HIS D 47 29.01 -0.91 16.87
CA HIS D 47 28.57 0.36 17.43
C HIS D 47 29.66 1.00 18.28
N LEU D 48 30.35 0.16 19.05
CA LEU D 48 31.53 0.56 19.81
C LEU D 48 32.58 1.17 18.88
N ALA D 49 32.78 0.54 17.71
CA ALA D 49 33.74 1.01 16.72
C ALA D 49 33.31 2.36 16.11
N MET D 50 32.01 2.56 16.01
CA MET D 50 31.45 3.80 15.50
C MET D 50 31.31 4.88 16.59
N GLY D 51 31.57 4.50 17.84
CA GLY D 51 31.45 5.42 18.96
C GLY D 51 30.05 5.57 19.50
N TRP D 52 29.17 4.62 19.16
CA TRP D 52 27.76 4.73 19.51
C TRP D 52 27.36 4.05 20.82
N ARG D 53 28.30 3.34 21.43
CA ARG D 53 28.09 2.77 22.75
C ARG D 53 29.32 3.04 23.61
N LYS D 54 29.13 2.99 24.93
CA LYS D 54 30.25 2.93 25.86
C LYS D 54 30.57 1.47 26.15
N PHE D 55 31.86 1.18 26.35
CA PHE D 55 32.28 -0.19 26.62
C PHE D 55 31.61 -0.76 27.87
N GLU D 56 31.42 0.10 28.88
CA GLU D 56 30.81 -0.31 30.15
CA GLU D 56 30.81 -0.30 30.15
C GLU D 56 29.36 -0.78 29.97
N ASP D 57 28.66 -0.20 29.00
CA ASP D 57 27.27 -0.55 28.75
C ASP D 57 27.10 -1.93 28.16
N ILE D 58 27.99 -2.30 27.23
CA ILE D 58 27.84 -3.54 26.51
C ILE D 58 28.71 -4.66 27.05
N SER D 59 29.17 -4.52 28.29
CA SER D 59 29.99 -5.55 28.92
C SER D 59 29.52 -5.84 30.34
N VAL D 60 29.82 -7.03 30.83
CA VAL D 60 29.43 -7.43 32.18
C VAL D 60 30.57 -8.10 32.94
N PRO D 61 31.09 -7.43 33.97
CA PRO D 61 32.19 -7.98 34.79
C PRO D 61 31.76 -9.30 35.41
N LEU D 62 32.42 -10.37 35.01
CA LEU D 62 32.09 -11.73 35.48
C LEU D 62 32.54 -12.07 36.91
N ALA D 63 33.57 -11.39 37.39
CA ALA D 63 34.14 -11.64 38.72
C ALA D 63 33.10 -11.63 39.87
N PRO D 64 32.30 -10.55 39.98
CA PRO D 64 31.33 -10.50 41.07
C PRO D 64 29.97 -11.09 40.73
N LEU D 65 29.82 -11.60 39.51
CA LEU D 65 28.55 -12.10 38.99
C LEU D 65 28.37 -13.60 39.20
N LEU D 66 29.19 -14.39 38.51
CA LEU D 66 29.05 -15.86 38.49
C LEU D 66 28.99 -16.57 39.87
N PRO D 67 29.78 -16.11 40.87
CA PRO D 67 29.56 -16.67 42.20
C PRO D 67 28.12 -16.54 42.70
N LYS D 68 27.42 -15.47 42.31
CA LYS D 68 25.99 -15.29 42.66
C LYS D 68 25.10 -16.47 42.22
N PHE D 69 25.54 -17.21 41.21
CA PHE D 69 24.82 -18.41 40.75
C PHE D 69 25.59 -19.72 41.01
N ASN D 70 26.53 -19.68 41.96
CA ASN D 70 27.34 -20.84 42.36
C ASN D 70 28.17 -21.44 41.22
N ILE D 71 28.74 -20.57 40.40
CA ILE D 71 29.66 -20.98 39.34
C ILE D 71 31.03 -20.42 39.69
N GLU D 72 32.05 -21.26 39.57
CA GLU D 72 33.42 -20.83 39.84
C GLU D 72 34.00 -20.16 38.61
N PHE D 73 34.60 -18.98 38.81
CA PHE D 73 35.20 -18.21 37.72
C PHE D 73 36.70 -18.14 37.89
N ILE D 74 37.43 -18.59 36.88
CA ILE D 74 38.88 -18.51 36.85
C ILE D 74 39.32 -17.52 35.77
N ASN D 75 39.77 -16.34 36.21
CA ASN D 75 40.23 -15.32 35.29
C ASN D 75 41.64 -15.61 34.81
N GLU D 76 41.75 -16.62 33.95
CA GLU D 76 43.03 -17.05 33.40
C GLU D 76 42.83 -17.72 32.05
N LYS D 77 43.74 -17.45 31.11
CA LYS D 77 43.75 -18.14 29.82
C LYS D 77 44.05 -19.60 30.06
N ALA D 78 43.40 -20.47 29.29
CA ALA D 78 43.75 -21.87 29.27
C ALA D 78 44.83 -22.11 28.23
N GLU D 79 45.84 -22.90 28.58
CA GLU D 79 46.93 -23.21 27.64
C GLU D 79 46.69 -24.51 26.86
N SER D 80 46.37 -25.60 27.57
CA SER D 80 46.26 -26.91 26.93
C SER D 80 45.09 -27.77 27.44
N ILE D 81 44.69 -28.75 26.62
CA ILE D 81 43.70 -29.73 27.03
C ILE D 81 44.23 -31.11 26.67
N ASP D 82 44.35 -31.98 27.68
CA ASP D 82 44.69 -33.38 27.40
C ASP D 82 43.41 -34.23 27.65
N PRO D 83 42.84 -34.72 26.47
CA PRO D 83 41.50 -35.34 26.55
C PRO D 83 41.53 -36.69 27.27
N ASP D 84 42.66 -37.41 27.15
CA ASP D 84 42.83 -38.70 27.78
C ASP D 84 42.82 -38.56 29.31
N ALA D 85 43.31 -37.43 29.81
CA ALA D 85 43.41 -37.18 31.26
C ALA D 85 42.23 -36.40 31.84
N ASN D 86 41.31 -35.97 30.97
CA ASN D 86 40.17 -35.14 31.40
C ASN D 86 40.61 -33.76 32.10
N THR D 87 41.71 -33.22 31.30
CA THR D 87 42.45 -32.12 31.94
C THR D 87 42.58 -30.90 31.04
N VAL D 88 42.31 -29.76 31.65
CA VAL D 88 42.67 -28.48 31.07
C VAL D 88 43.75 -27.90 31.96
N THR D 89 44.79 -27.36 31.33
CA THR D 89 45.87 -26.71 32.04
C THR D 89 45.86 -25.22 31.72
N THR D 90 45.81 -24.41 32.78
CA THR D 90 45.79 -22.97 32.63
C THR D 90 47.20 -22.43 32.35
N GLN D 91 47.28 -21.20 31.85
CA GLN D 91 48.54 -20.58 31.45
C GLN D 91 49.58 -20.57 32.58
N SER D 92 49.12 -20.32 33.81
CA SER D 92 50.00 -20.32 34.98
C SER D 92 50.48 -21.73 35.35
N GLY D 93 49.71 -22.74 34.94
CA GLY D 93 50.06 -24.13 35.19
C GLY D 93 49.15 -24.81 36.19
N LYS D 94 47.92 -24.31 36.29
CA LYS D 94 46.92 -24.88 37.18
C LYS D 94 46.21 -26.03 36.47
N LYS D 95 46.40 -27.24 37.00
CA LYS D 95 45.67 -28.41 36.56
C LYS D 95 44.24 -28.32 37.08
N ILE D 96 43.27 -28.43 36.17
CA ILE D 96 41.86 -28.51 36.58
C ILE D 96 41.20 -29.73 35.97
N GLU D 97 40.79 -30.65 36.85
CA GLU D 97 40.21 -31.92 36.46
C GLU D 97 38.75 -31.73 36.10
N TYR D 98 38.29 -32.44 35.02
CA TYR D 98 36.85 -32.40 34.72
C TYR D 98 36.18 -33.75 34.53
N ASP D 99 34.84 -33.73 34.61
CA ASP D 99 33.98 -34.85 34.23
C ASP D 99 33.39 -34.62 32.84
N TYR D 100 33.15 -33.36 32.50
CA TYR D 100 32.68 -32.93 31.17
C TYR D 100 33.33 -31.60 30.77
N LEU D 101 33.78 -31.52 29.52
CA LEU D 101 34.41 -30.29 29.02
C LEU D 101 33.58 -29.57 27.94
N VAL D 102 33.26 -28.32 28.21
CA VAL D 102 32.59 -27.53 27.20
C VAL D 102 33.62 -26.56 26.64
N ILE D 103 33.95 -26.75 25.37
CA ILE D 103 34.89 -25.88 24.69
C ILE D 103 34.14 -24.75 24.00
N ALA D 104 34.30 -23.54 24.53
CA ALA D 104 33.58 -22.35 24.04
C ALA D 104 34.46 -21.12 23.91
N THR D 105 35.68 -21.30 23.41
CA THR D 105 36.66 -20.21 23.32
C THR D 105 36.31 -19.20 22.22
N GLY D 106 35.41 -19.59 21.32
CA GLY D 106 35.09 -18.77 20.17
C GLY D 106 36.27 -18.69 19.22
N PRO D 107 36.36 -17.58 18.46
CA PRO D 107 37.30 -17.49 17.35
C PRO D 107 38.72 -17.10 17.77
N LYS D 108 39.71 -17.63 17.05
CA LYS D 108 41.07 -17.14 17.08
C LYS D 108 41.31 -16.47 15.74
N LEU D 109 41.62 -15.17 15.77
CA LEU D 109 41.63 -14.36 14.55
C LEU D 109 42.89 -14.56 13.71
N VAL D 110 42.69 -14.70 12.41
CA VAL D 110 43.79 -14.87 11.45
C VAL D 110 43.78 -13.74 10.43
N PHE D 111 44.74 -12.81 10.59
CA PHE D 111 44.86 -11.68 9.69
C PHE D 111 45.71 -12.08 8.48
N GLY D 112 45.11 -12.93 7.63
CA GLY D 112 45.83 -13.65 6.59
C GLY D 112 46.26 -12.89 5.35
N ALA D 113 45.82 -11.65 5.21
CA ALA D 113 46.24 -10.81 4.10
C ALA D 113 47.51 -10.05 4.48
N GLU D 114 48.44 -9.94 3.53
CA GLU D 114 49.73 -9.29 3.77
CA GLU D 114 49.74 -9.30 3.78
C GLU D 114 49.57 -7.95 4.47
N GLY D 115 50.12 -7.86 5.69
CA GLY D 115 50.10 -6.63 6.47
C GLY D 115 48.74 -6.18 6.98
N GLN D 116 47.77 -7.08 6.95
CA GLN D 116 46.41 -6.78 7.39
C GLN D 116 46.36 -6.42 8.88
N GLU D 117 47.21 -7.06 9.67
CA GLU D 117 47.25 -6.82 11.10
C GLU D 117 47.76 -5.41 11.46
N GLU D 118 48.69 -4.87 10.67
CA GLU D 118 49.22 -3.53 10.93
C GLU D 118 48.29 -2.45 10.40
N ASN D 119 48.20 -2.36 9.08
CA ASN D 119 47.53 -1.26 8.37
C ASN D 119 46.01 -1.17 8.60
N SER D 120 45.34 -2.31 8.56
CA SER D 120 43.88 -2.34 8.60
C SER D 120 43.32 -2.26 10.02
N THR D 121 41.99 -2.36 10.13
CA THR D 121 41.29 -2.36 11.39
C THR D 121 40.32 -3.53 11.41
N SER D 122 39.93 -3.95 12.60
CA SER D 122 38.85 -4.93 12.73
C SER D 122 37.91 -4.54 13.87
N ILE D 123 36.72 -5.12 13.88
CA ILE D 123 35.73 -4.81 14.91
C ILE D 123 35.37 -6.04 15.74
N CYS D 124 36.16 -7.10 15.62
CA CYS D 124 35.81 -8.39 16.19
C CYS D 124 36.10 -8.57 17.69
N THR D 125 36.81 -7.63 18.29
CA THR D 125 37.02 -7.62 19.73
C THR D 125 36.82 -6.20 20.22
N ALA D 126 36.24 -6.03 21.40
CA ALA D 126 36.12 -4.71 22.01
C ALA D 126 37.40 -3.88 21.85
N GLU D 127 38.56 -4.53 22.04
CA GLU D 127 39.88 -3.92 21.90
C GLU D 127 40.06 -3.31 20.51
N HIS D 128 40.00 -4.15 19.48
CA HIS D 128 40.13 -3.72 18.09
C HIS D 128 39.07 -2.70 17.68
N ALA D 129 37.85 -2.88 18.19
CA ALA D 129 36.75 -1.95 17.92
C ALA D 129 37.00 -0.55 18.48
N LEU D 130 37.43 -0.47 19.73
CA LEU D 130 37.82 0.79 20.35
C LEU D 130 39.00 1.42 19.61
N GLU D 131 39.82 0.57 19.00
CA GLU D 131 40.91 1.05 18.15
C GLU D 131 40.38 1.60 16.83
N THR D 132 39.42 0.89 16.24
CA THR D 132 38.78 1.34 15.01
C THR D 132 38.08 2.69 15.19
N GLN D 133 37.69 3.01 16.41
CA GLN D 133 37.13 4.32 16.74
C GLN D 133 38.17 5.41 16.50
N LYS D 134 39.39 5.19 16.98
CA LYS D 134 40.46 6.15 16.84
C LYS D 134 40.91 6.33 15.39
N LYS D 135 41.03 5.22 14.66
CA LYS D 135 41.43 5.28 13.27
C LYS D 135 40.34 5.84 12.37
N LEU D 136 39.08 5.64 12.77
CA LEU D 136 37.94 6.24 12.06
C LEU D 136 37.89 7.74 12.20
N GLN D 137 38.33 8.25 13.35
CA GLN D 137 38.36 9.68 13.62
C GLN D 137 39.26 10.40 12.61
N GLU D 138 40.36 9.73 12.25
CA GLU D 138 41.33 10.21 11.27
C GLU D 138 40.70 10.38 9.89
N LEU D 139 39.85 9.43 9.50
CA LEU D 139 39.08 9.52 8.26
C LEU D 139 38.22 10.79 8.20
N TYR D 140 37.45 11.03 9.26
CA TYR D 140 36.54 12.19 9.33
C TYR D 140 37.27 13.53 9.10
N ALA D 141 38.53 13.60 9.56
CA ALA D 141 39.36 14.78 9.35
C ALA D 141 39.94 14.83 7.94
N ASN D 142 40.45 13.71 7.44
CA ASN D 142 41.05 13.64 6.11
C ASN D 142 40.36 12.58 5.24
N PRO D 143 39.26 12.98 4.58
CA PRO D 143 38.40 12.06 3.83
C PRO D 143 39.06 11.50 2.55
N GLY D 144 39.19 10.18 2.50
CA GLY D 144 39.73 9.47 1.34
C GLY D 144 38.99 8.17 1.11
N PRO D 145 39.44 7.37 0.10
CA PRO D 145 38.77 6.13 -0.25
C PRO D 145 38.72 5.09 0.89
N VAL D 146 37.52 4.59 1.15
CA VAL D 146 37.27 3.62 2.19
C VAL D 146 37.13 2.26 1.53
N VAL D 147 37.76 1.24 2.11
CA VAL D 147 37.58 -0.13 1.64
C VAL D 147 37.26 -1.09 2.78
N ILE D 148 36.03 -1.59 2.77
CA ILE D 148 35.58 -2.59 3.73
C ILE D 148 35.31 -3.87 2.99
N GLY D 149 35.52 -5.01 3.66
CA GLY D 149 35.22 -6.32 3.09
C GLY D 149 35.70 -7.48 3.92
N ALA D 150 36.03 -8.58 3.26
CA ALA D 150 36.36 -9.82 3.95
C ALA D 150 37.39 -10.67 3.19
N ILE D 151 38.46 -11.05 3.87
CA ILE D 151 39.55 -11.84 3.29
C ILE D 151 39.12 -13.30 2.98
N PRO D 152 39.97 -14.06 2.27
CA PRO D 152 39.60 -15.45 1.97
C PRO D 152 39.51 -16.26 3.25
N GLY D 153 38.42 -17.02 3.39
CA GLY D 153 38.24 -17.88 4.56
C GLY D 153 37.30 -17.32 5.62
N VAL D 154 36.73 -16.16 5.35
CA VAL D 154 35.84 -15.53 6.31
C VAL D 154 34.56 -16.36 6.46
N SER D 155 34.05 -16.43 7.68
CA SER D 155 32.78 -17.08 7.95
C SER D 155 31.78 -16.11 8.59
N PHE D 157 30.37 -12.51 7.92
CA PHE D 157 30.29 -11.41 6.94
C PHE D 157 29.37 -10.29 7.40
N GLY D 158 28.30 -10.67 8.10
CA GLY D 158 27.31 -9.72 8.62
C GLY D 158 27.91 -8.43 9.13
N PRO D 159 28.83 -8.52 10.10
CA PRO D 159 29.40 -7.34 10.73
C PRO D 159 30.06 -6.38 9.74
N ALA D 160 30.58 -6.91 8.63
CA ALA D 160 31.20 -6.07 7.59
C ALA D 160 30.16 -5.25 6.83
N TYR D 161 29.08 -5.92 6.43
CA TYR D 161 27.90 -5.25 5.85
C TYR D 161 27.34 -4.24 6.83
N GLU D 162 27.21 -4.67 8.08
CA GLU D 162 26.64 -3.82 9.11
C GLU D 162 27.54 -2.60 9.27
N PHE D 163 28.85 -2.84 9.33
CA PHE D 163 29.82 -1.76 9.52
C PHE D 163 29.92 -0.79 8.35
N ALA D 164 29.71 -1.30 7.14
CA ALA D 164 29.80 -0.48 5.94
C ALA D 164 28.65 0.50 5.87
N LEU D 165 27.47 0.05 6.29
CA LEU D 165 26.25 0.85 6.17
C LEU D 165 26.13 1.89 7.29
N MET D 166 26.56 1.51 8.49
CA MET D 166 26.67 2.47 9.60
C MET D 166 27.63 3.59 9.26
N LEU D 167 28.76 3.24 8.67
CA LEU D 167 29.78 4.21 8.28
C LEU D 167 29.26 5.13 7.18
N HIS D 168 28.59 4.55 6.18
CA HIS D 168 27.89 5.35 5.17
C HIS D 168 26.93 6.32 5.85
N TYR D 169 26.11 5.79 6.76
CA TYR D 169 25.17 6.57 7.54
C TYR D 169 25.82 7.78 8.23
N GLU D 170 26.92 7.54 8.95
CA GLU D 170 27.67 8.56 9.67
C GLU D 170 28.27 9.64 8.78
N LEU D 171 28.88 9.24 7.66
CA LEU D 171 29.46 10.17 6.70
C LEU D 171 28.41 11.16 6.16
N LYS D 172 27.22 10.64 5.86
CA LYS D 172 26.06 11.46 5.49
C LYS D 172 25.67 12.41 6.60
N LYS D 173 25.58 11.89 7.84
CA LYS D 173 25.32 12.74 9.01
C LYS D 173 26.36 13.83 9.22
N ARG D 174 27.58 13.60 8.75
CA ARG D 174 28.63 14.64 8.76
C ARG D 174 28.70 15.36 7.43
N GLY D 175 27.84 14.96 6.49
CA GLY D 175 27.74 15.60 5.17
C GLY D 175 28.97 15.50 4.30
N ILE D 176 29.77 14.45 4.49
CA ILE D 176 31.03 14.33 3.74
C ILE D 176 31.21 13.01 3.00
N ARG D 177 30.13 12.23 2.92
CA ARG D 177 30.06 10.97 2.16
C ARG D 177 30.39 11.13 0.66
N TYR D 178 30.25 12.35 0.15
CA TYR D 178 30.52 12.62 -1.26
C TYR D 178 32.01 12.89 -1.52
N LYS D 179 32.82 12.83 -0.46
CA LYS D 179 34.28 12.90 -0.56
C LYS D 179 34.90 11.56 -0.17
N VAL D 180 34.06 10.58 0.14
CA VAL D 180 34.53 9.30 0.69
C VAL D 180 34.04 8.11 -0.14
N PRO D 181 34.79 7.74 -1.19
CA PRO D 181 34.43 6.53 -1.95
C PRO D 181 34.42 5.31 -1.06
N MET D 182 33.28 4.66 -0.95
CA MET D 182 33.19 3.42 -0.21
C MET D 182 33.20 2.27 -1.19
N THR D 183 34.04 1.28 -0.91
CA THR D 183 34.20 0.13 -1.78
C THR D 183 34.26 -1.12 -0.90
N PHE D 184 33.45 -2.12 -1.24
CA PHE D 184 33.24 -3.30 -0.41
C PHE D 184 33.74 -4.54 -1.13
N ILE D 185 34.78 -5.18 -0.61
CA ILE D 185 35.40 -6.28 -1.31
C ILE D 185 35.26 -7.58 -0.52
N THR D 186 34.50 -8.52 -1.08
CA THR D 186 34.20 -9.77 -0.39
C THR D 186 34.69 -10.99 -1.14
N SER D 187 34.96 -12.03 -0.35
CA SER D 187 35.31 -13.36 -0.85
C SER D 187 34.07 -14.20 -1.17
N GLU D 188 32.89 -13.64 -0.90
CA GLU D 188 31.63 -14.29 -1.22
C GLU D 188 31.47 -14.32 -2.73
N PRO D 189 30.95 -15.44 -3.27
CA PRO D 189 30.68 -15.51 -4.72
C PRO D 189 29.76 -14.38 -5.22
N TYR D 190 28.94 -13.85 -4.31
CA TYR D 190 28.07 -12.70 -4.58
C TYR D 190 27.65 -12.03 -3.28
N LEU D 191 27.31 -10.75 -3.35
CA LEU D 191 26.80 -10.03 -2.21
C LEU D 191 25.58 -10.73 -1.60
N GLY D 192 25.54 -10.81 -0.28
CA GLY D 192 24.41 -11.42 0.40
C GLY D 192 24.51 -12.93 0.58
N HIS D 193 25.66 -13.50 0.20
CA HIS D 193 25.91 -14.93 0.37
C HIS D 193 25.97 -15.31 1.84
N PHE D 194 26.64 -14.48 2.63
CA PHE D 194 26.80 -14.63 4.08
C PHE D 194 27.50 -15.93 4.52
N GLY D 195 27.94 -16.72 3.53
CA GLY D 195 28.53 -18.03 3.77
C GLY D 195 27.47 -19.10 4.00
N VAL D 196 26.23 -18.79 3.64
CA VAL D 196 25.11 -19.72 3.84
C VAL D 196 24.32 -19.95 2.55
N GLY D 197 24.90 -19.53 1.43
CA GLY D 197 24.25 -19.65 0.13
C GLY D 197 23.11 -18.66 -0.01
N GLY D 198 23.11 -17.65 0.84
CA GLY D 198 22.09 -16.62 0.80
C GLY D 198 20.88 -16.93 1.66
N ILE D 199 20.16 -15.90 2.04
CA ILE D 199 18.95 -16.04 2.82
C ILE D 199 17.86 -15.41 1.99
N GLY D 200 17.05 -16.25 1.35
CA GLY D 200 15.99 -15.78 0.47
C GLY D 200 16.59 -14.90 -0.61
N ALA D 201 15.92 -13.79 -0.91
CA ALA D 201 16.39 -12.87 -1.93
C ALA D 201 17.39 -11.88 -1.32
N SER D 202 18.37 -12.41 -0.57
CA SER D 202 19.38 -11.60 0.10
C SER D 202 20.33 -10.93 -0.89
N LYS D 203 20.66 -11.64 -1.97
CA LYS D 203 21.49 -11.10 -3.05
C LYS D 203 20.81 -9.88 -3.70
N ARG D 204 19.53 -10.04 -4.05
CA ARG D 204 18.77 -8.95 -4.65
C ARG D 204 18.65 -7.74 -3.71
N LEU D 205 18.30 -8.01 -2.46
CA LEU D 205 18.13 -6.98 -1.43
C LEU D 205 19.41 -6.19 -1.20
N VAL D 206 20.50 -6.88 -0.90
CA VAL D 206 21.79 -6.22 -0.62
C VAL D 206 22.40 -5.51 -1.82
N GLU D 207 22.35 -6.13 -3.00
CA GLU D 207 22.81 -5.45 -4.21
C GLU D 207 22.07 -4.14 -4.42
N ASP D 208 20.76 -4.14 -4.13
CA ASP D 208 19.94 -2.93 -4.23
C ASP D 208 20.31 -1.93 -3.15
N LEU D 209 20.51 -2.44 -1.95
CA LEU D 209 20.91 -1.63 -0.83
C LEU D 209 22.20 -0.86 -1.14
N PHE D 210 23.22 -1.57 -1.62
CA PHE D 210 24.51 -0.97 -1.95
C PHE D 210 24.45 -0.04 -3.14
N ALA D 211 23.57 -0.34 -4.08
CA ALA D 211 23.39 0.49 -5.27
C ALA D 211 22.76 1.83 -4.90
N GLU D 212 21.75 1.80 -4.04
CA GLU D 212 21.06 3.01 -3.60
C GLU D 212 21.92 3.91 -2.74
N ARG D 213 22.87 3.31 -2.01
CA ARG D 213 23.73 4.06 -1.11
C ARG D 213 25.13 4.30 -1.66
N ASN D 214 25.31 3.98 -2.95
CA ASN D 214 26.58 4.18 -3.65
C ASN D 214 27.81 3.51 -2.99
N ILE D 215 27.61 2.32 -2.43
CA ILE D 215 28.73 1.47 -2.06
C ILE D 215 29.10 0.67 -3.29
N ASP D 216 30.36 0.74 -3.71
CA ASP D 216 30.86 -0.11 -4.77
C ASP D 216 31.30 -1.45 -4.22
N TRP D 217 31.32 -2.46 -5.06
CA TRP D 217 31.63 -3.80 -4.61
C TRP D 217 32.22 -4.72 -5.68
N ILE D 218 33.18 -5.55 -5.25
CA ILE D 218 33.74 -6.60 -6.07
C ILE D 218 33.63 -7.88 -5.27
N ALA D 219 32.95 -8.86 -5.85
CA ALA D 219 32.75 -10.17 -5.22
C ALA D 219 33.62 -11.22 -5.89
N ASN D 220 33.66 -12.39 -5.28
CA ASN D 220 34.33 -13.57 -5.81
C ASN D 220 35.80 -13.32 -6.13
N VAL D 221 36.44 -12.57 -5.24
CA VAL D 221 37.85 -12.23 -5.36
C VAL D 221 38.54 -12.40 -4.02
N ALA D 222 39.86 -12.61 -4.06
CA ALA D 222 40.64 -12.90 -2.85
C ALA D 222 41.61 -11.77 -2.50
N VAL D 223 41.19 -10.92 -1.57
CA VAL D 223 42.02 -9.85 -1.01
C VAL D 223 43.38 -10.43 -0.55
N LYS D 224 44.47 -9.85 -1.06
CA LYS D 224 45.81 -10.40 -0.80
C LYS D 224 46.73 -9.53 0.04
N ALA D 225 46.58 -8.20 -0.05
CA ALA D 225 47.43 -7.27 0.71
C ALA D 225 46.68 -6.02 1.16
N ILE D 226 47.06 -5.49 2.33
CA ILE D 226 46.60 -4.19 2.81
C ILE D 226 47.81 -3.31 3.12
N GLU D 227 48.17 -2.45 2.17
CA GLU D 227 49.24 -1.46 2.34
C GLU D 227 48.66 -0.21 3.01
N PRO D 228 49.53 0.74 3.47
CA PRO D 228 48.99 1.98 4.07
C PRO D 228 48.04 2.74 3.13
N ASP D 229 48.27 2.63 1.83
CA ASP D 229 47.60 3.49 0.85
C ASP D 229 46.75 2.76 -0.19
N LYS D 230 46.59 1.44 -0.05
CA LYS D 230 45.75 0.66 -0.99
C LYS D 230 45.50 -0.79 -0.59
N VAL D 231 44.52 -1.41 -1.25
CA VAL D 231 44.19 -2.82 -1.06
C VAL D 231 44.44 -3.58 -2.35
N ILE D 232 45.09 -4.73 -2.25
CA ILE D 232 45.36 -5.57 -3.41
C ILE D 232 44.56 -6.88 -3.35
N TYR D 233 43.95 -7.25 -4.48
CA TYR D 233 43.19 -8.51 -4.58
C TYR D 233 43.44 -9.24 -5.90
N GLU D 234 43.10 -10.52 -5.93
CA GLU D 234 43.20 -11.36 -7.11
C GLU D 234 41.83 -11.93 -7.48
N ASP D 235 41.53 -12.03 -8.78
CA ASP D 235 40.31 -12.72 -9.22
C ASP D 235 40.61 -14.14 -9.75
N LEU D 236 39.57 -14.84 -10.20
CA LEU D 236 39.68 -16.27 -10.53
C LEU D 236 40.50 -16.63 -11.78
N ASN D 237 40.68 -15.66 -12.68
CA ASN D 237 41.45 -15.86 -13.90
C ASN D 237 42.94 -15.88 -13.63
N GLY D 238 43.33 -15.50 -12.41
CA GLY D 238 44.73 -15.28 -12.07
C GLY D 238 45.13 -13.86 -12.47
N ASN D 239 44.43 -12.89 -11.91
CA ASN D 239 44.69 -11.48 -12.15
C ASN D 239 44.79 -10.68 -10.86
N THR D 240 45.83 -9.86 -10.75
CA THR D 240 45.98 -8.93 -9.64
C THR D 240 45.43 -7.55 -9.98
N HIS D 241 44.84 -6.89 -8.98
CA HIS D 241 44.28 -5.53 -9.10
C HIS D 241 44.50 -4.78 -7.80
N GLU D 242 44.45 -3.45 -7.88
CA GLU D 242 44.48 -2.61 -6.68
C GLU D 242 43.39 -1.55 -6.68
N VAL D 243 43.05 -1.09 -5.47
CA VAL D 243 42.04 -0.06 -5.24
C VAL D 243 42.58 0.89 -4.15
N PRO D 244 42.59 2.20 -4.41
CA PRO D 244 43.05 3.16 -3.40
C PRO D 244 42.34 2.98 -2.04
N ALA D 245 43.06 3.22 -0.95
CA ALA D 245 42.50 3.08 0.40
C ALA D 245 43.17 3.97 1.45
N LYS D 246 42.40 4.93 1.97
CA LYS D 246 42.85 5.76 3.08
C LYS D 246 42.44 5.16 4.42
N PHE D 247 41.38 4.35 4.41
CA PHE D 247 40.90 3.64 5.57
C PHE D 247 40.34 2.28 5.15
N THR D 248 40.67 1.24 5.92
CA THR D 248 40.18 -0.11 5.67
C THR D 248 39.65 -0.73 6.94
N MET D 249 38.72 -1.67 6.76
CA MET D 249 38.19 -2.49 7.81
C MET D 249 37.93 -3.84 7.18
N PHE D 250 38.59 -4.87 7.73
CA PHE D 250 38.51 -6.21 7.16
C PHE D 250 38.32 -7.31 8.19
N MET D 251 37.43 -8.24 7.89
CA MET D 251 37.19 -9.39 8.72
C MET D 251 38.35 -10.36 8.57
N PRO D 252 39.04 -10.66 9.69
CA PRO D 252 40.00 -11.76 9.68
C PRO D 252 39.25 -13.07 9.51
N SER D 253 39.91 -14.09 8.96
CA SER D 253 39.35 -15.42 8.95
C SER D 253 39.42 -15.98 10.38
N PHE D 254 38.69 -17.07 10.63
CA PHE D 254 38.72 -17.72 11.95
C PHE D 254 39.47 -19.05 11.93
N GLN D 255 40.21 -19.34 13.01
CA GLN D 255 40.76 -20.68 13.19
C GLN D 255 40.61 -21.10 14.65
N GLY D 256 40.87 -22.39 14.93
CA GLY D 256 40.85 -22.90 16.29
C GLY D 256 42.05 -22.42 17.11
N PRO D 257 41.86 -22.26 18.43
CA PRO D 257 42.90 -21.71 19.31
C PRO D 257 43.97 -22.75 19.68
N GLU D 258 45.04 -22.32 20.35
CA GLU D 258 46.12 -23.23 20.71
C GLU D 258 45.74 -24.20 21.82
N VAL D 259 44.78 -23.82 22.65
CA VAL D 259 44.26 -24.71 23.70
C VAL D 259 43.54 -25.93 23.10
N VAL D 260 42.96 -25.75 21.91
CA VAL D 260 42.26 -26.83 21.20
C VAL D 260 43.21 -27.66 20.35
N ALA D 261 44.18 -26.99 19.72
CA ALA D 261 45.21 -27.64 18.89
C ALA D 261 45.96 -28.70 19.67
N SER D 262 46.24 -28.43 20.93
CA SER D 262 47.07 -29.31 21.74
C SER D 262 46.25 -30.41 22.44
N ALA D 263 45.09 -30.72 21.88
CA ALA D 263 44.23 -31.80 22.40
C ALA D 263 44.23 -33.05 21.52
N GLY D 264 45.17 -33.12 20.58
CA GLY D 264 45.23 -34.24 19.65
C GLY D 264 44.34 -33.98 18.44
N ASP D 265 44.55 -34.75 17.38
CA ASP D 265 43.84 -34.51 16.12
C ASP D 265 42.49 -35.23 15.98
N LYS D 266 42.00 -35.85 17.05
CA LYS D 266 40.60 -36.30 17.08
C LYS D 266 39.71 -35.33 17.84
N VAL D 267 40.30 -34.20 18.26
CA VAL D 267 39.58 -33.12 18.95
C VAL D 267 39.73 -31.82 18.16
N ALA D 268 40.92 -31.55 17.64
CA ALA D 268 41.14 -30.41 16.75
C ALA D 268 41.15 -30.86 15.30
N ASN D 269 40.33 -30.19 14.49
CA ASN D 269 40.26 -30.44 13.05
C ASN D 269 41.63 -30.15 12.44
N PRO D 270 42.18 -31.11 11.67
CA PRO D 270 43.49 -30.86 11.03
C PRO D 270 43.46 -29.64 10.10
N ALA D 271 42.42 -29.51 9.29
CA ALA D 271 42.31 -28.39 8.34
C ALA D 271 42.39 -27.02 9.02
N ASN D 272 41.43 -26.71 9.89
CA ASN D 272 41.28 -25.35 10.47
C ASN D 272 41.42 -25.21 11.99
N LYS D 273 41.66 -26.33 12.68
CA LYS D 273 41.96 -26.37 14.14
C LYS D 273 40.78 -26.12 15.10
N MET D 274 39.56 -26.17 14.55
CA MET D 274 38.33 -26.02 15.35
C MET D 274 37.87 -27.37 15.94
N VAL D 275 37.06 -27.30 17.00
CA VAL D 275 36.61 -28.50 17.73
C VAL D 275 35.75 -29.44 16.88
N ILE D 276 36.23 -30.65 16.65
CA ILE D 276 35.47 -31.67 15.94
C ILE D 276 34.26 -32.08 16.79
N VAL D 277 33.06 -31.92 16.22
CA VAL D 277 31.81 -32.28 16.90
C VAL D 277 30.88 -33.11 16.02
N ASN D 278 29.94 -33.83 16.64
CA ASN D 278 28.89 -34.54 15.91
C ASN D 278 27.58 -33.73 15.92
N ARG D 279 26.49 -34.28 15.40
CA ARG D 279 25.19 -33.59 15.40
C ARG D 279 24.77 -33.01 16.76
N CYS D 280 25.02 -33.76 17.82
CA CYS D 280 24.63 -33.39 19.16
C CYS D 280 25.68 -32.49 19.84
N PHE D 281 26.56 -31.96 19.01
CA PHE D 281 27.63 -31.04 19.43
C PHE D 281 28.52 -31.62 20.51
N GLN D 282 28.92 -32.86 20.25
CA GLN D 282 29.71 -33.68 21.13
C GLN D 282 30.87 -34.22 20.30
N ASN D 283 32.04 -34.32 20.89
CA ASN D 283 33.19 -34.96 20.22
C ASN D 283 32.94 -36.46 20.05
N PRO D 284 33.13 -36.98 18.81
CA PRO D 284 32.90 -38.39 18.53
C PRO D 284 33.69 -39.33 19.44
N THR D 285 35.02 -39.34 19.33
CA THR D 285 35.85 -40.31 20.08
C THR D 285 35.88 -40.08 21.61
N TYR D 286 35.71 -38.83 22.04
CA TYR D 286 35.68 -38.49 23.47
C TYR D 286 34.29 -38.01 23.93
N LYS D 287 33.46 -38.95 24.38
CA LYS D 287 32.05 -38.69 24.73
C LYS D 287 31.82 -37.48 25.66
N ASN D 288 32.82 -37.15 26.48
CA ASN D 288 32.65 -36.11 27.52
C ASN D 288 33.18 -34.71 27.15
N ILE D 289 33.49 -34.53 25.88
CA ILE D 289 33.91 -33.23 25.36
C ILE D 289 32.85 -32.69 24.40
N PHE D 290 32.33 -31.52 24.73
CA PHE D 290 31.35 -30.86 23.89
C PHE D 290 31.90 -29.50 23.45
N GLY D 291 31.44 -29.07 22.29
CA GLY D 291 31.82 -27.77 21.78
C GLY D 291 30.61 -26.93 21.48
N VAL D 292 30.67 -25.65 21.85
CA VAL D 292 29.60 -24.72 21.55
C VAL D 292 30.16 -23.36 21.20
N GLY D 293 29.78 -22.86 20.03
CA GLY D 293 30.09 -21.50 19.59
C GLY D 293 30.69 -21.49 18.21
N VAL D 294 31.40 -20.41 17.89
CA VAL D 294 32.15 -20.35 16.63
C VAL D 294 33.28 -21.38 16.56
N VAL D 295 33.86 -21.69 17.72
CA VAL D 295 35.00 -22.62 17.86
C VAL D 295 34.73 -24.05 17.35
N THR D 296 33.48 -24.41 17.15
CA THR D 296 33.09 -25.74 16.67
C THR D 296 33.27 -25.87 15.16
N ALA D 297 33.89 -26.95 14.72
CA ALA D 297 34.08 -27.20 13.29
C ALA D 297 32.78 -27.59 12.59
N ILE D 298 32.26 -26.69 11.75
CA ILE D 298 31.08 -27.01 10.93
C ILE D 298 31.42 -26.96 9.43
N PRO D 299 31.24 -28.10 8.72
CA PRO D 299 31.51 -28.16 7.27
C PRO D 299 30.89 -26.99 6.52
N PRO D 300 31.72 -26.18 5.84
CA PRO D 300 31.20 -25.06 5.05
C PRO D 300 29.97 -25.48 4.24
N ILE D 301 28.96 -24.61 4.22
CA ILE D 301 27.67 -24.90 3.58
C ILE D 301 27.82 -25.08 2.06
N GLU D 302 28.71 -24.30 1.48
CA GLU D 302 28.95 -24.31 0.05
C GLU D 302 30.45 -24.12 -0.18
N LYS D 303 31.03 -24.94 -1.06
CA LYS D 303 32.44 -24.77 -1.42
C LYS D 303 32.53 -23.68 -2.48
N THR D 304 32.72 -22.45 -2.02
CA THR D 304 32.76 -21.28 -2.89
C THR D 304 34.14 -21.13 -3.55
N PRO D 305 34.21 -20.55 -4.76
CA PRO D 305 35.50 -20.38 -5.46
C PRO D 305 36.59 -19.78 -4.56
N ILE D 306 36.30 -18.67 -3.90
CA ILE D 306 37.15 -18.18 -2.80
C ILE D 306 36.63 -18.82 -1.52
N PRO D 307 37.49 -19.59 -0.83
CA PRO D 307 37.09 -20.30 0.39
C PRO D 307 36.36 -19.39 1.37
N THR D 308 35.16 -19.78 1.77
CA THR D 308 34.39 -19.12 2.81
C THR D 308 33.74 -20.17 3.70
N GLY D 309 33.42 -19.77 4.92
CA GLY D 309 32.79 -20.68 5.88
C GLY D 309 31.39 -20.27 6.29
N VAL D 310 30.86 -20.97 7.27
CA VAL D 310 29.51 -20.74 7.77
C VAL D 310 29.57 -19.98 9.10
N PRO D 311 28.71 -18.96 9.26
CA PRO D 311 28.64 -18.20 10.50
C PRO D 311 27.99 -18.97 11.63
N LYS D 312 28.37 -18.64 12.88
CA LYS D 312 27.64 -19.10 14.05
C LYS D 312 27.08 -17.87 14.74
N THR D 313 25.79 -17.63 14.54
CA THR D 313 25.16 -16.45 15.10
C THR D 313 24.65 -16.73 16.52
N GLY D 314 24.28 -15.67 17.23
CA GLY D 314 23.77 -15.75 18.60
C GLY D 314 22.69 -16.78 18.87
N MET D 315 21.66 -16.84 18.02
CA MET D 315 20.57 -17.77 18.24
C MET D 315 20.99 -19.22 18.00
N MET D 316 21.90 -19.42 17.06
CA MET D 316 22.46 -20.73 16.74
C MET D 316 23.26 -21.26 17.91
N ILE D 317 23.97 -20.34 18.57
CA ILE D 317 24.85 -20.66 19.68
C ILE D 317 24.06 -20.96 20.96
N GLU D 318 23.04 -20.13 21.23
CA GLU D 318 22.07 -20.38 22.33
C GLU D 318 21.43 -21.79 22.26
N GLN D 319 21.08 -22.20 21.04
CA GLN D 319 20.56 -23.54 20.79
C GLN D 319 21.61 -24.63 21.00
N MET D 320 22.83 -24.41 20.50
CA MET D 320 23.92 -25.32 20.78
C MET D 320 24.01 -25.50 22.29
N ALA D 321 24.13 -24.39 23.00
CA ALA D 321 24.26 -24.38 24.45
C ALA D 321 23.16 -25.18 25.12
N MET D 322 21.93 -24.98 24.66
CA MET D 322 20.75 -25.74 25.14
C MET D 322 20.92 -27.23 24.90
N ALA D 323 21.26 -27.60 23.66
CA ALA D 323 21.43 -29.02 23.30
C ALA D 323 22.51 -29.69 24.13
N VAL D 324 23.59 -28.94 24.39
CA VAL D 324 24.72 -29.51 25.10
C VAL D 324 24.38 -29.65 26.59
N ALA D 325 23.85 -28.60 27.19
CA ALA D 325 23.45 -28.67 28.60
C ALA D 325 22.58 -29.90 28.85
N HIS D 326 21.58 -30.10 28.01
CA HIS D 326 20.66 -31.25 28.12
C HIS D 326 21.39 -32.56 27.89
N ASN D 327 22.31 -32.61 26.92
CA ASN D 327 23.08 -33.82 26.69
C ASN D 327 23.98 -34.22 27.86
N ILE D 328 24.62 -33.23 28.48
CA ILE D 328 25.43 -33.45 29.67
C ILE D 328 24.56 -33.97 30.82
N VAL D 329 23.49 -33.24 31.12
CA VAL D 329 22.54 -33.60 32.18
C VAL D 329 21.99 -35.02 32.01
N ASN D 330 21.51 -35.32 30.81
CA ASN D 330 21.02 -36.65 30.50
C ASN D 330 22.06 -37.75 30.67
N ASP D 331 23.31 -37.44 30.35
CA ASP D 331 24.41 -38.37 30.60
C ASP D 331 24.54 -38.65 32.09
N ILE D 332 24.52 -37.59 32.90
CA ILE D 332 24.61 -37.68 34.36
C ILE D 332 23.48 -38.56 34.92
N ARG D 333 22.27 -38.33 34.42
CA ARG D 333 21.11 -39.13 34.80
C ARG D 333 21.01 -40.45 34.02
N ASN D 334 22.10 -40.83 33.35
CA ASN D 334 22.07 -41.84 32.26
C ASN D 334 20.69 -42.05 31.65
N ASN D 335 20.30 -41.03 30.89
CA ASN D 335 19.11 -40.99 30.08
C ASN D 335 19.62 -41.06 28.64
N PRO D 336 19.18 -42.07 27.87
CA PRO D 336 19.82 -42.37 26.58
C PRO D 336 19.62 -41.27 25.53
N ASP D 337 18.55 -40.49 25.68
CA ASP D 337 18.15 -39.46 24.71
C ASP D 337 19.17 -38.35 24.58
N LYS D 338 19.56 -38.07 23.34
CA LYS D 338 20.44 -36.96 23.03
C LYS D 338 19.70 -35.90 22.20
N TYR D 339 20.04 -34.64 22.39
CA TYR D 339 19.43 -33.55 21.63
C TYR D 339 20.38 -32.95 20.62
N ALA D 340 19.82 -32.58 19.47
CA ALA D 340 20.54 -31.78 18.46
C ALA D 340 19.88 -30.42 18.34
N PRO D 341 20.68 -29.34 18.21
CA PRO D 341 20.09 -28.01 18.06
C PRO D 341 19.49 -27.81 16.67
N ARG D 342 18.45 -26.99 16.59
CA ARG D 342 17.77 -26.71 15.33
C ARG D 342 18.68 -25.99 14.34
N LEU D 343 19.51 -25.09 14.89
CA LEU D 343 20.41 -24.23 14.13
C LEU D 343 19.69 -23.22 13.23
N SER D 344 18.64 -22.63 13.79
CA SER D 344 17.91 -21.53 13.17
C SER D 344 18.52 -20.21 13.63
N ALA D 345 18.23 -19.11 12.92
CA ALA D 345 18.86 -17.82 13.23
C ALA D 345 18.05 -16.59 12.84
N ILE D 346 17.97 -15.64 13.78
CA ILE D 346 17.50 -14.29 13.52
C ILE D 346 18.72 -13.40 13.39
N CYS D 347 18.84 -12.69 12.29
CA CYS D 347 19.98 -11.80 12.15
C CYS D 347 19.56 -10.40 11.74
N ILE D 348 20.16 -9.42 12.41
CA ILE D 348 19.81 -8.04 12.20
C ILE D 348 21.07 -7.24 11.90
N ALA D 349 21.28 -7.00 10.62
CA ALA D 349 22.27 -6.04 10.22
C ALA D 349 21.67 -4.68 10.50
N ASP D 350 22.26 -3.95 11.45
CA ASP D 350 21.92 -2.55 11.69
C ASP D 350 22.63 -1.68 10.67
N PHE D 351 21.88 -0.77 10.05
CA PHE D 351 22.44 0.10 9.01
C PHE D 351 22.61 1.52 9.54
N GLY D 352 22.16 1.75 10.77
CA GLY D 352 22.18 3.08 11.38
C GLY D 352 20.78 3.49 11.78
N GLU D 353 20.11 4.22 10.90
CA GLU D 353 18.75 4.73 11.13
C GLU D 353 17.69 3.63 11.00
N ASP D 354 17.91 2.72 10.04
CA ASP D 354 17.07 1.53 9.89
C ASP D 354 17.94 0.26 9.88
N ALA D 355 17.31 -0.90 9.70
CA ALA D 355 18.04 -2.17 9.67
C ALA D 355 17.40 -3.21 8.78
N GLY D 356 18.13 -4.31 8.55
CA GLY D 356 17.62 -5.45 7.81
C GLY D 356 17.46 -6.64 8.72
N PHE D 357 16.34 -7.34 8.57
CA PHE D 357 15.98 -8.46 9.41
C PHE D 357 16.06 -9.73 8.58
N PHE D 358 16.84 -10.70 9.06
CA PHE D 358 16.95 -12.01 8.41
C PHE D 358 16.59 -13.13 9.38
N PHE D 359 15.80 -14.08 8.89
CA PHE D 359 15.46 -15.27 9.65
C PHE D 359 15.55 -16.50 8.75
N ALA D 360 16.49 -17.40 9.07
CA ALA D 360 16.63 -18.66 8.37
C ALA D 360 16.38 -19.84 9.30
N ASP D 361 15.41 -20.69 8.96
CA ASP D 361 15.07 -21.88 9.77
C ASP D 361 15.11 -23.19 9.00
N PRO D 362 16.21 -23.94 9.11
CA PRO D 362 17.50 -23.62 9.74
C PRO D 362 18.40 -22.79 8.83
N VAL D 363 19.52 -22.33 9.38
CA VAL D 363 20.54 -21.59 8.65
C VAL D 363 21.20 -22.49 7.61
N ILE D 364 21.40 -23.76 7.97
CA ILE D 364 21.95 -24.74 7.04
C ILE D 364 20.84 -25.42 6.25
N PRO D 365 20.85 -25.26 4.92
CA PRO D 365 19.86 -25.85 4.01
C PRO D 365 19.83 -27.37 4.05
N PRO D 366 18.71 -27.99 3.62
CA PRO D 366 17.48 -27.33 3.15
C PRO D 366 16.67 -26.66 4.28
N ARG D 367 16.00 -25.57 3.92
CA ARG D 367 15.26 -24.74 4.86
C ARG D 367 13.75 -24.94 4.81
N GLU D 368 13.15 -24.93 6.01
CA GLU D 368 11.72 -24.92 6.21
C GLU D 368 11.12 -23.59 5.76
N ARG D 369 11.66 -22.48 6.27
CA ARG D 369 11.20 -21.13 5.88
C ARG D 369 12.23 -20.06 6.20
N VAL D 370 12.16 -18.96 5.47
CA VAL D 370 13.01 -17.79 5.73
C VAL D 370 12.16 -16.52 5.80
N ILE D 371 12.72 -15.46 6.37
CA ILE D 371 12.10 -14.14 6.31
C ILE D 371 13.17 -13.09 6.03
N THR D 372 12.88 -12.20 5.07
CA THR D 372 13.79 -11.14 4.67
C THR D 372 13.05 -9.81 4.62
N LYS D 373 13.31 -8.96 5.61
CA LYS D 373 12.57 -7.70 5.77
C LYS D 373 13.47 -6.53 6.17
N MET D 374 13.01 -5.33 5.89
CA MET D 374 13.84 -4.14 6.13
C MET D 374 13.02 -2.95 6.63
N GLY D 375 13.57 -2.21 7.59
CA GLY D 375 12.93 -0.99 8.10
C GLY D 375 13.41 -0.52 9.45
N LYS D 376 13.01 0.69 9.81
CA LYS D 376 13.34 1.32 11.10
C LYS D 376 13.01 0.44 12.30
N TRP D 377 11.94 -0.34 12.19
CA TRP D 377 11.50 -1.23 13.28
C TRP D 377 12.59 -2.21 13.67
N ALA D 378 13.36 -2.66 12.68
CA ALA D 378 14.41 -3.62 12.91
C ALA D 378 15.57 -3.02 13.67
N HIS D 379 15.83 -1.73 13.45
CA HIS D 379 16.89 -1.03 14.17
C HIS D 379 16.57 -0.99 15.64
N TYR D 380 15.35 -0.58 15.98
CA TYR D 380 14.91 -0.52 17.38
C TYR D 380 14.85 -1.90 18.02
N PHE D 381 14.41 -2.89 17.26
CA PHE D 381 14.39 -4.25 17.75
C PHE D 381 15.78 -4.71 18.21
N LYS D 382 16.81 -4.30 17.47
CA LYS D 382 18.18 -4.69 17.78
C LYS D 382 18.66 -4.05 19.07
N THR D 383 18.48 -2.74 19.18
CA THR D 383 18.80 -2.01 20.41
C THR D 383 18.11 -2.66 21.59
N ALA D 384 16.82 -2.97 21.41
CA ALA D 384 16.01 -3.63 22.43
C ALA D 384 16.54 -5.01 22.85
N PHE D 385 16.89 -5.83 21.87
CA PHE D 385 17.39 -7.17 22.16
C PHE D 385 18.71 -7.13 22.93
N GLU D 386 19.51 -6.09 22.69
CA GLU D 386 20.75 -5.85 23.43
C GLU D 386 20.47 -5.65 24.93
N LYS D 387 19.56 -4.73 25.24
CA LYS D 387 19.12 -4.50 26.61
C LYS D 387 18.60 -5.80 27.25
N TYR D 388 17.80 -6.53 26.48
CA TYR D 388 17.29 -7.84 26.88
C TYR D 388 18.40 -8.86 27.20
N PHE D 389 19.31 -9.06 26.24
CA PHE D 389 20.35 -10.07 26.40
C PHE D 389 21.31 -9.78 27.57
N LEU D 390 21.75 -8.53 27.67
CA LEU D 390 22.57 -8.12 28.80
C LEU D 390 21.86 -8.39 30.16
N TRP D 391 20.56 -8.11 30.22
CA TRP D 391 19.75 -8.43 31.40
C TRP D 391 19.80 -9.92 31.73
N LYS D 392 19.56 -10.76 30.74
CA LYS D 392 19.64 -12.20 30.94
C LYS D 392 20.98 -12.58 31.57
N VAL D 393 22.07 -12.07 30.98
CA VAL D 393 23.42 -12.29 31.49
C VAL D 393 23.51 -11.84 32.94
N ARG D 394 23.06 -10.62 33.22
CA ARG D 394 23.04 -10.09 34.58
C ARG D 394 22.15 -10.89 35.55
N ASN D 395 21.20 -11.66 35.02
CA ASN D 395 20.26 -12.41 35.88
C ASN D 395 20.33 -13.94 35.90
N GLY D 396 21.31 -14.50 35.20
CA GLY D 396 21.58 -15.93 35.27
C GLY D 396 20.61 -16.86 34.56
N ASN D 397 19.73 -16.31 33.73
CA ASN D 397 18.79 -17.10 32.94
C ASN D 397 18.89 -16.76 31.45
N ILE D 398 19.63 -17.56 30.69
CA ILE D 398 19.79 -17.27 29.26
C ILE D 398 18.60 -17.76 28.42
N ALA D 399 17.86 -18.73 28.95
CA ALA D 399 16.68 -19.21 28.26
C ALA D 399 15.43 -19.19 29.13
N PRO D 400 14.93 -17.99 29.49
CA PRO D 400 13.69 -17.94 30.27
C PRO D 400 12.52 -18.55 29.49
N SER D 401 11.63 -19.26 30.19
CA SER D 401 10.55 -20.03 29.57
C SER D 401 9.72 -19.24 28.56
N PHE D 402 9.45 -17.97 28.86
CA PHE D 402 8.56 -17.17 27.99
C PHE D 402 9.18 -16.88 26.63
N GLU D 403 10.50 -16.72 26.59
CA GLU D 403 11.22 -16.43 25.35
C GLU D 403 11.06 -17.57 24.35
N GLU D 404 11.03 -18.79 24.86
CA GLU D 404 10.92 -19.96 24.02
C GLU D 404 9.54 -20.03 23.36
N LYS D 405 8.49 -19.82 24.15
CA LYS D 405 7.10 -19.80 23.66
C LYS D 405 6.86 -18.68 22.67
N VAL D 406 7.36 -17.49 22.99
CA VAL D 406 7.23 -16.31 22.15
C VAL D 406 7.73 -16.57 20.73
N LEU D 407 8.96 -17.08 20.61
CA LEU D 407 9.53 -17.46 19.31
C LEU D 407 8.74 -18.57 18.64
N GLU D 408 8.21 -19.50 19.42
CA GLU D 408 7.36 -20.55 18.87
C GLU D 408 6.09 -19.94 18.25
N ILE D 409 5.51 -18.96 18.95
CA ILE D 409 4.30 -18.24 18.52
C ILE D 409 4.57 -17.42 17.26
N PHE D 410 5.63 -16.63 17.28
CA PHE D 410 5.88 -15.72 16.18
C PHE D 410 6.51 -16.39 14.97
N LEU D 411 7.44 -17.32 15.21
CA LEU D 411 8.27 -17.86 14.12
C LEU D 411 8.24 -19.39 13.95
N LYS D 412 7.47 -20.08 14.78
CA LYS D 412 7.44 -21.55 14.80
C LYS D 412 8.82 -22.19 14.97
N VAL D 413 9.54 -21.71 15.97
CA VAL D 413 10.87 -22.22 16.29
C VAL D 413 10.82 -23.08 17.55
N HIS D 414 11.20 -24.35 17.40
CA HIS D 414 11.61 -25.17 18.53
C HIS D 414 13.14 -25.24 18.46
N PRO D 415 13.83 -24.84 19.54
CA PRO D 415 15.27 -24.61 19.51
C PRO D 415 16.15 -25.86 19.43
N ILE D 416 15.72 -26.95 20.06
CA ILE D 416 16.46 -28.22 20.03
C ILE D 416 15.49 -29.33 19.65
N GLU D 417 16.02 -30.39 19.06
CA GLU D 417 15.22 -31.55 18.63
C GLU D 417 15.79 -32.82 19.23
N LEU D 418 14.91 -33.77 19.54
CA LEU D 418 15.34 -35.12 19.90
C LEU D 418 16.15 -35.69 18.76
N CYS D 419 17.30 -36.27 19.10
CA CYS D 419 18.16 -36.88 18.09
C CYS D 419 18.22 -38.39 18.27
N LYS D 420 17.94 -39.10 17.18
CA LYS D 420 17.87 -40.56 17.20
C LYS D 420 19.28 -41.17 17.12
N ASP D 421 20.20 -40.43 16.49
CA ASP D 421 21.56 -40.88 16.24
C ASP D 421 22.44 -39.66 15.97
N CYS D 422 23.50 -39.50 16.77
CA CYS D 422 24.38 -38.35 16.64
C CYS D 422 25.54 -38.52 15.64
N GLU D 423 25.75 -39.75 15.16
CA GLU D 423 26.84 -40.02 14.20
C GLU D 423 26.71 -39.26 12.87
N GLY D 424 27.43 -38.15 12.76
CA GLY D 424 27.40 -37.32 11.55
C GLY D 424 27.92 -35.91 11.78
N ALA D 425 27.99 -35.14 10.69
CA ALA D 425 28.42 -33.74 10.76
C ALA D 425 27.34 -32.86 11.39
N PRO D 426 27.74 -31.91 12.25
CA PRO D 426 26.75 -30.99 12.81
C PRO D 426 26.01 -30.22 11.73
N GLY D 427 24.73 -29.97 11.96
CA GLY D 427 23.89 -29.31 10.96
C GLY D 427 23.18 -30.26 10.03
N SER D 428 23.58 -31.54 10.05
CA SER D 428 22.90 -32.58 9.28
C SER D 428 21.77 -33.26 10.10
N ARG D 429 20.88 -33.93 9.39
CA ARG D 429 19.55 -34.25 9.93
C ARG D 429 19.49 -35.60 10.65
N CYS D 430 19.04 -35.58 11.91
CA CYS D 430 18.93 -36.82 12.73
C CYS D 430 17.92 -37.76 12.10
N ALA E 2 -47.92 -36.79 -15.97
CA ALA E 2 -47.14 -35.52 -15.90
C ALA E 2 -47.89 -34.48 -15.08
N LYS E 3 -47.18 -33.89 -14.13
CA LYS E 3 -47.71 -32.79 -13.34
C LYS E 3 -47.49 -31.50 -14.12
N HIS E 4 -48.33 -30.52 -13.87
CA HIS E 4 -48.28 -29.29 -14.66
C HIS E 4 -48.01 -28.10 -13.75
N VAL E 5 -46.83 -27.51 -13.91
CA VAL E 5 -46.45 -26.32 -13.15
C VAL E 5 -46.69 -25.07 -14.01
N VAL E 6 -47.37 -24.10 -13.41
CA VAL E 6 -47.64 -22.83 -14.07
C VAL E 6 -46.87 -21.71 -13.38
N VAL E 7 -46.09 -20.99 -14.18
CA VAL E 7 -45.36 -19.83 -13.71
C VAL E 7 -46.01 -18.59 -14.30
N ILE E 8 -46.40 -17.67 -13.43
CA ILE E 8 -46.80 -16.36 -13.88
C ILE E 8 -45.61 -15.45 -13.68
N GLY E 9 -45.09 -14.90 -14.78
CA GLY E 9 -43.92 -14.01 -14.74
C GLY E 9 -42.73 -14.42 -15.61
N GLY E 10 -42.47 -13.61 -16.65
CA GLY E 10 -41.36 -13.84 -17.57
C GLY E 10 -40.10 -13.09 -17.18
N GLY E 11 -40.03 -12.67 -15.92
CA GLY E 11 -38.84 -11.98 -15.41
C GLY E 11 -37.85 -12.89 -14.70
N VAL E 12 -36.99 -12.29 -13.89
CA VAL E 12 -35.91 -13.03 -13.25
C VAL E 12 -36.46 -14.18 -12.40
N GLY E 13 -37.51 -13.89 -11.64
CA GLY E 13 -38.12 -14.89 -10.77
C GLY E 13 -38.73 -16.04 -11.55
N GLY E 14 -39.60 -15.70 -12.48
CA GLY E 14 -40.32 -16.70 -13.26
C GLY E 14 -39.39 -17.59 -14.06
N ILE E 15 -38.54 -16.96 -14.88
CA ILE E 15 -37.60 -17.67 -15.75
C ILE E 15 -36.74 -18.64 -14.93
N ALA E 16 -36.19 -18.16 -13.82
CA ALA E 16 -35.26 -18.95 -13.03
C ALA E 16 -35.94 -20.13 -12.33
N THR E 17 -37.23 -19.99 -12.04
CA THR E 17 -37.99 -21.09 -11.45
C THR E 17 -38.29 -22.12 -12.52
N ALA E 18 -38.77 -21.63 -13.66
CA ALA E 18 -39.14 -22.47 -14.80
C ALA E 18 -37.95 -23.27 -15.32
N TYR E 19 -36.82 -22.60 -15.50
CA TYR E 19 -35.60 -23.25 -16.00
C TYR E 19 -35.09 -24.29 -15.03
N ASN E 20 -34.93 -23.86 -13.78
CA ASN E 20 -34.64 -24.75 -12.69
C ASN E 20 -35.49 -26.02 -12.62
N LEU E 21 -36.81 -25.88 -12.77
CA LEU E 21 -37.70 -27.04 -12.76
C LEU E 21 -37.40 -27.94 -13.96
N ARG E 22 -37.21 -27.33 -15.12
CA ARG E 22 -36.87 -28.05 -16.33
C ARG E 22 -35.62 -28.89 -16.13
N ASN E 23 -34.59 -28.33 -15.49
CA ASN E 23 -33.35 -29.07 -15.31
C ASN E 23 -33.41 -30.18 -14.26
N LEU E 24 -34.38 -30.10 -13.37
CA LEU E 24 -34.54 -31.09 -12.30
C LEU E 24 -35.49 -32.20 -12.73
N MET E 25 -36.28 -31.93 -13.76
CA MET E 25 -37.32 -32.84 -14.19
C MET E 25 -37.66 -32.60 -15.66
N PRO E 26 -36.91 -33.21 -16.59
CA PRO E 26 -37.17 -33.00 -18.03
C PRO E 26 -38.60 -33.35 -18.46
N ASP E 27 -39.26 -34.23 -17.72
CA ASP E 27 -40.60 -34.75 -18.11
C ASP E 27 -41.77 -33.94 -17.52
N LEU E 28 -41.43 -32.98 -16.67
CA LEU E 28 -42.39 -32.09 -16.05
C LEU E 28 -42.95 -31.15 -17.11
N LYS E 29 -44.25 -30.92 -17.09
CA LYS E 29 -44.85 -29.92 -17.98
C LYS E 29 -44.76 -28.55 -17.33
N ILE E 30 -44.36 -27.54 -18.11
CA ILE E 30 -44.15 -26.20 -17.58
C ILE E 30 -44.76 -25.15 -18.51
N THR E 31 -45.61 -24.28 -17.95
CA THR E 31 -46.19 -23.20 -18.73
C THR E 31 -45.93 -21.83 -18.10
N LEU E 32 -45.40 -20.92 -18.90
CA LEU E 32 -45.07 -19.59 -18.42
C LEU E 32 -46.03 -18.56 -18.98
N ILE E 33 -46.78 -17.93 -18.08
CA ILE E 33 -47.70 -16.88 -18.46
C ILE E 33 -46.99 -15.55 -18.23
N SER E 34 -46.88 -14.74 -19.29
CA SER E 34 -46.29 -13.41 -19.18
C SER E 34 -46.99 -12.44 -20.12
N ASP E 35 -47.18 -11.20 -19.66
CA ASP E 35 -47.83 -10.19 -20.49
C ASP E 35 -46.86 -9.55 -21.47
N ARG E 36 -45.61 -9.38 -21.03
CA ARG E 36 -44.55 -8.87 -21.89
C ARG E 36 -43.95 -10.04 -22.68
N PRO E 37 -43.70 -9.84 -23.99
CA PRO E 37 -43.16 -10.88 -24.90
C PRO E 37 -41.65 -11.17 -24.73
N TYR E 38 -41.00 -10.47 -23.82
CA TYR E 38 -39.55 -10.55 -23.66
C TYR E 38 -39.14 -10.56 -22.19
N PHE E 39 -38.01 -11.18 -21.89
CA PHE E 39 -37.36 -11.00 -20.60
C PHE E 39 -36.53 -9.71 -20.61
N GLY E 40 -36.72 -8.85 -19.61
CA GLY E 40 -35.92 -7.63 -19.51
C GLY E 40 -34.84 -7.82 -18.46
N PHE E 41 -33.59 -7.51 -18.78
CA PHE E 41 -32.52 -7.56 -17.80
C PHE E 41 -32.53 -6.29 -16.93
N THR E 42 -33.38 -6.32 -15.90
CA THR E 42 -33.68 -5.16 -15.05
C THR E 42 -32.45 -4.39 -14.58
N PRO E 43 -31.40 -5.10 -14.10
CA PRO E 43 -30.21 -4.38 -13.62
C PRO E 43 -29.59 -3.40 -14.60
N ALA E 44 -29.86 -3.58 -15.88
CA ALA E 44 -29.33 -2.67 -16.89
C ALA E 44 -30.32 -1.58 -17.34
N PHE E 45 -31.36 -1.33 -16.55
CA PHE E 45 -32.30 -0.26 -16.90
C PHE E 45 -31.76 1.14 -16.62
N PRO E 46 -31.09 1.34 -15.46
CA PRO E 46 -30.48 2.66 -15.29
C PRO E 46 -29.55 3.06 -16.45
N HIS E 47 -28.81 2.09 -17.01
CA HIS E 47 -27.90 2.35 -18.13
C HIS E 47 -28.70 2.70 -19.39
N LEU E 48 -29.83 2.00 -19.58
CA LEU E 48 -30.75 2.28 -20.67
C LEU E 48 -31.28 3.71 -20.57
N ALA E 49 -31.67 4.13 -19.36
CA ALA E 49 -32.11 5.50 -19.14
C ALA E 49 -30.99 6.52 -19.42
N MET E 50 -29.76 6.16 -19.05
CA MET E 50 -28.59 7.00 -19.37
C MET E 50 -28.25 6.98 -20.87
N GLY E 51 -28.81 6.01 -21.60
CA GLY E 51 -28.59 5.88 -23.03
C GLY E 51 -27.34 5.07 -23.37
N TRP E 52 -26.86 4.27 -22.42
CA TRP E 52 -25.67 3.46 -22.65
C TRP E 52 -26.01 2.03 -23.05
N ARG E 53 -27.29 1.76 -23.28
CA ARG E 53 -27.72 0.47 -23.77
C ARG E 53 -28.81 0.65 -24.80
N LYS E 54 -28.84 -0.28 -25.74
CA LYS E 54 -29.93 -0.39 -26.68
C LYS E 54 -30.80 -1.56 -26.19
N PHE E 55 -32.10 -1.33 -26.18
CA PHE E 55 -33.08 -2.27 -25.66
C PHE E 55 -32.87 -3.71 -26.12
N GLU E 56 -32.47 -3.88 -27.39
CA GLU E 56 -32.28 -5.20 -27.99
CA GLU E 56 -32.26 -5.20 -28.01
C GLU E 56 -31.14 -6.02 -27.34
N ASP E 57 -30.14 -5.32 -26.81
CA ASP E 57 -29.00 -5.94 -26.13
C ASP E 57 -29.33 -6.42 -24.72
N ILE E 58 -30.30 -5.79 -24.08
CA ILE E 58 -30.62 -6.12 -22.68
C ILE E 58 -31.96 -6.81 -22.53
N SER E 59 -32.35 -7.60 -23.53
CA SER E 59 -33.62 -8.34 -23.52
C SER E 59 -33.63 -9.51 -24.47
N VAL E 60 -34.48 -10.49 -24.18
CA VAL E 60 -34.56 -11.71 -24.96
C VAL E 60 -36.01 -11.97 -25.38
N PRO E 61 -36.27 -12.09 -26.69
CA PRO E 61 -37.57 -12.56 -27.14
C PRO E 61 -37.84 -13.95 -26.57
N LEU E 62 -38.96 -14.10 -25.88
CA LEU E 62 -39.28 -15.36 -25.22
C LEU E 62 -40.03 -16.34 -26.12
N ALA E 63 -40.90 -15.82 -26.99
CA ALA E 63 -41.73 -16.65 -27.85
C ALA E 63 -40.93 -17.69 -28.67
N PRO E 64 -39.83 -17.28 -29.34
CA PRO E 64 -39.03 -18.30 -30.02
C PRO E 64 -38.17 -19.16 -29.08
N LEU E 65 -37.77 -18.59 -27.94
CA LEU E 65 -36.80 -19.21 -27.02
C LEU E 65 -37.34 -20.35 -26.13
N LEU E 66 -38.36 -20.06 -25.34
CA LEU E 66 -38.94 -21.03 -24.39
C LEU E 66 -39.33 -22.40 -24.99
N PRO E 67 -39.90 -22.44 -26.21
CA PRO E 67 -40.18 -23.79 -26.74
C PRO E 67 -38.93 -24.68 -26.88
N LYS E 68 -37.75 -24.05 -26.98
CA LYS E 68 -36.50 -24.80 -27.10
C LYS E 68 -36.14 -25.57 -25.82
N PHE E 69 -36.74 -25.20 -24.69
CA PHE E 69 -36.56 -25.96 -23.45
C PHE E 69 -37.87 -26.62 -22.98
N ASN E 70 -38.76 -26.92 -23.93
CA ASN E 70 -40.10 -27.49 -23.67
C ASN E 70 -40.90 -26.70 -22.65
N ILE E 71 -40.83 -25.38 -22.77
CA ILE E 71 -41.60 -24.50 -21.95
C ILE E 71 -42.62 -23.79 -22.85
N GLU E 72 -43.89 -24.03 -22.54
CA GLU E 72 -45.00 -23.44 -23.27
C GLU E 72 -45.16 -22.00 -22.79
N PHE E 73 -45.02 -21.06 -23.71
CA PHE E 73 -45.09 -19.63 -23.40
C PHE E 73 -46.39 -19.05 -23.92
N ILE E 74 -47.19 -18.50 -23.00
CA ILE E 74 -48.40 -17.80 -23.41
C ILE E 74 -48.26 -16.31 -23.07
N ASN E 75 -48.32 -15.49 -24.12
CA ASN E 75 -48.11 -14.05 -24.05
C ASN E 75 -49.40 -13.30 -23.75
N GLU E 76 -49.88 -13.48 -22.52
CA GLU E 76 -51.06 -12.76 -22.01
C GLU E 76 -50.93 -12.53 -20.53
N LYS E 77 -51.68 -11.54 -20.04
CA LYS E 77 -51.64 -11.16 -18.63
C LYS E 77 -52.56 -12.05 -17.82
N ALA E 78 -51.97 -12.75 -16.85
CA ALA E 78 -52.73 -13.51 -15.88
C ALA E 78 -53.66 -12.54 -15.14
N GLU E 79 -54.95 -12.85 -15.13
CA GLU E 79 -55.94 -11.92 -14.64
C GLU E 79 -56.47 -12.26 -13.24
N SER E 80 -56.85 -13.52 -13.05
CA SER E 80 -57.36 -14.02 -11.77
C SER E 80 -56.80 -15.40 -11.39
N ILE E 81 -56.70 -15.67 -10.09
CA ILE E 81 -56.30 -16.98 -9.61
C ILE E 81 -57.38 -17.55 -8.69
N ASP E 82 -57.87 -18.74 -9.05
CA ASP E 82 -58.87 -19.45 -8.26
C ASP E 82 -58.19 -20.66 -7.62
N PRO E 83 -57.71 -20.50 -6.37
CA PRO E 83 -56.90 -21.52 -5.71
C PRO E 83 -57.70 -22.76 -5.34
N ASP E 84 -59.02 -22.61 -5.27
CA ASP E 84 -59.93 -23.71 -4.94
C ASP E 84 -60.22 -24.60 -6.15
N ALA E 85 -59.95 -24.07 -7.35
CA ALA E 85 -60.14 -24.81 -8.60
C ALA E 85 -58.80 -25.14 -9.27
N ASN E 86 -57.70 -24.67 -8.67
CA ASN E 86 -56.35 -24.81 -9.21
C ASN E 86 -56.18 -24.29 -10.64
N THR E 87 -56.59 -23.04 -10.84
CA THR E 87 -56.62 -22.43 -12.18
C THR E 87 -56.09 -21.00 -12.21
N VAL E 88 -55.89 -20.51 -13.42
CA VAL E 88 -55.47 -19.14 -13.71
C VAL E 88 -56.22 -18.74 -14.97
N THR E 89 -56.90 -17.59 -14.94
CA THR E 89 -57.60 -17.11 -16.14
C THR E 89 -56.91 -15.91 -16.75
N THR E 90 -56.75 -15.91 -18.08
CA THR E 90 -56.05 -14.82 -18.78
C THR E 90 -56.98 -13.74 -19.35
N GLN E 91 -56.39 -12.62 -19.74
CA GLN E 91 -57.14 -11.43 -20.21
C GLN E 91 -58.09 -11.74 -21.38
N SER E 92 -57.79 -12.78 -22.15
CA SER E 92 -58.70 -13.21 -23.22
C SER E 92 -59.86 -14.04 -22.65
N GLY E 93 -59.58 -14.80 -21.59
CA GLY E 93 -60.58 -15.65 -20.94
C GLY E 93 -60.17 -17.11 -20.82
N LYS E 94 -58.92 -17.41 -21.17
CA LYS E 94 -58.41 -18.78 -21.17
C LYS E 94 -58.07 -19.30 -19.76
N LYS E 95 -58.81 -20.33 -19.32
CA LYS E 95 -58.59 -20.97 -18.02
C LYS E 95 -57.49 -22.01 -18.12
N ILE E 96 -56.42 -21.81 -17.36
CA ILE E 96 -55.33 -22.79 -17.30
C ILE E 96 -55.31 -23.47 -15.93
N GLU E 97 -55.37 -24.80 -15.94
CA GLU E 97 -55.20 -25.60 -14.73
C GLU E 97 -53.72 -25.73 -14.36
N TYR E 98 -53.48 -26.05 -13.08
CA TYR E 98 -52.13 -26.29 -12.59
C TYR E 98 -52.14 -27.28 -11.44
N ASP E 99 -51.08 -28.08 -11.32
CA ASP E 99 -50.85 -28.88 -10.13
C ASP E 99 -50.02 -28.13 -9.09
N TYR E 100 -49.17 -27.22 -9.58
CA TYR E 100 -48.42 -26.30 -8.73
C TYR E 100 -48.42 -24.95 -9.43
N LEU E 101 -48.46 -23.86 -8.65
CA LEU E 101 -48.44 -22.50 -9.20
C LEU E 101 -47.29 -21.68 -8.64
N VAL E 102 -46.64 -20.91 -9.53
CA VAL E 102 -45.56 -20.02 -9.11
C VAL E 102 -45.85 -18.59 -9.53
N ILE E 103 -46.07 -17.73 -8.53
CA ILE E 103 -46.38 -16.34 -8.78
C ILE E 103 -45.10 -15.53 -8.75
N ALA E 104 -44.75 -14.95 -9.89
CA ALA E 104 -43.53 -14.17 -10.01
C ALA E 104 -43.75 -12.95 -10.90
N THR E 105 -44.79 -12.17 -10.58
CA THR E 105 -45.21 -11.04 -11.40
C THR E 105 -44.34 -9.79 -11.18
N GLY E 106 -43.48 -9.85 -10.17
CA GLY E 106 -42.64 -8.70 -9.85
C GLY E 106 -43.49 -7.59 -9.26
N PRO E 107 -42.95 -6.35 -9.26
CA PRO E 107 -43.62 -5.22 -8.60
C PRO E 107 -44.71 -4.56 -9.46
N LYS E 108 -45.80 -4.14 -8.81
CA LYS E 108 -46.76 -3.20 -9.42
C LYS E 108 -46.46 -1.82 -8.83
N LEU E 109 -45.93 -0.94 -9.68
CA LEU E 109 -45.43 0.37 -9.26
C LEU E 109 -46.54 1.30 -8.77
N VAL E 110 -46.27 1.94 -7.64
CA VAL E 110 -47.20 2.90 -7.04
C VAL E 110 -46.52 4.26 -6.88
N PHE E 111 -46.99 5.25 -7.63
CA PHE E 111 -46.40 6.59 -7.62
C PHE E 111 -47.11 7.46 -6.59
N GLY E 112 -46.89 7.10 -5.31
CA GLY E 112 -47.52 7.75 -4.16
C GLY E 112 -47.56 9.26 -4.11
N ALA E 113 -46.44 9.91 -4.41
CA ALA E 113 -46.37 11.38 -4.36
C ALA E 113 -47.27 12.04 -5.40
N GLU E 114 -47.81 13.21 -5.06
CA GLU E 114 -48.65 13.94 -5.98
CA GLU E 114 -48.66 13.98 -5.97
C GLU E 114 -47.83 14.52 -7.13
N GLY E 115 -48.28 14.25 -8.35
CA GLY E 115 -47.61 14.73 -9.55
C GLY E 115 -46.47 13.84 -9.99
N GLN E 116 -46.17 12.82 -9.18
CA GLN E 116 -45.04 11.95 -9.45
C GLN E 116 -45.14 11.26 -10.80
N GLU E 117 -46.32 10.71 -11.12
CA GLU E 117 -46.45 9.93 -12.35
C GLU E 117 -46.35 10.79 -13.62
N GLU E 118 -46.87 12.01 -13.57
CA GLU E 118 -46.86 12.88 -14.75
C GLU E 118 -45.69 13.86 -14.83
N ASN E 119 -45.06 14.16 -13.68
CA ASN E 119 -43.98 15.16 -13.60
C ASN E 119 -42.56 14.62 -13.41
N SER E 120 -42.43 13.57 -12.61
CA SER E 120 -41.15 12.92 -12.39
C SER E 120 -40.85 11.94 -13.52
N THR E 121 -39.83 11.12 -13.36
CA THR E 121 -39.57 10.02 -14.26
C THR E 121 -39.05 8.84 -13.44
N SER E 122 -39.26 7.62 -13.93
CA SER E 122 -38.76 6.43 -13.26
C SER E 122 -37.95 5.57 -14.22
N ILE E 123 -37.22 4.60 -13.68
CA ILE E 123 -36.33 3.77 -14.49
C ILE E 123 -36.65 2.28 -14.28
N CYS E 124 -37.85 2.00 -13.80
CA CYS E 124 -38.20 0.66 -13.31
C CYS E 124 -38.61 -0.30 -14.41
N THR E 125 -39.22 0.21 -15.47
CA THR E 125 -39.49 -0.59 -16.66
C THR E 125 -38.71 -0.04 -17.84
N ALA E 126 -38.62 -0.82 -18.91
CA ALA E 126 -37.90 -0.37 -20.10
C ALA E 126 -38.57 0.85 -20.74
N GLU E 127 -39.90 0.86 -20.79
CA GLU E 127 -40.64 1.99 -21.40
C GLU E 127 -40.37 3.24 -20.61
N HIS E 128 -40.48 3.14 -19.28
CA HIS E 128 -40.18 4.27 -18.41
C HIS E 128 -38.75 4.78 -18.59
N ALA E 129 -37.80 3.84 -18.72
CA ALA E 129 -36.38 4.17 -18.88
C ALA E 129 -36.09 4.87 -20.19
N LEU E 130 -36.75 4.44 -21.26
CA LEU E 130 -36.59 5.06 -22.57
C LEU E 130 -37.19 6.47 -22.58
N GLU E 131 -38.26 6.62 -21.81
CA GLU E 131 -38.93 7.89 -21.60
C GLU E 131 -38.03 8.86 -20.82
N THR E 132 -37.26 8.33 -19.86
CA THR E 132 -36.34 9.14 -19.05
C THR E 132 -35.17 9.68 -19.88
N GLN E 133 -34.63 8.84 -20.76
CA GLN E 133 -33.61 9.25 -21.69
C GLN E 133 -34.02 10.54 -22.37
N LYS E 134 -35.26 10.57 -22.89
CA LYS E 134 -35.81 11.75 -23.58
C LYS E 134 -35.76 13.00 -22.72
N LYS E 135 -36.16 12.87 -21.46
CA LYS E 135 -36.11 14.02 -20.54
C LYS E 135 -34.67 14.40 -20.14
N LEU E 136 -33.77 13.41 -20.11
CA LEU E 136 -32.35 13.69 -19.85
C LEU E 136 -31.72 14.52 -20.96
N GLN E 137 -32.19 14.31 -22.19
CA GLN E 137 -31.85 15.18 -23.30
C GLN E 137 -32.27 16.62 -23.03
N GLU E 138 -33.52 16.78 -22.57
CA GLU E 138 -34.09 18.06 -22.17
C GLU E 138 -33.22 18.79 -21.14
N LEU E 139 -32.59 18.03 -20.24
CA LEU E 139 -31.69 18.62 -19.23
C LEU E 139 -30.32 19.04 -19.79
N TYR E 140 -29.68 18.14 -20.54
CA TYR E 140 -28.33 18.41 -21.09
C TYR E 140 -28.27 19.75 -21.86
N ALA E 141 -29.36 20.08 -22.55
CA ALA E 141 -29.46 21.34 -23.28
C ALA E 141 -29.84 22.52 -22.37
N ASN E 142 -30.62 22.24 -21.33
CA ASN E 142 -31.04 23.26 -20.36
C ASN E 142 -30.65 22.88 -18.94
N PRO E 143 -29.44 23.28 -18.51
CA PRO E 143 -28.95 22.94 -17.18
C PRO E 143 -29.79 23.57 -16.06
N GLY E 144 -30.25 22.73 -15.13
CA GLY E 144 -31.01 23.17 -13.96
C GLY E 144 -30.88 22.16 -12.82
N PRO E 145 -31.62 22.38 -11.73
CA PRO E 145 -31.45 21.54 -10.55
C PRO E 145 -32.00 20.14 -10.78
N VAL E 146 -31.18 19.12 -10.53
CA VAL E 146 -31.66 17.74 -10.53
C VAL E 146 -31.91 17.32 -9.09
N VAL E 147 -33.06 16.67 -8.84
CA VAL E 147 -33.29 15.97 -7.58
C VAL E 147 -33.80 14.55 -7.80
N ILE E 148 -33.33 13.64 -6.97
CA ILE E 148 -33.44 12.21 -7.21
C ILE E 148 -33.65 11.57 -5.85
N GLY E 149 -34.45 10.51 -5.79
CA GLY E 149 -34.59 9.75 -4.55
C GLY E 149 -35.66 8.69 -4.49
N ALA E 150 -36.18 8.47 -3.29
CA ALA E 150 -37.21 7.47 -3.05
C ALA E 150 -38.35 8.07 -2.24
N ILE E 151 -39.60 7.82 -2.65
CA ILE E 151 -40.77 8.27 -1.89
C ILE E 151 -40.95 7.36 -0.65
N PRO E 152 -41.94 7.66 0.22
CA PRO E 152 -42.15 6.75 1.37
C PRO E 152 -42.56 5.37 0.92
N GLY E 153 -42.32 4.36 1.74
CA GLY E 153 -42.70 2.98 1.41
C GLY E 153 -41.88 2.30 0.34
N VAL E 154 -40.84 2.96 -0.17
CA VAL E 154 -39.98 2.38 -1.21
C VAL E 154 -39.19 1.19 -0.64
N SER E 155 -38.73 0.32 -1.53
CA SER E 155 -37.96 -0.87 -1.15
C SER E 155 -36.79 -1.18 -2.10
N PHE E 157 -33.85 0.84 -3.26
CA PHE E 157 -33.11 2.09 -3.18
C PHE E 157 -31.87 2.11 -4.05
N GLY E 158 -31.32 0.93 -4.30
CA GLY E 158 -30.11 0.75 -5.10
C GLY E 158 -30.07 1.49 -6.42
N PRO E 159 -31.13 1.37 -7.25
CA PRO E 159 -31.17 1.96 -8.60
C PRO E 159 -31.15 3.50 -8.59
N ALA E 160 -31.60 4.09 -7.48
CA ALA E 160 -31.62 5.54 -7.35
C ALA E 160 -30.21 6.03 -7.09
N TYR E 161 -29.48 5.32 -6.23
CA TYR E 161 -28.07 5.61 -5.94
C TYR E 161 -27.23 5.46 -7.20
N GLU E 162 -27.42 4.34 -7.89
CA GLU E 162 -26.82 4.11 -9.20
C GLU E 162 -27.05 5.32 -10.09
N PHE E 163 -28.32 5.70 -10.22
CA PHE E 163 -28.73 6.68 -11.21
C PHE E 163 -28.14 8.04 -10.91
N ALA E 164 -28.35 8.51 -9.69
CA ALA E 164 -27.70 9.71 -9.18
C ALA E 164 -26.21 9.70 -9.53
N LEU E 165 -25.49 8.66 -9.12
CA LEU E 165 -24.06 8.60 -9.38
C LEU E 165 -23.69 8.62 -10.87
N MET E 166 -24.32 7.74 -11.64
CA MET E 166 -24.14 7.71 -13.08
C MET E 166 -24.41 9.06 -13.74
N LEU E 167 -25.49 9.71 -13.33
CA LEU E 167 -25.86 11.01 -13.87
C LEU E 167 -24.78 12.05 -13.60
N HIS E 168 -24.21 11.98 -12.40
CA HIS E 168 -23.11 12.87 -12.01
C HIS E 168 -21.92 12.67 -12.95
N TYR E 169 -21.58 11.41 -13.21
CA TYR E 169 -20.50 11.07 -14.11
C TYR E 169 -20.69 11.73 -15.50
N GLU E 170 -21.94 11.72 -15.98
CA GLU E 170 -22.27 12.21 -17.31
C GLU E 170 -22.18 13.73 -17.39
N LEU E 171 -22.77 14.39 -16.40
CA LEU E 171 -22.75 15.83 -16.31
C LEU E 171 -21.30 16.34 -16.32
N LYS E 172 -20.44 15.60 -15.63
CA LYS E 172 -19.02 15.88 -15.61
C LYS E 172 -18.39 15.67 -16.99
N LYS E 173 -18.74 14.57 -17.66
CA LYS E 173 -18.30 14.29 -19.04
C LYS E 173 -18.63 15.43 -19.98
N ARG E 174 -19.86 15.94 -19.87
CA ARG E 174 -20.29 17.04 -20.71
C ARG E 174 -19.80 18.41 -20.22
N GLY E 175 -19.05 18.42 -19.12
CA GLY E 175 -18.49 19.65 -18.55
C GLY E 175 -19.52 20.60 -18.00
N ILE E 176 -20.73 20.10 -17.75
CA ILE E 176 -21.81 20.97 -17.27
C ILE E 176 -22.20 20.71 -15.80
N ARG E 177 -21.40 19.89 -15.11
CA ARG E 177 -21.69 19.53 -13.73
C ARG E 177 -21.85 20.76 -12.85
N TYR E 178 -21.00 21.75 -13.06
CA TYR E 178 -20.97 22.94 -12.22
C TYR E 178 -22.13 23.92 -12.53
N LYS E 179 -23.02 23.53 -13.44
CA LYS E 179 -24.19 24.32 -13.81
C LYS E 179 -25.44 23.62 -13.32
N VAL E 180 -25.24 22.45 -12.73
CA VAL E 180 -26.34 21.57 -12.34
C VAL E 180 -26.21 21.08 -10.90
N PRO E 181 -26.91 21.71 -9.94
CA PRO E 181 -26.98 21.19 -8.57
C PRO E 181 -27.58 19.77 -8.56
N MET E 182 -27.30 19.00 -7.52
CA MET E 182 -27.92 17.69 -7.35
C MET E 182 -28.35 17.45 -5.89
N THR E 183 -29.58 16.98 -5.70
CA THR E 183 -30.04 16.55 -4.38
C THR E 183 -30.71 15.19 -4.38
N PHE E 184 -30.24 14.31 -3.48
CA PHE E 184 -30.81 12.99 -3.25
C PHE E 184 -31.71 13.01 -2.02
N ILE E 185 -33.00 12.75 -2.21
CA ILE E 185 -33.97 12.80 -1.12
C ILE E 185 -34.51 11.41 -0.84
N THR E 186 -34.39 10.93 0.39
CA THR E 186 -34.82 9.55 0.68
C THR E 186 -35.74 9.33 1.91
N SER E 187 -36.53 8.26 1.86
CA SER E 187 -37.34 7.86 2.99
C SER E 187 -36.51 7.07 4.00
N GLU E 188 -35.35 6.59 3.55
CA GLU E 188 -34.37 5.93 4.41
C GLU E 188 -34.04 6.84 5.60
N PRO E 189 -33.80 6.25 6.78
CA PRO E 189 -33.44 7.06 7.93
C PRO E 189 -32.08 7.72 7.75
N TYR E 190 -31.20 7.05 6.99
CA TYR E 190 -29.90 7.60 6.66
C TYR E 190 -29.47 7.05 5.32
N LEU E 191 -28.45 7.68 4.72
CA LEU E 191 -27.87 7.20 3.46
C LEU E 191 -27.31 5.81 3.58
N GLY E 192 -27.53 4.99 2.56
CA GLY E 192 -26.95 3.65 2.52
C GLY E 192 -27.66 2.67 3.43
N HIS E 193 -28.91 2.99 3.76
CA HIS E 193 -29.77 2.11 4.51
C HIS E 193 -30.35 0.99 3.61
N PHE E 194 -30.71 1.35 2.38
CA PHE E 194 -31.22 0.40 1.37
C PHE E 194 -32.38 -0.48 1.83
N GLY E 195 -33.08 -0.07 2.87
CA GLY E 195 -34.08 -0.91 3.49
C GLY E 195 -33.52 -2.18 4.14
N VAL E 196 -32.26 -2.16 4.57
CA VAL E 196 -31.69 -3.37 5.17
C VAL E 196 -30.91 -3.05 6.44
N GLY E 197 -31.11 -1.83 6.97
CA GLY E 197 -30.35 -1.37 8.12
C GLY E 197 -28.87 -1.27 7.78
N GLY E 198 -28.59 -0.86 6.54
CA GLY E 198 -27.23 -0.72 6.03
C GLY E 198 -26.48 -2.02 5.86
N ILE E 199 -25.50 -2.02 4.96
CA ILE E 199 -24.69 -3.19 4.71
C ILE E 199 -23.26 -2.85 5.08
N GLY E 200 -22.73 -3.49 6.12
CA GLY E 200 -21.41 -3.16 6.64
C GLY E 200 -21.44 -1.70 6.97
N ALA E 201 -20.29 -1.04 6.88
CA ALA E 201 -20.24 0.40 7.14
C ALA E 201 -20.67 1.17 5.88
N SER E 202 -21.81 0.81 5.29
CA SER E 202 -22.26 1.42 4.02
C SER E 202 -22.72 2.85 4.16
N LYS E 203 -23.21 3.22 5.34
CA LYS E 203 -23.59 4.60 5.60
C LYS E 203 -22.38 5.55 5.48
N ARG E 204 -21.31 5.25 6.21
CA ARG E 204 -20.07 6.03 6.12
C ARG E 204 -19.64 6.14 4.67
N LEU E 205 -19.75 5.04 3.94
CA LEU E 205 -19.24 4.90 2.57
C LEU E 205 -19.98 5.77 1.55
N VAL E 206 -21.31 5.71 1.57
CA VAL E 206 -22.15 6.46 0.62
C VAL E 206 -22.09 7.94 0.92
N GLU E 207 -22.08 8.27 2.19
CA GLU E 207 -22.04 9.64 2.61
C GLU E 207 -20.80 10.27 2.03
N ASP E 208 -19.67 9.60 2.24
CA ASP E 208 -18.37 10.05 1.73
C ASP E 208 -18.36 10.12 0.21
N LEU E 209 -19.05 9.19 -0.42
CA LEU E 209 -19.18 9.17 -1.86
C LEU E 209 -19.90 10.42 -2.38
N PHE E 210 -20.94 10.83 -1.65
CA PHE E 210 -21.75 11.97 -2.03
C PHE E 210 -21.03 13.27 -1.80
N ALA E 211 -20.11 13.27 -0.84
CA ALA E 211 -19.39 14.47 -0.48
C ALA E 211 -18.35 14.80 -1.55
N GLU E 212 -17.55 13.81 -1.93
CA GLU E 212 -16.53 14.00 -2.98
C GLU E 212 -17.14 14.51 -4.27
N ARG E 213 -18.34 14.01 -4.55
CA ARG E 213 -19.01 14.26 -5.83
C ARG E 213 -20.04 15.38 -5.78
N ASN E 214 -20.25 15.95 -4.59
CA ASN E 214 -21.07 17.14 -4.43
C ASN E 214 -22.55 16.90 -4.63
N ILE E 215 -22.99 15.68 -4.32
CA ILE E 215 -24.41 15.37 -4.30
C ILE E 215 -24.98 15.64 -2.91
N ASP E 216 -25.74 16.73 -2.79
CA ASP E 216 -26.43 17.07 -1.54
C ASP E 216 -27.49 16.02 -1.28
N TRP E 217 -27.94 15.92 -0.04
CA TRP E 217 -28.94 14.92 0.32
C TRP E 217 -29.81 15.32 1.51
N ILE E 218 -31.04 14.80 1.51
CA ILE E 218 -31.94 14.93 2.68
C ILE E 218 -32.52 13.55 2.93
N ALA E 219 -32.25 13.02 4.12
CA ALA E 219 -32.73 11.70 4.50
C ALA E 219 -33.86 11.80 5.51
N ASN E 220 -34.53 10.68 5.76
CA ASN E 220 -35.53 10.58 6.82
C ASN E 220 -36.68 11.56 6.65
N VAL E 221 -37.08 11.76 5.40
CA VAL E 221 -38.22 12.62 5.09
C VAL E 221 -39.20 11.92 4.15
N ALA E 222 -40.40 12.48 4.04
CA ALA E 222 -41.46 11.93 3.21
C ALA E 222 -41.80 12.85 2.04
N VAL E 223 -41.43 12.43 0.84
CA VAL E 223 -41.74 13.16 -0.39
C VAL E 223 -43.26 13.09 -0.64
N LYS E 224 -43.89 14.25 -0.79
CA LYS E 224 -45.35 14.32 -0.92
C LYS E 224 -45.78 14.85 -2.29
N ALA E 225 -45.00 15.78 -2.84
CA ALA E 225 -45.29 16.34 -4.16
C ALA E 225 -44.08 16.36 -5.11
N ILE E 226 -44.36 16.28 -6.41
CA ILE E 226 -43.37 16.53 -7.46
C ILE E 226 -44.03 17.43 -8.51
N GLU E 227 -43.83 18.73 -8.40
CA GLU E 227 -44.43 19.66 -9.35
C GLU E 227 -43.46 19.91 -10.52
N PRO E 228 -43.91 20.58 -11.60
CA PRO E 228 -43.03 20.70 -12.76
C PRO E 228 -41.69 21.35 -12.43
N ASP E 229 -41.69 22.23 -11.43
CA ASP E 229 -40.54 23.06 -11.13
C ASP E 229 -39.99 22.88 -9.71
N LYS E 230 -40.50 21.90 -8.95
CA LYS E 230 -40.07 21.70 -7.56
C LYS E 230 -40.54 20.41 -6.88
N VAL E 231 -39.83 20.04 -5.81
CA VAL E 231 -40.17 18.87 -5.01
C VAL E 231 -40.53 19.32 -3.59
N ILE E 232 -41.69 18.86 -3.11
CA ILE E 232 -42.15 19.15 -1.74
C ILE E 232 -42.02 17.92 -0.84
N TYR E 233 -41.23 18.06 0.21
CA TYR E 233 -41.12 17.00 1.20
C TYR E 233 -41.58 17.45 2.57
N GLU E 234 -41.74 16.47 3.46
CA GLU E 234 -42.28 16.66 4.80
C GLU E 234 -41.33 15.95 5.76
N ASP E 235 -40.95 16.63 6.84
CA ASP E 235 -40.06 16.03 7.84
C ASP E 235 -40.86 15.39 8.98
N LEU E 236 -40.15 14.93 10.01
CA LEU E 236 -40.78 14.21 11.13
C LEU E 236 -41.62 15.11 12.05
N ASN E 237 -41.34 16.40 12.03
CA ASN E 237 -42.16 17.36 12.76
C ASN E 237 -43.41 17.73 11.96
N GLY E 238 -43.61 17.06 10.83
CA GLY E 238 -44.73 17.35 9.94
C GLY E 238 -44.61 18.69 9.22
N ASN E 239 -43.47 19.37 9.38
CA ASN E 239 -43.22 20.65 8.72
C ASN E 239 -42.89 20.46 7.23
N THR E 240 -43.49 21.26 6.38
CA THR E 240 -43.46 21.00 4.94
C THR E 240 -42.46 21.87 4.16
N HIS E 241 -41.51 21.20 3.50
CA HIS E 241 -40.41 21.89 2.80
C HIS E 241 -40.43 21.78 1.28
N GLU E 242 -39.60 22.58 0.63
CA GLU E 242 -39.57 22.70 -0.82
C GLU E 242 -38.14 22.79 -1.34
N VAL E 243 -37.87 22.19 -2.51
CA VAL E 243 -36.60 22.39 -3.25
C VAL E 243 -36.78 22.51 -4.78
N PRO E 244 -36.10 23.48 -5.43
CA PRO E 244 -36.25 23.65 -6.89
C PRO E 244 -35.78 22.45 -7.71
N ALA E 245 -36.42 22.20 -8.85
CA ALA E 245 -36.10 21.04 -9.70
C ALA E 245 -36.51 21.18 -11.16
N LYS E 246 -35.52 21.21 -12.05
CA LYS E 246 -35.73 21.18 -13.49
C LYS E 246 -35.99 19.72 -13.93
N PHE E 247 -35.34 18.79 -13.25
CA PHE E 247 -35.44 17.36 -13.56
C PHE E 247 -35.50 16.57 -12.25
N THR E 248 -36.36 15.55 -12.22
CA THR E 248 -36.41 14.62 -11.10
C THR E 248 -36.44 13.19 -11.56
N MET E 249 -36.16 12.27 -10.64
CA MET E 249 -36.27 10.83 -10.85
C MET E 249 -36.47 10.18 -9.49
N PHE E 250 -37.66 9.67 -9.25
CA PHE E 250 -37.97 9.03 -7.99
C PHE E 250 -38.41 7.60 -8.18
N MET E 251 -38.04 6.77 -7.21
CA MET E 251 -38.48 5.39 -7.13
C MET E 251 -39.91 5.40 -6.66
N PRO E 252 -40.77 4.61 -7.32
CA PRO E 252 -42.11 4.38 -6.80
C PRO E 252 -42.04 3.33 -5.70
N SER E 253 -43.08 3.25 -4.87
CA SER E 253 -43.24 2.13 -3.95
C SER E 253 -43.84 0.94 -4.70
N PHE E 254 -43.77 -0.25 -4.09
CA PHE E 254 -44.34 -1.47 -4.70
C PHE E 254 -45.62 -1.95 -4.01
N GLN E 255 -46.50 -2.55 -4.81
CA GLN E 255 -47.60 -3.32 -4.24
C GLN E 255 -47.85 -4.55 -5.11
N GLY E 256 -48.63 -5.50 -4.59
CA GLY E 256 -48.96 -6.72 -5.33
C GLY E 256 -50.01 -6.44 -6.39
N PRO E 257 -49.98 -7.22 -7.49
CA PRO E 257 -50.93 -7.03 -8.59
C PRO E 257 -52.35 -7.47 -8.23
N GLU E 258 -53.31 -7.22 -9.13
CA GLU E 258 -54.68 -7.63 -8.89
C GLU E 258 -54.86 -9.14 -9.04
N VAL E 259 -54.16 -9.74 -9.99
CA VAL E 259 -54.22 -11.19 -10.21
C VAL E 259 -53.95 -11.99 -8.90
N VAL E 260 -53.11 -11.42 -8.03
CA VAL E 260 -52.86 -12.00 -6.71
C VAL E 260 -54.05 -11.75 -5.79
N ALA E 261 -54.55 -10.50 -5.82
CA ALA E 261 -55.65 -10.06 -4.97
C ALA E 261 -56.93 -10.86 -5.20
N SER E 262 -57.09 -11.38 -6.42
CA SER E 262 -58.25 -12.14 -6.82
C SER E 262 -58.37 -13.50 -6.13
N ALA E 263 -57.27 -14.00 -5.57
CA ALA E 263 -57.31 -15.16 -4.67
C ALA E 263 -57.67 -14.65 -3.26
N GLY E 264 -57.81 -15.56 -2.29
CA GLY E 264 -58.19 -15.16 -0.92
C GLY E 264 -57.26 -14.17 -0.24
N ASP E 265 -57.60 -13.80 0.99
CA ASP E 265 -56.66 -13.09 1.85
C ASP E 265 -55.81 -14.12 2.60
N LYS E 266 -55.86 -15.36 2.10
CA LYS E 266 -54.91 -16.40 2.48
C LYS E 266 -53.70 -16.38 1.54
N VAL E 267 -53.87 -15.75 0.37
CA VAL E 267 -52.81 -15.63 -0.64
C VAL E 267 -52.28 -14.19 -0.78
N ALA E 268 -53.17 -13.20 -0.78
CA ALA E 268 -52.78 -11.80 -0.86
C ALA E 268 -52.76 -11.16 0.52
N ASN E 269 -51.61 -10.63 0.90
CA ASN E 269 -51.47 -9.88 2.14
C ASN E 269 -52.43 -8.69 2.12
N PRO E 270 -53.30 -8.56 3.12
CA PRO E 270 -54.28 -7.47 3.13
C PRO E 270 -53.68 -6.06 3.09
N ALA E 271 -52.45 -5.89 3.58
CA ALA E 271 -51.81 -4.56 3.61
C ALA E 271 -51.18 -4.09 2.29
N ASN E 272 -50.68 -5.02 1.48
CA ASN E 272 -49.88 -4.67 0.30
C ASN E 272 -50.18 -5.47 -0.97
N LYS E 273 -51.15 -6.39 -0.88
CA LYS E 273 -51.54 -7.28 -1.99
C LYS E 273 -50.43 -8.23 -2.48
N MET E 274 -49.31 -8.27 -1.76
CA MET E 274 -48.20 -9.19 -2.09
C MET E 274 -48.47 -10.61 -1.58
N VAL E 275 -47.79 -11.60 -2.16
CA VAL E 275 -48.10 -13.02 -1.89
C VAL E 275 -47.61 -13.48 -0.53
N ILE E 276 -48.52 -14.04 0.27
CA ILE E 276 -48.17 -14.60 1.58
C ILE E 276 -47.40 -15.91 1.35
N VAL E 277 -46.23 -16.04 1.99
CA VAL E 277 -45.41 -17.25 1.87
C VAL E 277 -44.73 -17.53 3.20
N ASN E 278 -44.32 -18.77 3.42
CA ASN E 278 -43.54 -19.10 4.61
C ASN E 278 -42.01 -19.09 4.36
N ARG E 279 -41.24 -19.65 5.28
CA ARG E 279 -39.78 -19.70 5.14
C ARG E 279 -39.34 -20.37 3.86
N CYS E 280 -40.22 -21.22 3.33
CA CYS E 280 -39.95 -22.00 2.13
C CYS E 280 -40.61 -21.44 0.87
N PHE E 281 -40.89 -20.13 0.90
CA PHE E 281 -41.56 -19.41 -0.19
C PHE E 281 -42.76 -20.17 -0.81
N GLN E 282 -43.48 -20.82 0.10
CA GLN E 282 -44.69 -21.55 -0.19
C GLN E 282 -45.78 -20.92 0.66
N ASN E 283 -47.00 -20.92 0.14
CA ASN E 283 -48.16 -20.42 0.87
C ASN E 283 -48.50 -21.39 1.99
N PRO E 284 -48.83 -20.86 3.19
CA PRO E 284 -49.21 -21.71 4.33
C PRO E 284 -50.54 -22.44 4.11
N THR E 285 -51.53 -21.78 3.52
CA THR E 285 -52.82 -22.40 3.24
C THR E 285 -52.77 -23.33 2.03
N TYR E 286 -52.62 -22.75 0.85
CA TYR E 286 -52.59 -23.53 -0.39
C TYR E 286 -51.16 -23.98 -0.65
N LYS E 287 -50.85 -25.18 -0.18
CA LYS E 287 -49.47 -25.68 -0.12
C LYS E 287 -48.82 -25.86 -1.50
N ASN E 288 -49.62 -25.87 -2.55
CA ASN E 288 -49.10 -25.99 -3.91
C ASN E 288 -48.94 -24.64 -4.62
N ILE E 289 -49.15 -23.55 -3.90
CA ILE E 289 -48.83 -22.22 -4.43
C ILE E 289 -47.52 -21.74 -3.84
N PHE E 290 -46.61 -21.32 -4.72
CA PHE E 290 -45.32 -20.77 -4.31
C PHE E 290 -45.17 -19.39 -4.91
N GLY E 291 -44.51 -18.49 -4.19
CA GLY E 291 -44.20 -17.17 -4.71
C GLY E 291 -42.72 -16.95 -4.86
N VAL E 292 -42.31 -16.31 -5.96
CA VAL E 292 -40.89 -16.01 -6.21
C VAL E 292 -40.71 -14.56 -6.65
N GLY E 293 -39.82 -13.85 -5.94
CA GLY E 293 -39.33 -12.56 -6.40
C GLY E 293 -39.90 -11.38 -5.65
N VAL E 294 -40.09 -10.29 -6.37
CA VAL E 294 -40.52 -9.02 -5.78
C VAL E 294 -41.96 -9.05 -5.26
N VAL E 295 -42.79 -9.90 -5.87
CA VAL E 295 -44.19 -10.02 -5.49
C VAL E 295 -44.38 -10.64 -4.10
N THR E 296 -43.35 -11.30 -3.58
CA THR E 296 -43.48 -12.02 -2.29
C THR E 296 -43.48 -11.07 -1.10
N ALA E 297 -44.38 -11.31 -0.15
CA ALA E 297 -44.50 -10.45 1.01
C ALA E 297 -43.44 -10.80 2.04
N ILE E 298 -42.45 -9.94 2.18
CA ILE E 298 -41.40 -10.12 3.19
C ILE E 298 -41.47 -8.92 4.14
N PRO E 299 -41.55 -9.16 5.47
CA PRO E 299 -41.65 -8.05 6.41
C PRO E 299 -40.42 -7.15 6.36
N PRO E 300 -40.60 -5.84 6.61
CA PRO E 300 -39.48 -4.91 6.80
C PRO E 300 -38.51 -5.40 7.89
N ILE E 301 -37.22 -5.23 7.62
CA ILE E 301 -36.16 -5.55 8.56
C ILE E 301 -36.30 -4.74 9.86
N GLU E 302 -36.69 -3.47 9.71
CA GLU E 302 -36.96 -2.58 10.84
C GLU E 302 -38.04 -1.55 10.48
N LYS E 303 -38.81 -1.13 11.47
CA LYS E 303 -39.84 -0.12 11.27
C LYS E 303 -39.21 1.28 11.28
N THR E 304 -38.99 1.83 10.09
CA THR E 304 -38.29 3.11 9.96
C THR E 304 -39.28 4.28 10.10
N PRO E 305 -38.83 5.41 10.70
CA PRO E 305 -39.65 6.62 10.88
C PRO E 305 -40.51 6.96 9.65
N ILE E 306 -39.90 6.94 8.48
CA ILE E 306 -40.65 6.91 7.24
C ILE E 306 -40.69 5.45 6.79
N PRO E 307 -41.89 4.88 6.57
CA PRO E 307 -41.98 3.47 6.15
C PRO E 307 -41.01 3.13 4.99
N THR E 308 -40.37 1.95 5.08
CA THR E 308 -39.50 1.40 4.04
C THR E 308 -39.63 -0.12 4.00
N GLY E 309 -39.28 -0.73 2.87
CA GLY E 309 -39.36 -2.17 2.71
C GLY E 309 -37.99 -2.80 2.49
N VAL E 310 -37.97 -4.12 2.40
CA VAL E 310 -36.75 -4.86 2.10
C VAL E 310 -36.65 -5.10 0.59
N PRO E 311 -35.47 -4.82 0.00
CA PRO E 311 -35.29 -5.13 -1.42
C PRO E 311 -35.28 -6.61 -1.67
N LYS E 312 -35.77 -7.02 -2.84
CA LYS E 312 -35.56 -8.37 -3.31
C LYS E 312 -34.60 -8.28 -4.49
N THR E 313 -33.33 -8.56 -4.24
CA THR E 313 -32.28 -8.44 -5.26
C THR E 313 -32.16 -9.72 -6.08
N GLY E 314 -31.59 -9.61 -7.28
CA GLY E 314 -31.42 -10.75 -8.19
C GLY E 314 -30.94 -12.04 -7.55
N MET E 315 -29.84 -11.98 -6.80
CA MET E 315 -29.28 -13.18 -6.14
C MET E 315 -30.28 -13.80 -5.17
N MET E 316 -30.97 -12.94 -4.42
CA MET E 316 -31.97 -13.38 -3.47
C MET E 316 -33.07 -14.11 -4.20
N ILE E 317 -33.50 -13.53 -5.31
CA ILE E 317 -34.60 -14.05 -6.11
C ILE E 317 -34.22 -15.36 -6.76
N GLU E 318 -33.04 -15.41 -7.35
CA GLU E 318 -32.61 -16.64 -7.97
C GLU E 318 -32.34 -17.76 -6.95
N GLN E 319 -32.19 -17.39 -5.68
CA GLN E 319 -32.17 -18.38 -4.60
C GLN E 319 -33.57 -18.85 -4.19
N MET E 320 -34.55 -17.94 -4.16
CA MET E 320 -35.97 -18.30 -4.00
C MET E 320 -36.38 -19.34 -5.04
N ALA E 321 -35.90 -19.11 -6.27
CA ALA E 321 -36.20 -19.94 -7.43
C ALA E 321 -35.69 -21.36 -7.27
N MET E 322 -34.46 -21.51 -6.77
CA MET E 322 -33.88 -22.84 -6.51
C MET E 322 -34.62 -23.54 -5.39
N ALA E 323 -34.92 -22.78 -4.34
CA ALA E 323 -35.65 -23.29 -3.19
C ALA E 323 -37.05 -23.75 -3.59
N VAL E 324 -37.79 -22.88 -4.28
CA VAL E 324 -39.13 -23.22 -4.76
C VAL E 324 -39.10 -24.44 -5.70
N ALA E 325 -38.17 -24.42 -6.66
CA ALA E 325 -37.98 -25.54 -7.59
C ALA E 325 -37.92 -26.89 -6.88
N HIS E 326 -36.93 -27.03 -5.98
CA HIS E 326 -36.73 -28.24 -5.19
C HIS E 326 -37.95 -28.61 -4.38
N ASN E 327 -38.64 -27.61 -3.86
CA ASN E 327 -39.86 -27.84 -3.09
C ASN E 327 -41.04 -28.39 -3.91
N ILE E 328 -41.15 -28.00 -5.17
CA ILE E 328 -42.12 -28.59 -6.06
C ILE E 328 -41.71 -30.02 -6.44
N VAL E 329 -40.43 -30.19 -6.78
CA VAL E 329 -39.83 -31.49 -7.13
C VAL E 329 -39.91 -32.51 -5.99
N ASN E 330 -39.62 -32.09 -4.77
CA ASN E 330 -39.68 -33.00 -3.64
C ASN E 330 -41.11 -33.38 -3.26
N ASP E 331 -42.06 -32.52 -3.62
CA ASP E 331 -43.47 -32.86 -3.42
C ASP E 331 -43.93 -33.89 -4.45
N ILE E 332 -43.52 -33.67 -5.70
CA ILE E 332 -43.74 -34.63 -6.76
C ILE E 332 -43.13 -35.99 -6.40
N ARG E 333 -41.91 -35.97 -5.86
CA ARG E 333 -41.14 -37.20 -5.56
C ARG E 333 -41.38 -37.80 -4.16
N ASN E 334 -42.35 -37.24 -3.42
CA ASN E 334 -42.67 -37.69 -2.06
C ASN E 334 -41.53 -37.54 -1.05
N ASN E 335 -40.68 -36.55 -1.28
CA ASN E 335 -39.62 -36.21 -0.34
C ASN E 335 -40.13 -35.15 0.64
N PRO E 336 -40.17 -35.48 1.94
CA PRO E 336 -40.67 -34.58 2.98
C PRO E 336 -39.74 -33.38 3.25
N ASP E 337 -38.56 -33.40 2.63
CA ASP E 337 -37.56 -32.33 2.74
C ASP E 337 -37.99 -31.00 2.12
N LYS E 338 -37.73 -29.92 2.86
CA LYS E 338 -37.97 -28.57 2.36
C LYS E 338 -36.73 -27.69 2.50
N TYR E 339 -36.52 -26.85 1.49
CA TYR E 339 -35.38 -25.94 1.48
C TYR E 339 -35.86 -24.49 1.63
N ALA E 340 -35.03 -23.68 2.28
CA ALA E 340 -35.24 -22.25 2.33
C ALA E 340 -34.07 -21.59 1.62
N PRO E 341 -34.33 -20.51 0.87
CA PRO E 341 -33.20 -19.82 0.29
C PRO E 341 -32.42 -19.11 1.37
N ARG E 342 -31.10 -19.10 1.24
CA ARG E 342 -30.21 -18.38 2.14
C ARG E 342 -30.48 -16.86 2.14
N LEU E 343 -30.92 -16.35 0.99
CA LEU E 343 -31.18 -14.92 0.76
C LEU E 343 -29.97 -14.02 1.02
N SER E 344 -28.86 -14.32 0.36
CA SER E 344 -27.68 -13.48 0.37
C SER E 344 -27.64 -12.61 -0.88
N ALA E 345 -27.24 -11.36 -0.71
CA ALA E 345 -27.18 -10.45 -1.83
C ALA E 345 -25.75 -10.18 -2.24
N ILE E 346 -25.58 -9.96 -3.54
CA ILE E 346 -24.31 -9.51 -4.10
C ILE E 346 -24.70 -8.41 -5.09
N CYS E 347 -24.72 -7.18 -4.60
CA CYS E 347 -25.33 -6.10 -5.34
C CYS E 347 -24.28 -5.08 -5.76
N ILE E 348 -23.99 -5.00 -7.05
CA ILE E 348 -23.03 -4.01 -7.57
C ILE E 348 -23.73 -2.71 -7.99
N ALA E 349 -23.44 -1.63 -7.29
CA ALA E 349 -23.99 -0.33 -7.65
C ALA E 349 -23.03 0.35 -8.59
N ASP E 350 -23.43 0.44 -9.87
CA ASP E 350 -22.62 1.06 -10.92
C ASP E 350 -22.67 2.60 -10.86
N PHE E 351 -21.51 3.24 -11.02
CA PHE E 351 -21.40 4.69 -10.95
C PHE E 351 -20.87 5.30 -12.24
N GLY E 352 -20.84 4.52 -13.32
CA GLY E 352 -20.31 5.02 -14.58
C GLY E 352 -18.97 4.40 -14.94
N GLU E 353 -17.90 4.96 -14.37
CA GLU E 353 -16.51 4.51 -14.63
C GLU E 353 -15.98 3.58 -13.53
N ASP E 354 -16.59 3.66 -12.34
CA ASP E 354 -16.31 2.74 -11.24
C ASP E 354 -17.61 2.36 -10.58
N ALA E 355 -17.52 1.56 -9.52
CA ALA E 355 -18.71 0.94 -8.92
C ALA E 355 -18.51 0.49 -7.48
N GLY E 356 -19.63 0.21 -6.82
CA GLY E 356 -19.64 -0.25 -5.43
C GLY E 356 -20.04 -1.71 -5.30
N PHE E 357 -19.12 -2.52 -4.77
CA PHE E 357 -19.40 -3.91 -4.46
C PHE E 357 -20.00 -4.05 -3.06
N PHE E 358 -21.15 -4.71 -2.98
CA PHE E 358 -21.78 -5.01 -1.72
C PHE E 358 -22.09 -6.49 -1.65
N PHE E 359 -21.77 -7.08 -0.52
CA PHE E 359 -22.11 -8.46 -0.24
C PHE E 359 -22.67 -8.52 1.17
N ALA E 360 -23.87 -9.10 1.30
CA ALA E 360 -24.51 -9.27 2.58
C ALA E 360 -25.07 -10.69 2.67
N ASP E 361 -24.53 -11.50 3.58
CA ASP E 361 -24.95 -12.88 3.70
C ASP E 361 -25.40 -13.26 5.10
N PRO E 362 -26.74 -13.38 5.31
CA PRO E 362 -27.83 -13.02 4.43
C PRO E 362 -28.10 -11.53 4.44
N VAL E 363 -28.86 -11.05 3.47
CA VAL E 363 -29.32 -9.66 3.45
C VAL E 363 -30.07 -9.33 4.73
N ILE E 364 -31.04 -10.17 5.10
CA ILE E 364 -31.79 -9.96 6.32
C ILE E 364 -30.93 -10.33 7.54
N PRO E 365 -30.65 -9.34 8.42
CA PRO E 365 -29.87 -9.58 9.64
C PRO E 365 -30.48 -10.67 10.56
N PRO E 366 -29.70 -11.26 11.46
CA PRO E 366 -28.26 -11.09 11.66
C PRO E 366 -27.44 -11.74 10.56
N ARG E 367 -26.27 -11.17 10.28
CA ARG E 367 -25.46 -11.56 9.13
C ARG E 367 -24.24 -12.37 9.50
N GLU E 368 -23.86 -13.27 8.59
CA GLU E 368 -22.68 -14.11 8.76
C GLU E 368 -21.44 -13.28 8.39
N ARG E 369 -21.55 -12.53 7.30
CA ARG E 369 -20.47 -11.64 6.86
C ARG E 369 -20.99 -10.62 5.83
N VAL E 370 -20.25 -9.53 5.69
CA VAL E 370 -20.49 -8.56 4.60
C VAL E 370 -19.16 -8.23 3.92
N ILE E 371 -19.26 -7.74 2.69
CA ILE E 371 -18.11 -7.13 2.02
C ILE E 371 -18.62 -5.88 1.31
N THR E 372 -18.01 -4.75 1.65
CA THR E 372 -18.29 -3.47 1.00
C THR E 372 -17.01 -2.91 0.41
N LYS E 373 -16.96 -2.85 -0.92
CA LYS E 373 -15.77 -2.36 -1.63
C LYS E 373 -16.10 -1.48 -2.83
N MET E 374 -15.09 -0.75 -3.30
CA MET E 374 -15.28 0.18 -4.38
C MET E 374 -14.07 0.17 -5.34
N GLY E 375 -14.33 0.19 -6.64
CA GLY E 375 -13.28 0.27 -7.64
C GLY E 375 -13.75 0.14 -9.07
N LYS E 376 -12.81 0.28 -10.01
CA LYS E 376 -13.07 0.13 -11.43
C LYS E 376 -13.47 -1.30 -11.80
N TRP E 377 -12.78 -2.26 -11.19
CA TRP E 377 -13.02 -3.68 -11.46
C TRP E 377 -14.50 -4.03 -11.26
N ALA E 378 -15.13 -3.40 -10.25
CA ALA E 378 -16.53 -3.68 -9.93
C ALA E 378 -17.46 -3.22 -11.05
N HIS E 379 -17.05 -2.19 -11.77
CA HIS E 379 -17.80 -1.73 -12.92
C HIS E 379 -17.66 -2.72 -14.08
N TYR E 380 -16.45 -3.19 -14.36
CA TYR E 380 -16.27 -4.21 -15.41
C TYR E 380 -16.94 -5.53 -15.04
N PHE E 381 -17.14 -5.73 -13.74
CA PHE E 381 -17.84 -6.92 -13.28
C PHE E 381 -19.36 -6.86 -13.51
N LYS E 382 -19.96 -5.66 -13.40
CA LYS E 382 -21.37 -5.53 -13.66
C LYS E 382 -21.69 -5.74 -15.14
N THR E 383 -20.85 -5.19 -16.01
CA THR E 383 -21.00 -5.39 -17.45
C THR E 383 -20.82 -6.87 -17.77
N ALA E 384 -19.83 -7.48 -17.14
CA ALA E 384 -19.53 -8.89 -17.35
C ALA E 384 -20.69 -9.76 -16.89
N PHE E 385 -21.26 -9.41 -15.74
CA PHE E 385 -22.36 -10.20 -15.22
C PHE E 385 -23.61 -10.11 -16.08
N GLU E 386 -23.87 -8.92 -16.61
CA GLU E 386 -24.96 -8.72 -17.56
C GLU E 386 -24.82 -9.70 -18.74
N LYS E 387 -23.67 -9.64 -19.42
CA LYS E 387 -23.44 -10.52 -20.57
C LYS E 387 -23.65 -11.97 -20.18
N TYR E 388 -23.24 -12.33 -18.97
CA TYR E 388 -23.31 -13.69 -18.51
C TYR E 388 -24.74 -14.12 -18.25
N PHE E 389 -25.49 -13.28 -17.54
CA PHE E 389 -26.87 -13.59 -17.20
C PHE E 389 -27.74 -13.78 -18.43
N LEU E 390 -27.64 -12.85 -19.39
CA LEU E 390 -28.41 -12.94 -20.61
C LEU E 390 -28.06 -14.18 -21.41
N TRP E 391 -26.83 -14.65 -21.25
CA TRP E 391 -26.41 -15.90 -21.85
C TRP E 391 -27.17 -17.06 -21.21
N LYS E 392 -27.33 -17.00 -19.89
CA LYS E 392 -28.04 -18.03 -19.15
C LYS E 392 -29.50 -18.13 -19.58
N VAL E 393 -30.16 -16.97 -19.66
CA VAL E 393 -31.53 -16.88 -20.18
C VAL E 393 -31.62 -17.54 -21.57
N ARG E 394 -30.72 -17.12 -22.47
CA ARG E 394 -30.72 -17.63 -23.83
C ARG E 394 -30.35 -19.10 -23.94
N ASN E 395 -29.62 -19.61 -22.95
CA ASN E 395 -29.10 -20.98 -23.03
C ASN E 395 -29.77 -22.00 -22.14
N GLY E 396 -30.71 -21.54 -21.31
CA GLY E 396 -31.64 -22.44 -20.63
C GLY E 396 -31.26 -23.04 -19.28
N ASN E 397 -30.26 -22.46 -18.64
CA ASN E 397 -29.94 -22.86 -17.26
C ASN E 397 -29.50 -21.65 -16.45
N ILE E 398 -30.30 -21.29 -15.46
CA ILE E 398 -29.99 -20.10 -14.66
C ILE E 398 -29.01 -20.45 -13.54
N ALA E 399 -28.92 -21.74 -13.20
CA ALA E 399 -27.97 -22.20 -12.18
C ALA E 399 -27.08 -23.32 -12.69
N PRO E 400 -26.09 -22.98 -13.54
CA PRO E 400 -25.07 -23.96 -13.90
C PRO E 400 -24.29 -24.42 -12.67
N SER E 401 -24.01 -25.73 -12.58
CA SER E 401 -23.32 -26.28 -11.41
C SER E 401 -22.05 -25.50 -11.05
N PHE E 402 -21.22 -25.17 -12.05
CA PHE E 402 -20.00 -24.42 -11.78
C PHE E 402 -20.24 -23.12 -11.00
N GLU E 403 -21.33 -22.42 -11.31
CA GLU E 403 -21.60 -21.11 -10.72
C GLU E 403 -21.77 -21.17 -9.21
N GLU E 404 -22.38 -22.27 -8.75
CA GLU E 404 -22.59 -22.46 -7.33
C GLU E 404 -21.27 -22.79 -6.64
N LYS E 405 -20.43 -23.57 -7.31
CA LYS E 405 -19.11 -23.92 -6.78
C LYS E 405 -18.15 -22.75 -6.78
N VAL E 406 -18.29 -21.84 -7.75
CA VAL E 406 -17.48 -20.62 -7.78
C VAL E 406 -17.89 -19.70 -6.62
N LEU E 407 -19.19 -19.48 -6.46
CA LEU E 407 -19.72 -18.78 -5.30
C LEU E 407 -19.31 -19.39 -3.96
N GLU E 408 -19.25 -20.72 -3.88
CA GLU E 408 -18.85 -21.42 -2.65
C GLU E 408 -17.44 -21.01 -2.24
N ILE E 409 -16.49 -21.13 -3.16
CA ILE E 409 -15.08 -20.92 -2.82
C ILE E 409 -14.61 -19.48 -2.88
N PHE E 410 -15.44 -18.57 -3.37
CA PHE E 410 -15.07 -17.16 -3.37
C PHE E 410 -15.76 -16.35 -2.30
N LEU E 411 -16.95 -16.79 -1.88
CA LEU E 411 -17.71 -16.06 -0.87
C LEU E 411 -18.33 -16.94 0.22
N LYS E 412 -18.00 -18.23 0.24
CA LYS E 412 -18.54 -19.21 1.20
C LYS E 412 -20.08 -19.20 1.24
N VAL E 413 -20.68 -19.28 0.05
CA VAL E 413 -22.11 -19.07 -0.12
C VAL E 413 -22.79 -20.37 -0.56
N HIS E 414 -23.69 -20.86 0.29
CA HIS E 414 -24.59 -21.94 -0.11
C HIS E 414 -25.96 -21.29 -0.36
N PRO E 415 -26.59 -21.56 -1.52
CA PRO E 415 -27.75 -20.81 -1.99
C PRO E 415 -29.07 -21.21 -1.31
N ILE E 416 -29.16 -22.46 -0.87
CA ILE E 416 -30.32 -22.99 -0.16
C ILE E 416 -29.90 -23.80 1.08
N GLU E 417 -30.79 -23.88 2.06
CA GLU E 417 -30.54 -24.61 3.32
C GLU E 417 -31.67 -25.61 3.51
N LEU E 418 -31.34 -26.79 4.06
CA LEU E 418 -32.38 -27.76 4.40
C LEU E 418 -33.12 -27.26 5.63
N CYS E 419 -34.45 -27.19 5.53
CA CYS E 419 -35.25 -26.49 6.52
C CYS E 419 -36.25 -27.38 7.26
N LYS E 420 -36.00 -27.62 8.55
CA LYS E 420 -36.79 -28.54 9.38
C LYS E 420 -38.26 -28.15 9.63
N ASP E 421 -38.61 -26.89 9.33
CA ASP E 421 -39.92 -26.30 9.64
C ASP E 421 -40.13 -24.97 8.90
N CYS E 422 -40.97 -24.99 7.87
CA CYS E 422 -41.24 -23.80 7.06
C CYS E 422 -42.19 -22.80 7.73
N GLU E 423 -42.94 -23.23 8.75
CA GLU E 423 -43.94 -22.39 9.39
C GLU E 423 -43.32 -21.15 10.08
N GLY E 424 -43.50 -19.99 9.46
CA GLY E 424 -42.88 -18.74 9.93
C GLY E 424 -42.71 -17.74 8.80
N ALA E 425 -42.24 -16.54 9.14
CA ALA E 425 -42.06 -15.46 8.16
C ALA E 425 -40.93 -15.78 7.18
N PRO E 426 -41.07 -15.42 5.89
CA PRO E 426 -39.98 -15.68 4.94
C PRO E 426 -38.77 -14.87 5.34
N GLY E 427 -37.58 -15.47 5.26
CA GLY E 427 -36.37 -14.78 5.71
C GLY E 427 -35.98 -15.02 7.15
N SER E 428 -36.93 -15.40 8.00
CA SER E 428 -36.63 -15.83 9.39
C SER E 428 -35.94 -17.20 9.42
N ARG E 429 -35.38 -17.57 10.57
CA ARG E 429 -34.46 -18.72 10.62
C ARG E 429 -35.10 -20.04 11.09
N CYS E 430 -34.91 -21.10 10.29
CA CYS E 430 -35.40 -22.46 10.61
C CYS E 430 -34.78 -22.96 11.93
N ALA F 2 -25.22 -33.32 -46.05
CA ALA F 2 -24.23 -32.69 -45.10
C ALA F 2 -22.85 -33.36 -45.17
N LYS F 3 -21.81 -32.56 -44.94
CA LYS F 3 -20.44 -33.09 -45.00
C LYS F 3 -20.07 -33.80 -43.70
N HIS F 4 -19.00 -34.60 -43.74
CA HIS F 4 -18.56 -35.34 -42.58
C HIS F 4 -17.16 -34.94 -42.19
N VAL F 5 -16.96 -34.63 -40.91
CA VAL F 5 -15.65 -34.26 -40.41
C VAL F 5 -15.24 -35.20 -39.29
N VAL F 6 -13.95 -35.55 -39.27
CA VAL F 6 -13.40 -36.48 -38.28
C VAL F 6 -12.38 -35.80 -37.39
N VAL F 7 -12.54 -35.99 -36.10
CA VAL F 7 -11.64 -35.42 -35.12
C VAL F 7 -10.87 -36.58 -34.50
N ILE F 8 -9.55 -36.55 -34.62
CA ILE F 8 -8.73 -37.49 -33.88
C ILE F 8 -8.19 -36.81 -32.63
N GLY F 9 -8.62 -37.30 -31.47
CA GLY F 9 -8.12 -36.82 -30.18
C GLY F 9 -9.24 -36.37 -29.27
N GLY F 10 -9.40 -37.05 -28.15
CA GLY F 10 -10.42 -36.68 -27.17
C GLY F 10 -9.90 -35.74 -26.09
N GLY F 11 -9.25 -34.66 -26.50
CA GLY F 11 -8.71 -33.73 -25.53
C GLY F 11 -9.21 -32.32 -25.72
N VAL F 12 -8.46 -31.37 -25.17
CA VAL F 12 -8.82 -29.95 -25.27
C VAL F 12 -9.02 -29.59 -26.74
N GLY F 13 -8.05 -29.90 -27.58
CA GLY F 13 -8.14 -29.64 -29.01
C GLY F 13 -9.38 -30.25 -29.62
N GLY F 14 -9.42 -31.57 -29.65
CA GLY F 14 -10.48 -32.32 -30.28
C GLY F 14 -11.89 -31.98 -29.86
N ILE F 15 -12.14 -31.93 -28.55
CA ILE F 15 -13.48 -31.65 -28.03
C ILE F 15 -13.89 -30.21 -28.35
N ALA F 16 -12.97 -29.27 -28.15
CA ALA F 16 -13.25 -27.87 -28.42
C ALA F 16 -13.53 -27.66 -29.91
N THR F 17 -12.75 -28.31 -30.76
CA THR F 17 -13.02 -28.26 -32.19
C THR F 17 -14.35 -28.94 -32.51
N ALA F 18 -14.55 -30.13 -31.96
CA ALA F 18 -15.77 -30.89 -32.20
C ALA F 18 -17.03 -30.15 -31.72
N TYR F 19 -16.95 -29.52 -30.55
CA TYR F 19 -18.08 -28.80 -29.98
C TYR F 19 -18.38 -27.52 -30.75
N ASN F 20 -17.34 -26.79 -31.14
CA ASN F 20 -17.50 -25.56 -31.91
C ASN F 20 -18.19 -25.82 -33.24
N LEU F 21 -17.68 -26.82 -33.97
CA LEU F 21 -18.29 -27.26 -35.22
C LEU F 21 -19.80 -27.54 -35.05
N ARG F 22 -20.15 -28.28 -34.00
CA ARG F 22 -21.54 -28.65 -33.70
C ARG F 22 -22.45 -27.45 -33.51
N ASN F 23 -21.97 -26.46 -32.78
CA ASN F 23 -22.73 -25.26 -32.55
C ASN F 23 -22.80 -24.33 -33.75
N LEU F 24 -21.85 -24.45 -34.67
CA LEU F 24 -21.85 -23.60 -35.86
C LEU F 24 -22.70 -24.16 -36.99
N MET F 25 -23.07 -25.43 -36.86
CA MET F 25 -23.67 -26.18 -37.97
C MET F 25 -24.23 -27.53 -37.48
N PRO F 26 -25.48 -27.52 -36.96
CA PRO F 26 -26.07 -28.69 -36.31
C PRO F 26 -26.36 -29.86 -37.28
N ASP F 27 -26.45 -29.54 -38.57
CA ASP F 27 -26.67 -30.53 -39.64
C ASP F 27 -25.44 -31.40 -39.88
N LEU F 28 -24.25 -30.80 -39.73
CA LEU F 28 -22.99 -31.46 -40.02
C LEU F 28 -22.76 -32.70 -39.16
N LYS F 29 -22.24 -33.76 -39.78
CA LYS F 29 -21.90 -34.98 -39.06
C LYS F 29 -20.48 -34.89 -38.54
N ILE F 30 -20.31 -35.20 -37.26
CA ILE F 30 -19.01 -35.08 -36.61
C ILE F 30 -18.70 -36.39 -35.88
N THR F 31 -17.50 -36.91 -36.09
CA THR F 31 -17.06 -38.14 -35.44
C THR F 31 -15.71 -37.95 -34.76
N LEU F 32 -15.60 -38.47 -33.55
CA LEU F 32 -14.40 -38.33 -32.74
C LEU F 32 -13.76 -39.68 -32.40
N ILE F 33 -12.51 -39.85 -32.80
CA ILE F 33 -11.77 -41.08 -32.56
C ILE F 33 -10.74 -40.82 -31.48
N SER F 34 -10.84 -41.59 -30.39
CA SER F 34 -9.89 -41.42 -29.29
C SER F 34 -9.59 -42.73 -28.58
N ASP F 35 -8.33 -42.93 -28.24
CA ASP F 35 -7.88 -44.16 -27.59
C ASP F 35 -8.33 -44.20 -26.12
N ARG F 36 -8.73 -43.05 -25.60
CA ARG F 36 -9.23 -42.97 -24.23
C ARG F 36 -10.74 -42.78 -24.16
N PRO F 37 -11.40 -43.51 -23.24
CA PRO F 37 -12.83 -43.34 -23.03
C PRO F 37 -13.18 -42.06 -22.25
N TYR F 38 -12.19 -41.48 -21.57
CA TYR F 38 -12.41 -40.25 -20.80
C TYR F 38 -11.78 -39.01 -21.41
N PHE F 39 -12.33 -37.85 -21.10
CA PHE F 39 -11.63 -36.58 -21.26
C PHE F 39 -10.90 -36.29 -19.95
N GLY F 40 -9.62 -35.96 -20.04
CA GLY F 40 -8.88 -35.62 -18.83
C GLY F 40 -8.48 -34.16 -18.76
N PHE F 41 -8.99 -33.43 -17.77
CA PHE F 41 -8.60 -32.04 -17.57
C PHE F 41 -7.13 -31.97 -17.16
N THR F 42 -6.25 -31.95 -18.14
CA THR F 42 -4.83 -32.14 -17.85
C THR F 42 -4.26 -31.10 -16.88
N PRO F 43 -4.78 -29.85 -16.87
CA PRO F 43 -4.26 -28.93 -15.82
C PRO F 43 -4.40 -29.38 -14.35
N ALA F 44 -5.23 -30.39 -14.08
CA ALA F 44 -5.37 -30.88 -12.71
C ALA F 44 -4.46 -32.07 -12.41
N PHE F 45 -3.72 -32.53 -13.41
CA PHE F 45 -2.83 -33.66 -13.26
C PHE F 45 -1.76 -33.47 -12.16
N PRO F 46 -1.08 -32.31 -12.14
CA PRO F 46 -0.14 -32.07 -11.04
C PRO F 46 -0.81 -32.22 -9.68
N HIS F 47 -2.06 -31.77 -9.55
CA HIS F 47 -2.82 -31.94 -8.31
C HIS F 47 -3.10 -33.40 -8.08
N LEU F 48 -3.49 -34.11 -9.14
CA LEU F 48 -3.73 -35.55 -9.08
C LEU F 48 -2.47 -36.30 -8.63
N ALA F 49 -1.31 -35.83 -9.08
CA ALA F 49 -0.02 -36.36 -8.66
C ALA F 49 0.22 -36.10 -7.18
N MET F 50 -0.26 -34.94 -6.72
CA MET F 50 -0.04 -34.50 -5.35
C MET F 50 -1.01 -35.13 -4.34
N GLY F 51 -2.08 -35.76 -4.82
CA GLY F 51 -3.10 -36.38 -3.96
C GLY F 51 -4.26 -35.47 -3.61
N TRP F 52 -4.42 -34.38 -4.36
CA TRP F 52 -5.44 -33.37 -4.07
C TRP F 52 -6.63 -33.45 -5.03
N ARG F 53 -6.60 -34.42 -5.92
CA ARG F 53 -7.75 -34.69 -6.77
C ARG F 53 -7.99 -36.19 -6.82
N LYS F 54 -9.23 -36.55 -7.11
CA LYS F 54 -9.55 -37.91 -7.48
C LYS F 54 -9.77 -37.94 -8.99
N PHE F 55 -9.24 -38.95 -9.66
CA PHE F 55 -9.33 -39.06 -11.11
C PHE F 55 -10.77 -38.86 -11.59
N GLU F 56 -11.72 -39.43 -10.87
CA GLU F 56 -13.16 -39.21 -11.14
C GLU F 56 -13.56 -37.72 -11.25
N ASP F 57 -12.95 -36.86 -10.44
CA ASP F 57 -13.32 -35.43 -10.39
C ASP F 57 -12.81 -34.61 -11.55
N ILE F 58 -11.71 -35.03 -12.14
CA ILE F 58 -11.06 -34.25 -13.19
C ILE F 58 -11.09 -34.96 -14.53
N SER F 59 -12.14 -35.76 -14.74
CA SER F 59 -12.35 -36.46 -16.00
C SER F 59 -13.82 -36.65 -16.32
N VAL F 60 -14.11 -36.87 -17.60
CA VAL F 60 -15.48 -36.99 -18.13
C VAL F 60 -15.54 -38.11 -19.18
N PRO F 61 -16.33 -39.18 -18.92
CA PRO F 61 -16.42 -40.30 -19.84
C PRO F 61 -17.18 -39.89 -21.08
N LEU F 62 -16.53 -40.00 -22.23
CA LEU F 62 -17.02 -39.45 -23.48
C LEU F 62 -18.14 -40.28 -24.07
N ALA F 63 -18.05 -41.60 -23.89
CA ALA F 63 -19.02 -42.51 -24.48
C ALA F 63 -20.47 -42.14 -24.16
N PRO F 64 -20.84 -42.03 -22.84
CA PRO F 64 -22.21 -41.58 -22.52
C PRO F 64 -22.46 -40.09 -22.76
N LEU F 65 -21.40 -39.32 -23.05
CA LEU F 65 -21.54 -37.86 -23.24
C LEU F 65 -21.72 -37.36 -24.68
N LEU F 66 -20.75 -37.63 -25.55
CA LEU F 66 -20.74 -37.05 -26.90
C LEU F 66 -22.05 -37.16 -27.74
N PRO F 67 -22.72 -38.33 -27.72
CA PRO F 67 -24.03 -38.50 -28.37
C PRO F 67 -25.08 -37.41 -28.06
N LYS F 68 -25.14 -36.95 -26.81
CA LYS F 68 -26.03 -35.84 -26.40
C LYS F 68 -25.93 -34.62 -27.30
N PHE F 69 -24.78 -34.45 -27.95
CA PHE F 69 -24.54 -33.31 -28.82
C PHE F 69 -24.35 -33.77 -30.27
N ASN F 70 -24.83 -34.98 -30.57
CA ASN F 70 -24.78 -35.57 -31.92
C ASN F 70 -23.37 -35.67 -32.49
N ILE F 71 -22.48 -36.25 -31.69
CA ILE F 71 -21.11 -36.49 -32.12
C ILE F 71 -20.83 -37.96 -31.91
N GLU F 72 -20.53 -38.65 -33.01
CA GLU F 72 -20.19 -40.08 -32.98
C GLU F 72 -18.81 -40.25 -32.33
N PHE F 73 -18.73 -41.14 -31.34
CA PHE F 73 -17.48 -41.37 -30.62
C PHE F 73 -16.97 -42.77 -30.91
N ILE F 74 -15.71 -42.86 -31.34
CA ILE F 74 -15.08 -44.14 -31.58
C ILE F 74 -13.96 -44.31 -30.57
N ASN F 75 -14.14 -45.24 -29.65
CA ASN F 75 -13.14 -45.51 -28.61
C ASN F 75 -11.98 -46.41 -29.11
N GLU F 76 -11.26 -45.93 -30.12
CA GLU F 76 -10.12 -46.66 -30.70
C GLU F 76 -8.97 -45.72 -31.02
N LYS F 77 -7.76 -46.26 -31.07
CA LYS F 77 -6.60 -45.50 -31.52
C LYS F 77 -6.61 -45.46 -33.04
N ALA F 78 -6.28 -44.31 -33.60
CA ALA F 78 -6.05 -44.20 -35.04
C ALA F 78 -4.61 -44.64 -35.37
N GLU F 79 -4.44 -45.41 -36.45
CA GLU F 79 -3.10 -45.93 -36.81
C GLU F 79 -2.46 -45.22 -38.01
N SER F 80 -3.20 -45.11 -39.11
CA SER F 80 -2.70 -44.40 -40.30
C SER F 80 -3.70 -43.39 -40.91
N ILE F 81 -3.17 -42.47 -41.71
CA ILE F 81 -3.97 -41.51 -42.46
C ILE F 81 -3.58 -41.58 -43.94
N ASP F 82 -4.57 -41.74 -44.80
CA ASP F 82 -4.39 -41.70 -46.25
C ASP F 82 -5.05 -40.43 -46.80
N PRO F 83 -4.29 -39.32 -46.90
CA PRO F 83 -4.85 -38.01 -47.29
C PRO F 83 -5.25 -37.93 -48.77
N ASP F 84 -4.75 -38.85 -49.59
CA ASP F 84 -5.14 -38.93 -50.99
C ASP F 84 -6.51 -39.60 -51.13
N ALA F 85 -6.82 -40.49 -50.20
CA ALA F 85 -8.09 -41.19 -50.18
C ALA F 85 -9.07 -40.55 -49.19
N ASN F 86 -8.59 -39.61 -48.39
CA ASN F 86 -9.38 -38.98 -47.34
C ASN F 86 -9.93 -40.02 -46.37
N THR F 87 -9.06 -40.93 -45.93
CA THR F 87 -9.47 -42.03 -45.07
C THR F 87 -8.61 -42.12 -43.81
N VAL F 88 -9.25 -42.49 -42.70
CA VAL F 88 -8.55 -42.78 -41.46
C VAL F 88 -8.80 -44.24 -41.06
N THR F 89 -7.72 -45.01 -40.94
CA THR F 89 -7.79 -46.40 -40.49
C THR F 89 -7.50 -46.49 -39.00
N THR F 90 -8.29 -47.29 -38.29
CA THR F 90 -8.07 -47.49 -36.87
C THR F 90 -7.22 -48.73 -36.62
N GLN F 91 -7.11 -49.13 -35.36
CA GLN F 91 -6.31 -50.26 -34.94
C GLN F 91 -7.01 -51.60 -35.14
N SER F 92 -8.34 -51.60 -35.11
CA SER F 92 -9.11 -52.79 -35.45
C SER F 92 -9.05 -53.05 -36.95
N GLY F 93 -9.12 -51.96 -37.73
CA GLY F 93 -9.09 -52.03 -39.19
C GLY F 93 -10.16 -51.19 -39.87
N LYS F 94 -11.04 -50.58 -39.05
CA LYS F 94 -12.10 -49.72 -39.54
C LYS F 94 -11.61 -48.53 -40.38
N LYS F 95 -12.08 -48.47 -41.62
CA LYS F 95 -11.81 -47.34 -42.51
C LYS F 95 -12.90 -46.29 -42.36
N ILE F 96 -12.53 -45.12 -41.88
CA ILE F 96 -13.49 -44.01 -41.78
C ILE F 96 -13.21 -42.93 -42.83
N GLU F 97 -14.19 -42.67 -43.68
CA GLU F 97 -14.12 -41.66 -44.72
C GLU F 97 -14.39 -40.29 -44.10
N TYR F 98 -13.82 -39.24 -44.69
CA TYR F 98 -14.01 -37.86 -44.18
C TYR F 98 -13.94 -36.81 -45.30
N ASP F 99 -14.66 -35.70 -45.09
CA ASP F 99 -14.52 -34.52 -45.94
C ASP F 99 -13.51 -33.56 -45.34
N TYR F 100 -13.45 -33.50 -44.02
CA TYR F 100 -12.44 -32.69 -43.34
C TYR F 100 -11.87 -33.46 -42.16
N LEU F 101 -10.57 -33.26 -41.92
CA LEU F 101 -9.89 -33.93 -40.83
C LEU F 101 -9.28 -32.95 -39.84
N VAL F 102 -9.50 -33.23 -38.57
CA VAL F 102 -8.89 -32.46 -37.53
C VAL F 102 -7.98 -33.41 -36.75
N ILE F 103 -6.68 -33.13 -36.81
CA ILE F 103 -5.71 -33.89 -36.03
C ILE F 103 -5.40 -33.17 -34.72
N ALA F 104 -5.81 -33.79 -33.62
CA ALA F 104 -5.67 -33.21 -32.28
C ALA F 104 -5.25 -34.27 -31.26
N THR F 105 -4.21 -35.04 -31.60
CA THR F 105 -3.78 -36.16 -30.75
C THR F 105 -2.91 -35.71 -29.56
N GLY F 106 -2.58 -34.42 -29.52
CA GLY F 106 -1.77 -33.87 -28.44
C GLY F 106 -0.37 -34.44 -28.46
N PRO F 107 0.31 -34.43 -27.30
CA PRO F 107 1.71 -34.84 -27.21
C PRO F 107 1.94 -36.35 -27.14
N LYS F 108 2.93 -36.85 -27.90
CA LYS F 108 3.46 -38.19 -27.69
C LYS F 108 4.76 -38.07 -26.91
N LEU F 109 4.83 -38.76 -25.79
CA LEU F 109 5.91 -38.54 -24.83
C LEU F 109 7.21 -39.25 -25.19
N VAL F 110 8.29 -38.46 -25.26
CA VAL F 110 9.63 -38.96 -25.51
C VAL F 110 10.49 -38.75 -24.26
N PHE F 111 10.78 -39.84 -23.57
CA PHE F 111 11.63 -39.80 -22.39
C PHE F 111 13.09 -39.90 -22.83
N GLY F 112 13.66 -38.77 -23.21
CA GLY F 112 14.96 -38.73 -23.90
C GLY F 112 16.24 -38.97 -23.12
N ALA F 113 16.18 -38.92 -21.80
CA ALA F 113 17.35 -39.18 -20.95
C ALA F 113 17.40 -40.66 -20.58
N GLU F 114 18.60 -41.25 -20.60
CA GLU F 114 18.76 -42.67 -20.29
CA GLU F 114 18.76 -42.67 -20.29
C GLU F 114 18.40 -42.96 -18.84
N GLY F 115 17.43 -43.84 -18.67
CA GLY F 115 16.92 -44.19 -17.35
C GLY F 115 15.72 -43.36 -16.94
N GLN F 116 15.34 -42.40 -17.79
CA GLN F 116 14.22 -41.51 -17.47
C GLN F 116 12.94 -42.29 -17.23
N GLU F 117 12.46 -42.99 -18.26
CA GLU F 117 11.22 -43.75 -18.18
C GLU F 117 11.17 -44.75 -17.01
N GLU F 118 12.30 -45.37 -16.67
CA GLU F 118 12.36 -46.31 -15.53
C GLU F 118 12.46 -45.61 -14.17
N ASN F 119 13.27 -44.57 -14.06
CA ASN F 119 13.70 -44.06 -12.75
C ASN F 119 13.08 -42.74 -12.31
N SER F 120 12.52 -41.98 -13.26
CA SER F 120 11.87 -40.73 -12.93
C SER F 120 10.37 -40.93 -12.92
N THR F 121 9.65 -39.84 -12.69
CA THR F 121 8.20 -39.84 -12.80
C THR F 121 7.83 -38.65 -13.66
N SER F 122 6.67 -38.73 -14.29
CA SER F 122 6.11 -37.61 -15.04
C SER F 122 4.64 -37.43 -14.64
N ILE F 123 4.08 -36.28 -14.98
CA ILE F 123 2.72 -35.96 -14.57
C ILE F 123 1.88 -35.55 -15.78
N CYS F 124 2.34 -35.95 -16.97
CA CYS F 124 1.70 -35.52 -18.21
C CYS F 124 0.55 -36.40 -18.69
N THR F 125 0.36 -37.54 -18.03
CA THR F 125 -0.82 -38.37 -18.25
C THR F 125 -1.35 -38.86 -16.90
N ALA F 126 -2.67 -38.92 -16.76
CA ALA F 126 -3.33 -39.40 -15.53
C ALA F 126 -2.76 -40.72 -14.98
N GLU F 127 -2.45 -41.66 -15.87
CA GLU F 127 -1.84 -42.93 -15.48
C GLU F 127 -0.48 -42.69 -14.83
N HIS F 128 0.30 -41.78 -15.42
CA HIS F 128 1.62 -41.44 -14.87
C HIS F 128 1.50 -40.66 -13.57
N ALA F 129 0.59 -39.69 -13.52
CA ALA F 129 0.39 -38.86 -12.34
C ALA F 129 0.10 -39.71 -11.09
N LEU F 130 -0.70 -40.76 -11.27
CA LEU F 130 -0.99 -41.70 -10.19
C LEU F 130 0.25 -42.50 -9.79
N GLU F 131 1.01 -42.95 -10.78
CA GLU F 131 2.28 -43.63 -10.52
C GLU F 131 3.13 -42.75 -9.63
N THR F 132 3.15 -41.44 -9.92
CA THR F 132 3.89 -40.42 -9.16
C THR F 132 3.45 -40.34 -7.71
N GLN F 133 2.15 -40.27 -7.48
CA GLN F 133 1.60 -40.25 -6.13
C GLN F 133 2.20 -41.38 -5.28
N LYS F 134 2.27 -42.59 -5.84
CA LYS F 134 2.86 -43.75 -5.14
C LYS F 134 4.30 -43.50 -4.67
N LYS F 135 5.18 -43.12 -5.60
CA LYS F 135 6.57 -42.76 -5.27
C LYS F 135 6.70 -41.53 -4.39
N LEU F 136 5.68 -40.66 -4.40
CA LEU F 136 5.69 -39.51 -3.51
C LEU F 136 5.51 -39.96 -2.06
N GLN F 137 4.65 -40.96 -1.86
CA GLN F 137 4.37 -41.43 -0.52
C GLN F 137 5.58 -42.16 0.08
N GLU F 138 6.43 -42.71 -0.79
CA GLU F 138 7.72 -43.25 -0.36
C GLU F 138 8.69 -42.15 0.08
N LEU F 139 8.65 -41.01 -0.59
CA LEU F 139 9.45 -39.85 -0.20
C LEU F 139 9.07 -39.29 1.17
N TYR F 140 7.77 -39.25 1.47
CA TYR F 140 7.29 -38.76 2.76
C TYR F 140 7.76 -39.65 3.90
N ALA F 141 7.84 -40.96 3.65
CA ALA F 141 8.39 -41.91 4.63
C ALA F 141 9.91 -41.73 4.74
N ASN F 142 10.62 -41.93 3.63
CA ASN F 142 12.09 -41.83 3.59
C ASN F 142 12.54 -40.56 2.88
N PRO F 143 12.66 -39.44 3.63
CA PRO F 143 13.02 -38.15 3.03
C PRO F 143 14.47 -38.13 2.54
N GLY F 144 14.68 -37.60 1.34
CA GLY F 144 15.99 -37.50 0.70
C GLY F 144 15.94 -36.44 -0.38
N PRO F 145 17.03 -36.28 -1.16
CA PRO F 145 17.06 -35.21 -2.15
C PRO F 145 16.05 -35.36 -3.29
N VAL F 146 15.52 -34.23 -3.73
CA VAL F 146 14.49 -34.14 -4.77
C VAL F 146 15.00 -33.30 -5.93
N VAL F 147 14.86 -33.84 -7.14
CA VAL F 147 15.27 -33.12 -8.34
C VAL F 147 14.13 -33.13 -9.34
N ILE F 148 13.72 -31.95 -9.78
CA ILE F 148 12.59 -31.80 -10.68
C ILE F 148 13.06 -30.93 -11.82
N GLY F 149 12.53 -31.14 -13.02
CA GLY F 149 12.83 -30.23 -14.14
C GLY F 149 12.54 -30.68 -15.56
N ALA F 150 13.31 -30.14 -16.51
CA ALA F 150 13.07 -30.38 -17.93
C ALA F 150 14.32 -30.82 -18.67
N ILE F 151 14.14 -31.86 -19.49
CA ILE F 151 15.21 -32.37 -20.37
C ILE F 151 15.35 -31.48 -21.62
N PRO F 152 16.38 -31.71 -22.46
CA PRO F 152 16.48 -30.99 -23.74
C PRO F 152 15.27 -31.21 -24.67
N GLY F 153 14.86 -30.17 -25.39
CA GLY F 153 13.76 -30.28 -26.35
C GLY F 153 12.38 -30.12 -25.76
N VAL F 154 12.31 -29.82 -24.46
CA VAL F 154 11.02 -29.61 -23.79
C VAL F 154 10.35 -28.35 -24.34
N SER F 155 9.02 -28.35 -24.29
CA SER F 155 8.22 -27.22 -24.75
C SER F 155 7.16 -26.85 -23.72
N PHE F 157 6.91 -26.20 -19.88
CA PHE F 157 7.64 -26.03 -18.60
C PHE F 157 6.75 -25.76 -17.38
N GLY F 158 5.62 -25.09 -17.60
CA GLY F 158 4.69 -24.80 -16.51
C GLY F 158 4.54 -25.90 -15.47
N PRO F 159 4.05 -27.09 -15.87
CA PRO F 159 3.75 -28.17 -14.92
C PRO F 159 4.92 -28.51 -14.00
N ALA F 160 6.14 -28.46 -14.53
CA ALA F 160 7.35 -28.67 -13.75
C ALA F 160 7.48 -27.61 -12.65
N TYR F 161 7.36 -26.32 -13.01
CA TYR F 161 7.42 -25.27 -12.01
C TYR F 161 6.31 -25.51 -11.00
N GLU F 162 5.09 -25.59 -11.53
CA GLU F 162 3.87 -25.89 -10.78
C GLU F 162 4.02 -27.07 -9.79
N PHE F 163 4.76 -28.09 -10.20
CA PHE F 163 4.97 -29.26 -9.38
C PHE F 163 5.97 -29.04 -8.24
N ALA F 164 7.10 -28.39 -8.52
CA ALA F 164 8.09 -28.09 -7.47
C ALA F 164 7.44 -27.32 -6.34
N LEU F 165 6.84 -26.18 -6.67
CA LEU F 165 6.20 -25.34 -5.66
C LEU F 165 5.10 -26.06 -4.88
N MET F 166 4.35 -26.93 -5.56
CA MET F 166 3.32 -27.71 -4.87
C MET F 166 3.93 -28.66 -3.88
N LEU F 167 5.03 -29.29 -4.30
CA LEU F 167 5.74 -30.26 -3.46
C LEU F 167 6.37 -29.56 -2.25
N HIS F 168 7.03 -28.42 -2.51
CA HIS F 168 7.57 -27.59 -1.44
C HIS F 168 6.50 -27.29 -0.40
N TYR F 169 5.34 -26.85 -0.86
CA TYR F 169 4.20 -26.54 0.02
C TYR F 169 3.78 -27.73 0.88
N GLU F 170 3.65 -28.90 0.26
CA GLU F 170 3.23 -30.11 0.95
C GLU F 170 4.28 -30.58 1.96
N LEU F 171 5.54 -30.59 1.55
CA LEU F 171 6.63 -30.98 2.45
C LEU F 171 6.64 -30.09 3.68
N LYS F 172 6.35 -28.81 3.48
CA LYS F 172 6.22 -27.85 4.58
C LYS F 172 5.08 -28.18 5.53
N LYS F 173 3.88 -28.42 4.99
CA LYS F 173 2.71 -28.79 5.81
C LYS F 173 3.00 -30.07 6.59
N ARG F 174 3.79 -30.97 6.01
CA ARG F 174 4.20 -32.20 6.67
C ARG F 174 5.38 -32.00 7.60
N GLY F 175 5.90 -30.77 7.65
CA GLY F 175 7.01 -30.39 8.52
C GLY F 175 8.30 -31.11 8.22
N ILE F 176 8.50 -31.48 6.96
CA ILE F 176 9.68 -32.28 6.61
C ILE F 176 10.53 -31.67 5.50
N ARG F 177 10.22 -30.45 5.09
CA ARG F 177 10.97 -29.76 4.02
C ARG F 177 12.46 -29.55 4.37
N TYR F 178 12.74 -29.37 5.66
CA TYR F 178 14.11 -29.22 6.15
C TYR F 178 14.90 -30.52 6.06
N LYS F 179 14.18 -31.63 5.90
CA LYS F 179 14.83 -32.93 5.65
C LYS F 179 14.99 -33.17 4.14
N VAL F 180 14.41 -32.30 3.32
CA VAL F 180 14.35 -32.51 1.86
C VAL F 180 14.93 -31.36 1.01
N PRO F 181 16.17 -31.58 0.49
CA PRO F 181 16.78 -30.69 -0.51
C PRO F 181 15.98 -30.75 -1.80
N MET F 182 15.76 -29.61 -2.45
CA MET F 182 15.10 -29.56 -3.76
C MET F 182 15.92 -28.84 -4.80
N THR F 183 16.00 -29.43 -5.99
CA THR F 183 16.67 -28.76 -7.08
C THR F 183 15.87 -28.88 -8.36
N PHE F 184 15.83 -27.77 -9.09
CA PHE F 184 15.15 -27.66 -10.36
C PHE F 184 16.21 -27.56 -11.45
N ILE F 185 16.18 -28.48 -12.42
CA ILE F 185 17.13 -28.46 -13.53
C ILE F 185 16.41 -28.37 -14.87
N THR F 186 16.80 -27.40 -15.69
CA THR F 186 16.05 -27.09 -16.90
C THR F 186 16.91 -26.76 -18.14
N SER F 187 16.37 -27.13 -19.30
CA SER F 187 16.99 -26.82 -20.58
C SER F 187 16.78 -25.36 -21.00
N GLU F 188 15.91 -24.65 -20.29
CA GLU F 188 15.70 -23.20 -20.48
C GLU F 188 17.01 -22.44 -20.32
N PRO F 189 17.22 -21.36 -21.09
CA PRO F 189 18.41 -20.52 -20.86
C PRO F 189 18.45 -19.99 -19.43
N TYR F 190 17.29 -19.69 -18.88
CA TYR F 190 17.18 -19.11 -17.55
C TYR F 190 15.79 -19.43 -17.01
N LEU F 191 15.63 -19.37 -15.69
CA LEU F 191 14.35 -19.61 -15.06
C LEU F 191 13.30 -18.65 -15.55
N GLY F 192 12.11 -19.19 -15.81
CA GLY F 192 10.96 -18.38 -16.22
C GLY F 192 11.04 -18.00 -17.68
N HIS F 193 11.68 -18.86 -18.46
CA HIS F 193 11.79 -18.67 -19.90
C HIS F 193 10.57 -19.28 -20.55
N PHE F 194 10.10 -20.37 -19.95
CA PHE F 194 8.94 -21.14 -20.38
C PHE F 194 8.92 -21.49 -21.86
N GLY F 195 10.10 -21.46 -22.50
CA GLY F 195 10.20 -21.71 -23.94
C GLY F 195 9.58 -20.60 -24.79
N VAL F 196 9.20 -19.52 -24.13
CA VAL F 196 8.51 -18.42 -24.78
C VAL F 196 9.35 -17.14 -24.71
N GLY F 197 10.56 -17.27 -24.16
CA GLY F 197 11.47 -16.13 -24.05
C GLY F 197 11.10 -15.24 -22.88
N GLY F 198 10.36 -15.81 -21.94
CA GLY F 198 9.87 -15.10 -20.77
C GLY F 198 8.53 -14.44 -21.01
N ILE F 199 7.77 -14.31 -19.92
CA ILE F 199 6.58 -13.47 -19.92
C ILE F 199 6.85 -12.32 -18.94
N GLY F 200 7.21 -11.16 -19.49
CA GLY F 200 7.55 -9.99 -18.68
C GLY F 200 8.76 -10.23 -17.79
N ALA F 201 8.70 -9.71 -16.56
CA ALA F 201 9.78 -9.91 -15.61
C ALA F 201 9.78 -11.31 -14.99
N SER F 202 9.14 -12.28 -15.67
CA SER F 202 9.02 -13.64 -15.16
C SER F 202 10.34 -14.28 -14.70
N LYS F 203 11.46 -13.82 -15.22
CA LYS F 203 12.76 -14.33 -14.79
C LYS F 203 12.99 -13.90 -13.35
N ARG F 204 12.98 -12.59 -13.14
CA ARG F 204 13.13 -12.01 -11.81
C ARG F 204 12.12 -12.61 -10.84
N LEU F 205 10.87 -12.70 -11.29
CA LEU F 205 9.76 -13.14 -10.45
C LEU F 205 9.86 -14.60 -9.94
N VAL F 206 10.36 -15.51 -10.79
CA VAL F 206 10.53 -16.94 -10.43
C VAL F 206 11.86 -17.14 -9.69
N GLU F 207 12.86 -16.34 -10.01
CA GLU F 207 14.12 -16.35 -9.28
C GLU F 207 13.90 -16.01 -7.81
N ASP F 208 13.10 -14.97 -7.56
CA ASP F 208 12.75 -14.57 -6.18
C ASP F 208 11.94 -15.67 -5.51
N LEU F 209 10.99 -16.21 -6.26
CA LEU F 209 10.16 -17.30 -5.79
C LEU F 209 10.99 -18.50 -5.32
N PHE F 210 11.97 -18.91 -6.11
CA PHE F 210 12.82 -20.05 -5.75
C PHE F 210 13.78 -19.71 -4.59
N ALA F 211 14.35 -18.50 -4.62
CA ALA F 211 15.26 -18.05 -3.57
C ALA F 211 14.61 -18.11 -2.20
N GLU F 212 13.42 -17.50 -2.06
CA GLU F 212 12.77 -17.44 -0.73
C GLU F 212 12.01 -18.71 -0.32
N ARG F 213 11.93 -19.70 -1.21
CA ARG F 213 11.40 -21.02 -0.85
C ARG F 213 12.52 -22.10 -0.77
N ASN F 214 13.76 -21.65 -0.87
CA ASN F 214 14.97 -22.48 -0.89
C ASN F 214 14.88 -23.64 -1.89
N ILE F 215 14.59 -23.30 -3.13
CA ILE F 215 14.66 -24.27 -4.23
C ILE F 215 15.88 -23.95 -5.07
N ASP F 216 16.90 -24.80 -4.95
CA ASP F 216 18.14 -24.63 -5.71
C ASP F 216 17.82 -24.88 -7.18
N TRP F 217 18.64 -24.35 -8.07
CA TRP F 217 18.37 -24.55 -9.48
C TRP F 217 19.59 -24.48 -10.38
N ILE F 218 19.52 -25.19 -11.50
CA ILE F 218 20.52 -25.12 -12.54
C ILE F 218 19.80 -24.96 -13.87
N ALA F 219 20.01 -23.82 -14.51
CA ALA F 219 19.44 -23.55 -15.83
C ALA F 219 20.50 -23.69 -16.93
N ASN F 220 20.04 -23.75 -18.18
CA ASN F 220 20.92 -23.77 -19.36
C ASN F 220 21.78 -25.02 -19.49
N VAL F 221 21.25 -26.13 -19.02
CA VAL F 221 21.96 -27.40 -19.05
C VAL F 221 21.12 -28.49 -19.71
N ALA F 222 21.76 -29.61 -20.02
CA ALA F 222 21.10 -30.75 -20.63
C ALA F 222 21.23 -31.93 -19.69
N VAL F 223 20.08 -32.43 -19.23
CA VAL F 223 20.01 -33.65 -18.46
C VAL F 223 20.29 -34.82 -19.41
N LYS F 224 21.22 -35.69 -19.00
CA LYS F 224 21.66 -36.81 -19.81
C LYS F 224 21.13 -38.16 -19.32
N ALA F 225 20.95 -38.30 -18.02
CA ALA F 225 20.58 -39.58 -17.43
C ALA F 225 19.83 -39.44 -16.10
N ILE F 226 18.87 -40.33 -15.87
CA ILE F 226 18.23 -40.41 -14.58
C ILE F 226 18.50 -41.78 -14.00
N GLU F 227 19.28 -41.82 -12.93
CA GLU F 227 19.65 -43.04 -12.25
C GLU F 227 18.77 -43.17 -11.01
N PRO F 228 18.91 -44.29 -10.25
CA PRO F 228 18.12 -44.38 -9.01
C PRO F 228 18.61 -43.46 -7.89
N ASP F 229 19.84 -42.98 -7.96
CA ASP F 229 20.44 -42.22 -6.86
C ASP F 229 20.93 -40.84 -7.26
N LYS F 230 20.94 -40.56 -8.55
CA LYS F 230 21.58 -39.36 -9.07
C LYS F 230 21.00 -38.92 -10.40
N VAL F 231 21.12 -37.62 -10.68
CA VAL F 231 20.79 -37.07 -11.99
C VAL F 231 22.06 -36.50 -12.62
N ILE F 232 22.45 -37.09 -13.74
CA ILE F 232 23.61 -36.64 -14.47
C ILE F 232 23.16 -35.66 -15.54
N TYR F 233 23.91 -34.56 -15.66
CA TYR F 233 23.63 -33.53 -16.67
C TYR F 233 24.92 -32.95 -17.23
N GLU F 234 24.79 -32.21 -18.33
CA GLU F 234 25.92 -31.59 -19.01
C GLU F 234 25.62 -30.10 -19.21
N ASP F 235 26.59 -29.24 -18.94
CA ASP F 235 26.43 -27.81 -19.19
C ASP F 235 26.85 -27.48 -20.63
N LEU F 236 26.75 -26.21 -21.01
CA LEU F 236 27.03 -25.78 -22.38
C LEU F 236 28.47 -26.06 -22.83
N ASN F 237 29.43 -25.73 -21.97
CA ASN F 237 30.85 -25.88 -22.27
C ASN F 237 31.33 -27.33 -22.45
N GLY F 238 30.53 -28.29 -21.99
CA GLY F 238 30.77 -29.72 -22.24
C GLY F 238 31.13 -30.56 -21.02
N ASN F 239 30.94 -30.00 -19.84
CA ASN F 239 31.27 -30.69 -18.60
C ASN F 239 30.09 -31.51 -18.06
N THR F 240 30.39 -32.62 -17.39
CA THR F 240 29.37 -33.49 -16.85
C THR F 240 29.34 -33.40 -15.32
N HIS F 241 28.16 -33.05 -14.78
CA HIS F 241 27.93 -33.04 -13.35
C HIS F 241 26.83 -34.00 -12.97
N GLU F 242 26.84 -34.39 -11.69
CA GLU F 242 25.83 -35.26 -11.11
C GLU F 242 25.33 -34.66 -9.80
N VAL F 243 24.03 -34.80 -9.57
CA VAL F 243 23.36 -34.26 -8.39
C VAL F 243 22.56 -35.41 -7.74
N PRO F 244 22.63 -35.57 -6.40
CA PRO F 244 21.95 -36.72 -5.78
C PRO F 244 20.42 -36.58 -5.80
N ALA F 245 19.74 -37.71 -5.99
CA ALA F 245 18.28 -37.72 -6.14
C ALA F 245 17.63 -38.99 -5.59
N LYS F 246 16.74 -38.83 -4.61
CA LYS F 246 15.87 -39.93 -4.17
C LYS F 246 14.57 -39.91 -4.99
N PHE F 247 14.03 -38.71 -5.19
CA PHE F 247 12.82 -38.53 -5.98
C PHE F 247 13.06 -37.60 -7.16
N THR F 248 12.68 -38.04 -8.34
CA THR F 248 12.74 -37.16 -9.51
C THR F 248 11.40 -37.01 -10.18
N MET F 249 11.23 -35.88 -10.85
CA MET F 249 10.12 -35.69 -11.75
C MET F 249 10.66 -34.83 -12.87
N PHE F 250 10.56 -35.34 -14.09
CA PHE F 250 11.04 -34.59 -15.24
C PHE F 250 10.01 -34.52 -16.34
N MET F 251 10.04 -33.43 -17.09
CA MET F 251 9.20 -33.31 -18.27
C MET F 251 9.87 -34.00 -19.46
N PRO F 252 9.15 -34.91 -20.12
CA PRO F 252 9.62 -35.47 -21.38
C PRO F 252 9.55 -34.40 -22.47
N SER F 253 10.25 -34.65 -23.57
CA SER F 253 10.10 -33.85 -24.78
C SER F 253 8.90 -34.42 -25.54
N PHE F 254 8.28 -33.60 -26.40
CA PHE F 254 7.18 -34.07 -27.23
C PHE F 254 7.60 -34.35 -28.67
N GLN F 255 6.85 -35.24 -29.32
CA GLN F 255 6.92 -35.42 -30.78
C GLN F 255 5.56 -35.85 -31.30
N GLY F 256 5.37 -35.74 -32.61
CA GLY F 256 4.12 -36.14 -33.24
C GLY F 256 3.94 -37.65 -33.24
N PRO F 257 2.70 -38.12 -33.41
CA PRO F 257 2.47 -39.55 -33.42
C PRO F 257 2.78 -40.20 -34.76
N GLU F 258 2.73 -41.52 -34.79
CA GLU F 258 2.97 -42.32 -35.99
C GLU F 258 1.75 -42.26 -36.92
N VAL F 259 0.61 -41.89 -36.35
CA VAL F 259 -0.60 -41.67 -37.14
C VAL F 259 -0.41 -40.48 -38.10
N VAL F 260 0.23 -39.41 -37.60
CA VAL F 260 0.64 -38.29 -38.42
C VAL F 260 1.78 -38.69 -39.38
N ALA F 261 2.83 -39.30 -38.83
CA ALA F 261 4.00 -39.74 -39.61
C ALA F 261 3.63 -40.48 -40.88
N SER F 262 2.61 -41.33 -40.80
CA SER F 262 2.18 -42.16 -41.91
C SER F 262 1.22 -41.45 -42.89
N ALA F 263 1.12 -40.13 -42.78
CA ALA F 263 0.31 -39.35 -43.71
C ALA F 263 1.15 -38.81 -44.87
N GLY F 264 2.45 -39.15 -44.88
CA GLY F 264 3.39 -38.62 -45.86
C GLY F 264 4.10 -37.40 -45.29
N ASP F 265 5.25 -37.05 -45.87
CA ASP F 265 6.04 -35.93 -45.35
C ASP F 265 5.58 -34.53 -45.81
N LYS F 266 4.38 -34.44 -46.38
CA LYS F 266 3.76 -33.15 -46.65
C LYS F 266 2.82 -32.79 -45.48
N VAL F 267 2.52 -33.78 -44.64
CA VAL F 267 1.67 -33.61 -43.47
C VAL F 267 2.49 -33.70 -42.17
N ALA F 268 3.39 -34.69 -42.12
CA ALA F 268 4.28 -34.88 -40.97
C ALA F 268 5.58 -34.13 -41.17
N ASN F 269 5.95 -33.32 -40.19
CA ASN F 269 7.19 -32.57 -40.22
C ASN F 269 8.37 -33.52 -39.98
N PRO F 270 9.28 -33.67 -40.97
CA PRO F 270 10.40 -34.61 -40.90
C PRO F 270 11.11 -34.61 -39.55
N ALA F 271 11.49 -33.42 -39.06
CA ALA F 271 12.27 -33.29 -37.83
C ALA F 271 11.56 -33.76 -36.56
N ASN F 272 10.25 -33.56 -36.47
CA ASN F 272 9.53 -33.81 -35.22
C ASN F 272 8.27 -34.67 -35.30
N LYS F 273 7.80 -34.94 -36.53
CA LYS F 273 6.58 -35.72 -36.79
C LYS F 273 5.27 -35.02 -36.41
N MET F 274 5.35 -33.76 -36.00
CA MET F 274 4.13 -33.00 -35.70
C MET F 274 3.47 -32.54 -37.01
N VAL F 275 2.19 -32.15 -36.93
CA VAL F 275 1.40 -31.79 -38.12
C VAL F 275 1.88 -30.46 -38.69
N ILE F 276 2.20 -30.45 -39.97
CA ILE F 276 2.54 -29.21 -40.67
C ILE F 276 1.26 -28.40 -40.88
N VAL F 277 1.27 -27.16 -40.40
CA VAL F 277 0.12 -26.26 -40.58
C VAL F 277 0.59 -24.84 -40.94
N ASN F 278 -0.33 -24.05 -41.49
CA ASN F 278 -0.07 -22.64 -41.76
C ASN F 278 -0.72 -21.74 -40.71
N ARG F 279 -0.77 -20.43 -40.97
CA ARG F 279 -1.30 -19.46 -40.02
C ARG F 279 -2.74 -19.75 -39.61
N CYS F 280 -3.48 -20.35 -40.53
CA CYS F 280 -4.89 -20.71 -40.32
C CYS F 280 -5.02 -22.12 -39.77
N PHE F 281 -3.89 -22.71 -39.41
CA PHE F 281 -3.80 -24.07 -38.83
C PHE F 281 -4.38 -25.18 -39.72
N GLN F 282 -4.30 -24.91 -41.02
CA GLN F 282 -4.70 -25.79 -42.11
C GLN F 282 -3.44 -26.35 -42.75
N ASN F 283 -3.51 -27.60 -43.22
CA ASN F 283 -2.39 -28.17 -43.97
C ASN F 283 -2.22 -27.49 -45.34
N PRO F 284 -0.99 -27.05 -45.66
CA PRO F 284 -0.76 -26.41 -46.94
C PRO F 284 -1.15 -27.29 -48.14
N THR F 285 -0.76 -28.56 -48.14
CA THR F 285 -1.08 -29.44 -49.27
C THR F 285 -2.53 -29.92 -49.22
N TYR F 286 -2.86 -30.64 -48.15
CA TYR F 286 -4.13 -31.28 -48.03
C TYR F 286 -5.14 -30.37 -47.34
N LYS F 287 -5.63 -29.41 -48.13
CA LYS F 287 -6.51 -28.33 -47.67
C LYS F 287 -7.70 -28.76 -46.78
N ASN F 288 -7.96 -30.05 -46.72
CA ASN F 288 -9.04 -30.56 -45.88
C ASN F 288 -8.52 -31.15 -44.57
N ILE F 289 -7.24 -30.95 -44.28
CA ILE F 289 -6.67 -31.40 -43.00
C ILE F 289 -6.24 -30.21 -42.16
N PHE F 290 -6.83 -30.10 -40.98
CA PHE F 290 -6.44 -29.07 -40.02
C PHE F 290 -5.82 -29.76 -38.82
N GLY F 291 -4.91 -29.04 -38.15
CA GLY F 291 -4.32 -29.51 -36.90
C GLY F 291 -4.62 -28.55 -35.77
N VAL F 292 -4.94 -29.09 -34.59
CA VAL F 292 -5.15 -28.25 -33.42
C VAL F 292 -4.50 -28.84 -32.16
N GLY F 293 -3.87 -27.98 -31.37
CA GLY F 293 -3.35 -28.37 -30.08
C GLY F 293 -1.87 -28.70 -30.14
N VAL F 294 -1.40 -29.45 -29.15
CA VAL F 294 0.02 -29.72 -29.00
C VAL F 294 0.67 -30.43 -30.20
N VAL F 295 -0.13 -31.22 -30.94
CA VAL F 295 0.36 -31.97 -32.11
C VAL F 295 0.73 -31.11 -33.32
N THR F 296 0.38 -29.83 -33.29
CA THR F 296 0.71 -28.93 -34.41
C THR F 296 2.17 -28.50 -34.37
N ALA F 297 2.82 -28.49 -35.53
CA ALA F 297 4.20 -28.05 -35.64
C ALA F 297 4.27 -26.54 -35.66
N ILE F 298 4.80 -25.96 -34.59
CA ILE F 298 5.04 -24.51 -34.46
C ILE F 298 6.53 -24.27 -34.25
N PRO F 299 7.18 -23.48 -35.14
CA PRO F 299 8.60 -23.20 -34.98
C PRO F 299 8.93 -22.55 -33.63
N PRO F 300 10.02 -23.00 -32.98
CA PRO F 300 10.38 -22.50 -31.67
C PRO F 300 10.54 -20.99 -31.73
N ILE F 301 10.23 -20.33 -30.64
CA ILE F 301 10.21 -18.86 -30.59
C ILE F 301 11.61 -18.31 -30.71
N GLU F 302 12.54 -18.97 -30.01
CA GLU F 302 13.92 -18.53 -29.90
C GLU F 302 14.76 -19.80 -29.88
N LYS F 303 15.79 -19.87 -30.74
CA LYS F 303 16.70 -21.02 -30.74
C LYS F 303 17.63 -20.90 -29.53
N THR F 304 17.60 -21.90 -28.66
CA THR F 304 18.30 -21.83 -27.38
C THR F 304 19.53 -22.73 -27.37
N PRO F 305 20.56 -22.37 -26.57
CA PRO F 305 21.73 -23.20 -26.28
C PRO F 305 21.40 -24.68 -26.07
N ILE F 306 20.40 -24.98 -25.24
CA ILE F 306 19.84 -26.32 -25.17
C ILE F 306 18.48 -26.27 -25.84
N PRO F 307 18.29 -27.02 -26.95
CA PRO F 307 17.03 -26.98 -27.71
C PRO F 307 15.78 -26.92 -26.81
N THR F 308 14.90 -25.96 -27.08
CA THR F 308 13.59 -25.87 -26.45
C THR F 308 12.54 -25.49 -27.50
N GLY F 309 11.27 -25.55 -27.12
CA GLY F 309 10.17 -25.31 -28.06
C GLY F 309 8.97 -24.65 -27.41
N VAL F 310 8.00 -24.28 -28.23
CA VAL F 310 6.90 -23.44 -27.80
C VAL F 310 5.85 -24.27 -27.07
N PRO F 311 5.39 -23.76 -25.92
CA PRO F 311 4.20 -24.34 -25.31
C PRO F 311 2.95 -24.03 -26.13
N LYS F 312 2.03 -24.99 -26.19
CA LYS F 312 0.69 -24.76 -26.70
C LYS F 312 -0.22 -24.89 -25.50
N THR F 313 -0.63 -23.78 -24.90
CA THR F 313 -1.45 -23.83 -23.70
C THR F 313 -2.96 -23.89 -24.02
N GLY F 314 -3.77 -24.12 -23.00
CA GLY F 314 -5.21 -24.25 -23.17
C GLY F 314 -5.92 -23.13 -23.91
N MET F 315 -5.59 -21.88 -23.57
CA MET F 315 -6.22 -20.73 -24.22
C MET F 315 -5.85 -20.70 -25.69
N MET F 316 -4.58 -20.99 -25.98
CA MET F 316 -4.06 -21.06 -27.35
C MET F 316 -4.76 -22.15 -28.14
N ILE F 317 -4.91 -23.32 -27.53
CA ILE F 317 -5.56 -24.44 -28.17
C ILE F 317 -7.06 -24.15 -28.39
N GLU F 318 -7.69 -23.48 -27.44
CA GLU F 318 -9.08 -23.09 -27.62
C GLU F 318 -9.24 -22.10 -28.77
N GLN F 319 -8.25 -21.24 -28.97
CA GLN F 319 -8.29 -20.29 -30.06
C GLN F 319 -8.03 -20.98 -31.41
N MET F 320 -7.13 -21.95 -31.44
CA MET F 320 -6.91 -22.78 -32.64
C MET F 320 -8.22 -23.46 -33.04
N ALA F 321 -8.89 -24.03 -32.04
CA ALA F 321 -10.14 -24.76 -32.19
C ALA F 321 -11.27 -23.88 -32.70
N MET F 322 -11.30 -22.61 -32.29
CA MET F 322 -12.28 -21.67 -32.83
C MET F 322 -12.00 -21.36 -34.30
N ALA F 323 -10.70 -21.20 -34.63
CA ALA F 323 -10.26 -20.89 -35.99
C ALA F 323 -10.52 -22.03 -36.96
N VAL F 324 -10.11 -23.24 -36.58
CA VAL F 324 -10.33 -24.44 -37.37
C VAL F 324 -11.82 -24.66 -37.62
N ALA F 325 -12.64 -24.42 -36.60
CA ALA F 325 -14.07 -24.63 -36.74
C ALA F 325 -14.70 -23.65 -37.72
N HIS F 326 -14.32 -22.38 -37.65
CA HIS F 326 -14.82 -21.40 -38.61
C HIS F 326 -14.29 -21.62 -40.03
N ASN F 327 -13.03 -22.05 -40.14
CA ASN F 327 -12.42 -22.33 -41.44
C ASN F 327 -13.10 -23.50 -42.14
N ILE F 328 -13.31 -24.60 -41.41
CA ILE F 328 -14.06 -25.75 -41.92
C ILE F 328 -15.48 -25.33 -42.32
N VAL F 329 -16.15 -24.59 -41.46
CA VAL F 329 -17.50 -24.14 -41.78
C VAL F 329 -17.55 -23.19 -43.00
N ASN F 330 -16.69 -22.18 -42.99
CA ASN F 330 -16.64 -21.23 -44.09
C ASN F 330 -16.30 -21.89 -45.41
N ASP F 331 -15.50 -22.94 -45.36
CA ASP F 331 -15.17 -23.68 -46.56
C ASP F 331 -16.36 -24.48 -47.09
N ILE F 332 -17.06 -25.19 -46.20
CA ILE F 332 -18.25 -25.95 -46.58
C ILE F 332 -19.35 -25.05 -47.13
N ARG F 333 -19.43 -23.82 -46.63
CA ARG F 333 -20.49 -22.89 -47.02
C ARG F 333 -20.08 -21.95 -48.15
N ASN F 334 -18.87 -22.17 -48.70
CA ASN F 334 -18.28 -21.27 -49.70
C ASN F 334 -18.21 -19.78 -49.29
N ASN F 335 -17.85 -19.56 -48.02
CA ASN F 335 -17.52 -18.24 -47.49
C ASN F 335 -15.99 -18.11 -47.50
N PRO F 336 -15.48 -17.06 -48.18
CA PRO F 336 -14.04 -16.82 -48.39
C PRO F 336 -13.20 -16.56 -47.13
N ASP F 337 -13.85 -16.19 -46.02
CA ASP F 337 -13.11 -15.73 -44.83
C ASP F 337 -12.31 -16.83 -44.12
N LYS F 338 -11.01 -16.58 -43.92
CA LYS F 338 -10.15 -17.49 -43.17
C LYS F 338 -9.71 -16.84 -41.85
N TYR F 339 -9.66 -17.63 -40.78
CA TYR F 339 -9.36 -17.11 -39.46
C TYR F 339 -8.07 -17.64 -38.92
N ALA F 340 -7.28 -16.71 -38.36
CA ALA F 340 -6.04 -17.02 -37.65
C ALA F 340 -6.27 -16.82 -36.15
N PRO F 341 -5.86 -17.81 -35.34
CA PRO F 341 -5.91 -17.67 -33.89
C PRO F 341 -4.97 -16.58 -33.44
N ARG F 342 -5.38 -15.81 -32.43
CA ARG F 342 -4.51 -14.78 -31.86
C ARG F 342 -3.30 -15.43 -31.20
N LEU F 343 -3.52 -16.60 -30.60
CA LEU F 343 -2.48 -17.33 -29.88
C LEU F 343 -1.98 -16.52 -28.67
N SER F 344 -2.92 -16.14 -27.81
CA SER F 344 -2.61 -15.50 -26.54
C SER F 344 -2.76 -16.53 -25.42
N ALA F 345 -2.25 -16.22 -24.23
CA ALA F 345 -2.26 -17.18 -23.12
C ALA F 345 -2.57 -16.54 -21.77
N ILE F 346 -3.55 -17.11 -21.08
CA ILE F 346 -3.68 -16.95 -19.65
C ILE F 346 -3.10 -18.22 -19.05
N CYS F 347 -2.02 -18.08 -18.30
CA CYS F 347 -1.47 -19.21 -17.55
C CYS F 347 -1.39 -18.94 -16.05
N ILE F 348 -1.82 -19.93 -15.27
CA ILE F 348 -1.77 -19.79 -13.82
C ILE F 348 -0.99 -20.93 -13.20
N ALA F 349 0.27 -20.70 -12.87
CA ALA F 349 1.05 -21.71 -12.16
C ALA F 349 0.58 -21.69 -10.70
N ASP F 350 0.09 -22.84 -10.24
CA ASP F 350 -0.49 -22.96 -8.91
C ASP F 350 0.60 -23.48 -7.98
N PHE F 351 0.73 -22.85 -6.81
CA PHE F 351 1.81 -23.18 -5.89
C PHE F 351 1.26 -23.77 -4.60
N GLY F 352 0.19 -24.55 -4.72
CA GLY F 352 -0.52 -25.05 -3.54
C GLY F 352 -1.42 -24.00 -2.91
N GLU F 353 -0.85 -23.17 -2.03
CA GLU F 353 -1.62 -22.14 -1.33
C GLU F 353 -1.91 -20.90 -2.20
N ASP F 354 -0.86 -20.37 -2.82
CA ASP F 354 -0.99 -19.22 -3.72
C ASP F 354 -0.67 -19.65 -5.14
N ALA F 355 -0.86 -18.75 -6.11
CA ALA F 355 -0.53 -19.05 -7.49
C ALA F 355 0.01 -17.82 -8.20
N GLY F 356 0.64 -18.05 -9.34
CA GLY F 356 1.18 -16.98 -10.17
C GLY F 356 0.34 -16.86 -11.42
N PHE F 357 0.08 -15.63 -11.84
CA PHE F 357 -0.77 -15.34 -12.99
C PHE F 357 0.04 -14.69 -14.10
N PHE F 358 0.08 -15.35 -15.25
CA PHE F 358 0.75 -14.81 -16.43
C PHE F 358 -0.22 -14.61 -17.59
N PHE F 359 -0.19 -13.43 -18.19
CA PHE F 359 -0.93 -13.19 -19.41
C PHE F 359 0.05 -12.70 -20.46
N ALA F 360 0.07 -13.38 -21.60
CA ALA F 360 0.90 -12.96 -22.74
C ALA F 360 0.03 -12.77 -23.99
N ASP F 361 0.06 -11.58 -24.59
CA ASP F 361 -0.68 -11.31 -25.82
C ASP F 361 0.14 -10.71 -26.98
N PRO F 362 0.48 -11.53 -27.99
CA PRO F 362 0.36 -12.98 -28.10
C PRO F 362 1.47 -13.68 -27.32
N VAL F 363 1.40 -15.00 -27.20
CA VAL F 363 2.48 -15.75 -26.57
C VAL F 363 3.76 -15.51 -27.38
N ILE F 364 3.74 -15.85 -28.67
CA ILE F 364 4.90 -15.69 -29.52
C ILE F 364 5.17 -14.20 -29.70
N PRO F 365 6.37 -13.71 -29.33
CA PRO F 365 6.70 -12.31 -29.46
C PRO F 365 6.75 -11.87 -30.93
N PRO F 366 6.79 -10.55 -31.20
CA PRO F 366 6.70 -9.44 -30.24
C PRO F 366 5.28 -9.29 -29.68
N ARG F 367 5.19 -8.78 -28.46
CA ARG F 367 3.91 -8.73 -27.74
C ARG F 367 3.31 -7.34 -27.60
N GLU F 368 1.98 -7.30 -27.58
CA GLU F 368 1.21 -6.11 -27.38
C GLU F 368 1.15 -5.80 -25.90
N ARG F 369 1.05 -6.84 -25.05
CA ARG F 369 1.14 -6.66 -23.60
C ARG F 369 1.33 -7.94 -22.78
N VAL F 370 1.80 -7.78 -21.56
CA VAL F 370 1.84 -8.89 -20.60
C VAL F 370 1.28 -8.43 -19.26
N ILE F 371 0.72 -9.38 -18.53
CA ILE F 371 0.35 -9.16 -17.13
C ILE F 371 0.93 -10.31 -16.35
N THR F 372 1.75 -9.95 -15.38
CA THR F 372 2.54 -10.92 -14.65
C THR F 372 2.39 -10.62 -13.16
N LYS F 373 1.27 -11.08 -12.60
CA LYS F 373 0.93 -10.83 -11.19
C LYS F 373 0.98 -12.11 -10.37
N MET F 374 0.87 -11.99 -9.05
CA MET F 374 1.04 -13.13 -8.14
C MET F 374 0.28 -12.95 -6.82
N GLY F 375 -0.40 -14.02 -6.37
CA GLY F 375 -1.20 -13.95 -5.15
C GLY F 375 -2.08 -15.16 -4.85
N LYS F 376 -2.92 -15.03 -3.84
CA LYS F 376 -3.81 -16.11 -3.39
C LYS F 376 -5.04 -16.25 -4.30
N TRP F 377 -5.54 -15.11 -4.77
CA TRP F 377 -6.71 -15.09 -5.67
C TRP F 377 -6.51 -15.97 -6.90
N ALA F 378 -5.27 -16.03 -7.39
CA ALA F 378 -4.95 -16.78 -8.59
C ALA F 378 -5.10 -18.27 -8.38
N HIS F 379 -4.82 -18.71 -7.16
CA HIS F 379 -5.05 -20.12 -6.79
C HIS F 379 -6.53 -20.47 -6.85
N TYR F 380 -7.35 -19.61 -6.23
CA TYR F 380 -8.80 -19.78 -6.23
C TYR F 380 -9.39 -19.66 -7.63
N PHE F 381 -8.80 -18.81 -8.45
CA PHE F 381 -9.23 -18.70 -9.83
C PHE F 381 -9.00 -20.03 -10.58
N LYS F 382 -7.82 -20.62 -10.40
CA LYS F 382 -7.45 -21.90 -11.00
C LYS F 382 -8.41 -23.05 -10.62
N THR F 383 -8.89 -23.04 -9.38
CA THR F 383 -9.88 -24.03 -8.96
C THR F 383 -11.20 -23.77 -9.65
N ALA F 384 -11.64 -22.52 -9.62
CA ALA F 384 -12.89 -22.11 -10.25
C ALA F 384 -12.91 -22.45 -11.74
N PHE F 385 -11.80 -22.20 -12.42
CA PHE F 385 -11.72 -22.38 -13.85
C PHE F 385 -11.83 -23.85 -14.22
N GLU F 386 -11.17 -24.69 -13.43
CA GLU F 386 -11.24 -26.15 -13.53
C GLU F 386 -12.68 -26.62 -13.53
N LYS F 387 -13.46 -26.14 -12.57
CA LYS F 387 -14.87 -26.53 -12.44
C LYS F 387 -15.67 -26.02 -13.64
N TYR F 388 -15.37 -24.81 -14.07
CA TYR F 388 -16.04 -24.18 -15.19
C TYR F 388 -15.74 -24.89 -16.52
N PHE F 389 -14.49 -25.28 -16.72
CA PHE F 389 -14.15 -26.01 -17.95
C PHE F 389 -14.80 -27.39 -18.02
N LEU F 390 -14.80 -28.10 -16.91
CA LEU F 390 -15.40 -29.43 -16.88
C LEU F 390 -16.91 -29.36 -17.04
N TRP F 391 -17.50 -28.22 -16.68
CA TRP F 391 -18.92 -27.98 -16.91
C TRP F 391 -19.19 -27.73 -18.40
N LYS F 392 -18.28 -26.97 -19.03
CA LYS F 392 -18.35 -26.72 -20.45
C LYS F 392 -18.25 -28.01 -21.26
N VAL F 393 -17.42 -28.95 -20.84
CA VAL F 393 -17.35 -30.25 -21.53
C VAL F 393 -18.67 -31.00 -21.41
N ARG F 394 -19.29 -30.92 -20.24
CA ARG F 394 -20.52 -31.65 -19.97
C ARG F 394 -21.75 -31.00 -20.58
N ASN F 395 -21.63 -29.73 -20.97
CA ASN F 395 -22.78 -29.01 -21.51
C ASN F 395 -22.67 -28.62 -22.99
N GLY F 396 -21.62 -29.10 -23.65
CA GLY F 396 -21.51 -29.00 -25.11
C GLY F 396 -21.18 -27.65 -25.72
N ASN F 397 -20.51 -26.79 -24.97
CA ASN F 397 -20.07 -25.51 -25.51
C ASN F 397 -18.77 -25.14 -24.83
N ILE F 398 -17.69 -25.13 -25.61
CA ILE F 398 -16.38 -24.73 -25.10
C ILE F 398 -16.16 -23.22 -25.29
N ALA F 399 -16.95 -22.60 -26.17
CA ALA F 399 -16.89 -21.16 -26.39
C ALA F 399 -18.23 -20.42 -26.21
N PRO F 400 -18.78 -20.45 -24.98
CA PRO F 400 -20.03 -19.71 -24.83
C PRO F 400 -19.77 -18.21 -25.10
N SER F 401 -20.72 -17.55 -25.74
CA SER F 401 -20.48 -16.19 -26.22
C SER F 401 -19.99 -15.25 -25.12
N PHE F 402 -20.54 -15.40 -23.92
CA PHE F 402 -20.21 -14.49 -22.83
C PHE F 402 -18.72 -14.56 -22.45
N GLU F 403 -18.11 -15.73 -22.61
CA GLU F 403 -16.70 -15.94 -22.21
C GLU F 403 -15.77 -15.06 -23.03
N GLU F 404 -16.11 -14.88 -24.30
CA GLU F 404 -15.36 -14.01 -25.17
C GLU F 404 -15.59 -12.54 -24.86
N LYS F 405 -16.84 -12.17 -24.57
CA LYS F 405 -17.18 -10.80 -24.21
C LYS F 405 -16.57 -10.38 -22.86
N VAL F 406 -16.32 -11.35 -21.99
CA VAL F 406 -15.69 -11.09 -20.70
C VAL F 406 -14.18 -10.88 -20.87
N LEU F 407 -13.53 -11.78 -21.62
CA LEU F 407 -12.11 -11.68 -21.90
C LEU F 407 -11.77 -10.44 -22.69
N GLU F 408 -12.68 -10.03 -23.57
CA GLU F 408 -12.55 -8.77 -24.30
C GLU F 408 -12.52 -7.62 -23.28
N ILE F 409 -13.63 -7.43 -22.56
CA ILE F 409 -13.77 -6.41 -21.51
C ILE F 409 -12.60 -6.33 -20.52
N PHE F 410 -12.07 -7.47 -20.10
CA PHE F 410 -11.05 -7.53 -19.05
C PHE F 410 -9.59 -7.56 -19.52
N LEU F 411 -9.33 -8.19 -20.66
CA LEU F 411 -7.97 -8.38 -21.11
C LEU F 411 -7.71 -7.89 -22.53
N LYS F 412 -8.71 -7.23 -23.11
CA LYS F 412 -8.66 -6.71 -24.48
C LYS F 412 -8.41 -7.81 -25.53
N VAL F 413 -8.58 -9.07 -25.12
CA VAL F 413 -8.31 -10.23 -25.97
C VAL F 413 -9.35 -10.38 -27.07
N HIS F 414 -8.88 -10.58 -28.31
CA HIS F 414 -9.70 -11.08 -29.41
C HIS F 414 -9.19 -12.47 -29.73
N PRO F 415 -10.07 -13.49 -29.71
CA PRO F 415 -9.56 -14.87 -29.82
C PRO F 415 -9.04 -15.23 -31.21
N ILE F 416 -9.82 -14.90 -32.25
CA ILE F 416 -9.43 -15.16 -33.63
C ILE F 416 -9.48 -13.89 -34.51
N GLU F 417 -8.58 -13.82 -35.48
CA GLU F 417 -8.51 -12.68 -36.38
C GLU F 417 -8.75 -13.12 -37.81
N LEU F 418 -9.38 -12.24 -38.58
CA LEU F 418 -9.57 -12.41 -40.00
C LEU F 418 -8.21 -12.42 -40.70
N CYS F 419 -7.90 -13.52 -41.37
CA CYS F 419 -6.62 -13.71 -42.05
C CYS F 419 -6.68 -13.47 -43.58
N LYS F 420 -5.86 -12.55 -44.06
CA LYS F 420 -5.80 -12.23 -45.51
C LYS F 420 -5.11 -13.32 -46.34
N ASP F 421 -4.05 -13.91 -45.78
CA ASP F 421 -3.22 -14.90 -46.47
C ASP F 421 -2.68 -15.93 -45.47
N CYS F 422 -3.21 -17.14 -45.56
CA CYS F 422 -2.83 -18.25 -44.68
C CYS F 422 -1.39 -18.72 -44.84
N GLU F 423 -0.79 -18.52 -46.02
CA GLU F 423 0.56 -19.02 -46.30
C GLU F 423 1.64 -18.33 -45.44
N GLY F 424 2.26 -19.13 -44.58
CA GLY F 424 3.24 -18.67 -43.60
C GLY F 424 3.24 -19.63 -42.42
N ALA F 425 4.26 -19.58 -41.59
CA ALA F 425 4.34 -20.46 -40.42
C ALA F 425 3.23 -20.11 -39.43
N PRO F 426 2.70 -21.12 -38.70
CA PRO F 426 1.67 -20.79 -37.72
C PRO F 426 2.24 -19.85 -36.67
N GLY F 427 1.44 -18.88 -36.24
CA GLY F 427 1.90 -17.90 -35.24
C GLY F 427 2.45 -16.61 -35.83
N SER F 428 2.85 -16.66 -37.10
CA SER F 428 3.38 -15.50 -37.82
C SER F 428 2.25 -14.54 -38.17
N ARG F 429 2.56 -13.25 -38.26
CA ARG F 429 1.55 -12.21 -38.26
C ARG F 429 0.89 -12.01 -39.62
N CYS F 430 -0.43 -12.23 -39.66
CA CYS F 430 -1.21 -12.34 -40.91
C CYS F 430 -1.44 -10.98 -41.60
#